data_4XIF
#
_entry.id   4XIF
#
_cell.length_a   275.138
_cell.length_b   275.138
_cell.length_c   143.136
_cell.angle_alpha   90.00
_cell.angle_beta   90.00
_cell.angle_gamma   120.00
#
_symmetry.space_group_name_H-M   'P 3 2 1'
#
loop_
_entity.id
_entity.type
_entity.pdbx_description
1 polymer 'UDP-N-acetylglucosamine--peptide N-acetylglucosaminyltransferase 110 kDa subunit'
2 polymer 'Keratin, type II cytoskeletal 7'
3 non-polymer 'SULFATE ION'
4 non-polymer '(2S,3R,4R,5S,6R)-3-(acetylamino)-4,5-dihydroxy-6-(hydroxymethyl)tetrahydro-2H-thiopyran-2-yl [(2R,3S,4R,5R)-5-(2,4-dioxo-3,4-dihydropyrimidin-1(2H)-yl)-3,4-dihydroxytetrahydrofuran-2-yl]methyl dihydrogen diphosphate'
#
loop_
_entity_poly.entity_id
_entity_poly.type
_entity_poly.pdbx_seq_one_letter_code
_entity_poly.pdbx_strand_id
1 'polypeptide(L)'
;GPGSCPTHADSLNNLANIKREQGNIEEAVRLYRKALEVFPEFAAAHSNLASVLQQQGKLQEALMHYKEAIRISPTFADAY
SNMGNTLKEMQDVQGALQCYTRAIQINPAFADAHSNLASIHKDSGNIPEAIASYRTALKLKPDFPDAYCNLAHCLQIVCD
WTDYDERMKKLVSIVADQLEKNRLPSVHPHHSMLYPLSHGFRKAIAERHGNLCLDKINVLHKPPYEHPKDLKLSDGRLRV
GYVSSDFGNHPTSHLMQSIPGMHNPDKFEVFCYALSPDDGTNFRVKVMAEANHFIDLSQIPCNGKAADRIHQDGIHILVN
MNGYTKGARNELFALRPAPIQAMWLGYPGTSGALFMDYIITDQETSPAEVAEQYSEKLAYMPHTFFIGDHANMFPHLKKK
AVIDFKSNGHIYDNRIVLNGIDLKAFLDSLPDVKIVKMKCPDGGDNADSSNTALNMPVIPMNTIAEAVIEMINRGQIQIT
INGFSISNGLATTQINNKAATGEEVPRTIIVTTRSQYGLPEDAIVYCNFNQLYKIDPSTLQMWANILKRVPNSVLWLLRF
PAVGEPNIQQYAQNMGLPQNRIIFSPVAPKEEHVRRGQLADVCLDTPLCNGHTTGMDVLWAGTPMVTMPGETLASRVAAS
QLTCLGCLELIAKNRQEYEDIAVKLGTDLEYLKKVRGKVWKQRISSPLFNTKQYTMELERLYLQMWEHYAAGNKPDHMIK
PVE
;
A,B,C,D
2 'polypeptide(L)' GPVFTSRSAAG E,F,G,H
#
loop_
_chem_comp.id
_chem_comp.type
_chem_comp.name
_chem_comp.formula
12V non-polymer '(2S,3R,4R,5S,6R)-3-(acetylamino)-4,5-dihydroxy-6-(hydroxymethyl)tetrahydro-2H-thiopyran-2-yl [(2R,3S,4R,5R)-5-(2,4-dioxo-3,4-dihydropyrimidin-1(2H)-yl)-3,4-dihydroxytetrahydrofuran-2-yl]methyl dihydrogen diphosphate' 'C17 H27 N3 O16 P2 S'
SO4 non-polymer 'SULFATE ION' 'O4 S -2'
#
# COMPACT_ATOMS: atom_id res chain seq x y z
N SER A 4 -4.67 -0.68 30.61
CA SER A 4 -5.91 -0.21 29.92
C SER A 4 -5.68 1.06 29.09
N CYS A 5 -4.53 1.71 29.31
CA CYS A 5 -4.21 3.08 28.83
C CYS A 5 -3.78 3.23 27.34
N PRO A 6 -4.63 3.88 26.49
CA PRO A 6 -4.24 4.07 25.08
C PRO A 6 -3.22 5.18 24.85
N THR A 7 -3.11 6.14 25.76
CA THR A 7 -2.16 7.25 25.59
C THR A 7 -0.72 6.77 25.78
N HIS A 8 -0.54 5.90 26.78
CA HIS A 8 0.71 5.23 27.06
C HIS A 8 1.09 4.39 25.85
N ALA A 9 0.21 3.44 25.54
CA ALA A 9 0.38 2.56 24.38
C ALA A 9 0.76 3.33 23.11
N ASP A 10 0.09 4.45 22.89
CA ASP A 10 0.31 5.26 21.71
C ASP A 10 1.76 5.69 21.53
N SER A 11 2.36 6.19 22.60
CA SER A 11 3.75 6.68 22.53
C SER A 11 4.73 5.50 22.41
N LEU A 12 4.42 4.39 23.08
CA LEU A 12 5.17 3.15 22.87
C LEU A 12 5.25 2.81 21.37
N ASN A 13 4.10 2.86 20.70
CA ASN A 13 4.06 2.68 19.27
C ASN A 13 5.01 3.63 18.54
N ASN A 14 4.99 4.92 18.93
CA ASN A 14 5.86 5.92 18.29
C ASN A 14 7.31 5.64 18.45
N LEU A 15 7.65 5.04 19.59
CA LEU A 15 9.03 4.70 19.93
C LEU A 15 9.54 3.50 19.17
N ALA A 16 8.65 2.52 18.97
CA ALA A 16 8.95 1.37 18.11
C ALA A 16 9.11 1.82 16.65
N ASN A 17 8.16 2.61 16.14
CA ASN A 17 8.30 3.23 14.82
C ASN A 17 9.66 3.91 14.61
N ILE A 18 10.28 4.32 15.71
CA ILE A 18 11.60 4.93 15.68
C ILE A 18 12.71 3.87 15.54
N LYS A 19 12.63 2.77 16.29
CA LYS A 19 13.62 1.68 16.20
C LYS A 19 13.67 1.01 14.82
N ARG A 20 12.54 0.99 14.13
CA ARG A 20 12.42 0.48 12.78
C ARG A 20 13.14 1.41 11.78
N GLU A 21 13.12 2.71 12.05
CA GLU A 21 13.85 3.70 11.25
C GLU A 21 15.35 3.47 11.32
N GLN A 22 15.86 3.36 12.56
CA GLN A 22 17.26 2.99 12.82
C GLN A 22 17.58 1.54 12.46
N GLY A 23 16.60 0.83 11.89
CA GLY A 23 16.79 -0.55 11.43
C GLY A 23 16.86 -1.60 12.52
N ASN A 24 17.00 -1.18 13.78
CA ASN A 24 17.07 -2.11 14.93
C ASN A 24 15.73 -2.81 15.25
N ILE A 25 15.48 -3.87 14.49
CA ILE A 25 14.19 -4.56 14.43
C ILE A 25 13.78 -5.22 15.75
N GLU A 26 14.67 -6.03 16.34
CA GLU A 26 14.34 -6.83 17.54
C GLU A 26 13.87 -6.00 18.73
N GLU A 27 14.32 -4.76 18.81
CA GLU A 27 13.84 -3.85 19.85
C GLU A 27 12.45 -3.33 19.51
N ALA A 28 12.27 -2.87 18.27
CA ALA A 28 10.96 -2.46 17.77
C ALA A 28 9.87 -3.46 18.18
N VAL A 29 10.09 -4.75 17.90
CA VAL A 29 9.18 -5.82 18.30
C VAL A 29 8.82 -5.81 19.79
N ARG A 30 9.83 -5.79 20.66
CA ARG A 30 9.60 -5.75 22.12
C ARG A 30 8.64 -4.64 22.52
N LEU A 31 8.82 -3.45 21.94
CA LEU A 31 7.98 -2.27 22.22
C LEU A 31 6.53 -2.42 21.79
N TYR A 32 6.32 -2.81 20.53
CA TYR A 32 4.99 -3.13 20.01
C TYR A 32 4.27 -4.11 20.94
N ARG A 33 4.97 -5.14 21.39
CA ARG A 33 4.36 -6.17 22.23
C ARG A 33 3.89 -5.63 23.58
N LYS A 34 4.66 -4.69 24.14
CA LYS A 34 4.28 -3.96 25.34
C LYS A 34 3.12 -3.02 25.08
N ALA A 35 3.21 -2.24 24.01
CA ALA A 35 2.12 -1.39 23.58
C ALA A 35 0.82 -2.18 23.52
N LEU A 36 0.88 -3.42 23.05
CA LEU A 36 -0.31 -4.27 22.91
C LEU A 36 -0.73 -4.95 24.20
N GLU A 37 0.17 -4.90 25.18
CA GLU A 37 -0.09 -5.47 26.48
C GLU A 37 -0.69 -4.42 27.41
N VAL A 38 -0.24 -3.16 27.24
CA VAL A 38 -0.87 -2.01 27.84
C VAL A 38 -2.28 -1.82 27.29
N PHE A 39 -2.44 -1.73 25.96
CA PHE A 39 -3.75 -1.55 25.31
C PHE A 39 -3.98 -2.60 24.24
N PRO A 40 -4.69 -3.69 24.59
CA PRO A 40 -4.84 -4.83 23.68
C PRO A 40 -5.69 -4.56 22.43
N GLU A 41 -6.59 -3.57 22.51
CA GLU A 41 -7.48 -3.20 21.42
C GLU A 41 -6.91 -2.08 20.55
N PHE A 42 -5.60 -2.11 20.37
CA PHE A 42 -4.93 -1.09 19.59
C PHE A 42 -4.69 -1.58 18.15
N ALA A 43 -5.49 -1.04 17.23
CA ALA A 43 -5.45 -1.44 15.83
C ALA A 43 -4.05 -1.28 15.20
N ALA A 44 -3.56 -0.05 15.18
CA ALA A 44 -2.33 0.28 14.48
C ALA A 44 -1.14 -0.55 14.92
N ALA A 45 -1.13 -0.94 16.19
CA ALA A 45 0.01 -1.69 16.74
C ALA A 45 -0.01 -3.09 16.23
N HIS A 46 -1.16 -3.74 16.33
CA HIS A 46 -1.28 -5.06 15.76
C HIS A 46 -0.74 -5.03 14.32
N SER A 47 -1.15 -4.01 13.58
CA SER A 47 -0.80 -3.89 12.18
C SER A 47 0.71 -3.72 11.97
N ASN A 48 1.35 -2.94 12.83
CA ASN A 48 2.78 -2.69 12.70
C ASN A 48 3.56 -3.90 13.13
N LEU A 49 3.15 -4.50 14.25
CA LEU A 49 3.78 -5.70 14.73
C LEU A 49 3.71 -6.76 13.64
N ALA A 50 2.56 -6.84 12.97
CA ALA A 50 2.36 -7.80 11.92
C ALA A 50 3.32 -7.56 10.78
N SER A 51 3.46 -6.31 10.36
CA SER A 51 4.25 -6.05 9.17
C SER A 51 5.74 -6.25 9.38
N VAL A 52 6.19 -6.26 10.64
CA VAL A 52 7.59 -6.64 10.90
C VAL A 52 7.76 -8.15 11.05
N LEU A 53 6.83 -8.81 11.72
CA LEU A 53 6.87 -10.26 11.76
C LEU A 53 6.90 -10.85 10.35
N GLN A 54 6.22 -10.19 9.41
CA GLN A 54 6.23 -10.60 8.03
C GLN A 54 7.62 -10.47 7.46
N GLN A 55 8.23 -9.31 7.69
CA GLN A 55 9.62 -9.09 7.34
C GLN A 55 10.57 -10.11 7.94
N GLN A 56 10.20 -10.65 9.07
CA GLN A 56 11.06 -11.61 9.73
C GLN A 56 10.86 -13.01 9.19
N GLY A 57 9.91 -13.16 8.27
CA GLY A 57 9.55 -14.46 7.74
C GLY A 57 8.72 -15.32 8.70
N LYS A 58 8.17 -14.69 9.74
CA LYS A 58 7.29 -15.39 10.70
C LYS A 58 5.81 -15.30 10.33
N LEU A 59 5.52 -15.58 9.06
CA LEU A 59 4.20 -15.37 8.44
C LEU A 59 3.09 -15.96 9.28
N GLN A 60 3.36 -17.14 9.82
CA GLN A 60 2.44 -17.83 10.73
C GLN A 60 1.69 -16.87 11.68
N GLU A 61 2.50 -16.15 12.46
CA GLU A 61 2.06 -15.32 13.55
C GLU A 61 1.60 -13.98 13.01
N ALA A 62 2.35 -13.44 12.06
CA ALA A 62 2.05 -12.15 11.47
C ALA A 62 0.60 -12.07 11.02
N LEU A 63 0.11 -13.17 10.44
CA LEU A 63 -1.25 -13.26 9.93
C LEU A 63 -2.24 -13.09 11.05
N MET A 64 -1.96 -13.70 12.19
CA MET A 64 -2.86 -13.63 13.32
C MET A 64 -3.05 -12.21 13.86
N HIS A 65 -2.00 -11.41 13.79
CA HIS A 65 -2.07 -10.01 14.19
C HIS A 65 -2.79 -9.12 13.19
N TYR A 66 -2.62 -9.39 11.91
CA TYR A 66 -3.37 -8.69 10.89
C TYR A 66 -4.84 -8.97 11.14
N LYS A 67 -5.22 -10.22 11.25
CA LYS A 67 -6.58 -10.56 11.58
C LYS A 67 -7.16 -9.75 12.73
N GLU A 68 -6.34 -9.56 13.76
CA GLU A 68 -6.76 -8.82 14.92
C GLU A 68 -7.03 -7.36 14.62
N ALA A 69 -6.12 -6.72 13.90
CA ALA A 69 -6.28 -5.34 13.50
C ALA A 69 -7.58 -5.12 12.75
N ILE A 70 -7.87 -6.01 11.82
CA ILE A 70 -9.10 -5.95 11.06
C ILE A 70 -10.31 -6.07 11.98
N ARG A 71 -10.25 -7.00 12.93
CA ARG A 71 -11.36 -7.21 13.87
C ARG A 71 -11.65 -5.93 14.66
N ILE A 72 -10.60 -5.28 15.12
CA ILE A 72 -10.73 -4.05 15.89
C ILE A 72 -11.30 -2.92 15.04
N SER A 73 -10.71 -2.72 13.87
CA SER A 73 -10.94 -1.53 13.10
C SER A 73 -11.24 -1.92 11.65
N PRO A 74 -12.51 -2.25 11.36
CA PRO A 74 -12.82 -3.00 10.15
C PRO A 74 -12.72 -2.19 8.85
N THR A 75 -12.60 -0.87 8.97
CA THR A 75 -12.43 0.03 7.83
C THR A 75 -10.96 0.21 7.46
N PHE A 76 -10.13 -0.75 7.85
CA PHE A 76 -8.68 -0.63 7.73
C PHE A 76 -8.25 -1.27 6.42
N ALA A 77 -8.54 -0.59 5.33
CA ALA A 77 -8.19 -1.10 4.00
C ALA A 77 -6.71 -1.43 3.92
N ASP A 78 -5.88 -0.66 4.60
CA ASP A 78 -4.44 -0.90 4.57
C ASP A 78 -4.02 -2.25 5.18
N ALA A 79 -4.73 -2.68 6.21
CA ALA A 79 -4.45 -3.94 6.84
C ALA A 79 -4.89 -5.07 5.96
N TYR A 80 -6.00 -4.90 5.24
CA TYR A 80 -6.47 -5.97 4.35
C TYR A 80 -5.40 -6.21 3.33
N SER A 81 -4.90 -5.15 2.76
CA SER A 81 -3.93 -5.26 1.68
C SER A 81 -2.69 -5.99 2.15
N ASN A 82 -2.21 -5.65 3.33
CA ASN A 82 -1.02 -6.27 3.84
C ASN A 82 -1.22 -7.70 4.31
N MET A 83 -2.39 -7.99 4.88
CA MET A 83 -2.74 -9.36 5.21
C MET A 83 -2.67 -10.20 3.92
N GLY A 84 -3.15 -9.62 2.83
CA GLY A 84 -3.09 -10.24 1.52
C GLY A 84 -1.68 -10.66 1.15
N ASN A 85 -0.75 -9.71 1.21
CA ASN A 85 0.65 -10.01 0.93
C ASN A 85 1.16 -11.20 1.72
N THR A 86 0.75 -11.26 2.98
CA THR A 86 1.12 -12.34 3.83
C THR A 86 0.56 -13.67 3.31
N LEU A 87 -0.72 -13.70 2.95
CA LEU A 87 -1.31 -14.94 2.45
C LEU A 87 -0.62 -15.40 1.17
N LYS A 88 -0.26 -14.45 0.32
CA LYS A 88 0.42 -14.74 -0.94
C LYS A 88 1.70 -15.48 -0.64
N GLU A 89 2.51 -14.90 0.23
CA GLU A 89 3.78 -15.50 0.59
C GLU A 89 3.59 -16.86 1.27
N MET A 90 2.40 -17.14 1.77
CA MET A 90 2.14 -18.43 2.36
C MET A 90 1.62 -19.41 1.34
N GLN A 91 1.72 -19.05 0.06
CA GLN A 91 1.24 -19.87 -1.06
C GLN A 91 -0.28 -19.99 -1.15
N ASP A 92 -1.02 -19.12 -0.45
CA ASP A 92 -2.47 -19.16 -0.50
C ASP A 92 -3.02 -18.03 -1.34
N VAL A 93 -2.93 -18.20 -2.65
CA VAL A 93 -3.34 -17.16 -3.60
C VAL A 93 -4.81 -16.75 -3.40
N GLN A 94 -5.71 -17.72 -3.40
CA GLN A 94 -7.12 -17.42 -3.25
C GLN A 94 -7.45 -16.48 -2.09
N GLY A 95 -6.92 -16.81 -0.92
CA GLY A 95 -7.12 -16.05 0.30
C GLY A 95 -6.59 -14.64 0.16
N ALA A 96 -5.40 -14.51 -0.40
CA ALA A 96 -4.80 -13.21 -0.70
C ALA A 96 -5.69 -12.37 -1.59
N LEU A 97 -6.20 -12.97 -2.65
CA LEU A 97 -7.03 -12.30 -3.61
C LEU A 97 -8.29 -11.74 -2.96
N GLN A 98 -8.91 -12.56 -2.11
CA GLN A 98 -10.12 -12.17 -1.41
C GLN A 98 -9.88 -10.91 -0.59
N CYS A 99 -8.67 -10.75 -0.08
CA CYS A 99 -8.32 -9.59 0.72
C CYS A 99 -8.26 -8.39 -0.16
N TYR A 100 -7.45 -8.48 -1.22
CA TYR A 100 -7.30 -7.37 -2.11
C TYR A 100 -8.65 -6.89 -2.61
N THR A 101 -9.51 -7.80 -3.06
CA THR A 101 -10.80 -7.36 -3.54
C THR A 101 -11.59 -6.73 -2.42
N ARG A 102 -11.59 -7.39 -1.26
CA ARG A 102 -12.32 -6.93 -0.09
C ARG A 102 -11.91 -5.52 0.30
N ALA A 103 -10.63 -5.21 0.15
CA ALA A 103 -10.11 -3.88 0.44
C ALA A 103 -10.61 -2.83 -0.53
N ILE A 104 -10.58 -3.16 -1.82
CA ILE A 104 -10.97 -2.21 -2.85
C ILE A 104 -12.43 -1.84 -2.70
N GLN A 105 -13.23 -2.78 -2.20
CA GLN A 105 -14.64 -2.54 -2.00
C GLN A 105 -14.86 -1.60 -0.87
N ILE A 106 -14.07 -1.79 0.19
CA ILE A 106 -14.12 -0.93 1.35
C ILE A 106 -13.63 0.47 1.06
N ASN A 107 -12.52 0.57 0.33
CA ASN A 107 -12.06 1.87 -0.11
C ASN A 107 -11.74 1.91 -1.60
N PRO A 108 -12.71 2.33 -2.43
CA PRO A 108 -12.53 2.31 -3.87
C PRO A 108 -11.28 3.07 -4.28
N ALA A 109 -10.92 4.05 -3.46
CA ALA A 109 -9.88 5.01 -3.79
C ALA A 109 -8.49 4.63 -3.27
N PHE A 110 -8.34 3.41 -2.77
CA PHE A 110 -7.11 2.97 -2.14
C PHE A 110 -6.12 2.33 -3.08
N ALA A 111 -5.08 3.06 -3.45
CA ALA A 111 -4.14 2.62 -4.50
C ALA A 111 -3.51 1.25 -4.37
N ASP A 112 -2.90 0.95 -3.23
CA ASP A 112 -2.06 -0.24 -3.03
C ASP A 112 -2.76 -1.55 -3.36
N ALA A 113 -4.02 -1.66 -3.00
CA ALA A 113 -4.75 -2.90 -3.21
C ALA A 113 -4.87 -3.18 -4.68
N HIS A 114 -5.07 -2.13 -5.50
CA HIS A 114 -5.16 -2.30 -6.96
C HIS A 114 -3.86 -2.82 -7.56
N SER A 115 -2.75 -2.31 -7.06
CA SER A 115 -1.43 -2.74 -7.47
C SER A 115 -1.17 -4.19 -7.08
N ASN A 116 -1.52 -4.53 -5.85
CA ASN A 116 -1.40 -5.89 -5.36
C ASN A 116 -2.22 -6.87 -6.18
N LEU A 117 -3.46 -6.48 -6.49
CA LEU A 117 -4.33 -7.26 -7.34
C LEU A 117 -3.68 -7.49 -8.70
N ALA A 118 -3.11 -6.45 -9.28
CA ALA A 118 -2.44 -6.60 -10.57
C ALA A 118 -1.29 -7.57 -10.49
N SER A 119 -0.61 -7.62 -9.35
CA SER A 119 0.54 -8.52 -9.20
C SER A 119 0.15 -9.97 -9.20
N ILE A 120 -1.05 -10.28 -8.72
CA ILE A 120 -1.54 -11.64 -8.77
C ILE A 120 -1.78 -12.00 -10.20
N HIS A 121 -2.38 -11.07 -10.93
CA HIS A 121 -2.70 -11.27 -12.30
C HIS A 121 -1.45 -11.54 -13.10
N LYS A 122 -0.39 -10.79 -12.80
CA LYS A 122 0.89 -10.93 -13.48
C LYS A 122 1.43 -12.35 -13.29
N ASP A 123 1.48 -12.80 -12.04
CA ASP A 123 1.96 -14.14 -11.72
C ASP A 123 1.20 -15.21 -12.45
N SER A 124 -0.07 -14.99 -12.76
CA SER A 124 -0.84 -16.01 -13.44
C SER A 124 -0.67 -15.96 -14.92
N GLY A 125 0.10 -14.99 -15.41
CA GLY A 125 0.24 -14.79 -16.84
C GLY A 125 -0.87 -13.96 -17.47
N ASN A 126 -1.80 -13.45 -16.67
CA ASN A 126 -2.84 -12.57 -17.17
C ASN A 126 -2.33 -11.16 -17.35
N ILE A 127 -1.73 -10.88 -18.49
CA ILE A 127 -1.05 -9.61 -18.59
C ILE A 127 -1.93 -8.40 -18.88
N PRO A 128 -2.87 -8.49 -19.85
CA PRO A 128 -3.71 -7.31 -20.09
C PRO A 128 -4.52 -6.93 -18.86
N GLU A 129 -4.87 -7.92 -18.05
CA GLU A 129 -5.62 -7.72 -16.82
C GLU A 129 -4.73 -7.04 -15.80
N ALA A 130 -3.45 -7.43 -15.80
CA ALA A 130 -2.50 -6.81 -14.91
C ALA A 130 -2.31 -5.35 -15.28
N ILE A 131 -2.07 -5.09 -16.55
CA ILE A 131 -1.89 -3.72 -17.01
C ILE A 131 -3.05 -2.85 -16.54
N ALA A 132 -4.28 -3.29 -16.81
CA ALA A 132 -5.48 -2.56 -16.43
C ALA A 132 -5.42 -2.09 -14.99
N SER A 133 -5.16 -3.02 -14.08
CA SER A 133 -5.13 -2.72 -12.65
C SER A 133 -3.96 -1.85 -12.23
N TYR A 134 -2.81 -1.99 -12.87
CA TYR A 134 -1.68 -1.12 -12.53
C TYR A 134 -2.03 0.30 -12.92
N ARG A 135 -2.61 0.47 -14.10
CA ARG A 135 -2.98 1.78 -14.60
C ARG A 135 -3.97 2.39 -13.64
N THR A 136 -4.93 1.61 -13.15
CA THR A 136 -5.90 2.12 -12.19
C THR A 136 -5.17 2.66 -10.99
N ALA A 137 -4.23 1.90 -10.46
CA ALA A 137 -3.53 2.31 -9.27
C ALA A 137 -2.76 3.60 -9.47
N LEU A 138 -2.15 3.78 -10.63
CA LEU A 138 -1.37 4.98 -10.91
C LEU A 138 -2.20 6.22 -11.16
N LYS A 139 -3.43 6.03 -11.61
CA LYS A 139 -4.37 7.12 -11.68
C LYS A 139 -4.77 7.58 -10.26
N LEU A 140 -5.01 6.60 -9.38
CA LEU A 140 -5.40 6.86 -8.01
C LEU A 140 -4.27 7.48 -7.20
N LYS A 141 -3.03 7.22 -7.58
CA LYS A 141 -1.88 7.71 -6.84
C LYS A 141 -0.69 7.78 -7.77
N PRO A 142 -0.48 8.94 -8.40
CA PRO A 142 0.44 9.04 -9.53
C PRO A 142 1.92 8.86 -9.18
N ASP A 143 2.29 9.06 -7.93
CA ASP A 143 3.65 8.74 -7.52
C ASP A 143 3.69 7.43 -6.75
N PHE A 144 4.01 6.35 -7.46
CA PHE A 144 3.90 5.04 -6.90
C PHE A 144 4.94 4.26 -7.63
N PRO A 145 6.14 4.18 -7.08
CA PRO A 145 7.23 3.47 -7.73
C PRO A 145 6.91 1.99 -7.97
N ASP A 146 6.47 1.26 -6.95
CA ASP A 146 6.25 -0.15 -7.12
C ASP A 146 5.36 -0.50 -8.33
N ALA A 147 4.24 0.21 -8.44
CA ALA A 147 3.27 0.01 -9.51
C ALA A 147 3.85 0.44 -10.84
N TYR A 148 4.51 1.57 -10.84
CA TYR A 148 5.10 2.04 -12.05
C TYR A 148 6.09 1.06 -12.67
N CYS A 149 6.93 0.46 -11.86
CA CYS A 149 7.95 -0.44 -12.36
C CYS A 149 7.39 -1.75 -12.79
N ASN A 150 6.40 -2.23 -12.05
CA ASN A 150 5.77 -3.45 -12.41
C ASN A 150 5.06 -3.25 -13.73
N LEU A 151 4.33 -2.15 -13.86
CA LEU A 151 3.70 -1.85 -15.12
C LEU A 151 4.70 -1.86 -16.25
N ALA A 152 5.77 -1.11 -16.06
CA ALA A 152 6.86 -1.05 -17.01
C ALA A 152 7.30 -2.41 -17.48
N HIS A 153 7.38 -3.38 -16.57
CA HIS A 153 7.81 -4.71 -16.96
C HIS A 153 6.75 -5.45 -17.77
N CYS A 154 5.48 -5.14 -17.56
CA CYS A 154 4.42 -5.80 -18.33
C CYS A 154 4.45 -5.28 -19.72
N LEU A 155 4.50 -3.96 -19.81
CA LEU A 155 4.58 -3.36 -21.09
C LEU A 155 5.73 -3.97 -21.85
N GLN A 156 6.84 -4.18 -21.17
CA GLN A 156 7.99 -4.81 -21.79
C GLN A 156 7.62 -6.20 -22.31
N ILE A 157 6.84 -6.92 -21.50
CA ILE A 157 6.53 -8.31 -21.77
C ILE A 157 5.73 -8.54 -23.03
N VAL A 158 4.89 -7.56 -23.37
CA VAL A 158 4.00 -7.63 -24.54
C VAL A 158 4.44 -6.70 -25.66
N CYS A 159 5.56 -6.02 -25.46
CA CYS A 159 6.12 -5.11 -26.45
C CYS A 159 5.22 -3.93 -26.74
N ASP A 160 4.68 -3.31 -25.70
CA ASP A 160 4.06 -2.02 -25.83
C ASP A 160 5.18 -1.01 -25.60
N TRP A 161 5.60 -0.31 -26.64
CA TRP A 161 6.70 0.59 -26.50
C TRP A 161 6.27 2.04 -26.53
N THR A 162 5.00 2.28 -26.27
CA THR A 162 4.50 3.63 -26.13
C THR A 162 5.37 4.45 -25.17
N ASP A 163 5.97 5.53 -25.67
CA ASP A 163 6.72 6.44 -24.82
C ASP A 163 7.92 5.79 -24.22
N TYR A 164 8.57 4.91 -24.97
CA TYR A 164 9.63 4.06 -24.44
C TYR A 164 10.73 4.86 -23.74
N ASP A 165 11.27 5.86 -24.43
CA ASP A 165 12.40 6.60 -23.90
C ASP A 165 12.09 7.34 -22.64
N GLU A 166 10.91 7.92 -22.55
CA GLU A 166 10.46 8.51 -21.29
C GLU A 166 10.40 7.49 -20.18
N ARG A 167 9.75 6.38 -20.46
CA ARG A 167 9.62 5.31 -19.53
C ARG A 167 10.97 4.99 -18.94
N MET A 168 11.95 4.74 -19.80
CA MET A 168 13.27 4.35 -19.34
C MET A 168 13.90 5.41 -18.45
N LYS A 169 13.86 6.67 -18.89
CA LYS A 169 14.47 7.74 -18.15
C LYS A 169 13.90 7.82 -16.75
N LYS A 170 12.59 7.60 -16.69
CA LYS A 170 11.88 7.66 -15.44
C LYS A 170 12.17 6.48 -14.54
N LEU A 171 12.44 5.30 -15.10
CA LEU A 171 12.80 4.17 -14.27
C LEU A 171 14.10 4.44 -13.56
N VAL A 172 15.12 4.78 -14.33
CA VAL A 172 16.45 5.09 -13.81
C VAL A 172 16.29 6.13 -12.71
N SER A 173 15.60 7.21 -13.05
CA SER A 173 15.31 8.24 -12.09
C SER A 173 14.63 7.76 -10.78
N ILE A 174 13.82 6.72 -10.88
CA ILE A 174 13.13 6.18 -9.70
C ILE A 174 14.07 5.36 -8.84
N VAL A 175 14.85 4.48 -9.48
CA VAL A 175 15.82 3.66 -8.79
C VAL A 175 16.84 4.53 -8.09
N ALA A 176 17.34 5.52 -8.83
CA ALA A 176 18.36 6.44 -8.37
C ALA A 176 17.95 7.09 -7.10
N ASP A 177 16.69 7.49 -7.03
CA ASP A 177 16.12 8.05 -5.84
C ASP A 177 15.99 7.04 -4.70
N GLN A 178 15.43 5.86 -5.00
CA GLN A 178 15.18 4.88 -3.97
C GLN A 178 16.47 4.36 -3.35
N LEU A 179 17.55 4.39 -4.14
CA LEU A 179 18.83 3.88 -3.68
C LEU A 179 19.43 4.82 -2.67
N GLU A 180 19.35 6.10 -2.99
CA GLU A 180 19.81 7.14 -2.11
C GLU A 180 18.94 7.29 -0.87
N LYS A 181 17.65 7.47 -1.06
CA LYS A 181 16.71 7.49 0.05
C LYS A 181 16.80 6.19 0.91
N ASN A 182 17.61 5.22 0.48
CA ASN A 182 17.88 4.00 1.25
C ASN A 182 16.67 3.05 1.42
N ARG A 183 15.77 3.02 0.43
CA ARG A 183 14.69 2.03 0.43
C ARG A 183 14.90 0.91 -0.60
N LEU A 184 14.07 -0.13 -0.52
CA LEU A 184 14.18 -1.28 -1.40
C LEU A 184 13.63 -0.88 -2.78
N PRO A 185 14.47 -0.96 -3.82
CA PRO A 185 14.12 -0.54 -5.16
C PRO A 185 13.00 -1.36 -5.75
N SER A 186 12.18 -0.68 -6.53
CA SER A 186 10.99 -1.26 -7.14
C SER A 186 11.29 -2.15 -8.31
N VAL A 187 12.52 -2.09 -8.81
CA VAL A 187 12.92 -2.94 -9.92
C VAL A 187 13.46 -4.25 -9.41
N HIS A 188 12.95 -5.34 -9.96
CA HIS A 188 13.42 -6.64 -9.58
C HIS A 188 14.82 -6.88 -10.17
N PRO A 189 15.72 -7.52 -9.42
CA PRO A 189 17.06 -7.74 -9.91
C PRO A 189 17.07 -8.49 -11.24
N HIS A 190 16.24 -9.51 -11.35
CA HIS A 190 16.23 -10.34 -12.53
C HIS A 190 15.82 -9.54 -13.76
N HIS A 191 15.17 -8.40 -13.55
CA HIS A 191 14.73 -7.56 -14.65
C HIS A 191 15.69 -6.45 -14.90
N SER A 192 16.47 -6.10 -13.88
CA SER A 192 17.39 -4.95 -13.96
C SER A 192 18.24 -4.92 -15.23
N MET A 193 18.43 -6.08 -15.83
CA MET A 193 19.23 -6.23 -17.04
C MET A 193 18.59 -5.67 -18.31
N LEU A 194 17.32 -5.34 -18.25
CA LEU A 194 16.56 -4.90 -19.44
C LEU A 194 16.52 -3.41 -19.62
N TYR A 195 16.92 -2.67 -18.61
CA TYR A 195 16.82 -1.24 -18.65
C TYR A 195 18.19 -0.58 -18.61
N PRO A 196 18.29 0.66 -19.11
CA PRO A 196 19.56 1.37 -19.13
C PRO A 196 19.99 1.98 -17.79
N LEU A 197 20.11 1.18 -16.75
CA LEU A 197 20.66 1.63 -15.48
C LEU A 197 22.17 1.57 -15.57
N SER A 198 22.89 2.28 -14.69
CA SER A 198 24.36 2.01 -14.51
C SER A 198 24.67 0.59 -13.93
N HIS A 199 25.82 0.00 -14.25
CA HIS A 199 26.18 -1.31 -13.66
C HIS A 199 26.23 -1.20 -12.17
N GLY A 200 26.60 0.01 -11.70
CA GLY A 200 26.63 0.38 -10.32
C GLY A 200 25.28 0.14 -9.68
N PHE A 201 24.24 0.61 -10.36
CA PHE A 201 22.87 0.40 -9.91
C PHE A 201 22.46 -1.06 -9.87
N ARG A 202 22.71 -1.80 -10.95
CA ARG A 202 22.33 -3.19 -11.02
C ARG A 202 22.85 -3.97 -9.81
N LYS A 203 24.14 -3.81 -9.54
CA LYS A 203 24.79 -4.40 -8.40
C LYS A 203 24.09 -4.01 -7.13
N ALA A 204 23.81 -2.71 -6.98
CA ALA A 204 23.25 -2.20 -5.74
C ALA A 204 21.86 -2.75 -5.47
N ILE A 205 21.10 -3.00 -6.53
CA ILE A 205 19.78 -3.61 -6.41
C ILE A 205 19.95 -5.01 -5.88
N ALA A 206 20.80 -5.79 -6.53
CA ALA A 206 21.09 -7.11 -6.05
C ALA A 206 21.49 -7.10 -4.58
N GLU A 207 22.41 -6.22 -4.17
CA GLU A 207 22.80 -6.07 -2.77
C GLU A 207 21.59 -6.11 -1.86
N ARG A 208 20.64 -5.26 -2.16
CA ARG A 208 19.51 -5.05 -1.30
C ARG A 208 18.65 -6.29 -1.12
N HIS A 209 18.48 -7.06 -2.18
CA HIS A 209 17.72 -8.28 -2.11
C HIS A 209 18.51 -9.33 -1.39
N GLY A 210 19.83 -9.23 -1.44
CA GLY A 210 20.68 -10.07 -0.61
C GLY A 210 20.42 -9.84 0.87
N ASN A 211 20.33 -8.57 1.24
CA ASN A 211 20.06 -8.20 2.63
C ASN A 211 18.72 -8.63 3.14
N LEU A 212 17.71 -8.60 2.26
CA LEU A 212 16.41 -9.13 2.61
C LEU A 212 16.47 -10.53 3.23
N CYS A 213 17.49 -11.30 2.84
CA CYS A 213 17.74 -12.64 3.38
C CYS A 213 18.23 -12.62 4.82
N LEU A 214 19.33 -11.89 5.02
CA LEU A 214 19.90 -11.67 6.35
C LEU A 214 18.85 -11.37 7.45
N ASP A 215 17.88 -10.54 7.13
CA ASP A 215 16.78 -10.28 8.05
C ASP A 215 16.03 -11.53 8.46
N LYS A 216 15.74 -12.39 7.48
CA LYS A 216 14.93 -13.57 7.71
C LYS A 216 15.69 -14.63 8.52
N ILE A 217 17.02 -14.51 8.57
CA ILE A 217 17.87 -15.49 9.27
C ILE A 217 18.39 -15.05 10.65
N ASN A 218 18.46 -13.74 10.87
CA ASN A 218 18.83 -13.24 12.20
C ASN A 218 17.89 -13.67 13.30
N VAL A 219 16.62 -13.87 12.92
CA VAL A 219 15.56 -14.44 13.76
C VAL A 219 15.88 -15.85 14.33
N LEU A 220 16.58 -16.65 13.53
CA LEU A 220 16.99 -18.00 13.94
C LEU A 220 18.18 -18.02 14.93
N HIS A 221 18.96 -16.92 15.00
CA HIS A 221 20.08 -16.77 15.96
C HIS A 221 21.05 -17.97 15.94
N LYS A 222 21.60 -18.29 14.76
CA LYS A 222 22.47 -19.46 14.64
C LYS A 222 23.93 -19.07 14.72
N PRO A 223 24.71 -19.87 15.47
CA PRO A 223 26.15 -19.61 15.52
C PRO A 223 26.75 -19.89 14.14
N PRO A 224 27.84 -19.20 13.78
CA PRO A 224 28.53 -19.52 12.53
C PRO A 224 28.87 -21.01 12.46
N TYR A 225 28.96 -21.59 11.28
CA TYR A 225 29.28 -23.01 11.24
C TYR A 225 30.76 -23.31 11.16
N GLU A 226 31.14 -24.52 11.57
CA GLU A 226 32.53 -25.00 11.52
C GLU A 226 32.80 -25.72 10.20
N HIS A 227 33.56 -25.09 9.32
CA HIS A 227 33.82 -25.74 8.02
C HIS A 227 35.05 -26.63 8.05
N PRO A 228 35.02 -27.73 7.27
CA PRO A 228 36.19 -28.61 7.11
C PRO A 228 37.42 -27.84 6.60
N LYS A 229 38.63 -28.31 6.91
CA LYS A 229 39.85 -27.63 6.42
C LYS A 229 40.71 -28.58 5.61
N ASP A 230 40.24 -29.82 5.53
CA ASP A 230 40.93 -30.84 4.79
C ASP A 230 39.91 -31.79 4.15
N LEU A 231 40.39 -32.71 3.32
CA LEU A 231 39.48 -33.65 2.68
C LEU A 231 39.50 -34.98 3.38
N LYS A 232 39.76 -34.95 4.68
CA LYS A 232 40.08 -36.21 5.35
C LYS A 232 38.89 -37.07 5.74
N LEU A 233 37.85 -36.45 6.30
CA LEU A 233 36.61 -37.17 6.68
C LEU A 233 35.80 -37.53 5.44
N SER A 234 36.02 -36.79 4.38
CA SER A 234 35.36 -37.03 3.10
C SER A 234 36.21 -37.92 2.22
N ASP A 235 37.31 -38.43 2.77
CA ASP A 235 38.05 -39.55 2.20
C ASP A 235 38.85 -39.21 0.93
N GLY A 236 39.48 -38.04 0.94
CA GLY A 236 40.19 -37.51 -0.25
C GLY A 236 39.29 -36.87 -1.30
N ARG A 237 37.97 -36.98 -1.09
CA ARG A 237 36.98 -36.50 -2.05
C ARG A 237 36.46 -35.13 -1.66
N LEU A 238 36.35 -34.26 -2.67
CA LEU A 238 35.78 -32.95 -2.48
C LEU A 238 34.27 -33.07 -2.62
N ARG A 239 33.52 -32.49 -1.68
CA ARG A 239 32.06 -32.59 -1.66
C ARG A 239 31.38 -31.36 -2.22
N VAL A 240 30.77 -31.54 -3.37
CA VAL A 240 30.08 -30.44 -4.05
C VAL A 240 28.59 -30.62 -3.92
N GLY A 241 27.92 -29.56 -3.50
CA GLY A 241 26.46 -29.58 -3.43
C GLY A 241 25.84 -28.65 -4.45
N TYR A 242 25.03 -29.20 -5.34
CA TYR A 242 24.23 -28.38 -6.24
C TYR A 242 22.86 -28.11 -5.64
N VAL A 243 22.49 -26.83 -5.54
CA VAL A 243 21.23 -26.49 -4.93
C VAL A 243 20.34 -25.84 -5.96
N SER A 244 19.20 -26.48 -6.26
CA SER A 244 18.27 -25.97 -7.27
C SER A 244 16.82 -26.34 -7.10
N SER A 245 15.96 -25.40 -7.46
CA SER A 245 14.56 -25.70 -7.50
C SER A 245 14.17 -26.25 -8.85
N ASP A 246 15.12 -26.75 -9.62
CA ASP A 246 14.83 -27.01 -11.02
C ASP A 246 15.34 -28.33 -11.52
N PHE A 247 15.43 -29.29 -10.64
CA PHE A 247 15.66 -30.64 -11.08
C PHE A 247 14.29 -31.16 -11.47
N GLY A 248 13.98 -31.01 -12.75
CA GLY A 248 12.70 -31.40 -13.29
C GLY A 248 12.59 -30.87 -14.70
N ASN A 249 11.37 -30.71 -15.17
CA ASN A 249 11.17 -30.16 -16.49
C ASN A 249 11.36 -28.66 -16.49
N HIS A 250 12.61 -28.25 -16.61
CA HIS A 250 12.96 -26.86 -16.54
C HIS A 250 14.28 -26.69 -17.30
N PRO A 251 14.44 -25.58 -18.03
CA PRO A 251 15.68 -25.27 -18.72
C PRO A 251 16.95 -25.73 -18.00
N THR A 252 17.15 -25.29 -16.76
CA THR A 252 18.31 -25.72 -15.99
C THR A 252 18.64 -27.19 -16.18
N SER A 253 17.66 -28.06 -15.98
CA SER A 253 17.88 -29.48 -16.23
C SER A 253 18.20 -29.80 -17.68
N HIS A 254 17.61 -29.06 -18.62
CA HIS A 254 17.90 -29.33 -20.03
C HIS A 254 19.33 -29.01 -20.37
N LEU A 255 19.99 -28.22 -19.52
CA LEU A 255 21.37 -27.88 -19.77
C LEU A 255 22.30 -28.86 -19.07
N MET A 256 22.15 -28.97 -17.77
CA MET A 256 23.13 -29.64 -16.96
C MET A 256 22.80 -31.03 -16.39
N GLN A 257 21.66 -31.60 -16.77
CA GLN A 257 21.26 -32.88 -16.20
C GLN A 257 22.33 -33.98 -16.34
N SER A 258 23.22 -33.88 -17.32
CA SER A 258 24.19 -34.96 -17.44
C SER A 258 25.39 -34.80 -16.53
N ILE A 259 25.55 -33.61 -15.95
CA ILE A 259 26.78 -33.26 -15.24
C ILE A 259 27.01 -34.05 -13.95
N PRO A 260 26.02 -34.08 -13.04
CA PRO A 260 26.21 -34.82 -11.82
C PRO A 260 26.70 -36.21 -12.12
N GLY A 261 26.08 -36.86 -13.08
CA GLY A 261 26.57 -38.19 -13.46
C GLY A 261 28.03 -38.28 -13.94
N MET A 262 28.57 -37.17 -14.44
CA MET A 262 29.85 -37.24 -15.13
C MET A 262 31.05 -36.84 -14.29
N HIS A 263 30.77 -36.41 -13.06
CA HIS A 263 31.81 -36.09 -12.11
C HIS A 263 32.64 -37.32 -11.84
N ASN A 264 33.92 -37.11 -11.53
CA ASN A 264 34.81 -38.25 -11.27
C ASN A 264 34.77 -38.63 -9.80
N PRO A 265 34.39 -39.90 -9.49
CA PRO A 265 34.07 -40.38 -8.15
C PRO A 265 35.28 -40.63 -7.29
N ASP A 266 36.47 -40.58 -7.89
CA ASP A 266 37.68 -40.73 -7.16
C ASP A 266 37.97 -39.45 -6.40
N LYS A 267 37.61 -38.32 -6.97
CA LYS A 267 37.99 -37.05 -6.39
C LYS A 267 36.80 -36.22 -5.92
N PHE A 268 35.60 -36.63 -6.32
CA PHE A 268 34.40 -35.85 -6.03
C PHE A 268 33.20 -36.66 -5.55
N GLU A 269 32.48 -36.11 -4.57
CA GLU A 269 31.26 -36.69 -4.07
C GLU A 269 30.17 -35.64 -4.27
N VAL A 270 29.14 -36.04 -5.02
CA VAL A 270 28.16 -35.10 -5.54
C VAL A 270 26.83 -35.17 -4.79
N PHE A 271 26.40 -34.02 -4.31
CA PHE A 271 25.18 -33.93 -3.55
C PHE A 271 24.27 -32.97 -4.25
N CYS A 272 23.05 -33.40 -4.52
CA CYS A 272 22.08 -32.53 -5.16
C CYS A 272 20.96 -32.21 -4.22
N TYR A 273 20.66 -30.94 -4.08
CA TYR A 273 19.71 -30.52 -3.11
C TYR A 273 18.56 -29.91 -3.82
N ALA A 274 17.46 -30.65 -3.90
CA ALA A 274 16.28 -30.19 -4.62
C ALA A 274 15.44 -29.29 -3.76
N LEU A 275 15.00 -28.17 -4.31
CA LEU A 275 14.17 -27.28 -3.54
C LEU A 275 12.75 -27.43 -3.96
N SER A 276 12.52 -28.23 -5.01
CA SER A 276 11.19 -28.46 -5.53
C SER A 276 10.78 -29.92 -5.37
N PRO A 277 9.46 -30.19 -5.26
CA PRO A 277 8.97 -31.57 -5.17
C PRO A 277 9.17 -32.31 -6.47
N ASP A 278 9.13 -33.62 -6.44
CA ASP A 278 9.33 -34.46 -7.62
C ASP A 278 8.16 -34.29 -8.59
N ASP A 279 8.43 -33.77 -9.78
CA ASP A 279 7.36 -33.69 -10.80
C ASP A 279 7.21 -34.97 -11.62
N GLY A 280 8.07 -35.93 -11.33
CA GLY A 280 7.96 -37.25 -11.91
C GLY A 280 8.38 -37.31 -13.36
N THR A 281 9.12 -36.29 -13.79
CA THR A 281 9.70 -36.31 -15.13
C THR A 281 11.03 -37.03 -15.11
N ASN A 282 11.53 -37.42 -16.27
CA ASN A 282 12.78 -38.15 -16.32
C ASN A 282 13.95 -37.33 -15.95
N PHE A 283 13.84 -36.02 -16.11
CA PHE A 283 14.94 -35.18 -15.70
C PHE A 283 15.19 -35.39 -14.21
N ARG A 284 14.14 -35.34 -13.42
CA ARG A 284 14.27 -35.58 -12.00
C ARG A 284 14.82 -36.99 -11.78
N VAL A 285 14.27 -37.99 -12.50
CA VAL A 285 14.70 -39.37 -12.34
C VAL A 285 16.20 -39.55 -12.52
N LYS A 286 16.73 -39.05 -13.63
CA LYS A 286 18.14 -39.15 -13.98
C LYS A 286 19.06 -38.54 -12.92
N VAL A 287 18.79 -37.33 -12.50
CA VAL A 287 19.61 -36.70 -11.49
C VAL A 287 19.55 -37.51 -10.21
N MET A 288 18.36 -37.94 -9.77
CA MET A 288 18.29 -38.76 -8.56
C MET A 288 19.14 -40.02 -8.68
N ALA A 289 19.17 -40.60 -9.87
CA ALA A 289 19.83 -41.86 -10.08
C ALA A 289 21.33 -41.71 -10.21
N GLU A 290 21.81 -40.51 -10.54
CA GLU A 290 23.23 -40.35 -10.89
C GLU A 290 24.05 -39.60 -9.87
N ALA A 291 23.44 -38.61 -9.22
CA ALA A 291 24.10 -37.94 -8.12
C ALA A 291 24.44 -38.99 -7.08
N ASN A 292 25.59 -38.81 -6.43
CA ASN A 292 25.96 -39.66 -5.31
C ASN A 292 24.93 -39.60 -4.21
N HIS A 293 24.31 -38.45 -4.05
CA HIS A 293 23.36 -38.24 -2.99
C HIS A 293 22.35 -37.26 -3.45
N PHE A 294 21.08 -37.63 -3.36
CA PHE A 294 20.02 -36.72 -3.69
C PHE A 294 19.24 -36.39 -2.44
N ILE A 295 19.05 -35.10 -2.17
CA ILE A 295 18.38 -34.68 -0.94
C ILE A 295 17.21 -33.79 -1.28
N ASP A 296 16.03 -34.18 -0.84
CA ASP A 296 14.82 -33.44 -1.13
C ASP A 296 14.52 -32.40 -0.04
N LEU A 297 15.01 -31.18 -0.23
CA LEU A 297 14.84 -30.14 0.76
C LEU A 297 13.49 -29.48 0.65
N SER A 298 12.69 -29.90 -0.33
CA SER A 298 11.35 -29.33 -0.50
C SER A 298 10.52 -29.78 0.68
N GLN A 299 11.04 -30.75 1.41
CA GLN A 299 10.38 -31.24 2.61
C GLN A 299 11.05 -30.90 3.92
N ILE A 300 11.82 -29.82 3.91
CA ILE A 300 12.43 -29.30 5.10
C ILE A 300 12.24 -27.82 4.89
N PRO A 301 11.02 -27.34 5.12
CA PRO A 301 10.74 -25.94 4.83
C PRO A 301 11.46 -24.93 5.76
N CYS A 302 11.76 -25.29 7.01
CA CYS A 302 12.52 -24.39 7.91
C CYS A 302 13.94 -24.28 7.38
N ASN A 303 14.34 -23.06 7.04
CA ASN A 303 15.67 -22.84 6.48
C ASN A 303 16.80 -23.20 7.42
N GLY A 304 16.47 -23.22 8.71
CA GLY A 304 17.40 -23.61 9.76
C GLY A 304 17.83 -25.05 9.66
N LYS A 305 16.87 -25.96 9.65
CA LYS A 305 17.21 -27.38 9.64
C LYS A 305 17.83 -27.74 8.30
N ALA A 306 17.31 -27.13 7.23
CA ALA A 306 17.86 -27.33 5.91
C ALA A 306 19.38 -27.03 5.87
N ALA A 307 19.77 -25.84 6.33
CA ALA A 307 21.16 -25.49 6.43
C ALA A 307 21.96 -26.51 7.23
N ASP A 308 21.43 -26.94 8.37
CA ASP A 308 22.10 -27.91 9.23
C ASP A 308 22.37 -29.15 8.46
N ARG A 309 21.39 -29.52 7.63
CA ARG A 309 21.48 -30.76 6.89
C ARG A 309 22.65 -30.72 5.93
N ILE A 310 22.79 -29.59 5.25
CA ILE A 310 23.89 -29.40 4.34
C ILE A 310 25.20 -29.49 5.11
N HIS A 311 25.25 -28.82 6.26
CA HIS A 311 26.46 -28.79 7.03
C HIS A 311 26.88 -30.17 7.54
N GLN A 312 25.89 -30.99 7.90
CA GLN A 312 26.15 -32.34 8.35
C GLN A 312 26.65 -33.20 7.23
N ASP A 313 26.15 -32.97 6.04
CA ASP A 313 26.62 -33.70 4.89
C ASP A 313 28.09 -33.36 4.61
N GLY A 314 28.52 -32.21 5.11
CA GLY A 314 29.93 -31.82 5.11
C GLY A 314 30.42 -31.32 3.77
N ILE A 315 29.61 -30.46 3.15
CA ILE A 315 29.88 -29.94 1.82
C ILE A 315 31.02 -28.94 1.86
N HIS A 316 31.91 -29.03 0.88
CA HIS A 316 32.97 -28.07 0.77
C HIS A 316 32.55 -26.92 -0.12
N ILE A 317 32.07 -27.25 -1.31
CA ILE A 317 31.58 -26.23 -2.23
C ILE A 317 30.09 -26.36 -2.49
N LEU A 318 29.36 -25.30 -2.16
CA LEU A 318 27.92 -25.24 -2.38
C LEU A 318 27.60 -24.32 -3.57
N VAL A 319 26.92 -24.87 -4.57
CA VAL A 319 26.67 -24.17 -5.82
C VAL A 319 25.20 -23.72 -5.91
N ASN A 320 25.01 -22.40 -6.05
CA ASN A 320 23.70 -21.77 -6.17
C ASN A 320 23.28 -21.67 -7.63
N MET A 321 22.22 -22.38 -7.99
CA MET A 321 21.79 -22.36 -9.36
C MET A 321 20.52 -21.57 -9.55
N ASN A 322 20.18 -20.73 -8.59
CA ASN A 322 18.91 -20.04 -8.66
C ASN A 322 19.06 -18.55 -8.66
N GLY A 323 19.96 -18.02 -7.85
CA GLY A 323 20.01 -16.59 -7.68
C GLY A 323 18.64 -16.08 -7.29
N TYR A 324 18.10 -15.13 -8.06
CA TYR A 324 16.80 -14.55 -7.74
C TYR A 324 15.77 -15.01 -8.75
N THR A 325 15.66 -16.31 -8.93
CA THR A 325 14.61 -16.85 -9.76
C THR A 325 13.51 -17.40 -8.85
N LYS A 326 12.41 -17.84 -9.44
CA LYS A 326 11.32 -18.51 -8.70
C LYS A 326 11.83 -19.82 -8.07
N GLY A 327 11.51 -20.03 -6.79
CA GLY A 327 11.86 -21.26 -6.10
C GLY A 327 13.08 -21.13 -5.23
N ALA A 328 13.83 -20.04 -5.44
CA ALA A 328 15.07 -19.77 -4.73
C ALA A 328 14.87 -19.73 -3.22
N ARG A 329 15.88 -20.21 -2.50
CA ARG A 329 15.88 -20.10 -1.06
C ARG A 329 17.27 -19.70 -0.63
N ASN A 330 17.63 -18.47 -0.95
CA ASN A 330 18.99 -18.02 -0.70
C ASN A 330 19.33 -17.88 0.77
N GLU A 331 18.31 -17.83 1.63
CA GLU A 331 18.50 -17.95 3.06
C GLU A 331 19.45 -19.12 3.40
N LEU A 332 19.31 -20.26 2.73
CA LEU A 332 20.28 -21.32 2.89
C LEU A 332 21.70 -20.86 2.74
N PHE A 333 21.97 -20.00 1.76
CA PHE A 333 23.34 -19.61 1.45
C PHE A 333 23.82 -18.58 2.40
N ALA A 334 22.87 -17.80 2.87
CA ALA A 334 23.14 -16.73 3.79
C ALA A 334 23.59 -17.30 5.12
N LEU A 335 23.19 -18.53 5.41
CA LEU A 335 23.60 -19.18 6.63
C LEU A 335 25.01 -19.73 6.59
N ARG A 336 25.65 -19.59 5.43
CA ARG A 336 27.03 -20.02 5.20
C ARG A 336 27.32 -21.38 5.81
N PRO A 337 26.66 -22.44 5.31
CA PRO A 337 27.00 -23.79 5.75
C PRO A 337 28.20 -24.41 5.04
N ALA A 338 28.66 -23.79 3.95
CA ALA A 338 29.83 -24.31 3.28
C ALA A 338 30.89 -23.24 3.29
N PRO A 339 32.16 -23.69 3.25
CA PRO A 339 33.29 -22.78 3.26
C PRO A 339 33.36 -21.96 1.99
N ILE A 340 32.91 -22.53 0.87
CA ILE A 340 32.95 -21.89 -0.42
C ILE A 340 31.59 -22.01 -1.08
N GLN A 341 31.06 -20.90 -1.58
CA GLN A 341 29.74 -20.89 -2.21
C GLN A 341 29.74 -20.09 -3.50
N ALA A 342 29.44 -20.75 -4.62
CA ALA A 342 29.49 -20.10 -5.94
C ALA A 342 28.14 -20.02 -6.65
N MET A 343 27.94 -18.94 -7.41
CA MET A 343 26.85 -18.86 -8.37
C MET A 343 27.22 -19.61 -9.62
N TRP A 344 26.26 -20.33 -10.20
CA TRP A 344 26.50 -21.06 -11.44
C TRP A 344 25.28 -21.23 -12.30
N LEU A 345 25.40 -20.79 -13.54
CA LEU A 345 24.50 -21.18 -14.64
C LEU A 345 23.05 -20.69 -14.57
N GLY A 346 22.40 -20.85 -13.44
CA GLY A 346 20.96 -20.61 -13.36
C GLY A 346 20.56 -19.16 -13.51
N TYR A 347 21.23 -18.29 -12.78
CA TYR A 347 20.88 -16.87 -12.78
C TYR A 347 21.95 -16.09 -13.51
N PRO A 348 21.56 -15.28 -14.50
CA PRO A 348 22.49 -14.53 -15.34
C PRO A 348 22.79 -13.13 -14.82
N GLY A 349 23.24 -13.00 -13.58
CA GLY A 349 23.65 -11.70 -13.07
C GLY A 349 24.37 -11.89 -11.75
N THR A 350 24.82 -10.80 -11.16
CA THR A 350 25.46 -10.88 -9.86
C THR A 350 24.38 -11.03 -8.81
N SER A 351 24.73 -11.72 -7.73
CA SER A 351 23.84 -11.86 -6.58
C SER A 351 23.95 -10.63 -5.71
N GLY A 352 25.08 -9.94 -5.82
CA GLY A 352 25.36 -8.73 -5.07
C GLY A 352 25.46 -8.94 -3.56
N ALA A 353 25.57 -10.21 -3.15
CA ALA A 353 25.47 -10.56 -1.75
C ALA A 353 26.79 -11.03 -1.20
N LEU A 354 26.97 -10.78 0.10
CA LEU A 354 28.18 -11.13 0.84
C LEU A 354 28.42 -12.61 0.96
N PHE A 355 27.35 -13.38 1.10
CA PHE A 355 27.50 -14.80 1.37
C PHE A 355 27.88 -15.62 0.16
N MET A 356 27.89 -15.00 -1.00
CA MET A 356 28.27 -15.69 -2.19
C MET A 356 29.71 -15.33 -2.56
N ASP A 357 30.58 -16.33 -2.71
CA ASP A 357 32.01 -16.08 -2.86
C ASP A 357 32.44 -15.92 -4.30
N TYR A 358 32.05 -16.84 -5.17
CA TYR A 358 32.46 -16.80 -6.57
C TYR A 358 31.28 -16.76 -7.50
N ILE A 359 31.54 -16.44 -8.76
CA ILE A 359 30.57 -16.67 -9.84
C ILE A 359 31.27 -17.33 -10.97
N ILE A 360 30.81 -18.51 -11.35
CA ILE A 360 31.43 -19.25 -12.43
C ILE A 360 31.02 -18.67 -13.77
N THR A 361 31.99 -18.17 -14.52
CA THR A 361 31.72 -17.53 -15.78
C THR A 361 32.91 -17.72 -16.70
N ASP A 362 33.16 -16.82 -17.64
CA ASP A 362 34.31 -16.97 -18.54
C ASP A 362 34.86 -15.65 -19.06
N GLN A 363 35.98 -15.75 -19.77
CA GLN A 363 36.71 -14.61 -20.33
C GLN A 363 35.83 -13.68 -21.18
N GLU A 364 35.04 -14.29 -22.07
CA GLU A 364 34.23 -13.61 -23.07
C GLU A 364 32.95 -13.02 -22.52
N THR A 365 32.38 -13.70 -21.54
CA THR A 365 31.16 -13.24 -20.89
C THR A 365 31.45 -12.11 -19.91
N SER A 366 32.52 -12.27 -19.13
CA SER A 366 32.86 -11.32 -18.09
C SER A 366 34.33 -10.94 -18.14
N PRO A 367 34.75 -10.15 -19.14
CA PRO A 367 36.15 -9.77 -19.17
C PRO A 367 36.54 -8.91 -17.96
N ALA A 368 37.83 -8.93 -17.63
CA ALA A 368 38.36 -8.34 -16.41
C ALA A 368 37.92 -6.91 -16.13
N GLU A 369 37.84 -6.07 -17.15
CA GLU A 369 37.45 -4.66 -16.94
C GLU A 369 36.09 -4.49 -16.28
N VAL A 370 35.14 -5.37 -16.60
CA VAL A 370 33.79 -5.26 -16.04
C VAL A 370 33.61 -6.04 -14.74
N ALA A 371 34.71 -6.37 -14.07
CA ALA A 371 34.67 -6.97 -12.73
C ALA A 371 33.84 -6.13 -11.77
N GLU A 372 33.80 -4.84 -12.05
CA GLU A 372 33.03 -3.84 -11.31
C GLU A 372 31.61 -4.25 -10.97
N GLN A 373 30.97 -4.90 -11.93
CA GLN A 373 29.54 -5.12 -11.87
C GLN A 373 29.16 -6.38 -11.12
N TYR A 374 30.14 -7.17 -10.66
CA TYR A 374 29.85 -8.33 -9.83
C TYR A 374 30.35 -8.14 -8.42
N SER A 375 29.56 -8.61 -7.45
CA SER A 375 29.97 -8.62 -6.06
C SER A 375 30.88 -9.83 -5.75
N GLU A 376 30.68 -10.91 -6.48
CA GLU A 376 31.48 -12.13 -6.33
C GLU A 376 32.79 -11.97 -7.06
N LYS A 377 33.69 -12.94 -6.89
CA LYS A 377 34.96 -12.97 -7.62
C LYS A 377 34.81 -13.88 -8.80
N LEU A 378 35.45 -13.53 -9.90
CA LEU A 378 35.23 -14.25 -11.12
C LEU A 378 35.94 -15.56 -11.07
N ALA A 379 35.31 -16.62 -11.52
CA ALA A 379 35.99 -17.87 -11.69
C ALA A 379 35.79 -18.31 -13.12
N TYR A 380 36.85 -18.42 -13.92
CA TYR A 380 36.70 -18.62 -15.36
C TYR A 380 36.76 -20.05 -15.77
N MET A 381 35.79 -20.47 -16.57
CA MET A 381 35.91 -21.70 -17.31
C MET A 381 36.73 -21.38 -18.55
N PRO A 382 37.44 -22.38 -19.07
CA PRO A 382 38.35 -22.21 -20.18
C PRO A 382 37.70 -21.66 -21.44
N HIS A 383 36.44 -22.00 -21.71
CA HIS A 383 35.82 -21.58 -22.96
C HIS A 383 34.55 -20.78 -22.78
N THR A 384 33.46 -21.49 -22.50
CA THR A 384 32.24 -20.80 -22.10
C THR A 384 31.76 -21.47 -20.83
N PHE A 385 31.06 -20.70 -20.01
CA PHE A 385 30.49 -21.26 -18.82
C PHE A 385 29.17 -21.90 -19.13
N PHE A 386 28.69 -21.70 -20.36
CA PHE A 386 27.43 -22.26 -20.74
C PHE A 386 27.59 -23.69 -21.20
N ILE A 387 26.51 -24.48 -21.13
CA ILE A 387 26.55 -25.88 -21.57
C ILE A 387 25.14 -26.36 -21.86
N GLY A 388 25.00 -27.46 -22.58
CA GLY A 388 23.68 -27.94 -22.95
C GLY A 388 23.66 -29.43 -23.17
N ASP A 389 22.53 -30.05 -22.88
CA ASP A 389 22.50 -31.50 -22.95
C ASP A 389 22.10 -32.04 -24.30
N HIS A 390 22.03 -31.17 -25.31
CA HIS A 390 21.45 -31.49 -26.60
C HIS A 390 22.03 -32.74 -27.20
N ALA A 391 23.30 -32.98 -26.93
CA ALA A 391 24.01 -34.14 -27.45
C ALA A 391 23.34 -35.44 -27.03
N ASN A 392 22.87 -35.42 -25.80
CA ASN A 392 22.24 -36.53 -25.14
C ASN A 392 20.72 -36.52 -25.31
N MET A 393 20.11 -35.33 -25.27
CA MET A 393 18.66 -35.20 -25.37
C MET A 393 18.11 -35.42 -26.76
N PHE A 394 18.80 -34.89 -27.78
CA PHE A 394 18.36 -34.91 -29.19
C PHE A 394 19.41 -35.44 -30.15
N PRO A 395 19.83 -36.69 -29.98
CA PRO A 395 20.76 -37.24 -30.93
C PRO A 395 20.15 -37.49 -32.32
N HIS A 396 18.83 -37.54 -32.41
CA HIS A 396 18.21 -37.74 -33.73
C HIS A 396 18.51 -36.60 -34.70
N LEU A 397 18.83 -35.42 -34.16
CA LEU A 397 19.23 -34.26 -34.95
C LEU A 397 20.74 -34.18 -35.21
N LYS A 398 21.44 -35.29 -34.99
CA LYS A 398 22.87 -35.28 -35.26
C LYS A 398 23.09 -35.35 -36.79
N LYS A 399 22.09 -35.87 -37.48
CA LYS A 399 22.12 -36.03 -38.93
C LYS A 399 20.77 -35.67 -39.54
N LYS A 400 20.78 -35.11 -40.74
CA LYS A 400 19.53 -34.84 -41.45
C LYS A 400 19.54 -35.42 -42.86
N ALA A 401 18.39 -35.32 -43.52
CA ALA A 401 18.22 -35.71 -44.92
C ALA A 401 17.14 -34.82 -45.47
N VAL A 402 17.18 -34.54 -46.76
CA VAL A 402 16.17 -33.66 -47.35
C VAL A 402 15.45 -34.32 -48.49
N ILE A 403 14.26 -33.81 -48.80
CA ILE A 403 13.56 -34.21 -50.00
C ILE A 403 13.66 -33.07 -51.05
N ASP A 404 13.97 -33.44 -52.30
CA ASP A 404 14.00 -32.50 -53.43
C ASP A 404 12.63 -32.37 -54.15
N PHE A 405 12.25 -31.14 -54.45
CA PHE A 405 10.96 -30.92 -55.10
C PHE A 405 11.01 -30.05 -56.40
N LYS A 406 12.10 -29.27 -56.55
CA LYS A 406 12.29 -28.32 -57.67
C LYS A 406 12.32 -28.98 -59.08
N HIS A 410 16.79 -27.12 -57.35
CA HIS A 410 17.94 -26.33 -56.87
C HIS A 410 18.83 -26.99 -55.75
N ILE A 411 18.20 -27.80 -54.87
CA ILE A 411 18.86 -28.53 -53.70
C ILE A 411 19.10 -27.72 -52.37
N TYR A 412 18.08 -27.65 -51.53
CA TYR A 412 18.13 -26.82 -50.34
C TYR A 412 18.27 -27.65 -49.07
N ASP A 413 19.06 -27.17 -48.12
CA ASP A 413 19.28 -27.92 -46.89
C ASP A 413 18.17 -27.79 -45.84
N ASN A 414 17.12 -27.02 -46.13
CA ASN A 414 16.17 -26.66 -45.07
C ASN A 414 14.74 -26.35 -45.51
N ARG A 415 14.19 -27.13 -46.45
CA ARG A 415 12.78 -26.91 -46.81
C ARG A 415 11.89 -28.08 -46.40
N ILE A 416 12.41 -29.28 -46.59
CA ILE A 416 11.75 -30.48 -46.11
C ILE A 416 12.84 -31.34 -45.53
N VAL A 417 12.75 -31.60 -44.23
CA VAL A 417 13.84 -32.24 -43.50
C VAL A 417 13.40 -33.51 -42.81
N LEU A 418 14.28 -34.49 -42.81
CA LEU A 418 14.03 -35.73 -42.12
C LEU A 418 15.09 -35.99 -41.07
N ASN A 419 14.68 -36.37 -39.86
CA ASN A 419 15.60 -36.84 -38.85
C ASN A 419 15.02 -38.07 -38.20
N GLY A 420 15.91 -38.86 -37.64
CA GLY A 420 15.50 -40.08 -36.97
C GLY A 420 16.71 -40.92 -36.67
N ILE A 421 16.63 -41.64 -35.56
CA ILE A 421 17.71 -42.55 -35.19
C ILE A 421 17.97 -43.57 -36.31
N ASP A 422 16.90 -44.04 -36.97
CA ASP A 422 16.99 -45.08 -37.98
C ASP A 422 16.91 -44.52 -39.41
N LEU A 423 17.47 -43.32 -39.61
CA LEU A 423 17.34 -42.66 -40.90
C LEU A 423 18.13 -43.44 -41.94
N LYS A 424 19.42 -43.65 -41.67
CA LYS A 424 20.28 -44.40 -42.57
C LYS A 424 19.60 -45.69 -43.08
N ALA A 425 19.07 -46.49 -42.17
CA ALA A 425 18.42 -47.76 -42.54
C ALA A 425 17.27 -47.60 -43.54
N PHE A 426 16.54 -46.50 -43.43
CA PHE A 426 15.39 -46.22 -44.28
C PHE A 426 15.87 -45.80 -45.63
N LEU A 427 16.88 -44.95 -45.65
CA LEU A 427 17.45 -44.48 -46.90
C LEU A 427 18.00 -45.62 -47.73
N ASP A 428 18.45 -46.68 -47.09
CA ASP A 428 19.02 -47.76 -47.84
C ASP A 428 17.94 -48.62 -48.40
N SER A 429 16.73 -48.45 -47.91
CA SER A 429 15.62 -49.20 -48.42
C SER A 429 15.14 -48.52 -49.70
N LEU A 430 15.71 -47.34 -49.98
CA LEU A 430 15.25 -46.53 -51.09
C LEU A 430 16.07 -46.73 -52.35
N PRO A 431 15.39 -46.75 -53.52
CA PRO A 431 16.05 -46.91 -54.82
C PRO A 431 17.14 -45.85 -55.12
N ASP A 432 16.78 -44.57 -55.04
CA ASP A 432 17.50 -43.54 -55.78
C ASP A 432 18.08 -42.38 -54.99
N VAL A 433 18.94 -42.69 -54.04
CA VAL A 433 19.31 -41.67 -53.08
C VAL A 433 20.64 -41.02 -53.42
N LYS A 434 20.57 -39.74 -53.80
CA LYS A 434 21.78 -38.98 -54.09
C LYS A 434 22.37 -38.34 -52.83
N ILE A 435 23.69 -38.34 -52.71
CA ILE A 435 24.39 -37.91 -51.50
C ILE A 435 25.23 -36.65 -51.69
N VAL A 436 24.67 -35.48 -51.38
CA VAL A 436 25.42 -34.23 -51.49
C VAL A 436 26.56 -34.16 -50.48
N LYS A 437 27.78 -34.01 -51.00
CA LYS A 437 28.97 -33.81 -50.17
C LYS A 437 28.97 -32.43 -49.52
N MET A 438 29.34 -32.39 -48.24
CA MET A 438 29.65 -31.12 -47.54
C MET A 438 31.17 -31.09 -47.36
N LYS A 439 31.88 -30.34 -48.20
CA LYS A 439 33.35 -30.33 -48.19
C LYS A 439 33.97 -29.44 -47.08
N CYS A 440 35.05 -29.92 -46.46
CA CYS A 440 35.82 -29.16 -45.45
C CYS A 440 34.98 -28.89 -44.18
N ALA A 453 34.29 -36.69 -44.03
CA ALA A 453 33.40 -37.73 -43.51
C ALA A 453 31.92 -37.33 -43.59
N LEU A 454 31.63 -36.04 -43.85
CA LEU A 454 30.24 -35.51 -43.77
C LEU A 454 29.49 -35.15 -45.07
N ASN A 455 28.16 -35.19 -44.97
CA ASN A 455 27.28 -35.06 -46.12
C ASN A 455 25.83 -35.21 -45.74
N MET A 456 24.94 -34.84 -46.66
CA MET A 456 23.52 -34.86 -46.43
C MET A 456 22.84 -35.55 -47.60
N PRO A 457 22.22 -36.70 -47.34
CA PRO A 457 21.49 -37.44 -48.36
C PRO A 457 20.27 -36.67 -48.87
N VAL A 458 19.91 -36.92 -50.14
CA VAL A 458 18.80 -36.25 -50.78
C VAL A 458 17.87 -37.21 -51.50
N ILE A 459 16.63 -37.27 -51.03
CA ILE A 459 15.61 -38.07 -51.67
C ILE A 459 15.01 -37.31 -52.84
N PRO A 460 15.07 -37.89 -54.06
CA PRO A 460 14.48 -37.29 -55.23
C PRO A 460 12.96 -37.48 -55.25
N MET A 461 12.28 -36.61 -55.98
CA MET A 461 10.82 -36.57 -56.03
C MET A 461 10.15 -37.78 -56.77
N ASN A 462 10.27 -38.99 -56.24
CA ASN A 462 9.53 -40.15 -56.75
C ASN A 462 8.16 -40.28 -56.08
N THR A 463 7.55 -41.45 -56.16
CA THR A 463 6.20 -41.66 -55.58
C THR A 463 6.24 -41.59 -54.06
N ILE A 464 7.36 -42.05 -53.50
CA ILE A 464 7.55 -42.07 -52.05
C ILE A 464 7.59 -40.65 -51.48
N ALA A 465 8.51 -39.83 -51.96
CA ALA A 465 8.55 -38.43 -51.58
C ALA A 465 7.14 -37.82 -51.58
N GLU A 466 6.37 -38.12 -52.62
CA GLU A 466 5.03 -37.56 -52.78
C GLU A 466 4.08 -37.99 -51.70
N ALA A 467 4.20 -39.25 -51.30
CA ALA A 467 3.42 -39.81 -50.21
C ALA A 467 3.72 -39.11 -48.90
N VAL A 468 4.95 -38.63 -48.76
CA VAL A 468 5.37 -37.88 -47.57
C VAL A 468 4.79 -36.46 -47.57
N ILE A 469 4.93 -35.74 -48.68
CA ILE A 469 4.32 -34.43 -48.77
C ILE A 469 2.81 -34.56 -48.56
N GLU A 470 2.25 -35.61 -49.14
CA GLU A 470 0.82 -35.92 -48.99
C GLU A 470 0.39 -35.90 -47.50
N MET A 471 1.09 -36.68 -46.68
CA MET A 471 0.85 -36.75 -45.26
C MET A 471 0.92 -35.37 -44.65
N ILE A 472 1.97 -34.64 -44.99
CA ILE A 472 2.20 -33.30 -44.47
C ILE A 472 1.08 -32.36 -44.84
N ASN A 473 0.73 -32.33 -46.13
CA ASN A 473 -0.25 -31.37 -46.64
C ASN A 473 -1.63 -31.64 -46.10
N ARG A 474 -1.98 -32.93 -46.01
CA ARG A 474 -3.28 -33.32 -45.50
C ARG A 474 -3.38 -33.20 -43.97
N GLY A 475 -2.24 -32.99 -43.32
CA GLY A 475 -2.19 -32.87 -41.87
C GLY A 475 -2.44 -34.18 -41.13
N GLN A 476 -1.97 -35.30 -41.70
CA GLN A 476 -2.10 -36.60 -41.06
C GLN A 476 -0.99 -36.83 -40.04
N ILE A 477 -1.19 -37.83 -39.17
CA ILE A 477 -0.28 -38.10 -38.06
C ILE A 477 1.02 -38.75 -38.53
N GLN A 478 0.89 -39.77 -39.36
CA GLN A 478 2.02 -40.63 -39.68
C GLN A 478 1.67 -41.58 -40.79
N ILE A 479 2.70 -42.12 -41.44
CA ILE A 479 2.53 -43.13 -42.49
C ILE A 479 3.61 -44.20 -42.38
N THR A 480 3.50 -45.22 -43.23
CA THR A 480 4.48 -46.31 -43.28
C THR A 480 5.10 -46.45 -44.67
N ILE A 481 6.40 -46.66 -44.73
CA ILE A 481 7.08 -46.79 -46.02
C ILE A 481 8.17 -47.85 -45.91
N ASN A 482 8.00 -48.93 -46.65
CA ASN A 482 8.87 -50.11 -46.51
C ASN A 482 8.97 -50.53 -45.06
N GLY A 483 7.85 -50.42 -44.34
CA GLY A 483 7.83 -50.78 -42.92
C GLY A 483 8.53 -49.84 -41.96
N PHE A 484 9.06 -48.72 -42.45
CA PHE A 484 9.58 -47.73 -41.54
C PHE A 484 8.50 -46.78 -41.05
N SER A 485 8.63 -46.34 -39.81
CA SER A 485 7.63 -45.45 -39.32
C SER A 485 7.98 -43.97 -39.58
N ILE A 486 7.08 -43.27 -40.27
CA ILE A 486 7.30 -41.87 -40.64
C ILE A 486 6.28 -40.97 -39.99
N SER A 487 6.76 -39.93 -39.32
CA SER A 487 5.92 -39.11 -38.46
C SER A 487 5.87 -37.64 -38.85
N ASN A 488 4.68 -37.08 -38.73
CA ASN A 488 4.49 -35.67 -38.93
C ASN A 488 5.07 -34.89 -37.78
N GLY A 489 6.00 -33.99 -38.08
CA GLY A 489 6.65 -33.16 -37.07
C GLY A 489 5.74 -32.41 -36.11
N LEU A 490 4.52 -32.10 -36.53
CA LEU A 490 3.58 -31.35 -35.72
C LEU A 490 2.80 -32.22 -34.74
N ALA A 491 2.87 -33.54 -34.92
CA ALA A 491 2.06 -34.43 -34.13
C ALA A 491 2.85 -35.32 -33.17
N THR A 492 4.14 -35.01 -32.99
CA THR A 492 5.02 -35.82 -32.12
C THR A 492 4.32 -36.09 -30.82
N THR A 493 3.71 -35.06 -30.26
CA THR A 493 3.12 -35.11 -28.95
C THR A 493 2.06 -36.21 -28.80
N GLN A 494 1.44 -36.64 -29.89
CA GLN A 494 0.39 -37.66 -29.85
C GLN A 494 0.98 -38.99 -30.15
N ILE A 495 2.05 -38.99 -30.92
CA ILE A 495 2.77 -40.23 -31.19
C ILE A 495 3.47 -40.77 -29.93
N ASN A 496 4.12 -39.87 -29.20
CA ASN A 496 4.82 -40.21 -27.98
C ASN A 496 5.15 -38.95 -27.18
N ASN A 497 4.34 -38.64 -26.18
CA ASN A 497 4.50 -37.44 -25.36
C ASN A 497 5.86 -37.28 -24.68
N LYS A 498 6.50 -38.38 -24.30
CA LYS A 498 7.75 -38.28 -23.56
C LYS A 498 8.85 -37.76 -24.46
N ALA A 499 8.81 -38.19 -25.72
CA ALA A 499 9.77 -37.74 -26.74
C ALA A 499 9.56 -36.27 -27.05
N ALA A 500 8.32 -35.83 -27.14
CA ALA A 500 8.04 -34.45 -27.45
C ALA A 500 8.65 -33.49 -26.44
N THR A 501 8.75 -33.93 -25.19
CA THR A 501 9.24 -33.04 -24.13
C THR A 501 10.75 -33.06 -23.99
N GLY A 502 11.39 -34.08 -24.54
CA GLY A 502 12.82 -34.18 -24.43
C GLY A 502 13.22 -35.27 -23.49
N GLU A 503 12.24 -35.81 -22.77
CA GLU A 503 12.47 -36.89 -21.80
C GLU A 503 12.87 -38.20 -22.44
N GLU A 504 12.45 -38.47 -23.67
CA GLU A 504 12.94 -39.64 -24.41
C GLU A 504 13.52 -39.19 -25.74
N VAL A 505 14.32 -40.05 -26.36
CA VAL A 505 14.70 -39.87 -27.76
C VAL A 505 13.61 -40.52 -28.61
N PRO A 506 13.11 -39.82 -29.66
CA PRO A 506 12.04 -40.36 -30.51
C PRO A 506 12.47 -41.66 -31.22
N ARG A 507 11.50 -42.55 -31.43
CA ARG A 507 11.80 -43.85 -32.00
C ARG A 507 11.28 -44.01 -33.43
N THR A 508 10.88 -42.90 -34.05
CA THR A 508 10.39 -42.88 -35.42
C THR A 508 11.13 -41.86 -36.23
N ILE A 509 10.80 -41.77 -37.51
CA ILE A 509 11.41 -40.77 -38.39
C ILE A 509 10.48 -39.55 -38.55
N ILE A 510 11.05 -38.35 -38.39
CA ILE A 510 10.22 -37.16 -38.26
C ILE A 510 10.50 -36.18 -39.37
N VAL A 511 9.42 -35.85 -40.08
CA VAL A 511 9.47 -34.91 -41.19
C VAL A 511 9.09 -33.52 -40.75
N THR A 512 9.93 -32.58 -41.11
CA THR A 512 9.75 -31.19 -40.68
C THR A 512 9.81 -30.32 -41.93
N THR A 513 8.75 -29.55 -42.22
CA THR A 513 8.74 -28.72 -43.45
C THR A 513 8.37 -27.27 -43.21
N ARG A 514 8.74 -26.40 -44.12
CA ARG A 514 8.43 -24.99 -43.97
C ARG A 514 6.95 -24.78 -44.15
N SER A 515 6.35 -25.57 -45.03
CA SER A 515 4.94 -25.43 -45.31
C SER A 515 4.08 -25.65 -44.05
N GLN A 516 4.57 -26.49 -43.13
CA GLN A 516 3.94 -26.72 -41.82
C GLN A 516 3.75 -25.46 -40.99
N TYR A 517 4.67 -24.49 -41.14
CA TYR A 517 4.62 -23.28 -40.36
C TYR A 517 4.26 -22.07 -41.18
N GLY A 518 3.88 -22.33 -42.44
CA GLY A 518 3.43 -21.29 -43.37
C GLY A 518 4.58 -20.38 -43.76
N LEU A 519 5.75 -20.98 -43.96
CA LEU A 519 6.95 -20.24 -44.34
C LEU A 519 7.15 -20.37 -45.85
N PRO A 520 7.46 -19.26 -46.54
CA PRO A 520 7.82 -19.29 -47.96
C PRO A 520 8.90 -20.31 -48.32
N GLU A 521 8.63 -21.13 -49.32
CA GLU A 521 9.56 -22.16 -49.73
C GLU A 521 10.86 -21.62 -50.30
N ASP A 522 10.87 -20.37 -50.73
CA ASP A 522 11.95 -19.86 -51.58
C ASP A 522 12.56 -18.56 -51.04
N ALA A 523 12.63 -18.47 -49.70
CA ALA A 523 12.98 -17.20 -49.07
C ALA A 523 14.08 -17.41 -48.06
N ILE A 524 14.73 -16.32 -47.69
CA ILE A 524 15.70 -16.35 -46.63
C ILE A 524 14.91 -16.18 -45.35
N VAL A 525 15.14 -17.07 -44.38
CA VAL A 525 14.40 -17.04 -43.12
C VAL A 525 15.30 -16.66 -41.96
N TYR A 526 15.05 -15.50 -41.37
CA TYR A 526 15.69 -15.10 -40.16
C TYR A 526 14.78 -15.43 -39.04
N CYS A 527 15.31 -16.02 -37.97
CA CYS A 527 14.46 -16.35 -36.83
C CYS A 527 14.93 -15.77 -35.52
N ASN A 528 14.01 -15.64 -34.59
CA ASN A 528 14.34 -15.49 -33.20
C ASN A 528 13.28 -16.17 -32.36
N PHE A 529 13.71 -17.11 -31.54
CA PHE A 529 12.77 -17.91 -30.79
C PHE A 529 12.64 -17.55 -29.30
N ASN A 530 13.16 -16.40 -28.92
CA ASN A 530 13.08 -15.99 -27.54
C ASN A 530 11.74 -15.42 -27.21
N GLN A 531 11.46 -15.32 -25.92
CA GLN A 531 10.33 -14.55 -25.44
C GLN A 531 10.43 -13.10 -25.91
N LEU A 532 9.30 -12.53 -26.24
CA LEU A 532 9.30 -11.24 -26.88
C LEU A 532 9.79 -10.14 -25.97
N TYR A 533 9.73 -10.32 -24.66
CA TYR A 533 10.21 -9.25 -23.77
C TYR A 533 11.65 -8.83 -24.07
N LYS A 534 12.41 -9.70 -24.73
CA LYS A 534 13.81 -9.42 -25.01
C LYS A 534 14.02 -8.46 -26.17
N ILE A 535 12.95 -8.16 -26.89
CA ILE A 535 13.02 -7.22 -27.99
C ILE A 535 12.70 -5.80 -27.55
N ASP A 536 13.46 -4.83 -28.07
CA ASP A 536 13.18 -3.42 -27.85
C ASP A 536 13.18 -2.67 -29.18
N PRO A 537 12.80 -1.38 -29.18
CA PRO A 537 12.61 -0.71 -30.45
C PRO A 537 13.87 -0.65 -31.34
N SER A 538 15.06 -0.57 -30.75
CA SER A 538 16.29 -0.59 -31.54
C SER A 538 16.45 -1.94 -32.17
N THR A 539 16.32 -3.00 -31.38
CA THR A 539 16.48 -4.35 -31.91
C THR A 539 15.56 -4.53 -33.09
N LEU A 540 14.36 -3.97 -33.00
CA LEU A 540 13.41 -4.19 -34.07
C LEU A 540 13.78 -3.35 -35.27
N GLN A 541 14.13 -2.09 -35.04
CA GLN A 541 14.62 -1.21 -36.10
C GLN A 541 15.71 -1.91 -36.87
N MET A 542 16.72 -2.34 -36.15
CA MET A 542 17.81 -3.09 -36.70
C MET A 542 17.36 -4.23 -37.62
N TRP A 543 16.34 -4.95 -37.22
CA TRP A 543 15.88 -6.07 -38.03
C TRP A 543 15.16 -5.60 -39.25
N ALA A 544 14.34 -4.57 -39.09
CA ALA A 544 13.68 -3.92 -40.22
C ALA A 544 14.69 -3.58 -41.29
N ASN A 545 15.77 -2.91 -40.86
CA ASN A 545 16.87 -2.60 -41.76
C ASN A 545 17.34 -3.78 -42.54
N ILE A 546 17.65 -4.87 -41.86
CA ILE A 546 18.11 -6.09 -42.50
C ILE A 546 17.09 -6.60 -43.49
N LEU A 547 15.83 -6.63 -43.08
CA LEU A 547 14.80 -7.15 -43.94
C LEU A 547 14.64 -6.35 -45.24
N LYS A 548 14.74 -5.03 -45.14
CA LYS A 548 14.66 -4.19 -46.30
C LYS A 548 15.80 -4.47 -47.27
N ARG A 549 17.01 -4.58 -46.75
CA ARG A 549 18.17 -4.82 -47.59
C ARG A 549 18.21 -6.22 -48.17
N VAL A 550 17.59 -7.20 -47.50
CA VAL A 550 17.50 -8.55 -48.08
C VAL A 550 16.10 -8.76 -48.62
N PRO A 551 15.90 -8.37 -49.88
CA PRO A 551 14.61 -8.21 -50.53
C PRO A 551 13.70 -9.40 -50.28
N ASN A 552 14.13 -10.63 -50.57
CA ASN A 552 13.18 -11.72 -50.54
C ASN A 552 13.27 -12.59 -49.34
N SER A 553 12.99 -12.00 -48.18
CA SER A 553 13.25 -12.64 -46.89
C SER A 553 12.12 -12.38 -45.93
N VAL A 554 12.05 -13.21 -44.88
CA VAL A 554 11.10 -13.05 -43.76
C VAL A 554 11.77 -13.19 -42.39
N LEU A 555 11.08 -12.69 -41.37
CA LEU A 555 11.48 -12.86 -39.99
C LEU A 555 10.49 -13.78 -39.30
N TRP A 556 11.01 -14.76 -38.59
CA TRP A 556 10.19 -15.78 -37.95
C TRP A 556 10.24 -15.63 -36.44
N LEU A 557 9.10 -15.34 -35.83
CA LEU A 557 9.04 -15.07 -34.39
C LEU A 557 7.98 -15.92 -33.75
N LEU A 558 7.93 -15.94 -32.41
CA LEU A 558 6.96 -16.77 -31.70
C LEU A 558 5.92 -15.98 -30.96
N ARG A 559 4.70 -16.50 -30.90
CA ARG A 559 3.67 -15.89 -30.07
C ARG A 559 3.97 -16.14 -28.59
N PHE A 560 4.82 -15.31 -27.98
CA PHE A 560 5.48 -15.62 -26.72
C PHE A 560 5.60 -14.39 -25.84
N PRO A 561 4.46 -13.89 -25.36
CA PRO A 561 3.09 -14.37 -25.47
C PRO A 561 2.37 -13.82 -26.70
N ALA A 562 1.20 -14.39 -27.02
CA ALA A 562 0.49 -14.05 -28.25
C ALA A 562 0.04 -12.60 -28.38
N VAL A 563 -0.19 -11.93 -27.26
CA VAL A 563 -0.81 -10.62 -27.27
C VAL A 563 0.21 -9.61 -27.72
N GLY A 564 1.46 -10.06 -27.76
CA GLY A 564 2.58 -9.23 -28.17
C GLY A 564 2.66 -9.11 -29.66
N GLU A 565 2.11 -10.09 -30.37
CA GLU A 565 2.11 -10.10 -31.83
C GLU A 565 1.45 -8.85 -32.46
N PRO A 566 0.16 -8.57 -32.17
CA PRO A 566 -0.46 -7.37 -32.73
C PRO A 566 0.38 -6.11 -32.53
N ASN A 567 1.08 -6.04 -31.40
CA ASN A 567 1.91 -4.89 -31.04
C ASN A 567 3.14 -4.76 -31.88
N ILE A 568 3.78 -5.88 -32.19
CA ILE A 568 4.97 -5.82 -33.00
C ILE A 568 4.56 -5.55 -34.43
N GLN A 569 3.56 -6.26 -34.91
CA GLN A 569 3.03 -5.98 -36.22
C GLN A 569 2.88 -4.49 -36.41
N GLN A 570 2.30 -3.79 -35.44
CA GLN A 570 2.14 -2.35 -35.51
C GLN A 570 3.46 -1.64 -35.76
N TYR A 571 4.41 -1.80 -34.84
CA TYR A 571 5.70 -1.11 -34.92
C TYR A 571 6.48 -1.48 -36.18
N ALA A 572 6.20 -2.65 -36.73
CA ALA A 572 6.77 -3.04 -38.01
C ALA A 572 6.15 -2.24 -39.18
N GLN A 573 4.82 -2.17 -39.27
CA GLN A 573 4.16 -1.31 -40.23
C GLN A 573 4.68 0.12 -40.16
N ASN A 574 4.90 0.67 -38.98
CA ASN A 574 5.47 2.03 -38.85
C ASN A 574 6.86 2.18 -39.38
N MET A 575 7.56 1.06 -39.54
CA MET A 575 8.89 1.08 -40.07
C MET A 575 8.86 0.63 -41.52
N GLY A 576 7.66 0.53 -42.08
CA GLY A 576 7.49 0.23 -43.48
C GLY A 576 7.67 -1.23 -43.86
N LEU A 577 7.09 -2.14 -43.09
CA LEU A 577 7.09 -3.57 -43.43
C LEU A 577 5.70 -4.15 -43.50
N PRO A 578 5.31 -4.67 -44.67
CA PRO A 578 4.04 -5.38 -44.81
C PRO A 578 3.90 -6.51 -43.79
N GLN A 579 2.68 -6.93 -43.48
CA GLN A 579 2.47 -8.05 -42.57
C GLN A 579 3.24 -9.26 -43.01
N ASN A 580 3.03 -9.64 -44.27
CA ASN A 580 3.77 -10.69 -44.98
C ASN A 580 5.20 -10.94 -44.51
N ARG A 581 5.91 -9.90 -44.06
CA ARG A 581 7.35 -10.02 -43.84
C ARG A 581 7.75 -10.60 -42.49
N ILE A 582 6.84 -10.56 -41.52
CA ILE A 582 7.09 -11.20 -40.25
C ILE A 582 6.10 -12.32 -40.02
N ILE A 583 6.62 -13.48 -39.65
CA ILE A 583 5.76 -14.62 -39.43
C ILE A 583 5.84 -15.17 -38.02
N PHE A 584 4.68 -15.39 -37.42
CA PHE A 584 4.57 -15.87 -36.06
C PHE A 584 4.07 -17.28 -35.99
N SER A 585 4.85 -18.12 -35.34
CA SER A 585 4.38 -19.44 -34.98
C SER A 585 4.04 -19.52 -33.51
N PRO A 586 3.20 -20.51 -33.15
CA PRO A 586 2.88 -20.76 -31.77
C PRO A 586 4.07 -21.38 -31.05
N VAL A 587 4.06 -21.37 -29.72
CA VAL A 587 5.14 -21.99 -28.97
C VAL A 587 5.01 -23.49 -29.07
N ALA A 588 6.13 -24.20 -29.06
CA ALA A 588 6.10 -25.64 -29.28
C ALA A 588 6.82 -26.43 -28.20
N PRO A 589 6.44 -27.71 -28.01
CA PRO A 589 7.11 -28.64 -27.09
C PRO A 589 8.61 -28.64 -27.32
N LYS A 590 9.43 -28.86 -26.30
CA LYS A 590 10.88 -28.73 -26.48
C LYS A 590 11.42 -29.33 -27.74
N GLU A 591 11.12 -30.60 -27.99
CA GLU A 591 11.75 -31.29 -29.10
C GLU A 591 11.38 -30.69 -30.44
N GLU A 592 10.10 -30.42 -30.64
CA GLU A 592 9.70 -29.75 -31.86
C GLU A 592 10.39 -28.39 -31.99
N HIS A 593 10.34 -27.57 -30.96
CA HIS A 593 11.02 -26.29 -30.94
C HIS A 593 12.45 -26.40 -31.41
N VAL A 594 13.24 -27.29 -30.83
CA VAL A 594 14.63 -27.47 -31.25
C VAL A 594 14.73 -27.89 -32.71
N ARG A 595 13.95 -28.90 -33.08
CA ARG A 595 14.00 -29.46 -34.42
C ARG A 595 13.64 -28.48 -35.55
N ARG A 596 12.64 -27.63 -35.34
CA ARG A 596 12.18 -26.75 -36.38
C ARG A 596 13.13 -25.58 -36.63
N GLY A 597 14.15 -25.42 -35.81
CA GLY A 597 15.20 -24.45 -36.10
C GLY A 597 15.96 -24.85 -37.34
N GLN A 598 15.87 -26.12 -37.70
CA GLN A 598 16.55 -26.60 -38.89
C GLN A 598 16.05 -25.90 -40.14
N LEU A 599 14.79 -25.45 -40.08
CA LEU A 599 14.15 -24.80 -41.20
C LEU A 599 14.61 -23.36 -41.47
N ALA A 600 15.17 -22.68 -40.48
CA ALA A 600 15.60 -21.29 -40.69
C ALA A 600 16.92 -21.23 -41.45
N ASP A 601 17.30 -20.04 -41.89
CA ASP A 601 18.59 -19.88 -42.54
C ASP A 601 19.57 -19.26 -41.57
N VAL A 602 19.15 -18.21 -40.88
CA VAL A 602 19.98 -17.55 -39.90
C VAL A 602 19.15 -17.12 -38.69
N CYS A 603 19.80 -17.02 -37.54
CA CYS A 603 19.11 -16.57 -36.36
C CYS A 603 19.65 -15.22 -35.89
N LEU A 604 18.76 -14.26 -35.77
CA LEU A 604 19.17 -12.97 -35.32
C LEU A 604 18.96 -12.88 -33.82
N ASP A 605 20.02 -12.63 -33.09
CA ASP A 605 19.92 -12.63 -31.66
C ASP A 605 19.66 -11.26 -31.05
N THR A 606 18.74 -11.22 -30.11
CA THR A 606 18.36 -10.01 -29.39
C THR A 606 19.55 -9.48 -28.61
N PRO A 607 20.00 -8.27 -28.93
CA PRO A 607 21.18 -7.75 -28.27
C PRO A 607 20.88 -7.20 -26.87
N LEU A 608 19.63 -6.88 -26.57
CA LEU A 608 19.31 -6.34 -25.23
C LEU A 608 19.59 -7.38 -24.15
N CYS A 609 19.21 -8.62 -24.45
CA CYS A 609 19.36 -9.75 -23.57
C CYS A 609 19.35 -10.97 -24.45
N ASN A 610 20.46 -11.71 -24.51
CA ASN A 610 20.68 -12.75 -25.52
C ASN A 610 19.79 -13.96 -25.27
N GLY A 611 19.63 -14.78 -26.29
CA GLY A 611 19.09 -16.11 -26.10
C GLY A 611 20.14 -16.93 -25.37
N HIS A 612 19.74 -17.60 -24.31
CA HIS A 612 20.72 -18.39 -23.59
C HIS A 612 20.53 -19.83 -23.92
N THR A 613 19.49 -20.44 -23.36
CA THR A 613 19.13 -21.79 -23.73
C THR A 613 18.79 -21.76 -25.20
N THR A 614 18.04 -20.74 -25.58
CA THR A 614 17.61 -20.55 -26.94
C THR A 614 18.81 -20.51 -27.89
N GLY A 615 19.89 -19.86 -27.45
CA GLY A 615 21.14 -19.89 -28.17
C GLY A 615 21.60 -21.30 -28.48
N MET A 616 21.63 -22.16 -27.48
CA MET A 616 22.12 -23.50 -27.69
C MET A 616 21.20 -24.24 -28.61
N ASP A 617 19.92 -23.91 -28.52
CA ASP A 617 18.91 -24.64 -29.26
C ASP A 617 19.03 -24.42 -30.76
N VAL A 618 19.36 -23.21 -31.19
CA VAL A 618 19.48 -22.93 -32.61
C VAL A 618 20.76 -23.49 -33.07
N LEU A 619 21.81 -23.33 -32.25
CA LEU A 619 23.11 -23.81 -32.64
C LEU A 619 23.10 -25.33 -32.80
N TRP A 620 22.31 -26.03 -32.00
CA TRP A 620 22.29 -27.47 -32.11
C TRP A 620 21.67 -27.85 -33.45
N ALA A 621 20.75 -27.02 -33.92
CA ALA A 621 20.04 -27.27 -35.15
C ALA A 621 20.94 -27.00 -36.35
N GLY A 622 22.07 -26.36 -36.10
CA GLY A 622 23.03 -26.09 -37.16
C GLY A 622 22.74 -24.79 -37.85
N THR A 623 22.12 -23.88 -37.12
CA THR A 623 21.62 -22.63 -37.66
C THR A 623 22.46 -21.53 -37.09
N PRO A 624 23.24 -20.84 -37.94
CA PRO A 624 24.13 -19.74 -37.52
C PRO A 624 23.36 -18.63 -36.88
N MET A 625 23.98 -17.96 -35.92
CA MET A 625 23.28 -16.98 -35.16
C MET A 625 24.12 -15.75 -35.04
N VAL A 626 23.55 -14.59 -35.36
CA VAL A 626 24.29 -13.34 -35.34
C VAL A 626 24.03 -12.60 -34.03
N THR A 627 25.07 -12.07 -33.41
CA THR A 627 24.94 -11.38 -32.12
C THR A 627 25.77 -10.12 -32.02
N MET A 628 25.35 -9.24 -31.13
CA MET A 628 26.10 -8.07 -30.82
C MET A 628 26.22 -7.96 -29.29
N PRO A 629 27.40 -8.32 -28.74
CA PRO A 629 27.62 -8.41 -27.31
C PRO A 629 27.56 -7.05 -26.67
N GLY A 630 26.75 -6.89 -25.64
CA GLY A 630 26.63 -5.63 -24.93
C GLY A 630 27.55 -5.61 -23.74
N GLU A 631 27.08 -5.05 -22.64
CA GLU A 631 27.93 -4.88 -21.48
C GLU A 631 27.55 -5.70 -20.25
N THR A 632 26.26 -5.96 -20.09
CA THR A 632 25.78 -6.88 -19.07
C THR A 632 26.10 -8.31 -19.43
N LEU A 633 26.31 -9.15 -18.42
CA LEU A 633 26.47 -10.58 -18.63
C LEU A 633 25.40 -11.14 -19.57
N ALA A 634 24.15 -10.80 -19.28
CA ALA A 634 23.03 -11.34 -20.04
C ALA A 634 23.09 -11.02 -21.55
N SER A 635 23.80 -9.95 -21.93
CA SER A 635 23.89 -9.58 -23.33
C SER A 635 25.14 -10.10 -23.97
N ARG A 636 25.97 -10.80 -23.21
CA ARG A 636 27.26 -11.22 -23.71
C ARG A 636 27.35 -12.73 -23.90
N VAL A 637 26.28 -13.44 -23.61
CA VAL A 637 26.35 -14.88 -23.63
C VAL A 637 26.44 -15.50 -25.00
N ALA A 638 25.58 -15.07 -25.93
CA ALA A 638 25.60 -15.63 -27.29
C ALA A 638 26.99 -15.49 -27.93
N ALA A 639 27.61 -14.34 -27.73
CA ALA A 639 28.99 -14.15 -28.16
C ALA A 639 29.85 -15.25 -27.62
N SER A 640 29.77 -15.44 -26.30
CA SER A 640 30.57 -16.44 -25.64
C SER A 640 30.34 -17.82 -26.21
N GLN A 641 29.08 -18.15 -26.52
CA GLN A 641 28.77 -19.45 -27.11
C GLN A 641 29.39 -19.57 -28.48
N LEU A 642 29.39 -18.48 -29.22
CA LEU A 642 29.88 -18.50 -30.59
C LEU A 642 31.38 -18.55 -30.67
N THR A 643 32.08 -17.84 -29.79
CA THR A 643 33.53 -17.89 -29.87
C THR A 643 33.99 -19.28 -29.47
N CYS A 644 33.24 -19.94 -28.59
CA CYS A 644 33.59 -21.30 -28.18
C CYS A 644 33.36 -22.26 -29.32
N LEU A 645 32.31 -22.01 -30.09
CA LEU A 645 32.04 -22.80 -31.25
C LEU A 645 33.10 -22.53 -32.32
N GLY A 646 33.59 -21.30 -32.32
CA GLY A 646 34.63 -20.85 -33.25
C GLY A 646 34.09 -20.18 -34.48
N CYS A 647 33.22 -19.19 -34.28
CA CYS A 647 32.61 -18.45 -35.36
C CYS A 647 32.64 -16.98 -35.13
N LEU A 648 33.85 -16.45 -35.01
CA LEU A 648 34.07 -15.06 -34.64
C LEU A 648 33.51 -14.06 -35.65
N GLU A 649 33.22 -14.52 -36.86
CA GLU A 649 32.66 -13.66 -37.92
C GLU A 649 31.13 -13.46 -37.79
N LEU A 650 30.52 -14.04 -36.77
CA LEU A 650 29.12 -13.82 -36.48
C LEU A 650 28.91 -12.87 -35.28
N ILE A 651 29.99 -12.23 -34.85
CA ILE A 651 29.97 -11.37 -33.69
C ILE A 651 30.21 -9.93 -34.09
N ALA A 652 29.19 -9.11 -33.96
CA ALA A 652 29.28 -7.72 -34.36
C ALA A 652 29.72 -6.76 -33.25
N LYS A 653 30.54 -5.78 -33.60
CA LYS A 653 31.01 -4.77 -32.65
C LYS A 653 30.01 -3.66 -32.42
N ASN A 654 29.12 -3.43 -33.38
CA ASN A 654 28.09 -2.37 -33.30
C ASN A 654 26.88 -2.66 -34.18
N ARG A 655 25.84 -1.83 -34.07
CA ARG A 655 24.60 -2.05 -34.80
C ARG A 655 24.87 -2.14 -36.30
N GLN A 656 25.62 -1.20 -36.83
CA GLN A 656 25.90 -1.20 -38.26
C GLN A 656 26.48 -2.56 -38.68
N GLU A 657 27.51 -3.01 -37.99
CA GLU A 657 28.20 -4.22 -38.38
C GLU A 657 27.31 -5.46 -38.32
N TYR A 658 26.40 -5.50 -37.37
CA TYR A 658 25.43 -6.60 -37.20
C TYR A 658 24.58 -6.70 -38.45
N GLU A 659 24.02 -5.57 -38.87
CA GLU A 659 23.18 -5.53 -40.06
C GLU A 659 23.94 -6.03 -41.29
N ASP A 660 25.20 -5.63 -41.43
CA ASP A 660 26.01 -6.06 -42.56
C ASP A 660 26.21 -7.55 -42.62
N ILE A 661 26.52 -8.16 -41.48
CA ILE A 661 26.71 -9.61 -41.36
C ILE A 661 25.45 -10.36 -41.73
N ALA A 662 24.31 -9.90 -41.21
CA ALA A 662 23.02 -10.50 -41.51
C ALA A 662 22.70 -10.43 -42.99
N VAL A 663 22.86 -9.24 -43.56
CA VAL A 663 22.58 -8.99 -44.96
C VAL A 663 23.50 -9.83 -45.87
N LYS A 664 24.80 -9.82 -45.60
CA LYS A 664 25.72 -10.62 -46.37
C LYS A 664 25.28 -12.07 -46.42
N LEU A 665 24.82 -12.59 -45.29
CA LEU A 665 24.40 -13.98 -45.17
C LEU A 665 23.13 -14.27 -45.94
N GLY A 666 22.31 -13.24 -46.11
CA GLY A 666 21.05 -13.38 -46.82
C GLY A 666 21.20 -13.22 -48.31
N THR A 667 22.13 -12.36 -48.71
CA THR A 667 22.35 -12.06 -50.12
C THR A 667 23.39 -12.97 -50.78
N ASP A 668 24.37 -13.45 -50.03
CA ASP A 668 25.42 -14.28 -50.62
C ASP A 668 25.23 -15.75 -50.32
N LEU A 669 24.48 -16.42 -51.17
CA LEU A 669 24.13 -17.81 -50.93
C LEU A 669 25.31 -18.76 -50.83
N GLU A 670 26.45 -18.40 -51.40
CA GLU A 670 27.66 -19.20 -51.24
C GLU A 670 28.26 -19.08 -49.85
N TYR A 671 28.32 -17.84 -49.38
CA TYR A 671 28.83 -17.56 -48.07
C TYR A 671 27.98 -18.23 -47.02
N LEU A 672 26.66 -18.12 -47.16
CA LEU A 672 25.75 -18.75 -46.22
C LEU A 672 26.05 -20.22 -46.11
N LYS A 673 25.90 -20.93 -47.21
CA LYS A 673 26.18 -22.35 -47.26
C LYS A 673 27.49 -22.73 -46.57
N LYS A 674 28.50 -21.88 -46.72
CA LYS A 674 29.79 -22.15 -46.07
C LYS A 674 29.69 -22.07 -44.57
N VAL A 675 29.11 -20.97 -44.06
CA VAL A 675 28.95 -20.77 -42.62
C VAL A 675 28.00 -21.78 -41.99
N ARG A 676 26.82 -21.98 -42.60
CA ARG A 676 25.90 -22.99 -42.14
C ARG A 676 26.62 -24.31 -41.97
N GLY A 677 27.40 -24.71 -42.97
CA GLY A 677 28.13 -25.96 -42.97
C GLY A 677 29.16 -25.99 -41.87
N LYS A 678 29.74 -24.83 -41.58
CA LYS A 678 30.78 -24.72 -40.57
C LYS A 678 30.19 -24.89 -39.16
N VAL A 679 28.96 -24.42 -38.97
CA VAL A 679 28.25 -24.60 -37.69
C VAL A 679 27.88 -26.06 -37.53
N TRP A 680 27.28 -26.64 -38.56
CA TRP A 680 26.88 -28.04 -38.56
C TRP A 680 27.99 -28.99 -38.17
N LYS A 681 29.24 -28.63 -38.44
CA LYS A 681 30.36 -29.48 -38.10
C LYS A 681 30.83 -29.19 -36.70
N GLN A 682 30.98 -27.91 -36.39
CA GLN A 682 31.58 -27.54 -35.15
C GLN A 682 30.75 -27.80 -33.90
N ARG A 683 29.44 -27.91 -34.04
CA ARG A 683 28.62 -28.25 -32.87
C ARG A 683 29.04 -29.60 -32.29
N ILE A 684 29.55 -30.49 -33.12
CA ILE A 684 30.12 -31.74 -32.65
C ILE A 684 31.59 -31.59 -32.21
N SER A 685 32.40 -30.92 -33.03
CA SER A 685 33.83 -30.93 -32.80
C SER A 685 34.33 -29.93 -31.75
N SER A 686 33.58 -28.87 -31.51
CA SER A 686 34.03 -27.88 -30.57
C SER A 686 33.70 -28.38 -29.19
N PRO A 687 34.16 -27.66 -28.15
CA PRO A 687 33.86 -28.06 -26.80
C PRO A 687 32.43 -27.76 -26.36
N LEU A 688 31.69 -26.98 -27.14
CA LEU A 688 30.44 -26.35 -26.68
C LEU A 688 29.35 -27.27 -26.16
N PHE A 689 29.06 -28.32 -26.91
CA PHE A 689 28.03 -29.29 -26.52
C PHE A 689 28.58 -30.55 -25.84
N ASN A 690 29.88 -30.55 -25.54
CA ASN A 690 30.60 -31.67 -24.95
C ASN A 690 30.60 -31.62 -23.41
N THR A 691 29.60 -32.27 -22.81
CA THR A 691 29.38 -32.18 -21.38
C THR A 691 30.46 -32.89 -20.60
N LYS A 692 31.00 -33.99 -21.12
CA LYS A 692 32.08 -34.64 -20.42
C LYS A 692 33.26 -33.70 -20.18
N GLN A 693 33.79 -33.14 -21.27
CA GLN A 693 34.87 -32.19 -21.19
C GLN A 693 34.50 -31.02 -20.32
N TYR A 694 33.28 -30.51 -20.46
CA TYR A 694 32.82 -29.39 -19.62
C TYR A 694 32.95 -29.75 -18.14
N THR A 695 32.40 -30.91 -17.77
CA THR A 695 32.44 -31.37 -16.39
C THR A 695 33.86 -31.35 -15.89
N MET A 696 34.78 -31.89 -16.68
CA MET A 696 36.17 -31.92 -16.27
C MET A 696 36.77 -30.56 -16.01
N GLU A 697 36.44 -29.56 -16.81
CA GLU A 697 36.98 -28.21 -16.60
C GLU A 697 36.41 -27.63 -15.34
N LEU A 698 35.15 -27.93 -15.11
CA LEU A 698 34.46 -27.49 -13.94
C LEU A 698 35.13 -28.07 -12.71
N GLU A 699 35.55 -29.33 -12.81
CA GLU A 699 36.29 -30.00 -11.73
C GLU A 699 37.63 -29.33 -11.47
N ARG A 700 38.45 -29.15 -12.50
CA ARG A 700 39.71 -28.41 -12.36
C ARG A 700 39.47 -27.12 -11.59
N LEU A 701 38.40 -26.44 -11.99
CA LEU A 701 38.09 -25.16 -11.43
C LEU A 701 37.78 -25.33 -9.97
N TYR A 702 36.93 -26.30 -9.63
CA TYR A 702 36.60 -26.50 -8.23
C TYR A 702 37.84 -26.67 -7.37
N LEU A 703 38.76 -27.53 -7.83
CA LEU A 703 39.97 -27.82 -7.08
C LEU A 703 40.81 -26.58 -6.84
N GLN A 704 41.01 -25.74 -7.85
CA GLN A 704 41.66 -24.45 -7.65
C GLN A 704 41.04 -23.67 -6.51
N MET A 705 39.71 -23.65 -6.46
CA MET A 705 38.96 -22.85 -5.48
C MET A 705 39.24 -23.33 -4.08
N TRP A 706 39.39 -24.65 -3.98
CA TRP A 706 39.64 -25.33 -2.71
C TRP A 706 41.06 -25.21 -2.26
N GLU A 707 42.01 -25.59 -3.12
CA GLU A 707 43.44 -25.42 -2.82
C GLU A 707 43.65 -24.05 -2.21
N HIS A 708 43.03 -23.05 -2.82
CA HIS A 708 43.19 -21.68 -2.41
C HIS A 708 42.65 -21.48 -1.02
N TYR A 709 41.49 -22.05 -0.72
CA TYR A 709 40.89 -21.87 0.59
C TYR A 709 41.61 -22.70 1.65
N ALA A 710 42.07 -23.89 1.22
CA ALA A 710 42.81 -24.81 2.08
C ALA A 710 44.12 -24.20 2.55
N ALA A 711 44.80 -23.47 1.66
CA ALA A 711 45.99 -22.71 2.02
C ALA A 711 45.66 -21.47 2.89
N GLY A 712 44.43 -21.40 3.39
CA GLY A 712 44.02 -20.35 4.32
C GLY A 712 43.74 -18.97 3.77
N ASN A 713 43.39 -18.89 2.49
CA ASN A 713 43.09 -17.61 1.86
C ASN A 713 41.62 -17.33 1.71
N LYS A 714 41.27 -16.05 1.79
CA LYS A 714 39.97 -15.56 1.37
C LYS A 714 39.77 -15.62 -0.16
N PRO A 715 38.52 -15.79 -0.62
CA PRO A 715 38.21 -15.81 -2.04
C PRO A 715 38.89 -14.70 -2.84
N ASP A 716 39.35 -15.05 -4.04
CA ASP A 716 39.92 -14.10 -4.99
C ASP A 716 39.84 -14.65 -6.44
N HIS A 717 39.82 -13.75 -7.43
CA HIS A 717 39.70 -14.08 -8.85
C HIS A 717 40.53 -15.25 -9.35
N MET A 718 39.99 -16.02 -10.29
CA MET A 718 40.64 -17.22 -10.79
C MET A 718 40.69 -17.19 -12.31
N ILE A 719 41.82 -16.76 -12.87
CA ILE A 719 41.98 -16.60 -14.32
C ILE A 719 43.06 -17.56 -14.89
N LYS A 720 43.12 -18.77 -14.33
CA LYS A 720 44.17 -19.76 -14.64
C LYS A 720 45.54 -19.22 -14.25
N SER B 4 1.56 -37.43 -14.48
CA SER B 4 2.08 -36.12 -13.92
C SER B 4 2.28 -35.04 -15.00
N CYS B 5 2.26 -35.47 -16.27
CA CYS B 5 2.72 -34.67 -17.42
C CYS B 5 1.72 -33.61 -17.96
N PRO B 6 2.02 -32.29 -17.83
CA PRO B 6 1.10 -31.25 -18.36
C PRO B 6 1.13 -31.03 -19.89
N THR B 7 2.21 -31.42 -20.55
CA THR B 7 2.35 -31.23 -22.01
C THR B 7 1.51 -32.26 -22.78
N HIS B 8 1.51 -33.50 -22.29
CA HIS B 8 0.61 -34.56 -22.74
C HIS B 8 -0.83 -34.09 -22.56
N ALA B 9 -1.22 -33.89 -21.29
CA ALA B 9 -2.55 -33.39 -20.93
C ALA B 9 -2.99 -32.20 -21.79
N ASP B 10 -2.06 -31.29 -22.07
CA ASP B 10 -2.39 -30.13 -22.86
C ASP B 10 -2.93 -30.45 -24.23
N SER B 11 -2.29 -31.41 -24.91
CA SER B 11 -2.70 -31.76 -26.28
C SER B 11 -4.02 -32.55 -26.29
N LEU B 12 -4.20 -33.42 -25.29
CA LEU B 12 -5.48 -34.09 -25.07
C LEU B 12 -6.59 -33.07 -24.99
N ASN B 13 -6.39 -31.99 -24.22
CA ASN B 13 -7.36 -30.89 -24.15
C ASN B 13 -7.66 -30.34 -25.54
N ASN B 14 -6.60 -30.15 -26.35
CA ASN B 14 -6.77 -29.62 -27.71
C ASN B 14 -7.55 -30.52 -28.64
N LEU B 15 -7.43 -31.82 -28.40
CA LEU B 15 -8.13 -32.82 -29.20
C LEU B 15 -9.60 -32.91 -28.84
N ALA B 16 -9.92 -32.76 -27.55
CA ALA B 16 -11.30 -32.69 -27.08
C ALA B 16 -11.97 -31.40 -27.59
N ASN B 17 -11.30 -30.26 -27.45
CA ASN B 17 -11.75 -29.01 -28.05
C ASN B 17 -12.10 -29.17 -29.54
N ILE B 18 -11.47 -30.14 -30.19
CA ILE B 18 -11.77 -30.45 -31.59
C ILE B 18 -13.08 -31.27 -31.75
N LYS B 19 -13.27 -32.30 -30.91
CA LYS B 19 -14.49 -33.11 -30.93
C LYS B 19 -15.75 -32.31 -30.63
N ARG B 20 -15.61 -31.25 -29.82
CA ARG B 20 -16.72 -30.37 -29.51
C ARG B 20 -17.09 -29.54 -30.73
N GLU B 21 -16.10 -29.22 -31.56
CA GLU B 21 -16.32 -28.48 -32.82
C GLU B 21 -17.13 -29.30 -33.81
N GLN B 22 -16.71 -30.54 -34.01
CA GLN B 22 -17.47 -31.53 -34.80
C GLN B 22 -18.77 -31.98 -34.09
N GLY B 23 -19.11 -31.33 -32.98
CA GLY B 23 -20.34 -31.65 -32.23
C GLY B 23 -20.37 -32.99 -31.48
N ASN B 24 -19.42 -33.89 -31.77
CA ASN B 24 -19.37 -35.22 -31.10
C ASN B 24 -18.99 -35.14 -29.61
N ILE B 25 -20.01 -34.88 -28.79
CA ILE B 25 -19.84 -34.54 -27.38
C ILE B 25 -19.25 -35.68 -26.52
N GLU B 26 -19.85 -36.86 -26.58
CA GLU B 26 -19.46 -37.98 -25.72
C GLU B 26 -17.99 -38.38 -25.84
N GLU B 27 -17.38 -38.13 -27.00
CA GLU B 27 -15.95 -38.37 -27.13
C GLU B 27 -15.16 -37.25 -26.44
N ALA B 28 -15.52 -36.00 -26.73
CA ALA B 28 -14.90 -34.85 -26.06
C ALA B 28 -14.75 -35.11 -24.56
N VAL B 29 -15.85 -35.52 -23.91
CA VAL B 29 -15.85 -35.87 -22.50
C VAL B 29 -14.77 -36.89 -22.14
N ARG B 30 -14.71 -38.00 -22.86
CA ARG B 30 -13.71 -39.05 -22.58
C ARG B 30 -12.28 -38.52 -22.53
N LEU B 31 -11.97 -37.64 -23.48
CA LEU B 31 -10.66 -36.99 -23.61
C LEU B 31 -10.30 -36.07 -22.44
N TYR B 32 -11.18 -35.11 -22.16
CA TYR B 32 -11.04 -34.26 -20.99
C TYR B 32 -10.76 -35.07 -19.73
N ARG B 33 -11.46 -36.19 -19.56
CA ARG B 33 -11.33 -37.00 -18.36
C ARG B 33 -9.96 -37.63 -18.25
N LYS B 34 -9.42 -38.03 -19.41
CA LYS B 34 -8.02 -38.50 -19.50
C LYS B 34 -7.00 -37.40 -19.26
N ALA B 35 -7.19 -36.27 -19.94
CA ALA B 35 -6.39 -35.09 -19.70
C ALA B 35 -6.30 -34.80 -18.20
N LEU B 36 -7.42 -34.94 -17.49
CA LEU B 36 -7.47 -34.66 -16.04
C LEU B 36 -6.89 -35.78 -15.18
N GLU B 37 -6.72 -36.93 -15.81
CA GLU B 37 -6.17 -38.11 -15.16
C GLU B 37 -4.65 -38.14 -15.31
N VAL B 38 -4.20 -37.66 -16.47
CA VAL B 38 -2.81 -37.36 -16.69
C VAL B 38 -2.33 -36.20 -15.80
N PHE B 39 -3.00 -35.04 -15.88
CA PHE B 39 -2.63 -33.89 -15.08
C PHE B 39 -3.83 -33.38 -14.28
N PRO B 40 -3.95 -33.82 -13.02
CA PRO B 40 -5.14 -33.46 -12.24
C PRO B 40 -5.27 -31.97 -11.96
N GLU B 41 -4.13 -31.25 -11.89
CA GLU B 41 -4.10 -29.84 -11.50
C GLU B 41 -4.19 -28.91 -12.72
N PHE B 42 -4.95 -29.36 -13.72
CA PHE B 42 -5.10 -28.62 -14.97
C PHE B 42 -6.37 -27.76 -15.03
N ALA B 43 -6.19 -26.45 -14.88
CA ALA B 43 -7.33 -25.53 -14.71
C ALA B 43 -8.29 -25.60 -15.88
N ALA B 44 -7.77 -25.34 -17.07
CA ALA B 44 -8.61 -25.22 -18.26
C ALA B 44 -9.44 -26.47 -18.59
N ALA B 45 -8.92 -27.63 -18.28
CA ALA B 45 -9.66 -28.86 -18.54
C ALA B 45 -10.85 -28.98 -17.62
N HIS B 46 -10.62 -28.79 -16.31
CA HIS B 46 -11.70 -28.82 -15.35
C HIS B 46 -12.79 -27.95 -15.91
N SER B 47 -12.40 -26.79 -16.39
CA SER B 47 -13.36 -25.78 -16.81
C SER B 47 -14.10 -26.14 -18.09
N ASN B 48 -13.43 -26.85 -18.98
CA ASN B 48 -14.08 -27.26 -20.23
C ASN B 48 -14.97 -28.46 -20.00
N LEU B 49 -14.48 -29.41 -19.23
CA LEU B 49 -15.28 -30.56 -18.86
C LEU B 49 -16.55 -30.08 -18.19
N ALA B 50 -16.43 -29.07 -17.34
CA ALA B 50 -17.58 -28.54 -16.63
C ALA B 50 -18.58 -27.95 -17.61
N SER B 51 -18.10 -27.21 -18.60
CA SER B 51 -19.02 -26.48 -19.42
C SER B 51 -19.74 -27.42 -20.36
N VAL B 52 -19.22 -28.63 -20.58
CA VAL B 52 -20.01 -29.58 -21.37
C VAL B 52 -20.97 -30.36 -20.51
N LEU B 53 -20.55 -30.80 -19.33
CA LEU B 53 -21.46 -31.46 -18.41
C LEU B 53 -22.69 -30.58 -18.17
N GLN B 54 -22.50 -29.27 -18.16
CA GLN B 54 -23.58 -28.33 -17.98
C GLN B 54 -24.51 -28.39 -19.17
N GLN B 55 -23.93 -28.41 -20.36
CA GLN B 55 -24.69 -28.65 -21.59
C GLN B 55 -25.45 -29.97 -21.60
N GLN B 56 -24.95 -30.94 -20.86
CA GLN B 56 -25.57 -32.24 -20.80
C GLN B 56 -26.68 -32.27 -19.77
N GLY B 57 -26.83 -31.17 -19.02
CA GLY B 57 -27.80 -31.10 -17.93
C GLY B 57 -27.35 -31.82 -16.66
N LYS B 58 -26.06 -32.16 -16.58
CA LYS B 58 -25.51 -32.84 -15.41
C LYS B 58 -24.94 -31.85 -14.38
N LEU B 59 -25.70 -30.78 -14.14
CA LEU B 59 -25.29 -29.64 -13.30
C LEU B 59 -24.65 -30.07 -12.01
N GLN B 60 -25.20 -31.12 -11.42
CA GLN B 60 -24.67 -31.73 -10.20
C GLN B 60 -23.12 -31.77 -10.20
N GLU B 61 -22.60 -32.47 -11.20
CA GLU B 61 -21.19 -32.76 -11.32
C GLU B 61 -20.41 -31.59 -11.91
N ALA B 62 -21.00 -30.96 -12.93
CA ALA B 62 -20.39 -29.81 -13.58
C ALA B 62 -19.91 -28.79 -12.55
N LEU B 63 -20.76 -28.52 -11.56
CA LEU B 63 -20.45 -27.56 -10.52
C LEU B 63 -19.19 -27.97 -9.77
N MET B 64 -19.01 -29.25 -9.56
CA MET B 64 -17.86 -29.70 -8.79
C MET B 64 -16.54 -29.45 -9.51
N HIS B 65 -16.58 -29.54 -10.83
CA HIS B 65 -15.41 -29.26 -11.66
C HIS B 65 -15.13 -27.77 -11.82
N TYR B 66 -16.16 -26.95 -11.88
CA TYR B 66 -15.94 -25.53 -11.86
C TYR B 66 -15.23 -25.17 -10.57
N LYS B 67 -15.78 -25.59 -9.44
CA LYS B 67 -15.14 -25.40 -8.13
C LYS B 67 -13.65 -25.77 -8.13
N GLU B 68 -13.32 -26.85 -8.83
CA GLU B 68 -11.95 -27.30 -8.90
C GLU B 68 -11.05 -26.34 -9.68
N ALA B 69 -11.50 -25.93 -10.85
CA ALA B 69 -10.80 -24.91 -11.65
C ALA B 69 -10.47 -23.66 -10.83
N ILE B 70 -11.47 -23.09 -10.17
CA ILE B 70 -11.27 -21.93 -9.33
C ILE B 70 -10.20 -22.21 -8.27
N ARG B 71 -10.23 -23.40 -7.68
CA ARG B 71 -9.28 -23.75 -6.63
C ARG B 71 -7.86 -23.75 -7.16
N ILE B 72 -7.71 -24.29 -8.35
CA ILE B 72 -6.41 -24.33 -8.99
C ILE B 72 -5.96 -22.94 -9.38
N SER B 73 -6.81 -22.21 -10.08
CA SER B 73 -6.39 -20.98 -10.68
C SER B 73 -7.35 -19.86 -10.34
N PRO B 74 -7.11 -19.19 -9.20
CA PRO B 74 -8.14 -18.36 -8.58
C PRO B 74 -8.46 -17.06 -9.29
N THR B 75 -7.62 -16.68 -10.24
CA THR B 75 -7.82 -15.47 -11.03
C THR B 75 -8.65 -15.74 -12.26
N PHE B 76 -9.37 -16.85 -12.25
CA PHE B 76 -10.09 -17.35 -13.43
C PHE B 76 -11.51 -16.79 -13.47
N ALA B 77 -11.61 -15.49 -13.74
CA ALA B 77 -12.89 -14.79 -13.77
C ALA B 77 -13.90 -15.49 -14.69
N ASP B 78 -13.39 -16.14 -15.73
CA ASP B 78 -14.27 -16.82 -16.66
C ASP B 78 -14.97 -18.01 -16.00
N ALA B 79 -14.25 -18.69 -15.12
CA ALA B 79 -14.82 -19.86 -14.47
C ALA B 79 -15.86 -19.44 -13.45
N TYR B 80 -15.64 -18.30 -12.79
CA TYR B 80 -16.61 -17.83 -11.82
C TYR B 80 -17.90 -17.59 -12.53
N SER B 81 -17.83 -16.94 -13.68
CA SER B 81 -19.00 -16.52 -14.39
C SER B 81 -19.78 -17.75 -14.81
N ASN B 82 -19.08 -18.77 -15.28
CA ASN B 82 -19.77 -19.96 -15.71
C ASN B 82 -20.31 -20.83 -14.61
N MET B 83 -19.57 -20.90 -13.50
CA MET B 83 -20.09 -21.52 -12.28
C MET B 83 -21.42 -20.86 -11.90
N GLY B 84 -21.47 -19.54 -11.98
CA GLY B 84 -22.71 -18.80 -11.78
C GLY B 84 -23.86 -19.30 -12.60
N ASN B 85 -23.69 -19.35 -13.91
CA ASN B 85 -24.71 -19.92 -14.77
C ASN B 85 -25.23 -21.26 -14.28
N THR B 86 -24.32 -22.09 -13.82
CA THR B 86 -24.68 -23.40 -13.35
C THR B 86 -25.56 -23.28 -12.11
N LEU B 87 -25.15 -22.46 -11.14
CA LEU B 87 -25.96 -22.29 -9.95
C LEU B 87 -27.35 -21.75 -10.29
N LYS B 88 -27.43 -20.85 -11.26
CA LYS B 88 -28.70 -20.27 -11.65
C LYS B 88 -29.61 -21.42 -12.08
N GLU B 89 -29.12 -22.20 -13.04
CA GLU B 89 -29.91 -23.32 -13.57
C GLU B 89 -30.29 -24.31 -12.47
N MET B 90 -29.55 -24.29 -11.37
CA MET B 90 -29.87 -25.15 -10.25
C MET B 90 -30.89 -24.51 -9.31
N GLN B 91 -31.50 -23.40 -9.73
CA GLN B 91 -32.46 -22.64 -8.91
C GLN B 91 -31.83 -21.93 -7.70
N ASP B 92 -30.50 -21.84 -7.67
CA ASP B 92 -29.81 -21.12 -6.58
C ASP B 92 -29.36 -19.71 -6.98
N VAL B 93 -30.30 -18.78 -7.06
CA VAL B 93 -30.02 -17.42 -7.49
C VAL B 93 -28.92 -16.79 -6.64
N GLN B 94 -29.09 -16.76 -5.32
CA GLN B 94 -28.10 -16.12 -4.46
C GLN B 94 -26.68 -16.56 -4.74
N GLY B 95 -26.45 -17.86 -4.79
CA GLY B 95 -25.11 -18.37 -5.02
C GLY B 95 -24.56 -17.90 -6.34
N ALA B 96 -25.40 -17.94 -7.38
CA ALA B 96 -25.02 -17.50 -8.71
C ALA B 96 -24.60 -16.04 -8.70
N LEU B 97 -25.38 -15.21 -8.03
CA LEU B 97 -25.12 -13.80 -7.88
C LEU B 97 -23.79 -13.52 -7.19
N GLN B 98 -23.50 -14.26 -6.13
CA GLN B 98 -22.23 -14.11 -5.46
C GLN B 98 -21.05 -14.37 -6.40
N CYS B 99 -21.24 -15.26 -7.37
CA CYS B 99 -20.21 -15.55 -8.34
C CYS B 99 -20.03 -14.39 -9.26
N TYR B 100 -21.11 -13.98 -9.89
CA TYR B 100 -21.01 -12.88 -10.82
C TYR B 100 -20.35 -11.66 -10.17
N THR B 101 -20.76 -11.31 -8.95
CA THR B 101 -20.14 -10.18 -8.32
C THR B 101 -18.66 -10.47 -8.07
N ARG B 102 -18.37 -11.65 -7.54
CA ARG B 102 -17.02 -12.03 -7.17
C ARG B 102 -16.09 -11.96 -8.37
N ALA B 103 -16.60 -12.33 -9.54
CA ALA B 103 -15.83 -12.24 -10.78
C ALA B 103 -15.53 -10.81 -11.23
N ILE B 104 -16.50 -9.91 -11.10
CA ILE B 104 -16.34 -8.52 -11.49
C ILE B 104 -15.30 -7.81 -10.64
N GLN B 105 -15.20 -8.24 -9.40
CA GLN B 105 -14.22 -7.68 -8.50
C GLN B 105 -12.82 -8.13 -8.86
N ILE B 106 -12.69 -9.41 -9.20
CA ILE B 106 -11.45 -9.95 -9.67
C ILE B 106 -10.99 -9.35 -10.98
N ASN B 107 -11.91 -9.21 -11.93
CA ASN B 107 -11.57 -8.54 -13.17
C ASN B 107 -12.60 -7.51 -13.56
N PRO B 108 -12.40 -6.25 -13.15
CA PRO B 108 -13.37 -5.20 -13.44
C PRO B 108 -13.70 -5.09 -14.92
N ALA B 109 -12.78 -5.53 -15.76
CA ALA B 109 -12.88 -5.31 -17.20
C ALA B 109 -13.49 -6.49 -17.93
N PHE B 110 -14.03 -7.45 -17.19
CA PHE B 110 -14.54 -8.71 -17.76
C PHE B 110 -16.00 -8.62 -18.16
N ALA B 111 -16.26 -8.51 -19.46
CA ALA B 111 -17.61 -8.27 -19.97
C ALA B 111 -18.73 -9.26 -19.55
N ASP B 112 -18.50 -10.57 -19.71
CA ASP B 112 -19.56 -11.58 -19.53
C ASP B 112 -20.28 -11.50 -18.21
N ALA B 113 -19.52 -11.29 -17.14
CA ALA B 113 -20.06 -11.31 -15.82
C ALA B 113 -21.06 -10.18 -15.66
N HIS B 114 -20.79 -9.02 -16.24
CA HIS B 114 -21.73 -7.91 -16.15
C HIS B 114 -23.04 -8.23 -16.85
N SER B 115 -22.93 -8.94 -17.96
CA SER B 115 -24.10 -9.36 -18.71
C SER B 115 -24.90 -10.38 -17.91
N ASN B 116 -24.22 -11.39 -17.39
CA ASN B 116 -24.87 -12.34 -16.51
C ASN B 116 -25.58 -11.71 -15.31
N LEU B 117 -24.95 -10.69 -14.72
CA LEU B 117 -25.52 -10.00 -13.58
C LEU B 117 -26.78 -9.27 -13.99
N ALA B 118 -26.75 -8.66 -15.17
CA ALA B 118 -27.92 -7.98 -15.68
C ALA B 118 -29.06 -8.96 -15.92
N SER B 119 -28.74 -10.18 -16.31
CA SER B 119 -29.76 -11.20 -16.54
C SER B 119 -30.50 -11.59 -15.27
N ILE B 120 -29.80 -11.63 -14.16
CA ILE B 120 -30.47 -11.88 -12.90
C ILE B 120 -31.41 -10.75 -12.60
N HIS B 121 -30.96 -9.54 -12.79
CA HIS B 121 -31.80 -8.39 -12.57
C HIS B 121 -33.05 -8.39 -13.41
N LYS B 122 -32.92 -8.86 -14.65
CA LYS B 122 -34.05 -8.93 -15.58
C LYS B 122 -35.06 -9.90 -15.02
N ASP B 123 -34.61 -11.09 -14.66
CA ASP B 123 -35.51 -12.10 -14.12
C ASP B 123 -36.29 -11.61 -12.94
N SER B 124 -35.72 -10.71 -12.16
CA SER B 124 -36.40 -10.24 -10.97
C SER B 124 -37.33 -9.10 -11.25
N GLY B 125 -37.39 -8.65 -12.51
CA GLY B 125 -38.20 -7.49 -12.85
C GLY B 125 -37.55 -6.14 -12.60
N ASN B 126 -36.30 -6.16 -12.17
CA ASN B 126 -35.50 -4.93 -12.00
C ASN B 126 -34.95 -4.44 -13.32
N ILE B 127 -35.73 -3.68 -14.06
CA ILE B 127 -35.34 -3.41 -15.43
C ILE B 127 -34.29 -2.31 -15.58
N PRO B 128 -34.47 -1.16 -14.88
CA PRO B 128 -33.46 -0.11 -15.06
C PRO B 128 -32.06 -0.58 -14.65
N GLU B 129 -32.03 -1.47 -13.68
CA GLU B 129 -30.81 -2.02 -13.13
C GLU B 129 -30.22 -2.94 -14.15
N ALA B 130 -31.08 -3.64 -14.87
CA ALA B 130 -30.62 -4.56 -15.89
C ALA B 130 -30.03 -3.79 -17.06
N ILE B 131 -30.72 -2.75 -17.50
CA ILE B 131 -30.21 -1.94 -18.59
C ILE B 131 -28.83 -1.41 -18.24
N ALA B 132 -28.69 -0.84 -17.04
CA ALA B 132 -27.40 -0.31 -16.59
C ALA B 132 -26.29 -1.31 -16.81
N SER B 133 -26.46 -2.52 -16.30
CA SER B 133 -25.43 -3.53 -16.42
C SER B 133 -25.19 -4.06 -17.83
N TYR B 134 -26.22 -4.11 -18.66
CA TYR B 134 -26.00 -4.54 -20.05
C TYR B 134 -25.17 -3.51 -20.75
N ARG B 135 -25.55 -2.24 -20.57
CA ARG B 135 -24.80 -1.11 -21.10
C ARG B 135 -23.31 -1.20 -20.73
N THR B 136 -23.02 -1.38 -19.45
CA THR B 136 -21.66 -1.58 -19.00
C THR B 136 -20.95 -2.68 -19.80
N ALA B 137 -21.61 -3.82 -19.96
CA ALA B 137 -20.97 -4.94 -20.64
C ALA B 137 -20.64 -4.61 -22.10
N LEU B 138 -21.52 -3.86 -22.75
CA LEU B 138 -21.31 -3.51 -24.15
C LEU B 138 -20.21 -2.48 -24.37
N LYS B 139 -20.02 -1.62 -23.37
CA LYS B 139 -18.92 -0.67 -23.38
C LYS B 139 -17.62 -1.46 -23.23
N LEU B 140 -17.61 -2.43 -22.33
CA LEU B 140 -16.42 -3.24 -22.12
C LEU B 140 -16.09 -4.17 -23.26
N LYS B 141 -17.09 -4.48 -24.08
CA LYS B 141 -16.89 -5.38 -25.21
C LYS B 141 -18.01 -5.14 -26.21
N PRO B 142 -17.75 -4.25 -27.18
CA PRO B 142 -18.80 -3.73 -28.04
C PRO B 142 -19.39 -4.75 -29.02
N ASP B 143 -18.71 -5.87 -29.28
CA ASP B 143 -19.33 -6.94 -30.06
C ASP B 143 -19.74 -8.10 -29.17
N PHE B 144 -20.98 -8.07 -28.73
CA PHE B 144 -21.44 -9.01 -27.76
C PHE B 144 -22.89 -9.25 -28.05
N PRO B 145 -23.18 -10.30 -28.83
CA PRO B 145 -24.54 -10.55 -29.28
C PRO B 145 -25.50 -10.78 -28.11
N ASP B 146 -25.17 -11.73 -27.22
CA ASP B 146 -26.04 -12.03 -26.08
C ASP B 146 -26.50 -10.80 -25.32
N ALA B 147 -25.55 -9.94 -24.94
CA ALA B 147 -25.87 -8.73 -24.19
C ALA B 147 -26.65 -7.77 -25.03
N TYR B 148 -26.29 -7.63 -26.29
CA TYR B 148 -27.01 -6.70 -27.13
C TYR B 148 -28.48 -7.04 -27.26
N CYS B 149 -28.77 -8.31 -27.44
CA CYS B 149 -30.12 -8.75 -27.66
C CYS B 149 -30.95 -8.64 -26.43
N ASN B 150 -30.36 -9.05 -25.30
CA ASN B 150 -31.05 -8.93 -24.03
C ASN B 150 -31.37 -7.49 -23.75
N LEU B 151 -30.42 -6.62 -23.96
CA LEU B 151 -30.65 -5.20 -23.78
C LEU B 151 -31.82 -4.73 -24.65
N ALA B 152 -31.80 -5.16 -25.90
CA ALA B 152 -32.83 -4.79 -26.87
C ALA B 152 -34.20 -5.15 -26.34
N HIS B 153 -34.32 -6.35 -25.75
CA HIS B 153 -35.57 -6.77 -25.17
C HIS B 153 -36.01 -5.91 -24.00
N CYS B 154 -35.06 -5.44 -23.19
CA CYS B 154 -35.42 -4.61 -22.03
C CYS B 154 -35.91 -3.29 -22.50
N LEU B 155 -35.20 -2.75 -23.49
CA LEU B 155 -35.60 -1.46 -24.02
C LEU B 155 -37.04 -1.56 -24.55
N GLN B 156 -37.32 -2.66 -25.23
CA GLN B 156 -38.64 -3.01 -25.68
C GLN B 156 -39.64 -2.97 -24.54
N ILE B 157 -39.27 -3.63 -23.43
CA ILE B 157 -40.13 -3.78 -22.27
C ILE B 157 -40.63 -2.49 -21.66
N VAL B 158 -39.80 -1.45 -21.73
CA VAL B 158 -40.08 -0.16 -21.06
C VAL B 158 -40.38 0.91 -22.08
N CYS B 159 -40.38 0.49 -23.35
CA CYS B 159 -40.66 1.37 -24.47
C CYS B 159 -39.68 2.50 -24.62
N ASP B 160 -38.39 2.18 -24.51
CA ASP B 160 -37.35 3.08 -24.93
C ASP B 160 -37.12 2.81 -26.41
N TRP B 161 -37.49 3.73 -27.25
CA TRP B 161 -37.36 3.51 -28.68
C TRP B 161 -36.23 4.32 -29.33
N THR B 162 -35.32 4.84 -28.50
CA THR B 162 -34.11 5.49 -28.97
C THR B 162 -33.43 4.64 -30.04
N ASP B 163 -33.36 5.18 -31.27
CA ASP B 163 -32.64 4.51 -32.36
C ASP B 163 -33.28 3.21 -32.78
N TYR B 164 -34.60 3.18 -32.78
CA TYR B 164 -35.32 1.94 -32.95
C TYR B 164 -34.95 1.24 -34.24
N ASP B 165 -35.01 1.94 -35.36
CA ASP B 165 -34.82 1.27 -36.64
C ASP B 165 -33.42 0.70 -36.80
N GLU B 166 -32.43 1.41 -36.26
CA GLU B 166 -31.08 0.89 -36.25
C GLU B 166 -31.01 -0.38 -35.47
N ARG B 167 -31.59 -0.35 -34.27
CA ARG B 167 -31.62 -1.47 -33.36
C ARG B 167 -32.12 -2.69 -34.09
N MET B 168 -33.26 -2.55 -34.76
CA MET B 168 -33.91 -3.65 -35.46
C MET B 168 -33.03 -4.23 -36.57
N LYS B 169 -32.54 -3.35 -37.43
CA LYS B 169 -31.69 -3.79 -38.53
C LYS B 169 -30.52 -4.58 -37.99
N LYS B 170 -29.96 -4.11 -36.88
CA LYS B 170 -28.82 -4.77 -36.26
C LYS B 170 -29.14 -6.13 -35.64
N LEU B 171 -30.35 -6.28 -35.09
CA LEU B 171 -30.74 -7.56 -34.51
C LEU B 171 -30.81 -8.61 -35.57
N VAL B 172 -31.54 -8.30 -36.64
CA VAL B 172 -31.71 -9.17 -37.76
C VAL B 172 -30.32 -9.57 -38.23
N SER B 173 -29.49 -8.57 -38.46
CA SER B 173 -28.10 -8.75 -38.86
C SER B 173 -27.31 -9.70 -37.95
N ILE B 174 -27.57 -9.64 -36.64
CA ILE B 174 -26.91 -10.52 -35.64
C ILE B 174 -27.38 -11.96 -35.74
N VAL B 175 -28.68 -12.14 -35.80
CA VAL B 175 -29.26 -13.45 -35.91
C VAL B 175 -28.76 -14.12 -37.19
N ALA B 176 -28.82 -13.37 -38.30
CA ALA B 176 -28.54 -13.87 -39.63
C ALA B 176 -27.14 -14.43 -39.60
N ASP B 177 -26.27 -13.71 -38.92
CA ASP B 177 -24.91 -14.15 -38.78
C ASP B 177 -24.82 -15.44 -37.95
N GLN B 178 -25.35 -15.41 -36.75
CA GLN B 178 -25.26 -16.54 -35.85
C GLN B 178 -25.84 -17.81 -36.41
N LEU B 179 -26.84 -17.67 -37.28
CA LEU B 179 -27.51 -18.83 -37.86
C LEU B 179 -26.60 -19.49 -38.85
N GLU B 180 -25.91 -18.65 -39.62
CA GLU B 180 -24.99 -19.14 -40.62
C GLU B 180 -23.73 -19.72 -39.99
N LYS B 181 -23.10 -18.91 -39.14
CA LYS B 181 -21.95 -19.33 -38.31
C LYS B 181 -22.27 -20.54 -37.43
N ASN B 182 -23.53 -20.99 -37.46
CA ASN B 182 -23.95 -22.23 -36.77
C ASN B 182 -23.84 -22.24 -35.24
N ARG B 183 -24.03 -21.08 -34.62
CA ARG B 183 -24.16 -21.03 -33.17
C ARG B 183 -25.58 -20.75 -32.70
N LEU B 184 -25.79 -20.78 -31.37
CA LEU B 184 -27.13 -20.61 -30.79
C LEU B 184 -27.52 -19.13 -30.74
N PRO B 185 -28.64 -18.76 -31.35
CA PRO B 185 -28.95 -17.35 -31.51
C PRO B 185 -29.27 -16.67 -30.20
N SER B 186 -28.87 -15.42 -30.11
CA SER B 186 -29.03 -14.61 -28.93
C SER B 186 -30.45 -14.18 -28.69
N VAL B 187 -31.29 -14.25 -29.71
CA VAL B 187 -32.71 -13.91 -29.54
C VAL B 187 -33.47 -15.12 -29.02
N HIS B 188 -34.28 -14.89 -28.00
CA HIS B 188 -35.10 -15.94 -27.44
C HIS B 188 -36.29 -16.16 -28.35
N PRO B 189 -36.69 -17.44 -28.55
CA PRO B 189 -37.79 -17.76 -29.46
C PRO B 189 -39.07 -17.02 -29.12
N HIS B 190 -39.38 -16.97 -27.84
CA HIS B 190 -40.59 -16.35 -27.39
C HIS B 190 -40.60 -14.85 -27.73
N HIS B 191 -39.43 -14.27 -27.95
CA HIS B 191 -39.33 -12.85 -28.29
C HIS B 191 -39.28 -12.64 -29.78
N SER B 192 -38.80 -13.65 -30.49
CA SER B 192 -38.58 -13.54 -31.93
C SER B 192 -39.74 -12.87 -32.67
N MET B 193 -40.93 -12.96 -32.10
CA MET B 193 -42.14 -12.43 -32.70
C MET B 193 -42.24 -10.90 -32.69
N LEU B 194 -41.34 -10.23 -31.98
CA LEU B 194 -41.43 -8.79 -31.81
C LEU B 194 -40.58 -8.00 -32.80
N TYR B 195 -39.71 -8.70 -33.50
CA TYR B 195 -38.75 -8.05 -34.35
C TYR B 195 -38.95 -8.44 -35.83
N PRO B 196 -38.59 -7.56 -36.77
CA PRO B 196 -38.76 -7.84 -38.19
C PRO B 196 -37.76 -8.85 -38.75
N LEU B 197 -37.72 -10.05 -38.19
CA LEU B 197 -36.96 -11.14 -38.79
C LEU B 197 -37.78 -11.82 -39.87
N SER B 198 -37.13 -12.60 -40.74
CA SER B 198 -37.88 -13.39 -41.69
C SER B 198 -38.54 -14.57 -40.98
N HIS B 199 -39.67 -15.07 -41.50
CA HIS B 199 -40.35 -16.26 -40.94
C HIS B 199 -39.41 -17.44 -40.92
N GLY B 200 -38.53 -17.50 -41.92
CA GLY B 200 -37.56 -18.56 -42.00
C GLY B 200 -36.64 -18.55 -40.80
N PHE B 201 -36.27 -17.34 -40.36
CA PHE B 201 -35.41 -17.13 -39.18
C PHE B 201 -36.12 -17.57 -37.90
N ARG B 202 -37.32 -17.04 -37.68
CA ARG B 202 -38.10 -17.40 -36.51
C ARG B 202 -38.13 -18.91 -36.31
N LYS B 203 -38.53 -19.63 -37.33
CA LYS B 203 -38.56 -21.07 -37.30
C LYS B 203 -37.20 -21.62 -36.94
N ALA B 204 -36.15 -21.06 -37.55
CA ALA B 204 -34.79 -21.61 -37.38
C ALA B 204 -34.26 -21.41 -35.96
N ILE B 205 -34.66 -20.31 -35.32
CA ILE B 205 -34.34 -20.07 -33.92
C ILE B 205 -34.99 -21.11 -33.03
N ALA B 206 -36.30 -21.27 -33.15
CA ALA B 206 -37.00 -22.37 -32.50
C ALA B 206 -36.28 -23.70 -32.72
N GLU B 207 -35.99 -24.09 -33.97
CA GLU B 207 -35.26 -25.34 -34.25
C GLU B 207 -34.17 -25.56 -33.25
N ARG B 208 -33.38 -24.51 -33.06
CA ARG B 208 -32.13 -24.62 -32.33
C ARG B 208 -32.34 -24.83 -30.85
N HIS B 209 -33.38 -24.20 -30.30
CA HIS B 209 -33.76 -24.44 -28.91
C HIS B 209 -34.36 -25.82 -28.75
N GLY B 210 -35.00 -26.31 -29.79
CA GLY B 210 -35.43 -27.68 -29.82
C GLY B 210 -34.27 -28.62 -29.66
N ASN B 211 -33.18 -28.37 -30.38
CA ASN B 211 -32.01 -29.23 -30.34
C ASN B 211 -31.34 -29.23 -29.00
N LEU B 212 -31.39 -28.10 -28.31
CA LEU B 212 -30.86 -27.99 -26.96
C LEU B 212 -31.38 -29.08 -26.03
N CYS B 213 -32.60 -29.53 -26.28
CA CYS B 213 -33.19 -30.65 -25.54
C CYS B 213 -32.57 -31.98 -25.89
N LEU B 214 -32.52 -32.31 -27.18
CA LEU B 214 -31.90 -33.55 -27.64
C LEU B 214 -30.57 -33.83 -26.95
N ASP B 215 -29.80 -32.78 -26.68
CA ASP B 215 -28.50 -32.91 -26.04
C ASP B 215 -28.63 -33.43 -24.62
N LYS B 216 -29.61 -32.89 -23.92
CA LYS B 216 -29.84 -33.21 -22.52
C LYS B 216 -30.42 -34.61 -22.35
N ILE B 217 -30.97 -35.20 -23.41
CA ILE B 217 -31.60 -36.52 -23.32
C ILE B 217 -30.77 -37.65 -23.90
N ASN B 218 -29.81 -37.34 -24.75
CA ASN B 218 -28.91 -38.38 -25.26
C ASN B 218 -28.08 -39.03 -24.18
N VAL B 219 -27.80 -38.25 -23.15
CA VAL B 219 -27.09 -38.65 -21.95
C VAL B 219 -27.80 -39.80 -21.23
N LEU B 220 -29.13 -39.83 -21.31
CA LEU B 220 -29.92 -40.89 -20.67
C LEU B 220 -29.96 -42.20 -21.49
N HIS B 221 -29.62 -42.14 -22.78
CA HIS B 221 -29.50 -43.34 -23.62
C HIS B 221 -30.72 -44.24 -23.55
N LYS B 222 -31.89 -43.71 -23.85
CA LYS B 222 -33.10 -44.47 -23.75
C LYS B 222 -33.53 -45.04 -25.10
N PRO B 223 -33.98 -46.31 -25.11
CA PRO B 223 -34.52 -46.91 -26.33
C PRO B 223 -35.82 -46.21 -26.70
N PRO B 224 -36.13 -46.12 -28.01
CA PRO B 224 -37.42 -45.54 -28.42
C PRO B 224 -38.56 -46.29 -27.75
N TYR B 225 -39.70 -45.66 -27.53
CA TYR B 225 -40.80 -46.30 -26.81
C TYR B 225 -41.75 -47.03 -27.72
N GLU B 226 -42.43 -48.03 -27.19
CA GLU B 226 -43.44 -48.79 -27.93
C GLU B 226 -44.82 -48.16 -27.80
N HIS B 227 -45.31 -47.47 -28.82
CA HIS B 227 -46.60 -46.84 -28.71
C HIS B 227 -47.76 -47.80 -29.02
N PRO B 228 -48.94 -47.58 -28.41
CA PRO B 228 -50.15 -48.33 -28.71
C PRO B 228 -50.56 -48.16 -30.18
N LYS B 229 -51.26 -49.15 -30.74
CA LYS B 229 -51.75 -49.04 -32.12
C LYS B 229 -53.26 -49.14 -32.20
N ASP B 230 -53.89 -49.37 -31.07
CA ASP B 230 -55.33 -49.52 -30.98
C ASP B 230 -55.82 -48.91 -29.68
N LEU B 231 -57.14 -48.85 -29.51
CA LEU B 231 -57.67 -48.33 -28.29
C LEU B 231 -58.12 -49.45 -27.36
N LYS B 232 -57.46 -50.60 -27.43
CA LYS B 232 -58.00 -51.79 -26.77
C LYS B 232 -57.70 -51.90 -25.29
N LEU B 233 -56.46 -51.67 -24.88
CA LEU B 233 -56.12 -51.72 -23.46
C LEU B 233 -56.68 -50.53 -22.73
N SER B 234 -56.96 -49.47 -23.48
CA SER B 234 -57.55 -48.25 -22.94
C SER B 234 -59.06 -48.27 -23.05
N ASP B 235 -59.59 -49.43 -23.45
CA ASP B 235 -61.00 -49.73 -23.30
C ASP B 235 -61.92 -48.90 -24.21
N GLY B 236 -61.48 -48.65 -25.43
CA GLY B 236 -62.23 -47.86 -26.39
C GLY B 236 -61.97 -46.38 -26.23
N ARG B 237 -61.26 -46.02 -25.17
CA ARG B 237 -61.04 -44.62 -24.87
C ARG B 237 -59.70 -44.14 -25.32
N LEU B 238 -59.69 -42.95 -25.91
CA LEU B 238 -58.47 -42.27 -26.29
C LEU B 238 -57.89 -41.50 -25.11
N ARG B 239 -56.62 -41.75 -24.80
CA ARG B 239 -55.92 -41.12 -23.68
C ARG B 239 -55.12 -39.87 -24.02
N VAL B 240 -55.64 -38.73 -23.60
CA VAL B 240 -55.03 -37.46 -23.87
C VAL B 240 -54.35 -36.97 -22.61
N GLY B 241 -53.12 -36.51 -22.75
CA GLY B 241 -52.39 -35.96 -21.64
C GLY B 241 -52.08 -34.52 -21.86
N TYR B 242 -52.51 -33.65 -20.95
CA TYR B 242 -52.15 -32.26 -21.01
C TYR B 242 -51.00 -32.03 -20.08
N VAL B 243 -49.95 -31.39 -20.58
CA VAL B 243 -48.73 -31.17 -19.80
C VAL B 243 -48.51 -29.70 -19.65
N SER B 244 -48.45 -29.23 -18.42
CA SER B 244 -48.29 -27.80 -18.19
C SER B 244 -47.73 -27.44 -16.85
N SER B 245 -46.94 -26.39 -16.83
CA SER B 245 -46.48 -25.85 -15.59
C SER B 245 -47.45 -24.79 -15.07
N ASP B 246 -48.69 -24.82 -15.54
CA ASP B 246 -49.57 -23.67 -15.28
C ASP B 246 -50.94 -24.03 -14.85
N PHE B 247 -51.07 -25.19 -14.22
CA PHE B 247 -52.29 -25.50 -13.51
C PHE B 247 -52.21 -24.78 -12.18
N GLY B 248 -52.73 -23.55 -12.15
CA GLY B 248 -52.64 -22.73 -10.98
C GLY B 248 -53.07 -21.35 -11.37
N ASN B 249 -52.67 -20.34 -10.62
CA ASN B 249 -53.04 -18.99 -10.93
C ASN B 249 -52.17 -18.46 -12.05
N HIS B 250 -52.62 -18.67 -13.28
CA HIS B 250 -51.86 -18.37 -14.47
C HIS B 250 -52.82 -18.33 -15.65
N PRO B 251 -52.62 -17.40 -16.57
CA PRO B 251 -53.48 -17.24 -17.72
C PRO B 251 -53.95 -18.54 -18.30
N THR B 252 -53.05 -19.45 -18.67
CA THR B 252 -53.44 -20.77 -19.16
C THR B 252 -54.67 -21.37 -18.43
N SER B 253 -54.62 -21.40 -17.11
CA SER B 253 -55.74 -21.89 -16.35
C SER B 253 -56.95 -21.03 -16.56
N HIS B 254 -56.78 -19.72 -16.65
CA HIS B 254 -57.93 -18.84 -16.81
C HIS B 254 -58.63 -19.07 -18.13
N LEU B 255 -57.96 -19.73 -19.07
CA LEU B 255 -58.56 -20.00 -20.37
C LEU B 255 -59.19 -21.38 -20.39
N MET B 256 -58.40 -22.38 -20.00
CA MET B 256 -58.85 -23.73 -20.24
C MET B 256 -59.23 -24.58 -19.04
N GLN B 257 -59.23 -24.02 -17.83
CA GLN B 257 -59.54 -24.82 -16.65
C GLN B 257 -60.85 -25.63 -16.77
N SER B 258 -61.82 -25.20 -17.57
CA SER B 258 -63.04 -25.97 -17.64
C SER B 258 -63.01 -27.18 -18.56
N ILE B 259 -61.98 -27.27 -19.39
CA ILE B 259 -61.96 -28.23 -20.46
C ILE B 259 -61.73 -29.67 -20.03
N PRO B 260 -60.73 -29.93 -19.19
CA PRO B 260 -60.56 -31.32 -18.79
C PRO B 260 -61.86 -31.90 -18.25
N GLY B 261 -62.59 -31.14 -17.44
CA GLY B 261 -63.90 -31.60 -17.00
C GLY B 261 -64.94 -31.90 -18.07
N MET B 262 -64.84 -31.24 -19.21
CA MET B 262 -65.88 -31.29 -20.19
C MET B 262 -65.67 -32.33 -21.26
N HIS B 263 -64.54 -33.02 -21.21
CA HIS B 263 -64.30 -34.12 -22.11
C HIS B 263 -65.33 -35.20 -21.91
N ASN B 264 -65.65 -35.93 -22.96
CA ASN B 264 -66.61 -37.02 -22.85
C ASN B 264 -65.95 -38.32 -22.44
N PRO B 265 -66.41 -38.90 -21.31
CA PRO B 265 -65.75 -40.02 -20.67
C PRO B 265 -65.97 -41.35 -21.37
N ASP B 266 -66.86 -41.37 -22.36
CA ASP B 266 -67.12 -42.59 -23.11
C ASP B 266 -66.02 -42.80 -24.11
N LYS B 267 -65.45 -41.71 -24.59
CA LYS B 267 -64.49 -41.80 -25.67
C LYS B 267 -63.11 -41.26 -25.31
N PHE B 268 -62.99 -40.59 -24.17
CA PHE B 268 -61.73 -39.99 -23.76
C PHE B 268 -61.38 -40.18 -22.30
N GLU B 269 -60.09 -40.42 -22.03
CA GLU B 269 -59.56 -40.51 -20.68
C GLU B 269 -58.52 -39.41 -20.56
N VAL B 270 -58.73 -38.49 -19.62
CA VAL B 270 -57.95 -37.28 -19.54
C VAL B 270 -56.92 -37.34 -18.42
N PHE B 271 -55.66 -37.12 -18.76
CA PHE B 271 -54.58 -37.11 -17.81
C PHE B 271 -53.95 -35.75 -17.78
N CYS B 272 -53.81 -35.16 -16.61
CA CYS B 272 -53.13 -33.90 -16.52
C CYS B 272 -51.82 -34.03 -15.84
N TYR B 273 -50.77 -33.52 -16.47
CA TYR B 273 -49.46 -33.64 -15.92
C TYR B 273 -48.96 -32.27 -15.53
N ALA B 274 -48.88 -32.03 -14.23
CA ALA B 274 -48.48 -30.73 -13.72
C ALA B 274 -46.99 -30.68 -13.56
N LEU B 275 -46.39 -29.60 -14.05
CA LEU B 275 -44.95 -29.46 -13.95
C LEU B 275 -44.62 -28.56 -12.78
N SER B 276 -45.62 -27.95 -12.20
CA SER B 276 -45.45 -27.02 -11.09
C SER B 276 -46.06 -27.60 -9.83
N PRO B 277 -45.49 -27.26 -8.66
CA PRO B 277 -46.09 -27.66 -7.38
C PRO B 277 -47.44 -26.98 -7.18
N ASP B 278 -48.26 -27.53 -6.30
CA ASP B 278 -49.58 -26.99 -6.02
C ASP B 278 -49.49 -25.63 -5.34
N ASP B 279 -50.00 -24.57 -5.96
CA ASP B 279 -50.04 -23.25 -5.29
C ASP B 279 -51.25 -23.06 -4.35
N GLY B 280 -52.08 -24.09 -4.28
CA GLY B 280 -53.25 -24.09 -3.44
C GLY B 280 -54.34 -23.15 -3.89
N THR B 281 -54.33 -22.73 -5.15
CA THR B 281 -55.41 -21.91 -5.67
C THR B 281 -56.51 -22.82 -6.19
N ASN B 282 -57.70 -22.29 -6.38
CA ASN B 282 -58.83 -23.06 -6.89
C ASN B 282 -58.66 -23.56 -8.29
N PHE B 283 -57.94 -22.82 -9.12
CA PHE B 283 -57.64 -23.31 -10.44
C PHE B 283 -57.00 -24.68 -10.39
N ARG B 284 -55.98 -24.83 -9.54
CA ARG B 284 -55.33 -26.11 -9.33
C ARG B 284 -56.33 -27.12 -8.75
N VAL B 285 -57.13 -26.70 -7.78
CA VAL B 285 -58.13 -27.59 -7.19
C VAL B 285 -59.05 -28.20 -8.23
N LYS B 286 -59.62 -27.34 -9.07
CA LYS B 286 -60.61 -27.71 -10.10
C LYS B 286 -60.10 -28.75 -11.09
N VAL B 287 -58.91 -28.49 -11.62
CA VAL B 287 -58.30 -29.41 -12.55
C VAL B 287 -57.99 -30.74 -11.88
N MET B 288 -57.51 -30.75 -10.63
CA MET B 288 -57.25 -32.01 -9.92
C MET B 288 -58.52 -32.80 -9.72
N ALA B 289 -59.61 -32.08 -9.49
CA ALA B 289 -60.89 -32.66 -9.22
C ALA B 289 -61.62 -33.23 -10.44
N GLU B 290 -61.33 -32.66 -11.62
CA GLU B 290 -62.09 -32.95 -12.83
C GLU B 290 -61.39 -33.81 -13.84
N ALA B 291 -60.08 -33.70 -13.94
CA ALA B 291 -59.32 -34.59 -14.77
C ALA B 291 -59.52 -36.00 -14.27
N ASN B 292 -59.63 -36.94 -15.18
CA ASN B 292 -59.65 -38.35 -14.81
C ASN B 292 -58.44 -38.77 -14.00
N HIS B 293 -57.28 -38.16 -14.26
CA HIS B 293 -56.05 -38.48 -13.55
C HIS B 293 -55.22 -37.25 -13.50
N PHE B 294 -54.74 -36.93 -12.31
CA PHE B 294 -53.86 -35.81 -12.15
C PHE B 294 -52.53 -36.34 -11.67
N ILE B 295 -51.45 -35.97 -12.35
CA ILE B 295 -50.14 -36.45 -12.01
C ILE B 295 -49.19 -35.29 -11.75
N ASP B 296 -48.60 -35.28 -10.57
CA ASP B 296 -47.72 -34.21 -10.19
C ASP B 296 -46.28 -34.56 -10.54
N LEU B 297 -45.83 -34.10 -11.70
CA LEU B 297 -44.49 -34.39 -12.16
C LEU B 297 -43.49 -33.44 -11.58
N SER B 298 -43.96 -32.43 -10.83
CA SER B 298 -43.06 -31.44 -10.22
C SER B 298 -42.24 -32.17 -9.19
N GLN B 299 -42.65 -33.40 -8.91
CA GLN B 299 -41.91 -34.25 -7.99
C GLN B 299 -41.28 -35.46 -8.60
N ILE B 300 -41.02 -35.39 -9.89
CA ILE B 300 -40.23 -36.39 -10.59
C ILE B 300 -39.32 -35.54 -11.43
N PRO B 301 -38.26 -35.00 -10.80
CA PRO B 301 -37.46 -34.05 -11.54
C PRO B 301 -36.59 -34.71 -12.61
N CYS B 302 -36.26 -36.00 -12.50
CA CYS B 302 -35.52 -36.68 -13.58
C CYS B 302 -36.43 -36.85 -14.80
N ASN B 303 -36.06 -36.22 -15.92
CA ASN B 303 -36.89 -36.30 -17.13
C ASN B 303 -37.09 -37.71 -17.65
N GLY B 304 -36.20 -38.61 -17.24
CA GLY B 304 -36.24 -40.00 -17.63
C GLY B 304 -37.41 -40.74 -17.03
N LYS B 305 -37.53 -40.70 -15.72
CA LYS B 305 -38.63 -41.41 -15.04
C LYS B 305 -39.97 -40.75 -15.37
N ALA B 306 -39.97 -39.42 -15.47
CA ALA B 306 -41.16 -38.68 -15.87
C ALA B 306 -41.72 -39.17 -17.20
N ALA B 307 -40.88 -39.24 -18.22
CA ALA B 307 -41.27 -39.84 -19.49
C ALA B 307 -41.80 -41.25 -19.33
N ASP B 308 -41.13 -42.06 -18.54
CA ASP B 308 -41.57 -43.44 -18.32
C ASP B 308 -42.97 -43.46 -17.80
N ARG B 309 -43.22 -42.58 -16.85
CA ARG B 309 -44.51 -42.50 -16.22
C ARG B 309 -45.60 -42.24 -17.21
N ILE B 310 -45.37 -41.28 -18.11
CA ILE B 310 -46.32 -40.97 -19.16
C ILE B 310 -46.54 -42.18 -20.06
N HIS B 311 -45.47 -42.89 -20.36
CA HIS B 311 -45.59 -44.01 -21.25
C HIS B 311 -46.38 -45.15 -20.63
N GLN B 312 -46.21 -45.32 -19.31
CA GLN B 312 -46.92 -46.38 -18.58
C GLN B 312 -48.37 -46.07 -18.49
N ASP B 313 -48.69 -44.79 -18.38
CA ASP B 313 -50.08 -44.36 -18.33
C ASP B 313 -50.74 -44.69 -19.63
N GLY B 314 -49.93 -44.85 -20.68
CA GLY B 314 -50.38 -45.28 -22.01
C GLY B 314 -51.08 -44.20 -22.83
N ILE B 315 -50.53 -42.99 -22.81
CA ILE B 315 -51.12 -41.84 -23.49
C ILE B 315 -51.04 -42.00 -24.99
N HIS B 316 -52.09 -41.62 -25.70
CA HIS B 316 -52.07 -41.61 -27.15
C HIS B 316 -51.66 -40.24 -27.69
N ILE B 317 -52.30 -39.19 -27.24
CA ILE B 317 -51.95 -37.86 -27.67
C ILE B 317 -51.43 -37.06 -26.47
N LEU B 318 -50.21 -36.55 -26.56
CA LEU B 318 -49.66 -35.72 -25.51
C LEU B 318 -49.64 -34.26 -25.92
N VAL B 319 -50.22 -33.38 -25.12
CA VAL B 319 -50.42 -31.99 -25.53
C VAL B 319 -49.48 -31.10 -24.76
N ASN B 320 -48.66 -30.34 -25.47
CA ASN B 320 -47.70 -29.43 -24.88
C ASN B 320 -48.28 -28.02 -24.77
N MET B 321 -48.42 -27.55 -23.55
CA MET B 321 -49.03 -26.27 -23.36
C MET B 321 -48.04 -25.23 -22.93
N ASN B 322 -46.75 -25.50 -23.15
CA ASN B 322 -45.71 -24.59 -22.68
C ASN B 322 -44.83 -24.02 -23.76
N GLY B 323 -44.43 -24.86 -24.71
CA GLY B 323 -43.44 -24.46 -25.69
C GLY B 323 -42.22 -23.93 -24.94
N TYR B 324 -41.84 -22.71 -25.21
CA TYR B 324 -40.63 -22.14 -24.62
C TYR B 324 -41.02 -21.04 -23.66
N THR B 325 -41.89 -21.39 -22.71
CA THR B 325 -42.24 -20.47 -21.65
C THR B 325 -41.56 -20.95 -20.38
N LYS B 326 -41.66 -20.17 -19.31
CA LYS B 326 -41.08 -20.56 -18.03
C LYS B 326 -41.77 -21.80 -17.51
N GLY B 327 -40.98 -22.74 -16.99
CA GLY B 327 -41.50 -23.95 -16.37
C GLY B 327 -41.46 -25.14 -17.29
N ALA B 328 -41.35 -24.88 -18.59
CA ALA B 328 -41.37 -25.90 -19.63
C ALA B 328 -40.36 -27.01 -19.36
N ARG B 329 -40.69 -28.22 -19.76
CA ARG B 329 -39.72 -29.31 -19.73
C ARG B 329 -39.84 -30.09 -21.01
N ASN B 330 -39.43 -29.48 -22.10
CA ASN B 330 -39.69 -30.09 -23.39
C ASN B 330 -38.91 -31.39 -23.58
N GLU B 331 -37.93 -31.61 -22.73
CA GLU B 331 -37.20 -32.86 -22.72
C GLU B 331 -38.19 -34.02 -22.66
N LEU B 332 -39.29 -33.84 -21.94
CA LEU B 332 -40.32 -34.88 -21.90
C LEU B 332 -40.81 -35.24 -23.28
N PHE B 333 -41.07 -34.22 -24.09
CA PHE B 333 -41.60 -34.43 -25.42
C PHE B 333 -40.55 -34.99 -26.34
N ALA B 334 -39.32 -34.57 -26.13
CA ALA B 334 -38.24 -35.01 -26.98
C ALA B 334 -37.99 -36.47 -26.82
N LEU B 335 -38.44 -37.04 -25.71
CA LEU B 335 -38.27 -38.46 -25.51
C LEU B 335 -39.34 -39.30 -26.21
N ARG B 336 -40.30 -38.60 -26.84
CA ARG B 336 -41.41 -39.19 -27.59
C ARG B 336 -42.04 -40.39 -26.87
N PRO B 337 -42.69 -40.17 -25.72
CA PRO B 337 -43.44 -41.22 -25.06
C PRO B 337 -44.84 -41.43 -25.62
N ALA B 338 -45.34 -40.51 -26.41
CA ALA B 338 -46.64 -40.68 -27.02
C ALA B 338 -46.49 -40.70 -28.53
N PRO B 339 -47.36 -41.48 -29.20
CA PRO B 339 -47.34 -41.60 -30.64
C PRO B 339 -47.62 -40.28 -31.35
N ILE B 340 -48.37 -39.40 -30.71
CA ILE B 340 -48.75 -38.13 -31.30
C ILE B 340 -48.55 -37.07 -30.27
N GLN B 341 -47.90 -35.97 -30.62
CA GLN B 341 -47.65 -34.87 -29.70
C GLN B 341 -47.96 -33.51 -30.32
N ALA B 342 -48.88 -32.75 -29.74
CA ALA B 342 -49.31 -31.49 -30.31
C ALA B 342 -49.01 -30.28 -29.44
N MET B 343 -48.72 -29.15 -30.06
CA MET B 343 -48.68 -27.88 -29.35
C MET B 343 -50.08 -27.36 -29.23
N TRP B 344 -50.39 -26.72 -28.10
CA TRP B 344 -51.72 -26.17 -27.91
C TRP B 344 -51.76 -25.01 -26.96
N LEU B 345 -52.32 -23.91 -27.44
CA LEU B 345 -52.77 -22.80 -26.61
C LEU B 345 -51.73 -22.02 -25.80
N GLY B 346 -50.81 -22.71 -25.15
CA GLY B 346 -49.90 -22.04 -24.25
C GLY B 346 -48.86 -21.15 -24.89
N TYR B 347 -48.20 -21.66 -25.92
CA TYR B 347 -47.15 -20.91 -26.61
C TYR B 347 -47.63 -20.47 -27.99
N PRO B 348 -47.49 -19.18 -28.31
CA PRO B 348 -47.97 -18.61 -29.58
C PRO B 348 -46.91 -18.57 -30.71
N GLY B 349 -46.33 -19.71 -31.04
CA GLY B 349 -45.41 -19.77 -32.13
C GLY B 349 -45.04 -21.21 -32.40
N THR B 350 -44.20 -21.43 -33.39
CA THR B 350 -43.78 -22.79 -33.69
C THR B 350 -42.76 -23.20 -32.67
N SER B 351 -42.71 -24.51 -32.43
CA SER B 351 -41.70 -25.13 -31.59
C SER B 351 -40.45 -25.35 -32.39
N GLY B 352 -40.64 -25.45 -33.71
CA GLY B 352 -39.55 -25.70 -34.64
C GLY B 352 -38.86 -27.04 -34.43
N ALA B 353 -39.44 -27.92 -33.63
CA ALA B 353 -38.76 -29.14 -33.25
C ALA B 353 -39.37 -30.38 -33.86
N LEU B 354 -38.52 -31.39 -34.03
CA LEU B 354 -38.89 -32.64 -34.67
C LEU B 354 -39.88 -33.45 -33.90
N PHE B 355 -39.76 -33.41 -32.58
CA PHE B 355 -40.58 -34.25 -31.72
C PHE B 355 -42.03 -33.79 -31.57
N MET B 356 -42.33 -32.61 -32.06
CA MET B 356 -43.68 -32.12 -31.99
C MET B 356 -44.35 -32.32 -33.32
N ASP B 357 -45.46 -33.06 -33.35
CA ASP B 357 -46.13 -33.42 -34.59
C ASP B 357 -47.11 -32.35 -35.13
N TYR B 358 -48.01 -31.89 -34.28
CA TYR B 358 -49.02 -30.96 -34.73
C TYR B 358 -48.98 -29.68 -33.97
N ILE B 359 -49.66 -28.68 -34.49
CA ILE B 359 -49.96 -27.48 -33.74
C ILE B 359 -51.43 -27.16 -33.91
N ILE B 360 -52.14 -27.08 -32.81
CA ILE B 360 -53.55 -26.82 -32.88
C ILE B 360 -53.76 -25.34 -33.09
N THR B 361 -54.36 -25.01 -34.23
CA THR B 361 -54.63 -23.63 -34.58
C THR B 361 -55.91 -23.50 -35.42
N ASP B 362 -56.01 -22.48 -36.27
CA ASP B 362 -57.19 -22.37 -37.10
C ASP B 362 -56.96 -21.63 -38.44
N GLN B 363 -58.00 -21.63 -39.27
CA GLN B 363 -57.99 -21.04 -40.60
C GLN B 363 -57.49 -19.60 -40.60
N GLU B 364 -58.00 -18.80 -39.69
CA GLU B 364 -57.77 -17.37 -39.65
C GLU B 364 -56.44 -16.99 -39.02
N THR B 365 -55.96 -17.82 -38.11
CA THR B 365 -54.72 -17.56 -37.42
C THR B 365 -53.56 -18.00 -38.28
N SER B 366 -53.69 -19.15 -38.90
CA SER B 366 -52.63 -19.72 -39.68
C SER B 366 -53.11 -20.20 -41.03
N PRO B 367 -53.43 -19.26 -41.94
CA PRO B 367 -53.91 -19.71 -43.25
C PRO B 367 -52.85 -20.51 -44.03
N ALA B 368 -53.30 -21.31 -45.00
CA ALA B 368 -52.43 -22.30 -45.61
C ALA B 368 -51.15 -21.73 -46.16
N GLU B 369 -51.18 -20.51 -46.67
CA GLU B 369 -49.98 -19.91 -47.30
C GLU B 369 -48.81 -19.79 -46.38
N VAL B 370 -49.09 -19.51 -45.13
CA VAL B 370 -48.02 -19.35 -44.16
C VAL B 370 -47.68 -20.62 -43.40
N ALA B 371 -48.06 -21.78 -43.92
CA ALA B 371 -47.60 -23.06 -43.36
C ALA B 371 -46.09 -23.12 -43.22
N GLU B 372 -45.41 -22.33 -44.05
CA GLU B 372 -43.94 -22.22 -44.13
C GLU B 372 -43.30 -22.03 -42.78
N GLN B 373 -43.97 -21.23 -41.97
CA GLN B 373 -43.40 -20.73 -40.75
C GLN B 373 -43.55 -21.66 -39.57
N TYR B 374 -44.20 -22.79 -39.76
CA TYR B 374 -44.33 -23.77 -38.69
C TYR B 374 -43.64 -25.05 -39.05
N SER B 375 -42.96 -25.64 -38.09
CA SER B 375 -42.34 -26.93 -38.31
C SER B 375 -43.34 -28.08 -38.14
N GLU B 376 -44.39 -27.84 -37.37
CA GLU B 376 -45.43 -28.83 -37.13
C GLU B 376 -46.42 -28.79 -38.27
N LYS B 377 -47.35 -29.74 -38.27
CA LYS B 377 -48.43 -29.73 -39.24
C LYS B 377 -49.62 -29.05 -38.63
N LEU B 378 -50.36 -28.30 -39.44
CA LEU B 378 -51.49 -27.55 -38.94
C LEU B 378 -52.63 -28.48 -38.62
N ALA B 379 -53.31 -28.24 -37.51
CA ALA B 379 -54.53 -28.94 -37.21
C ALA B 379 -55.55 -27.88 -36.87
N TYR B 380 -56.64 -27.79 -37.63
CA TYR B 380 -57.54 -26.66 -37.52
C TYR B 380 -58.74 -26.93 -36.63
N MET B 381 -58.98 -26.02 -35.71
CA MET B 381 -60.24 -25.95 -35.05
C MET B 381 -61.19 -25.20 -35.98
N PRO B 382 -62.50 -25.52 -35.90
CA PRO B 382 -63.50 -24.96 -36.77
C PRO B 382 -63.64 -23.46 -36.72
N HIS B 383 -63.35 -22.82 -35.60
CA HIS B 383 -63.53 -21.38 -35.56
C HIS B 383 -62.32 -20.59 -35.11
N THR B 384 -62.06 -20.61 -33.81
CA THR B 384 -60.79 -20.11 -33.30
C THR B 384 -60.22 -21.16 -32.40
N PHE B 385 -58.90 -21.19 -32.26
CA PHE B 385 -58.26 -22.16 -31.40
C PHE B 385 -58.20 -21.59 -30.01
N PHE B 386 -58.54 -20.31 -29.89
CA PHE B 386 -58.50 -19.67 -28.61
C PHE B 386 -59.78 -19.90 -27.84
N ILE B 387 -59.73 -19.81 -26.52
CA ILE B 387 -60.90 -20.04 -25.70
C ILE B 387 -60.72 -19.37 -24.36
N GLY B 388 -61.77 -19.18 -23.60
CA GLY B 388 -61.63 -18.50 -22.32
C GLY B 388 -62.67 -18.93 -21.33
N ASP B 389 -62.35 -18.88 -20.04
CA ASP B 389 -63.28 -19.40 -19.08
C ASP B 389 -64.23 -18.36 -18.53
N HIS B 390 -64.31 -17.22 -19.20
CA HIS B 390 -64.98 -16.06 -18.66
C HIS B 390 -66.42 -16.31 -18.30
N ALA B 391 -67.05 -17.14 -19.10
CA ALA B 391 -68.42 -17.59 -18.87
C ALA B 391 -68.62 -18.16 -17.47
N ASN B 392 -67.66 -18.94 -17.03
CA ASN B 392 -67.68 -19.62 -15.75
C ASN B 392 -67.05 -18.81 -14.64
N MET B 393 -65.99 -18.07 -14.96
CA MET B 393 -65.26 -17.29 -13.98
C MET B 393 -65.97 -16.03 -13.59
N PHE B 394 -66.52 -15.32 -14.56
CA PHE B 394 -67.17 -14.02 -14.31
C PHE B 394 -68.61 -13.92 -14.81
N PRO B 395 -69.54 -14.75 -14.27
CA PRO B 395 -70.91 -14.62 -14.69
C PRO B 395 -71.57 -13.35 -14.19
N HIS B 396 -71.00 -12.69 -13.21
CA HIS B 396 -71.62 -11.44 -12.72
C HIS B 396 -71.58 -10.33 -13.74
N LEU B 397 -70.68 -10.44 -14.70
CA LEU B 397 -70.65 -9.52 -15.84
C LEU B 397 -71.49 -9.97 -17.03
N LYS B 398 -72.38 -10.94 -16.86
CA LYS B 398 -73.25 -11.36 -17.95
C LYS B 398 -74.30 -10.28 -18.17
N LYS B 399 -74.57 -9.47 -17.15
CA LYS B 399 -75.59 -8.41 -17.17
C LYS B 399 -75.12 -7.19 -16.42
N LYS B 400 -75.51 -6.01 -16.89
CA LYS B 400 -75.12 -4.77 -16.22
C LYS B 400 -76.30 -3.86 -16.01
N ALA B 401 -76.08 -2.77 -15.29
CA ALA B 401 -77.08 -1.75 -15.00
C ALA B 401 -76.33 -0.45 -14.83
N VAL B 402 -76.93 0.67 -15.20
CA VAL B 402 -76.24 1.96 -15.05
C VAL B 402 -76.99 2.96 -14.20
N ILE B 403 -76.29 3.92 -13.63
CA ILE B 403 -76.94 5.01 -12.92
C ILE B 403 -76.89 6.24 -13.83
N ASP B 404 -78.01 6.94 -13.90
CA ASP B 404 -78.09 8.22 -14.64
C ASP B 404 -77.78 9.45 -13.77
N PHE B 405 -77.01 10.37 -14.33
CA PHE B 405 -76.58 11.55 -13.59
C PHE B 405 -76.82 12.90 -14.32
N LYS B 406 -76.97 12.85 -15.66
CA LYS B 406 -77.13 14.06 -16.52
C LYS B 406 -78.38 14.92 -16.23
N HIS B 410 -78.42 12.32 -20.67
CA HIS B 410 -78.17 11.73 -22.00
C HIS B 410 -78.31 10.16 -22.12
N ILE B 411 -77.95 9.42 -21.04
CA ILE B 411 -78.04 7.89 -20.94
C ILE B 411 -76.87 7.07 -21.55
N TYR B 412 -75.84 6.86 -20.74
CA TYR B 412 -74.62 6.24 -21.22
C TYR B 412 -74.48 4.83 -20.68
N ASP B 413 -73.99 3.90 -21.52
CA ASP B 413 -73.80 2.51 -21.12
C ASP B 413 -72.50 2.21 -20.32
N ASN B 414 -71.72 3.24 -20.00
CA ASN B 414 -70.41 3.00 -19.43
C ASN B 414 -69.78 4.13 -18.63
N ARG B 415 -70.55 4.81 -17.78
CA ARG B 415 -69.91 5.79 -16.90
C ARG B 415 -70.01 5.43 -15.44
N ILE B 416 -71.15 4.83 -15.06
CA ILE B 416 -71.33 4.25 -13.74
C ILE B 416 -72.04 2.94 -13.96
N VAL B 417 -71.40 1.84 -13.58
CA VAL B 417 -71.89 0.51 -13.89
C VAL B 417 -72.06 -0.35 -12.66
N LEU B 418 -73.11 -1.16 -12.66
CA LEU B 418 -73.34 -2.11 -11.59
C LEU B 418 -73.41 -3.52 -12.14
N ASN B 419 -72.74 -4.44 -11.45
CA ASN B 419 -72.85 -5.86 -11.76
C ASN B 419 -72.95 -6.62 -10.48
N GLY B 420 -73.55 -7.78 -10.59
CA GLY B 420 -73.68 -8.68 -9.46
C GLY B 420 -74.65 -9.80 -9.74
N ILE B 421 -74.43 -10.94 -9.11
CA ILE B 421 -75.32 -12.07 -9.28
C ILE B 421 -76.75 -11.67 -8.94
N ASP B 422 -76.91 -10.89 -7.88
CA ASP B 422 -78.24 -10.52 -7.35
C ASP B 422 -78.69 -9.14 -7.76
N LEU B 423 -78.37 -8.74 -8.99
CA LEU B 423 -78.66 -7.40 -9.44
C LEU B 423 -80.14 -7.23 -9.63
N LYS B 424 -80.75 -8.11 -10.41
CA LYS B 424 -82.19 -8.06 -10.65
C LYS B 424 -82.98 -7.87 -9.35
N ALA B 425 -82.70 -8.70 -8.35
CA ALA B 425 -83.38 -8.63 -7.04
C ALA B 425 -83.33 -7.25 -6.38
N PHE B 426 -82.19 -6.59 -6.49
CA PHE B 426 -81.98 -5.26 -5.92
C PHE B 426 -82.72 -4.20 -6.71
N LEU B 427 -82.71 -4.32 -8.02
CA LEU B 427 -83.43 -3.40 -8.85
C LEU B 427 -84.91 -3.46 -8.60
N ASP B 428 -85.41 -4.60 -8.16
CA ASP B 428 -86.84 -4.72 -7.92
C ASP B 428 -87.21 -4.12 -6.60
N SER B 429 -86.23 -3.92 -5.74
CA SER B 429 -86.48 -3.27 -4.47
C SER B 429 -86.57 -1.77 -4.70
N LEU B 430 -86.24 -1.32 -5.91
CA LEU B 430 -86.19 0.11 -6.21
C LEU B 430 -87.46 0.67 -6.83
N PRO B 431 -87.84 1.89 -6.40
CA PRO B 431 -89.06 2.53 -6.88
C PRO B 431 -89.09 2.72 -8.42
N ASP B 432 -88.04 3.32 -8.98
CA ASP B 432 -88.17 4.02 -10.26
C ASP B 432 -87.24 3.62 -11.38
N VAL B 433 -87.26 2.36 -11.72
CA VAL B 433 -86.23 1.84 -12.59
C VAL B 433 -86.67 1.81 -14.03
N LYS B 434 -86.06 2.64 -14.86
CA LYS B 434 -86.36 2.63 -16.29
C LYS B 434 -85.49 1.61 -17.05
N ILE B 435 -86.08 0.95 -18.05
CA ILE B 435 -85.44 -0.19 -18.75
C ILE B 435 -85.14 0.09 -20.24
N VAL B 436 -83.94 0.56 -20.55
CA VAL B 436 -83.58 0.84 -21.94
C VAL B 436 -83.49 -0.42 -22.74
N LYS B 437 -84.28 -0.50 -23.79
CA LYS B 437 -84.26 -1.63 -24.73
C LYS B 437 -83.01 -1.57 -25.60
N MET B 438 -82.40 -2.73 -25.81
CA MET B 438 -81.33 -2.87 -26.80
C MET B 438 -81.94 -3.69 -27.93
N LYS B 439 -82.29 -3.04 -29.04
CA LYS B 439 -83.01 -3.71 -30.15
C LYS B 439 -82.09 -4.50 -31.09
N CYS B 440 -82.55 -5.70 -31.52
CA CYS B 440 -81.85 -6.56 -32.53
C CYS B 440 -80.51 -7.13 -31.99
N ALA B 453 -85.00 -10.10 -26.26
CA ALA B 453 -84.89 -10.51 -24.87
C ALA B 453 -83.97 -9.58 -24.03
N LEU B 454 -83.17 -8.75 -24.71
CA LEU B 454 -82.08 -7.96 -24.04
C LEU B 454 -82.24 -6.43 -23.87
N ASN B 455 -81.54 -5.91 -22.85
CA ASN B 455 -81.76 -4.56 -22.34
C ASN B 455 -80.94 -4.28 -21.11
N MET B 456 -80.85 -3.01 -20.75
CA MET B 456 -80.03 -2.57 -19.66
C MET B 456 -80.82 -1.61 -18.81
N PRO B 457 -81.08 -2.00 -17.56
CA PRO B 457 -81.81 -1.16 -16.60
C PRO B 457 -81.04 0.11 -16.23
N VAL B 458 -81.78 1.16 -15.92
CA VAL B 458 -81.19 2.45 -15.58
C VAL B 458 -81.77 3.05 -14.32
N ILE B 459 -80.93 3.23 -13.31
CA ILE B 459 -81.36 3.83 -12.07
C ILE B 459 -81.27 5.33 -12.21
N PRO B 460 -82.39 6.03 -11.96
CA PRO B 460 -82.43 7.48 -12.02
C PRO B 460 -81.80 8.10 -10.77
N MET B 461 -81.38 9.35 -10.89
CA MET B 461 -80.66 10.04 -9.83
C MET B 461 -81.54 10.43 -8.63
N ASN B 462 -82.01 9.46 -7.87
CA ASN B 462 -82.71 9.75 -6.60
C ASN B 462 -81.72 9.78 -5.43
N THR B 463 -82.22 9.73 -4.18
CA THR B 463 -81.35 9.72 -2.98
C THR B 463 -80.42 8.49 -2.95
N ILE B 464 -80.92 7.38 -3.45
CA ILE B 464 -80.15 6.13 -3.44
C ILE B 464 -78.95 6.24 -4.36
N ALA B 465 -79.19 6.58 -5.62
CA ALA B 465 -78.10 6.80 -6.54
C ALA B 465 -77.03 7.65 -5.87
N GLU B 466 -77.44 8.74 -5.22
CA GLU B 466 -76.50 9.67 -4.59
C GLU B 466 -75.67 9.06 -3.48
N ALA B 467 -76.28 8.17 -2.71
CA ALA B 467 -75.59 7.46 -1.65
C ALA B 467 -74.49 6.57 -2.23
N VAL B 468 -74.70 6.10 -3.47
CA VAL B 468 -73.75 5.26 -4.16
C VAL B 468 -72.58 6.06 -4.68
N ILE B 469 -72.84 7.19 -5.35
CA ILE B 469 -71.77 8.06 -5.77
C ILE B 469 -71.00 8.47 -4.53
N GLU B 470 -71.74 8.78 -3.46
CA GLU B 470 -71.15 9.19 -2.19
C GLU B 470 -70.04 8.23 -1.74
N MET B 471 -70.39 6.94 -1.62
CA MET B 471 -69.44 5.87 -1.32
C MET B 471 -68.23 5.91 -2.25
N ILE B 472 -68.49 6.06 -3.54
CA ILE B 472 -67.44 6.06 -4.55
C ILE B 472 -66.52 7.24 -4.36
N ASN B 473 -67.09 8.45 -4.25
CA ASN B 473 -66.32 9.68 -4.15
C ASN B 473 -65.49 9.72 -2.89
N ARG B 474 -66.09 9.33 -1.77
CA ARG B 474 -65.39 9.34 -0.50
C ARG B 474 -64.35 8.20 -0.36
N GLY B 475 -64.36 7.27 -1.32
CA GLY B 475 -63.49 6.08 -1.31
C GLY B 475 -63.75 5.09 -0.17
N GLN B 476 -65.03 4.84 0.13
CA GLN B 476 -65.40 3.90 1.17
C GLN B 476 -65.50 2.52 0.58
N ILE B 477 -65.50 1.50 1.44
CA ILE B 477 -65.42 0.13 1.00
C ILE B 477 -66.74 -0.35 0.41
N GLN B 478 -67.83 -0.07 1.11
CA GLN B 478 -69.13 -0.67 0.79
C GLN B 478 -70.25 -0.02 1.58
N ILE B 479 -71.47 -0.19 1.10
CA ILE B 479 -72.64 0.30 1.81
C ILE B 479 -73.76 -0.72 1.74
N THR B 480 -74.87 -0.40 2.39
CA THR B 480 -76.06 -1.26 2.36
C THR B 480 -77.29 -0.47 1.91
N ILE B 481 -78.11 -1.07 1.07
CA ILE B 481 -79.29 -0.39 0.57
C ILE B 481 -80.41 -1.40 0.46
N ASN B 482 -81.46 -1.19 1.25
CA ASN B 482 -82.55 -2.16 1.36
C ASN B 482 -82.01 -3.55 1.66
N GLY B 483 -80.95 -3.60 2.46
CA GLY B 483 -80.37 -4.86 2.86
C GLY B 483 -79.50 -5.53 1.81
N PHE B 484 -79.35 -4.92 0.64
CA PHE B 484 -78.43 -5.43 -0.35
C PHE B 484 -77.03 -4.95 -0.14
N SER B 485 -76.06 -5.83 -0.37
CA SER B 485 -74.71 -5.44 -0.16
C SER B 485 -74.09 -4.76 -1.37
N ILE B 486 -73.66 -3.50 -1.23
CA ILE B 486 -73.08 -2.75 -2.34
C ILE B 486 -71.61 -2.44 -2.14
N SER B 487 -70.79 -2.77 -3.14
CA SER B 487 -69.34 -2.77 -2.98
C SER B 487 -68.66 -1.87 -3.97
N ASN B 488 -67.65 -1.17 -3.45
CA ASN B 488 -66.77 -0.34 -4.25
C ASN B 488 -65.84 -1.21 -5.10
N GLY B 489 -65.86 -0.96 -6.41
CA GLY B 489 -65.08 -1.72 -7.40
C GLY B 489 -63.60 -1.82 -7.12
N LEU B 490 -63.05 -0.79 -6.46
CA LEU B 490 -61.65 -0.73 -6.13
C LEU B 490 -61.27 -1.52 -4.92
N ALA B 491 -62.24 -1.91 -4.09
CA ALA B 491 -61.93 -2.55 -2.81
C ALA B 491 -62.27 -4.03 -2.73
N THR B 492 -62.61 -4.63 -3.87
CA THR B 492 -62.99 -6.05 -3.94
C THR B 492 -62.03 -6.90 -3.13
N THR B 493 -60.76 -6.62 -3.31
CA THR B 493 -59.72 -7.41 -2.70
C THR B 493 -59.78 -7.51 -1.15
N GLN B 494 -60.44 -6.56 -0.49
CA GLN B 494 -60.55 -6.56 0.97
C GLN B 494 -61.86 -7.14 1.38
N ILE B 495 -62.87 -6.99 0.53
CA ILE B 495 -64.16 -7.60 0.76
C ILE B 495 -64.06 -9.12 0.65
N ASN B 496 -63.38 -9.60 -0.38
CA ASN B 496 -63.20 -11.02 -0.62
C ASN B 496 -62.08 -11.27 -1.63
N ASN B 497 -60.90 -11.58 -1.11
CA ASN B 497 -59.74 -11.85 -1.94
C ASN B 497 -59.87 -12.94 -2.99
N LYS B 498 -60.64 -13.99 -2.71
CA LYS B 498 -60.77 -15.09 -3.66
C LYS B 498 -61.52 -14.65 -4.89
N ALA B 499 -62.52 -13.79 -4.69
CA ALA B 499 -63.34 -13.28 -5.78
C ALA B 499 -62.52 -12.33 -6.62
N ALA B 500 -61.64 -11.55 -5.99
CA ALA B 500 -60.79 -10.60 -6.70
C ALA B 500 -59.87 -11.30 -7.68
N THR B 501 -59.43 -12.50 -7.37
CA THR B 501 -58.51 -13.19 -8.25
C THR B 501 -59.18 -14.01 -9.34
N GLY B 502 -60.47 -14.27 -9.21
CA GLY B 502 -61.19 -15.03 -10.20
C GLY B 502 -61.53 -16.41 -9.68
N GLU B 503 -60.92 -16.77 -8.56
CA GLU B 503 -61.16 -18.06 -7.92
C GLU B 503 -62.59 -18.27 -7.40
N GLU B 504 -63.30 -17.20 -7.05
CA GLU B 504 -64.73 -17.26 -6.70
C GLU B 504 -65.52 -16.25 -7.49
N VAL B 505 -66.81 -16.48 -7.61
CA VAL B 505 -67.68 -15.48 -8.18
C VAL B 505 -68.04 -14.60 -7.00
N PRO B 506 -68.02 -13.28 -7.17
CA PRO B 506 -68.35 -12.33 -6.10
C PRO B 506 -69.78 -12.48 -5.62
N ARG B 507 -70.00 -12.25 -4.34
CA ARG B 507 -71.33 -12.45 -3.73
C ARG B 507 -72.05 -11.15 -3.39
N THR B 508 -71.46 -10.03 -3.83
CA THR B 508 -72.04 -8.72 -3.61
C THR B 508 -72.27 -7.99 -4.91
N ILE B 509 -72.78 -6.77 -4.82
CA ILE B 509 -73.02 -5.99 -6.00
C ILE B 509 -71.89 -5.00 -6.13
N ILE B 510 -71.29 -4.90 -7.32
CA ILE B 510 -70.08 -4.13 -7.47
C ILE B 510 -70.26 -2.95 -8.40
N VAL B 511 -69.95 -1.76 -7.89
CA VAL B 511 -70.06 -0.51 -8.66
C VAL B 511 -68.73 -0.11 -9.28
N THR B 512 -68.75 0.19 -10.56
CA THR B 512 -67.55 0.51 -11.30
C THR B 512 -67.78 1.83 -12.03
N THR B 513 -66.96 2.85 -11.74
CA THR B 513 -67.13 4.16 -12.40
C THR B 513 -65.89 4.68 -13.12
N ARG B 514 -66.07 5.67 -13.98
CA ARG B 514 -64.95 6.32 -14.66
C ARG B 514 -64.14 7.21 -13.72
N SER B 515 -64.87 7.92 -12.86
CA SER B 515 -64.24 8.75 -11.86
C SER B 515 -63.27 8.00 -10.94
N GLN B 516 -63.51 6.70 -10.73
CA GLN B 516 -62.57 5.87 -9.98
C GLN B 516 -61.18 5.84 -10.61
N TYR B 517 -61.10 5.93 -11.94
CA TYR B 517 -59.81 5.79 -12.59
C TYR B 517 -59.37 7.11 -13.18
N GLY B 518 -60.11 8.16 -12.88
CA GLY B 518 -59.77 9.51 -13.31
C GLY B 518 -59.99 9.65 -14.81
N LEU B 519 -61.00 8.97 -15.31
CA LEU B 519 -61.39 9.08 -16.70
C LEU B 519 -62.48 10.14 -16.88
N PRO B 520 -62.37 10.98 -17.93
CA PRO B 520 -63.39 11.98 -18.28
C PRO B 520 -64.75 11.37 -18.45
N GLU B 521 -65.74 11.99 -17.82
CA GLU B 521 -67.12 11.51 -17.85
C GLU B 521 -67.82 11.62 -19.22
N ASP B 522 -67.28 12.46 -20.10
CA ASP B 522 -67.96 12.88 -21.35
C ASP B 522 -67.07 12.74 -22.61
N ALA B 523 -66.28 11.68 -22.65
CA ALA B 523 -65.28 11.53 -23.69
C ALA B 523 -65.38 10.13 -24.30
N ILE B 524 -64.79 9.96 -25.46
CA ILE B 524 -64.58 8.64 -26.01
C ILE B 524 -63.32 8.05 -25.38
N VAL B 525 -63.40 6.80 -24.92
CA VAL B 525 -62.25 6.18 -24.29
C VAL B 525 -61.73 5.00 -25.08
N TYR B 526 -60.53 5.13 -25.61
CA TYR B 526 -59.87 4.01 -26.23
C TYR B 526 -58.93 3.37 -25.22
N CYS B 527 -58.86 2.05 -25.20
CA CYS B 527 -58.03 1.41 -24.20
C CYS B 527 -57.15 0.40 -24.85
N ASN B 528 -56.07 0.08 -24.15
CA ASN B 528 -55.36 -1.12 -24.41
C ASN B 528 -54.75 -1.58 -23.10
N PHE B 529 -55.06 -2.81 -22.72
CA PHE B 529 -54.65 -3.31 -21.43
C PHE B 529 -53.50 -4.30 -21.45
N ASN B 530 -52.78 -4.35 -22.56
CA ASN B 530 -51.64 -5.25 -22.64
C ASN B 530 -50.38 -4.69 -21.96
N GLN B 531 -49.41 -5.57 -21.72
CA GLN B 531 -48.10 -5.12 -21.28
C GLN B 531 -47.54 -4.19 -22.36
N LEU B 532 -46.79 -3.18 -21.95
CA LEU B 532 -46.34 -2.13 -22.87
C LEU B 532 -45.35 -2.60 -23.92
N TYR B 533 -44.64 -3.68 -23.64
CA TYR B 533 -43.69 -4.23 -24.62
C TYR B 533 -44.33 -4.50 -25.97
N LYS B 534 -45.64 -4.65 -26.03
CA LYS B 534 -46.32 -4.94 -27.28
C LYS B 534 -46.54 -3.69 -28.17
N ILE B 535 -46.24 -2.52 -27.62
CA ILE B 535 -46.32 -1.31 -28.41
C ILE B 535 -44.99 -0.96 -29.08
N ASP B 536 -45.07 -0.50 -30.32
CA ASP B 536 -43.91 0.05 -30.99
C ASP B 536 -44.24 1.40 -31.62
N PRO B 537 -43.24 2.08 -32.20
CA PRO B 537 -43.49 3.47 -32.56
C PRO B 537 -44.58 3.65 -33.60
N SER B 538 -44.73 2.70 -34.50
CA SER B 538 -45.80 2.77 -35.50
C SER B 538 -47.15 2.66 -34.81
N THR B 539 -47.31 1.62 -33.98
CA THR B 539 -48.55 1.43 -33.25
C THR B 539 -48.92 2.72 -32.52
N LEU B 540 -47.93 3.38 -31.93
CA LEU B 540 -48.23 4.58 -31.18
C LEU B 540 -48.60 5.72 -32.11
N GLN B 541 -47.83 5.90 -33.17
CA GLN B 541 -48.14 6.88 -34.20
C GLN B 541 -49.59 6.75 -34.63
N MET B 542 -49.95 5.53 -35.03
CA MET B 542 -51.28 5.16 -35.43
C MET B 542 -52.31 5.67 -34.46
N TRP B 543 -52.05 5.48 -33.16
CA TRP B 543 -53.01 5.87 -32.12
C TRP B 543 -53.08 7.37 -31.99
N ALA B 544 -51.92 8.02 -32.06
CA ALA B 544 -51.84 9.47 -32.06
C ALA B 544 -52.76 10.02 -33.14
N ASN B 545 -52.63 9.48 -34.34
CA ASN B 545 -53.49 9.86 -35.46
C ASN B 545 -54.96 9.80 -35.10
N ILE B 546 -55.37 8.65 -34.59
CA ILE B 546 -56.76 8.43 -34.19
C ILE B 546 -57.19 9.47 -33.16
N LEU B 547 -56.37 9.68 -32.15
CA LEU B 547 -56.72 10.62 -31.10
C LEU B 547 -56.91 12.04 -31.63
N LYS B 548 -56.06 12.45 -32.56
CA LYS B 548 -56.18 13.76 -33.15
C LYS B 548 -57.49 13.89 -33.91
N ARG B 549 -57.82 12.88 -34.70
CA ARG B 549 -59.03 12.93 -35.48
C ARG B 549 -60.31 12.84 -34.64
N VAL B 550 -60.25 12.22 -33.46
CA VAL B 550 -61.45 12.16 -32.62
C VAL B 550 -61.27 13.13 -31.46
N PRO B 551 -61.73 14.36 -31.68
CA PRO B 551 -61.38 15.55 -30.89
C PRO B 551 -61.42 15.30 -29.38
N ASN B 552 -62.55 14.84 -28.88
CA ASN B 552 -62.65 14.89 -27.46
C ASN B 552 -62.46 13.53 -26.78
N SER B 553 -61.25 12.98 -26.92
CA SER B 553 -61.08 11.57 -26.62
C SER B 553 -59.84 11.34 -25.82
N VAL B 554 -59.72 10.19 -25.14
CA VAL B 554 -58.49 9.78 -24.46
C VAL B 554 -58.09 8.35 -24.76
N LEU B 555 -56.84 8.03 -24.47
CA LEU B 555 -56.33 6.69 -24.57
C LEU B 555 -56.03 6.19 -23.17
N TRP B 556 -56.46 4.97 -22.87
CA TRP B 556 -56.31 4.41 -21.53
C TRP B 556 -55.32 3.26 -21.52
N LEU B 557 -54.21 3.44 -20.80
CA LEU B 557 -53.17 2.43 -20.75
C LEU B 557 -52.80 2.01 -19.33
N LEU B 558 -52.03 0.93 -19.22
CA LEU B 558 -51.61 0.46 -17.90
C LEU B 558 -50.13 0.66 -17.59
N ARG B 559 -49.82 0.98 -16.33
CA ARG B 559 -48.42 1.01 -15.87
C ARG B 559 -47.84 -0.41 -15.82
N PHE B 560 -47.45 -0.93 -16.98
CA PHE B 560 -47.19 -2.35 -17.13
C PHE B 560 -45.92 -2.56 -17.95
N PRO B 561 -44.75 -2.24 -17.37
CA PRO B 561 -44.45 -1.75 -16.04
C PRO B 561 -44.46 -0.23 -15.97
N ALA B 562 -44.45 0.31 -14.75
CA ALA B 562 -44.67 1.75 -14.53
C ALA B 562 -43.62 2.65 -15.16
N VAL B 563 -42.41 2.13 -15.27
CA VAL B 563 -41.27 2.92 -15.72
C VAL B 563 -41.42 3.20 -17.22
N GLY B 564 -42.29 2.43 -17.87
CA GLY B 564 -42.58 2.65 -19.27
C GLY B 564 -43.42 3.88 -19.50
N GLU B 565 -44.17 4.29 -18.49
CA GLU B 565 -45.06 5.43 -18.64
C GLU B 565 -44.36 6.73 -19.06
N PRO B 566 -43.39 7.24 -18.24
CA PRO B 566 -42.67 8.46 -18.63
C PRO B 566 -42.18 8.43 -20.09
N ASN B 567 -41.66 7.30 -20.52
CA ASN B 567 -41.19 7.11 -21.88
C ASN B 567 -42.24 7.30 -22.95
N ILE B 568 -43.42 6.77 -22.73
CA ILE B 568 -44.47 6.86 -23.71
C ILE B 568 -44.98 8.28 -23.72
N GLN B 569 -45.20 8.83 -22.53
CA GLN B 569 -45.56 10.24 -22.40
C GLN B 569 -44.69 11.09 -23.31
N GLN B 570 -43.36 10.90 -23.22
CA GLN B 570 -42.41 11.58 -24.10
C GLN B 570 -42.78 11.45 -25.57
N TYR B 571 -42.72 10.23 -26.11
CA TYR B 571 -42.96 9.98 -27.52
C TYR B 571 -44.32 10.50 -27.99
N ALA B 572 -45.24 10.66 -27.06
CA ALA B 572 -46.54 11.23 -27.36
C ALA B 572 -46.48 12.77 -27.50
N GLN B 573 -45.80 13.45 -26.56
CA GLN B 573 -45.54 14.89 -26.69
C GLN B 573 -44.90 15.20 -28.04
N ASN B 574 -43.89 14.43 -28.42
CA ASN B 574 -43.24 14.56 -29.72
C ASN B 574 -44.20 14.41 -30.89
N MET B 575 -45.30 13.72 -30.68
CA MET B 575 -46.30 13.53 -31.74
C MET B 575 -47.42 14.53 -31.54
N GLY B 576 -47.19 15.51 -30.68
CA GLY B 576 -48.14 16.60 -30.43
C GLY B 576 -49.38 16.23 -29.63
N LEU B 577 -49.20 15.51 -28.52
CA LEU B 577 -50.31 15.16 -27.65
C LEU B 577 -50.02 15.63 -26.22
N PRO B 578 -50.88 16.52 -25.69
CA PRO B 578 -50.80 16.91 -24.28
C PRO B 578 -50.85 15.69 -23.36
N GLN B 579 -50.35 15.81 -22.14
CA GLN B 579 -50.42 14.72 -21.17
C GLN B 579 -51.83 14.25 -20.98
N ASN B 580 -52.72 15.22 -20.79
CA ASN B 580 -54.16 15.00 -20.70
C ASN B 580 -54.73 13.85 -21.48
N ARG B 581 -54.22 13.63 -22.68
CA ARG B 581 -54.87 12.74 -23.63
C ARG B 581 -54.61 11.24 -23.42
N ILE B 582 -53.56 10.89 -22.69
CA ILE B 582 -53.30 9.49 -22.37
C ILE B 582 -53.39 9.27 -20.88
N ILE B 583 -54.18 8.28 -20.48
CA ILE B 583 -54.33 8.04 -19.07
C ILE B 583 -53.87 6.68 -18.63
N PHE B 584 -53.07 6.66 -17.57
CA PHE B 584 -52.51 5.42 -17.08
C PHE B 584 -53.13 4.99 -15.79
N SER B 585 -53.61 3.74 -15.77
CA SER B 585 -54.02 3.19 -14.49
C SER B 585 -53.03 2.12 -14.06
N PRO B 586 -52.99 1.85 -12.75
CA PRO B 586 -52.18 0.77 -12.22
C PRO B 586 -52.74 -0.58 -12.64
N VAL B 587 -51.96 -1.63 -12.47
CA VAL B 587 -52.42 -2.97 -12.81
C VAL B 587 -53.36 -3.44 -11.73
N ALA B 588 -54.39 -4.20 -12.11
CA ALA B 588 -55.41 -4.62 -11.15
C ALA B 588 -55.57 -6.14 -11.10
N PRO B 589 -56.17 -6.67 -10.01
CA PRO B 589 -56.51 -8.09 -9.83
C PRO B 589 -57.43 -8.59 -10.94
N LYS B 590 -57.31 -9.84 -11.37
CA LYS B 590 -58.05 -10.29 -12.57
C LYS B 590 -59.44 -9.73 -12.70
N GLU B 591 -60.25 -9.95 -11.67
CA GLU B 591 -61.67 -9.66 -11.76
C GLU B 591 -61.90 -8.18 -11.94
N GLU B 592 -61.21 -7.33 -11.19
CA GLU B 592 -61.32 -5.87 -11.43
C GLU B 592 -60.84 -5.50 -12.84
N HIS B 593 -59.70 -6.06 -13.25
CA HIS B 593 -59.21 -5.87 -14.60
C HIS B 593 -60.27 -6.19 -15.63
N VAL B 594 -60.88 -7.36 -15.59
CA VAL B 594 -61.89 -7.67 -16.58
C VAL B 594 -63.07 -6.70 -16.53
N ARG B 595 -63.53 -6.46 -15.31
CA ARG B 595 -64.72 -5.69 -15.08
C ARG B 595 -64.55 -4.26 -15.52
N ARG B 596 -63.38 -3.69 -15.33
CA ARG B 596 -63.24 -2.27 -15.64
C ARG B 596 -63.19 -1.96 -17.14
N GLY B 597 -63.03 -2.97 -17.97
CA GLY B 597 -63.14 -2.81 -19.42
C GLY B 597 -64.52 -2.32 -19.83
N GLN B 598 -65.51 -2.56 -18.99
CA GLN B 598 -66.85 -2.11 -19.27
C GLN B 598 -66.90 -0.60 -19.40
N LEU B 599 -65.96 0.10 -18.78
CA LEU B 599 -65.91 1.56 -18.81
C LEU B 599 -65.40 2.16 -20.12
N ALA B 600 -64.65 1.39 -20.91
CA ALA B 600 -64.13 1.92 -22.19
C ALA B 600 -65.20 1.98 -23.26
N ASP B 601 -64.89 2.69 -24.34
CA ASP B 601 -65.74 2.70 -25.53
C ASP B 601 -65.23 1.75 -26.60
N VAL B 602 -63.95 1.86 -26.94
CA VAL B 602 -63.35 0.93 -27.89
C VAL B 602 -61.98 0.48 -27.42
N CYS B 603 -61.57 -0.70 -27.85
CA CYS B 603 -60.24 -1.15 -27.52
C CYS B 603 -59.37 -1.24 -28.77
N LEU B 604 -58.26 -0.52 -28.75
CA LEU B 604 -57.32 -0.56 -29.85
C LEU B 604 -56.29 -1.62 -29.62
N ASP B 605 -56.24 -2.59 -30.50
CA ASP B 605 -55.30 -3.68 -30.31
C ASP B 605 -53.94 -3.41 -30.95
N THR B 606 -52.88 -3.70 -30.20
CA THR B 606 -51.49 -3.69 -30.65
C THR B 606 -51.25 -4.67 -31.79
N PRO B 607 -50.93 -4.15 -32.98
CA PRO B 607 -50.79 -4.98 -34.16
C PRO B 607 -49.47 -5.73 -34.23
N LEU B 608 -48.48 -5.32 -33.43
CA LEU B 608 -47.18 -6.00 -33.42
C LEU B 608 -47.31 -7.43 -32.88
N CYS B 609 -48.08 -7.54 -31.80
CA CYS B 609 -48.35 -8.76 -31.12
C CYS B 609 -49.68 -8.51 -30.41
N ASN B 610 -50.70 -9.26 -30.75
CA ASN B 610 -52.05 -8.94 -30.30
C ASN B 610 -52.26 -9.21 -28.81
N GLY B 611 -53.30 -8.63 -28.23
CA GLY B 611 -53.81 -9.12 -26.94
C GLY B 611 -54.38 -10.53 -27.11
N HIS B 612 -53.99 -11.47 -26.26
CA HIS B 612 -54.53 -12.80 -26.39
C HIS B 612 -55.55 -13.06 -25.34
N THR B 613 -55.08 -13.29 -24.12
CA THR B 613 -55.97 -13.35 -23.00
C THR B 613 -56.62 -12.00 -22.86
N THR B 614 -55.83 -10.96 -22.98
CA THR B 614 -56.36 -9.63 -22.96
C THR B 614 -57.49 -9.40 -23.98
N GLY B 615 -57.36 -10.04 -25.14
CA GLY B 615 -58.40 -10.03 -26.15
C GLY B 615 -59.71 -10.52 -25.60
N MET B 616 -59.69 -11.71 -25.02
CA MET B 616 -60.92 -12.29 -24.48
C MET B 616 -61.48 -11.42 -23.37
N ASP B 617 -60.59 -10.79 -22.61
CA ASP B 617 -61.00 -10.03 -21.45
C ASP B 617 -61.83 -8.82 -21.81
N VAL B 618 -61.44 -8.11 -22.88
CA VAL B 618 -62.19 -6.92 -23.27
C VAL B 618 -63.47 -7.36 -23.91
N LEU B 619 -63.38 -8.43 -24.69
CA LEU B 619 -64.53 -8.87 -25.42
C LEU B 619 -65.59 -9.34 -24.45
N TRP B 620 -65.16 -9.96 -23.37
CA TRP B 620 -66.14 -10.42 -22.39
C TRP B 620 -66.85 -9.25 -21.74
N ALA B 621 -66.14 -8.12 -21.60
CA ALA B 621 -66.73 -6.92 -21.05
C ALA B 621 -67.76 -6.29 -22.00
N GLY B 622 -67.76 -6.73 -23.25
CA GLY B 622 -68.65 -6.20 -24.25
C GLY B 622 -68.13 -4.96 -24.95
N THR B 623 -66.81 -4.87 -25.00
CA THR B 623 -66.08 -3.71 -25.52
C THR B 623 -65.42 -4.09 -26.83
N PRO B 624 -65.86 -3.47 -27.94
CA PRO B 624 -65.38 -3.79 -29.29
C PRO B 624 -63.92 -3.45 -29.40
N MET B 625 -63.24 -4.22 -30.23
CA MET B 625 -61.82 -4.15 -30.29
C MET B 625 -61.38 -4.14 -31.74
N VAL B 626 -60.58 -3.16 -32.12
CA VAL B 626 -60.11 -3.01 -33.48
C VAL B 626 -58.74 -3.64 -33.65
N THR B 627 -58.54 -4.39 -34.73
CA THR B 627 -57.27 -5.07 -34.91
C THR B 627 -56.81 -5.00 -36.34
N MET B 628 -55.51 -5.16 -36.54
CA MET B 628 -54.94 -5.30 -37.86
C MET B 628 -54.00 -6.51 -37.90
N PRO B 629 -54.49 -7.62 -38.49
CA PRO B 629 -53.79 -8.91 -38.46
C PRO B 629 -52.50 -8.83 -39.23
N GLY B 630 -51.41 -9.21 -38.59
CA GLY B 630 -50.13 -9.25 -39.26
C GLY B 630 -49.87 -10.58 -39.91
N GLU B 631 -48.62 -11.04 -39.85
CA GLU B 631 -48.24 -12.25 -40.53
C GLU B 631 -47.86 -13.40 -39.61
N THR B 632 -47.30 -13.05 -38.45
CA THR B 632 -47.00 -14.01 -37.38
C THR B 632 -48.28 -14.49 -36.72
N LEU B 633 -48.28 -15.72 -36.24
CA LEU B 633 -49.41 -16.20 -35.41
C LEU B 633 -49.81 -15.20 -34.32
N ALA B 634 -48.82 -14.72 -33.55
CA ALA B 634 -49.08 -13.83 -32.45
C ALA B 634 -49.76 -12.53 -32.83
N SER B 635 -49.68 -12.12 -34.09
CA SER B 635 -50.33 -10.87 -34.52
C SER B 635 -51.65 -11.15 -35.18
N ARG B 636 -52.02 -12.41 -35.29
CA ARG B 636 -53.21 -12.74 -36.04
C ARG B 636 -54.39 -13.16 -35.18
N VAL B 637 -54.15 -13.24 -33.87
CA VAL B 637 -55.10 -13.85 -32.93
C VAL B 637 -56.36 -13.03 -32.70
N ALA B 638 -56.21 -11.76 -32.38
CA ALA B 638 -57.36 -10.92 -32.17
C ALA B 638 -58.30 -10.96 -33.38
N ALA B 639 -57.75 -10.89 -34.59
CA ALA B 639 -58.55 -11.13 -35.78
C ALA B 639 -59.39 -12.40 -35.65
N SER B 640 -58.71 -13.50 -35.36
CA SER B 640 -59.31 -14.80 -35.29
C SER B 640 -60.40 -14.81 -34.26
N GLN B 641 -60.19 -14.13 -33.14
CA GLN B 641 -61.22 -14.03 -32.11
C GLN B 641 -62.43 -13.28 -32.64
N LEU B 642 -62.18 -12.21 -33.36
CA LEU B 642 -63.23 -11.36 -33.83
C LEU B 642 -64.05 -11.98 -34.94
N THR B 643 -63.41 -12.75 -35.82
CA THR B 643 -64.18 -13.35 -36.89
C THR B 643 -65.06 -14.44 -36.32
N CYS B 644 -64.60 -15.10 -35.25
CA CYS B 644 -65.39 -16.12 -34.56
C CYS B 644 -66.60 -15.51 -33.86
N LEU B 645 -66.39 -14.34 -33.28
CA LEU B 645 -67.47 -13.60 -32.67
C LEU B 645 -68.45 -13.12 -33.73
N GLY B 646 -67.90 -12.83 -34.91
CA GLY B 646 -68.69 -12.40 -36.06
C GLY B 646 -68.67 -10.90 -36.24
N CYS B 647 -67.50 -10.28 -36.15
CA CYS B 647 -67.37 -8.83 -36.29
C CYS B 647 -66.32 -8.40 -37.30
N LEU B 648 -66.51 -8.83 -38.54
CA LEU B 648 -65.51 -8.66 -39.55
C LEU B 648 -65.22 -7.18 -39.84
N GLU B 649 -66.12 -6.29 -39.44
CA GLU B 649 -65.94 -4.85 -39.67
C GLU B 649 -65.01 -4.18 -38.66
N LEU B 650 -64.44 -4.97 -37.77
CA LEU B 650 -63.44 -4.46 -36.84
C LEU B 650 -62.03 -4.92 -37.20
N ILE B 651 -61.93 -5.57 -38.36
CA ILE B 651 -60.66 -6.10 -38.84
C ILE B 651 -60.06 -5.29 -40.00
N ALA B 652 -58.96 -4.60 -39.75
CA ALA B 652 -58.37 -3.73 -40.75
C ALA B 652 -57.33 -4.43 -41.62
N LYS B 653 -57.32 -4.11 -42.92
CA LYS B 653 -56.35 -4.66 -43.86
C LYS B 653 -55.01 -3.92 -43.81
N ASN B 654 -55.01 -2.66 -43.35
CA ASN B 654 -53.79 -1.85 -43.28
C ASN B 654 -53.93 -0.73 -42.27
N ARG B 655 -52.83 -0.01 -42.03
CA ARG B 655 -52.80 1.03 -41.01
C ARG B 655 -53.87 2.08 -41.26
N GLN B 656 -53.98 2.51 -42.50
CA GLN B 656 -54.92 3.55 -42.84
C GLN B 656 -56.30 3.07 -42.43
N GLU B 657 -56.69 1.89 -42.88
CA GLU B 657 -58.03 1.37 -42.63
C GLU B 657 -58.38 1.28 -41.13
N TYR B 658 -57.41 0.84 -40.33
CA TYR B 658 -57.51 0.71 -38.87
C TYR B 658 -57.89 2.04 -38.27
N GLU B 659 -57.19 3.10 -38.65
CA GLU B 659 -57.44 4.42 -38.13
C GLU B 659 -58.84 4.89 -38.46
N ASP B 660 -59.30 4.51 -39.65
CA ASP B 660 -60.63 4.90 -40.09
C ASP B 660 -61.75 4.26 -39.28
N ILE B 661 -61.62 2.96 -39.04
CA ILE B 661 -62.55 2.20 -38.21
C ILE B 661 -62.62 2.79 -36.81
N ALA B 662 -61.45 3.02 -36.20
CA ALA B 662 -61.39 3.63 -34.88
C ALA B 662 -62.07 4.97 -34.86
N VAL B 663 -61.76 5.79 -35.85
CA VAL B 663 -62.27 7.15 -35.88
C VAL B 663 -63.79 7.16 -36.07
N LYS B 664 -64.25 6.35 -37.02
CA LYS B 664 -65.68 6.23 -37.26
C LYS B 664 -66.42 5.90 -35.98
N LEU B 665 -65.91 4.91 -35.24
CA LEU B 665 -66.48 4.48 -33.96
C LEU B 665 -66.52 5.59 -32.91
N GLY B 666 -65.54 6.47 -32.90
CA GLY B 666 -65.50 7.55 -31.92
C GLY B 666 -66.33 8.77 -32.30
N THR B 667 -66.45 9.00 -33.61
CA THR B 667 -67.19 10.18 -34.06
C THR B 667 -68.67 9.86 -34.28
N ASP B 668 -69.00 8.64 -34.71
CA ASP B 668 -70.41 8.31 -34.98
C ASP B 668 -71.07 7.56 -33.85
N LEU B 669 -71.65 8.29 -32.91
CA LEU B 669 -72.21 7.69 -31.69
C LEU B 669 -73.33 6.65 -31.92
N GLU B 670 -74.01 6.78 -33.06
CA GLU B 670 -75.01 5.80 -33.47
C GLU B 670 -74.37 4.49 -33.84
N TYR B 671 -73.35 4.56 -34.68
CA TYR B 671 -72.63 3.40 -35.14
C TYR B 671 -71.97 2.68 -33.97
N LEU B 672 -71.39 3.44 -33.06
CA LEU B 672 -70.76 2.85 -31.90
C LEU B 672 -71.76 2.01 -31.15
N LYS B 673 -72.82 2.65 -30.67
CA LYS B 673 -73.89 2.00 -29.96
C LYS B 673 -74.37 0.70 -30.61
N LYS B 674 -74.45 0.70 -31.94
CA LYS B 674 -74.84 -0.50 -32.66
C LYS B 674 -73.82 -1.61 -32.50
N VAL B 675 -72.55 -1.28 -32.70
CA VAL B 675 -71.44 -2.26 -32.63
C VAL B 675 -71.19 -2.75 -31.19
N ARG B 676 -71.16 -1.82 -30.25
CA ARG B 676 -71.12 -2.19 -28.84
C ARG B 676 -72.23 -3.20 -28.52
N GLY B 677 -73.47 -2.86 -28.88
CA GLY B 677 -74.61 -3.76 -28.65
C GLY B 677 -74.44 -5.12 -29.29
N LYS B 678 -73.88 -5.14 -30.49
CA LYS B 678 -73.66 -6.36 -31.24
C LYS B 678 -72.62 -7.28 -30.58
N VAL B 679 -71.61 -6.69 -29.94
CA VAL B 679 -70.62 -7.47 -29.20
C VAL B 679 -71.28 -8.03 -27.98
N TRP B 680 -71.96 -7.17 -27.23
CA TRP B 680 -72.61 -7.56 -26.01
C TRP B 680 -73.48 -8.77 -26.20
N LYS B 681 -74.05 -8.94 -27.39
CA LYS B 681 -74.94 -10.06 -27.63
C LYS B 681 -74.16 -11.28 -28.04
N GLN B 682 -73.20 -11.08 -28.94
CA GLN B 682 -72.54 -12.20 -29.54
C GLN B 682 -71.54 -12.94 -28.65
N ARG B 683 -71.06 -12.29 -27.59
CA ARG B 683 -70.21 -12.98 -26.63
C ARG B 683 -70.93 -14.15 -26.03
N ILE B 684 -72.25 -14.09 -25.92
CA ILE B 684 -73.02 -15.23 -25.48
C ILE B 684 -73.39 -16.16 -26.60
N SER B 685 -73.77 -15.62 -27.76
CA SER B 685 -74.39 -16.44 -28.79
C SER B 685 -73.39 -17.07 -29.75
N SER B 686 -72.23 -16.47 -29.89
CA SER B 686 -71.23 -17.03 -30.78
C SER B 686 -70.56 -18.22 -30.10
N PRO B 687 -69.71 -18.94 -30.83
CA PRO B 687 -69.00 -20.05 -30.19
C PRO B 687 -67.84 -19.63 -29.28
N LEU B 688 -67.47 -18.35 -29.26
CA LEU B 688 -66.17 -17.91 -28.71
C LEU B 688 -65.91 -18.27 -27.28
N PHE B 689 -66.88 -18.03 -26.42
CA PHE B 689 -66.73 -18.24 -24.98
C PHE B 689 -67.36 -19.53 -24.48
N ASN B 690 -67.81 -20.34 -25.43
CA ASN B 690 -68.57 -21.55 -25.18
C ASN B 690 -67.66 -22.73 -25.06
N THR B 691 -67.25 -23.02 -23.84
CA THR B 691 -66.22 -24.02 -23.63
C THR B 691 -66.69 -25.43 -23.95
N LYS B 692 -67.97 -25.70 -23.75
CA LYS B 692 -68.46 -27.03 -24.03
C LYS B 692 -68.31 -27.37 -25.50
N GLN B 693 -68.81 -26.50 -26.34
CA GLN B 693 -68.70 -26.67 -27.77
C GLN B 693 -67.27 -26.73 -28.17
N TYR B 694 -66.45 -25.82 -27.65
CA TYR B 694 -65.01 -25.87 -27.90
C TYR B 694 -64.43 -27.25 -27.62
N THR B 695 -64.65 -27.79 -26.43
CA THR B 695 -64.13 -29.09 -26.06
C THR B 695 -64.54 -30.13 -27.08
N MET B 696 -65.79 -30.08 -27.50
CA MET B 696 -66.26 -31.05 -28.47
C MET B 696 -65.55 -30.99 -29.79
N GLU B 697 -65.23 -29.78 -30.27
CA GLU B 697 -64.51 -29.62 -31.53
C GLU B 697 -63.11 -30.12 -31.37
N LEU B 698 -62.55 -29.87 -30.19
CA LEU B 698 -61.25 -30.36 -29.86
C LEU B 698 -61.20 -31.87 -29.91
N GLU B 699 -62.26 -32.49 -29.44
CA GLU B 699 -62.37 -33.94 -29.44
C GLU B 699 -62.45 -34.49 -30.85
N ARG B 700 -63.34 -33.93 -31.67
CA ARG B 700 -63.44 -34.32 -33.08
C ARG B 700 -62.06 -34.31 -33.69
N LEU B 701 -61.35 -33.23 -33.42
CA LEU B 701 -60.02 -33.05 -33.93
C LEU B 701 -59.08 -34.14 -33.46
N TYR B 702 -59.06 -34.42 -32.18
CA TYR B 702 -58.20 -35.47 -31.67
C TYR B 702 -58.43 -36.77 -32.40
N LEU B 703 -59.71 -37.11 -32.63
CA LEU B 703 -60.04 -38.37 -33.27
C LEU B 703 -59.53 -38.48 -34.68
N GLN B 704 -59.71 -37.42 -35.46
CA GLN B 704 -59.06 -37.31 -36.77
C GLN B 704 -57.57 -37.63 -36.71
N MET B 705 -56.86 -37.05 -35.74
CA MET B 705 -55.41 -37.21 -35.59
C MET B 705 -55.04 -38.66 -35.33
N TRP B 706 -55.91 -39.33 -34.59
CA TRP B 706 -55.67 -40.67 -34.21
C TRP B 706 -56.04 -41.61 -35.34
N GLU B 707 -57.25 -41.45 -35.90
CA GLU B 707 -57.66 -42.30 -37.02
C GLU B 707 -56.56 -42.38 -38.03
N HIS B 708 -55.97 -41.21 -38.31
CA HIS B 708 -54.88 -41.06 -39.25
C HIS B 708 -53.65 -41.86 -38.86
N TYR B 709 -53.24 -41.77 -37.60
CA TYR B 709 -52.08 -42.52 -37.12
C TYR B 709 -52.36 -44.02 -37.05
N ALA B 710 -53.58 -44.36 -36.66
CA ALA B 710 -54.00 -45.74 -36.55
C ALA B 710 -53.99 -46.46 -37.89
N ALA B 711 -54.35 -45.74 -38.94
CA ALA B 711 -54.27 -46.28 -40.30
C ALA B 711 -52.83 -46.34 -40.80
N GLY B 712 -51.85 -46.12 -39.94
CA GLY B 712 -50.44 -46.30 -40.28
C GLY B 712 -49.70 -45.14 -40.90
N ASN B 713 -50.28 -43.94 -40.83
CA ASN B 713 -49.70 -42.77 -41.47
C ASN B 713 -48.86 -41.87 -40.56
N LYS B 714 -47.84 -41.26 -41.13
CA LYS B 714 -47.18 -40.18 -40.46
C LYS B 714 -48.04 -38.91 -40.45
N PRO B 715 -47.79 -38.02 -39.48
CA PRO B 715 -48.49 -36.77 -39.35
C PRO B 715 -48.65 -35.98 -40.66
N ASP B 716 -49.83 -35.41 -40.88
CA ASP B 716 -50.06 -34.51 -42.00
C ASP B 716 -51.18 -33.52 -41.71
N HIS B 717 -51.20 -32.38 -42.38
CA HIS B 717 -52.16 -31.32 -42.12
C HIS B 717 -53.59 -31.81 -42.00
N MET B 718 -54.41 -31.13 -41.17
CA MET B 718 -55.82 -31.47 -40.95
C MET B 718 -56.75 -30.30 -41.16
N ILE B 719 -57.39 -30.20 -42.33
CA ILE B 719 -58.23 -29.03 -42.68
C ILE B 719 -59.73 -29.37 -42.90
N LYS B 720 -60.22 -30.37 -42.18
CA LYS B 720 -61.54 -30.92 -42.38
C LYS B 720 -61.63 -31.64 -43.70
N SER C 4 -52.18 -18.81 1.20
CA SER C 4 -51.28 -18.95 0.01
C SER C 4 -51.34 -17.73 -0.93
N CYS C 5 -52.37 -16.90 -0.77
CA CYS C 5 -52.74 -15.83 -1.74
C CYS C 5 -51.87 -14.53 -1.72
N PRO C 6 -51.10 -14.25 -2.80
CA PRO C 6 -50.30 -13.01 -2.81
C PRO C 6 -51.09 -11.72 -3.09
N THR C 7 -52.26 -11.82 -3.71
CA THR C 7 -53.04 -10.63 -4.07
C THR C 7 -53.69 -10.02 -2.84
N HIS C 8 -54.18 -10.91 -1.96
CA HIS C 8 -54.71 -10.57 -0.63
C HIS C 8 -53.59 -9.92 0.16
N ALA C 9 -52.53 -10.69 0.40
CA ALA C 9 -51.34 -10.21 1.11
C ALA C 9 -50.88 -8.86 0.61
N ASP C 10 -50.91 -8.66 -0.69
CA ASP C 10 -50.49 -7.40 -1.29
C ASP C 10 -51.26 -6.18 -0.80
N SER C 11 -52.59 -6.29 -0.71
CA SER C 11 -53.41 -5.16 -0.29
C SER C 11 -53.29 -4.91 1.22
N LEU C 12 -53.15 -5.99 2.00
CA LEU C 12 -52.80 -5.87 3.42
C LEU C 12 -51.54 -5.03 3.61
N ASN C 13 -50.50 -5.31 2.84
CA ASN C 13 -49.29 -4.48 2.84
C ASN C 13 -49.62 -3.01 2.56
N ASN C 14 -50.46 -2.76 1.57
CA ASN C 14 -50.83 -1.38 1.26
C ASN C 14 -51.54 -0.69 2.39
N LEU C 15 -52.32 -1.45 3.15
CA LEU C 15 -53.11 -0.89 4.24
C LEU C 15 -52.24 -0.58 5.45
N ALA C 16 -51.22 -1.41 5.66
CA ALA C 16 -50.21 -1.17 6.68
C ALA C 16 -49.38 0.07 6.32
N ASN C 17 -48.86 0.12 5.10
CA ASN C 17 -48.19 1.32 4.58
C ASN C 17 -49.01 2.59 4.82
N ILE C 18 -50.32 2.44 4.94
CA ILE C 18 -51.22 3.57 5.25
C ILE C 18 -51.17 3.93 6.74
N LYS C 19 -51.20 2.93 7.62
CA LYS C 19 -51.16 3.17 9.07
C LYS C 19 -49.84 3.80 9.55
N ARG C 20 -48.77 3.52 8.83
CA ARG C 20 -47.47 4.11 9.09
C ARG C 20 -47.47 5.60 8.71
N GLU C 21 -48.20 5.96 7.67
CA GLU C 21 -48.40 7.37 7.27
C GLU C 21 -49.10 8.19 8.35
N GLN C 22 -50.24 7.69 8.82
CA GLN C 22 -50.96 8.26 9.97
C GLN C 22 -50.19 8.07 11.29
N GLY C 23 -48.96 7.55 11.22
CA GLY C 23 -48.13 7.36 12.40
C GLY C 23 -48.52 6.23 13.36
N ASN C 24 -49.74 5.70 13.24
CA ASN C 24 -50.22 4.60 14.11
C ASN C 24 -49.49 3.25 13.89
N ILE C 25 -48.33 3.14 14.51
CA ILE C 25 -47.37 2.06 14.30
C ILE C 25 -47.90 0.67 14.68
N GLU C 26 -48.43 0.52 15.90
CA GLU C 26 -48.82 -0.80 16.43
C GLU C 26 -49.88 -1.52 15.59
N GLU C 27 -50.70 -0.76 14.86
CA GLU C 27 -51.65 -1.39 13.95
C GLU C 27 -50.91 -1.84 12.69
N ALA C 28 -50.11 -0.94 12.11
CA ALA C 28 -49.28 -1.27 10.97
C ALA C 28 -48.63 -2.64 11.16
N VAL C 29 -47.99 -2.86 12.31
CA VAL C 29 -47.36 -4.14 12.63
C VAL C 29 -48.32 -5.32 12.53
N ARG C 30 -49.50 -5.21 13.15
CA ARG C 30 -50.50 -6.29 13.08
C ARG C 30 -50.83 -6.72 11.65
N LEU C 31 -50.94 -5.74 10.76
CA LEU C 31 -51.27 -5.95 9.34
C LEU C 31 -50.16 -6.67 8.60
N TYR C 32 -48.95 -6.12 8.66
CA TYR C 32 -47.77 -6.79 8.11
C TYR C 32 -47.71 -8.26 8.51
N ARG C 33 -47.99 -8.54 9.77
CA ARG C 33 -47.88 -9.89 10.29
C ARG C 33 -48.90 -10.81 9.66
N LYS C 34 -50.09 -10.28 9.43
CA LYS C 34 -51.14 -11.00 8.72
C LYS C 34 -50.75 -11.20 7.28
N ALA C 35 -50.25 -10.14 6.65
CA ALA C 35 -49.84 -10.21 5.27
C ALA C 35 -48.81 -11.29 5.10
N LEU C 36 -47.97 -11.49 6.10
CA LEU C 36 -46.93 -12.51 6.02
C LEU C 36 -47.43 -13.91 6.37
N GLU C 37 -48.61 -13.97 6.95
CA GLU C 37 -49.22 -15.21 7.38
C GLU C 37 -50.08 -15.75 6.25
N VAL C 38 -50.71 -14.82 5.52
CA VAL C 38 -51.36 -15.12 4.27
C VAL C 38 -50.33 -15.60 3.23
N PHE C 39 -49.31 -14.78 2.95
CA PHE C 39 -48.25 -15.13 1.98
C PHE C 39 -46.88 -15.02 2.61
N PRO C 40 -46.34 -16.16 3.07
CA PRO C 40 -45.08 -16.13 3.83
C PRO C 40 -43.83 -15.75 3.01
N GLU C 41 -43.87 -15.98 1.70
CA GLU C 41 -42.73 -15.70 0.81
C GLU C 41 -42.79 -14.31 0.19
N PHE C 42 -43.30 -13.36 0.97
CA PHE C 42 -43.51 -12.01 0.48
C PHE C 42 -42.34 -11.13 0.89
N ALA C 43 -41.47 -10.84 -0.07
CA ALA C 43 -40.26 -10.05 0.16
C ALA C 43 -40.51 -8.66 0.80
N ALA C 44 -41.27 -7.82 0.12
CA ALA C 44 -41.48 -6.45 0.57
C ALA C 44 -42.08 -6.34 1.97
N ALA C 45 -42.88 -7.33 2.37
CA ALA C 45 -43.52 -7.30 3.70
C ALA C 45 -42.50 -7.58 4.78
N HIS C 46 -41.73 -8.65 4.62
CA HIS C 46 -40.65 -8.91 5.54
C HIS C 46 -39.82 -7.66 5.75
N SER C 47 -39.54 -6.95 4.67
CA SER C 47 -38.68 -5.79 4.69
C SER C 47 -39.33 -4.59 5.36
N ASN C 48 -40.63 -4.44 5.21
CA ASN C 48 -41.34 -3.33 5.85
C ASN C 48 -41.53 -3.59 7.33
N LEU C 49 -41.95 -4.80 7.65
CA LEU C 49 -42.08 -5.20 9.02
C LEU C 49 -40.77 -4.98 9.73
N ALA C 50 -39.67 -5.35 9.08
CA ALA C 50 -38.35 -5.21 9.64
C ALA C 50 -38.03 -3.75 9.92
N SER C 51 -38.31 -2.88 8.96
CA SER C 51 -37.92 -1.51 9.14
C SER C 51 -38.71 -0.81 10.26
N VAL C 52 -39.88 -1.34 10.62
CA VAL C 52 -40.59 -0.75 11.77
C VAL C 52 -40.16 -1.34 13.09
N LEU C 53 -39.97 -2.65 13.15
CA LEU C 53 -39.35 -3.24 14.33
C LEU C 53 -38.02 -2.55 14.70
N GLN C 54 -37.25 -2.11 13.70
CA GLN C 54 -36.02 -1.40 13.94
C GLN C 54 -36.34 -0.07 14.59
N GLN C 55 -37.32 0.65 14.05
CA GLN C 55 -37.78 1.88 14.67
C GLN C 55 -38.26 1.67 16.09
N GLN C 56 -38.72 0.45 16.38
CA GLN C 56 -39.24 0.15 17.71
C GLN C 56 -38.10 -0.20 18.65
N GLY C 57 -36.89 -0.29 18.11
CA GLY C 57 -35.72 -0.69 18.89
C GLY C 57 -35.67 -2.18 19.16
N LYS C 58 -36.47 -2.97 18.44
CA LYS C 58 -36.47 -4.44 18.58
C LYS C 58 -35.51 -5.13 17.61
N LEU C 59 -34.30 -4.57 17.51
CA LEU C 59 -33.29 -4.96 16.50
C LEU C 59 -33.09 -6.45 16.40
N GLN C 60 -33.19 -7.12 17.53
CA GLN C 60 -33.13 -8.55 17.61
C GLN C 60 -33.91 -9.25 16.46
N GLU C 61 -35.20 -8.92 16.43
CA GLU C 61 -36.18 -9.58 15.59
C GLU C 61 -36.13 -9.00 14.18
N ALA C 62 -36.07 -7.66 14.12
CA ALA C 62 -35.98 -6.92 12.87
C ALA C 62 -34.94 -7.53 11.92
N LEU C 63 -33.76 -7.85 12.44
CA LEU C 63 -32.71 -8.48 11.66
C LEU C 63 -33.13 -9.81 11.06
N MET C 64 -33.89 -10.59 11.80
CA MET C 64 -34.33 -11.86 11.30
C MET C 64 -35.25 -11.73 10.06
N HIS C 65 -36.06 -10.67 10.04
CA HIS C 65 -36.95 -10.39 8.94
C HIS C 65 -36.23 -9.84 7.72
N TYR C 66 -35.22 -9.01 7.95
CA TYR C 66 -34.37 -8.57 6.85
C TYR C 66 -33.73 -9.77 6.18
N LYS C 67 -33.01 -10.58 6.93
CA LYS C 67 -32.47 -11.82 6.41
C LYS C 67 -33.46 -12.61 5.56
N GLU C 68 -34.72 -12.65 5.98
CA GLU C 68 -35.74 -13.37 5.24
C GLU C 68 -36.03 -12.74 3.88
N ALA C 69 -36.19 -11.42 3.86
CA ALA C 69 -36.38 -10.68 2.62
C ALA C 69 -35.28 -10.99 1.60
N ILE C 70 -34.04 -10.87 2.05
CA ILE C 70 -32.88 -11.20 1.23
C ILE C 70 -32.96 -12.64 0.70
N ARG C 71 -33.35 -13.58 1.55
CA ARG C 71 -33.42 -14.97 1.12
C ARG C 71 -34.42 -15.15 -0.03
N ILE C 72 -35.56 -14.47 0.10
CA ILE C 72 -36.63 -14.56 -0.89
C ILE C 72 -36.19 -13.92 -2.21
N SER C 73 -35.69 -12.70 -2.10
CA SER C 73 -35.49 -11.84 -3.23
C SER C 73 -34.07 -11.25 -3.17
N PRO C 74 -33.08 -12.01 -3.69
CA PRO C 74 -31.68 -11.76 -3.38
C PRO C 74 -31.08 -10.56 -4.11
N THR C 75 -31.80 -9.99 -5.06
CA THR C 75 -31.40 -8.75 -5.74
C THR C 75 -31.94 -7.51 -5.04
N PHE C 76 -32.25 -7.65 -3.75
CA PHE C 76 -32.93 -6.61 -3.00
C PHE C 76 -31.88 -5.73 -2.32
N ALA C 77 -31.15 -4.96 -3.15
CA ALA C 77 -30.13 -4.06 -2.63
C ALA C 77 -30.64 -3.19 -1.46
N ASP C 78 -31.89 -2.76 -1.51
CA ASP C 78 -32.43 -1.89 -0.48
C ASP C 78 -32.48 -2.60 0.89
N ALA C 79 -32.74 -3.90 0.85
CA ALA C 79 -32.82 -4.68 2.08
C ALA C 79 -31.46 -4.89 2.68
N TYR C 80 -30.44 -5.09 1.84
CA TYR C 80 -29.07 -5.23 2.34
C TYR C 80 -28.68 -3.99 3.09
N SER C 81 -28.97 -2.84 2.50
CA SER C 81 -28.56 -1.59 3.08
C SER C 81 -29.22 -1.42 4.45
N ASN C 82 -30.52 -1.71 4.53
CA ASN C 82 -31.20 -1.51 5.79
C ASN C 82 -30.83 -2.52 6.85
N MET C 83 -30.61 -3.76 6.43
CA MET C 83 -30.05 -4.76 7.33
C MET C 83 -28.78 -4.18 7.94
N GLY C 84 -27.93 -3.58 7.10
CA GLY C 84 -26.68 -2.93 7.52
C GLY C 84 -26.90 -1.98 8.67
N ASN C 85 -27.76 -0.99 8.49
CA ASN C 85 -28.13 -0.08 9.56
C ASN C 85 -28.47 -0.80 10.85
N THR C 86 -29.21 -1.89 10.71
CA THR C 86 -29.58 -2.66 11.87
C THR C 86 -28.34 -3.25 12.53
N LEU C 87 -27.45 -3.86 11.78
CA LEU C 87 -26.25 -4.41 12.38
C LEU C 87 -25.41 -3.35 13.07
N LYS C 88 -25.38 -2.14 12.49
CA LYS C 88 -24.60 -1.04 13.03
C LYS C 88 -25.13 -0.71 14.40
N GLU C 89 -26.43 -0.47 14.49
CA GLU C 89 -27.09 -0.17 15.76
C GLU C 89 -26.91 -1.32 16.79
N MET C 90 -26.63 -2.52 16.32
CA MET C 90 -26.37 -3.63 17.22
C MET C 90 -24.90 -3.72 17.58
N GLN C 91 -24.15 -2.64 17.33
CA GLN C 91 -22.71 -2.58 17.63
C GLN C 91 -21.84 -3.55 16.82
N ASP C 92 -22.40 -4.12 15.74
CA ASP C 92 -21.63 -5.02 14.88
C ASP C 92 -21.21 -4.37 13.57
N VAL C 93 -20.17 -3.55 13.64
CA VAL C 93 -19.70 -2.75 12.52
C VAL C 93 -19.28 -3.61 11.35
N GLN C 94 -18.42 -4.58 11.57
CA GLN C 94 -18.01 -5.45 10.48
C GLN C 94 -19.16 -6.03 9.64
N GLY C 95 -20.17 -6.60 10.31
CA GLY C 95 -21.32 -7.19 9.62
C GLY C 95 -22.08 -6.17 8.80
N ALA C 96 -22.26 -4.99 9.37
CA ALA C 96 -22.93 -3.91 8.69
C ALA C 96 -22.21 -3.54 7.42
N LEU C 97 -20.88 -3.46 7.52
CA LEU C 97 -20.02 -3.08 6.42
C LEU C 97 -20.09 -4.08 5.28
N GLN C 98 -20.05 -5.36 5.61
CA GLN C 98 -20.20 -6.41 4.64
C GLN C 98 -21.53 -6.25 3.87
N CYS C 99 -22.57 -5.77 4.52
CA CYS C 99 -23.84 -5.55 3.87
C CYS C 99 -23.70 -4.44 2.87
N TYR C 100 -23.29 -3.27 3.35
CA TYR C 100 -23.13 -2.10 2.47
C TYR C 100 -22.30 -2.42 1.23
N THR C 101 -21.16 -3.07 1.39
CA THR C 101 -20.37 -3.44 0.23
C THR C 101 -21.17 -4.41 -0.63
N ARG C 102 -21.73 -5.45 -0.01
CA ARG C 102 -22.45 -6.48 -0.75
C ARG C 102 -23.56 -5.86 -1.58
N ALA C 103 -24.19 -4.81 -1.06
CA ALA C 103 -25.25 -4.13 -1.78
C ALA C 103 -24.72 -3.40 -2.99
N ILE C 104 -23.57 -2.76 -2.84
CA ILE C 104 -23.04 -1.92 -3.91
C ILE C 104 -22.57 -2.76 -5.09
N GLN C 105 -22.14 -3.97 -4.79
CA GLN C 105 -21.75 -4.88 -5.82
C GLN C 105 -22.93 -5.37 -6.63
N ILE C 106 -24.04 -5.65 -5.94
CA ILE C 106 -25.28 -6.05 -6.55
C ILE C 106 -25.88 -4.94 -7.41
N ASN C 107 -25.90 -3.72 -6.91
CA ASN C 107 -26.41 -2.61 -7.69
C ASN C 107 -25.49 -1.41 -7.61
N PRO C 108 -24.53 -1.32 -8.55
CA PRO C 108 -23.53 -0.26 -8.55
C PRO C 108 -24.16 1.12 -8.49
N ALA C 109 -25.40 1.22 -8.95
CA ALA C 109 -26.05 2.50 -9.13
C ALA C 109 -26.93 2.89 -7.95
N PHE C 110 -26.89 2.11 -6.88
CA PHE C 110 -27.74 2.33 -5.72
C PHE C 110 -27.14 3.33 -4.72
N ALA C 111 -27.75 4.51 -4.66
CA ALA C 111 -27.23 5.60 -3.82
C ALA C 111 -27.05 5.33 -2.33
N ASP C 112 -28.09 4.86 -1.66
CA ASP C 112 -28.13 4.77 -0.20
C ASP C 112 -26.94 4.05 0.38
N ALA C 113 -26.59 2.93 -0.23
CA ALA C 113 -25.54 2.09 0.30
C ALA C 113 -24.22 2.85 0.36
N HIS C 114 -23.98 3.68 -0.64
CA HIS C 114 -22.75 4.48 -0.65
C HIS C 114 -22.69 5.45 0.52
N SER C 115 -23.84 6.07 0.78
CA SER C 115 -23.97 6.99 1.88
C SER C 115 -23.76 6.28 3.21
N ASN C 116 -24.41 5.13 3.37
CA ASN C 116 -24.22 4.33 4.57
C ASN C 116 -22.80 3.94 4.77
N LEU C 117 -22.16 3.52 3.69
CA LEU C 117 -20.74 3.20 3.72
C LEU C 117 -19.92 4.40 4.23
N ALA C 118 -20.21 5.59 3.71
CA ALA C 118 -19.48 6.77 4.11
C ALA C 118 -19.67 7.05 5.59
N SER C 119 -20.85 6.74 6.11
CA SER C 119 -21.15 6.97 7.52
C SER C 119 -20.26 6.14 8.42
N ILE C 120 -19.97 4.92 7.99
CA ILE C 120 -19.06 4.07 8.75
C ILE C 120 -17.69 4.70 8.78
N HIS C 121 -17.26 5.16 7.62
CA HIS C 121 -15.97 5.83 7.50
C HIS C 121 -15.86 7.04 8.39
N LYS C 122 -16.93 7.84 8.45
CA LYS C 122 -16.99 9.01 9.31
C LYS C 122 -16.78 8.59 10.77
N ASP C 123 -17.56 7.61 11.23
CA ASP C 123 -17.46 7.13 12.61
C ASP C 123 -16.08 6.69 12.98
N SER C 124 -15.32 6.19 12.03
CA SER C 124 -13.97 5.72 12.34
C SER C 124 -12.94 6.81 12.28
N GLY C 125 -13.37 8.03 11.98
CA GLY C 125 -12.45 9.13 11.77
C GLY C 125 -11.75 9.17 10.42
N ASN C 126 -12.12 8.26 9.51
CA ASN C 126 -11.62 8.26 8.12
C ASN C 126 -12.33 9.32 7.29
N ILE C 127 -11.88 10.56 7.31
CA ILE C 127 -12.72 11.60 6.71
C ILE C 127 -12.60 11.75 5.18
N PRO C 128 -11.37 11.70 4.63
CA PRO C 128 -11.28 11.84 3.18
C PRO C 128 -12.03 10.70 2.48
N GLU C 129 -12.01 9.52 3.10
CA GLU C 129 -12.69 8.34 2.58
C GLU C 129 -14.19 8.55 2.68
N ALA C 130 -14.63 9.20 3.76
CA ALA C 130 -16.05 9.44 3.92
C ALA C 130 -16.53 10.42 2.84
N ILE C 131 -15.78 11.50 2.64
CA ILE C 131 -16.12 12.49 1.62
C ILE C 131 -16.26 11.83 0.25
N ALA C 132 -15.23 11.08 -0.16
CA ALA C 132 -15.28 10.32 -1.42
C ALA C 132 -16.63 9.62 -1.63
N SER C 133 -16.99 8.74 -0.68
CA SER C 133 -18.24 8.00 -0.76
C SER C 133 -19.51 8.84 -0.72
N TYR C 134 -19.51 9.95 0.03
CA TYR C 134 -20.68 10.83 0.03
C TYR C 134 -20.84 11.47 -1.32
N ARG C 135 -19.73 11.95 -1.86
CA ARG C 135 -19.71 12.53 -3.18
C ARG C 135 -20.26 11.54 -4.22
N THR C 136 -19.80 10.29 -4.19
CA THR C 136 -20.35 9.27 -5.08
C THR C 136 -21.89 9.20 -5.00
N ALA C 137 -22.38 9.08 -3.78
CA ALA C 137 -23.81 8.96 -3.56
C ALA C 137 -24.59 10.13 -4.14
N LEU C 138 -24.05 11.33 -4.01
CA LEU C 138 -24.74 12.51 -4.52
C LEU C 138 -24.73 12.61 -6.05
N LYS C 139 -23.70 12.04 -6.66
CA LYS C 139 -23.64 11.96 -8.09
C LYS C 139 -24.73 10.98 -8.53
N LEU C 140 -24.83 9.85 -7.83
CA LEU C 140 -25.81 8.83 -8.19
C LEU C 140 -27.22 9.26 -7.94
N LYS C 141 -27.41 10.23 -7.06
CA LYS C 141 -28.75 10.69 -6.69
C LYS C 141 -28.64 12.09 -6.09
N PRO C 142 -28.76 13.10 -6.95
CA PRO C 142 -28.40 14.47 -6.57
C PRO C 142 -29.31 15.10 -5.53
N ASP C 143 -30.54 14.61 -5.38
CA ASP C 143 -31.39 15.07 -4.27
C ASP C 143 -31.44 14.01 -3.15
N PHE C 144 -30.59 14.24 -2.15
CA PHE C 144 -30.35 13.26 -1.10
C PHE C 144 -29.94 14.05 0.11
N PRO C 145 -30.94 14.43 0.91
CA PRO C 145 -30.67 15.27 2.08
C PRO C 145 -29.66 14.61 3.05
N ASP C 146 -29.94 13.38 3.46
CA ASP C 146 -29.06 12.73 4.45
C ASP C 146 -27.60 12.86 4.06
N ALA C 147 -27.29 12.41 2.85
CA ALA C 147 -25.93 12.42 2.35
C ALA C 147 -25.39 13.84 2.26
N TYR C 148 -26.24 14.76 1.81
CA TYR C 148 -25.78 16.13 1.62
C TYR C 148 -25.31 16.74 2.93
N CYS C 149 -26.10 16.53 3.97
CA CYS C 149 -25.81 17.09 5.29
C CYS C 149 -24.62 16.45 5.94
N ASN C 150 -24.56 15.12 5.90
CA ASN C 150 -23.39 14.45 6.38
C ASN C 150 -22.12 14.95 5.69
N LEU C 151 -22.16 15.03 4.36
CA LEU C 151 -21.03 15.57 3.64
C LEU C 151 -20.69 16.98 4.16
N ALA C 152 -21.71 17.82 4.30
CA ALA C 152 -21.50 19.19 4.76
C ALA C 152 -20.75 19.23 6.09
N HIS C 153 -21.08 18.29 6.97
CA HIS C 153 -20.41 18.22 8.27
C HIS C 153 -18.94 17.75 8.16
N CYS C 154 -18.65 16.91 7.18
CA CYS C 154 -17.26 16.49 7.02
C CYS C 154 -16.48 17.63 6.51
N LEU C 155 -17.05 18.35 5.57
CA LEU C 155 -16.31 19.43 4.96
C LEU C 155 -15.96 20.40 6.06
N GLN C 156 -16.94 20.63 6.94
CA GLN C 156 -16.78 21.47 8.12
C GLN C 156 -15.63 20.98 8.94
N ILE C 157 -15.60 19.68 9.16
CA ILE C 157 -14.58 19.05 9.99
C ILE C 157 -13.16 19.30 9.54
N VAL C 158 -12.94 19.35 8.22
CA VAL C 158 -11.59 19.47 7.68
C VAL C 158 -11.35 20.89 7.17
N CYS C 159 -12.36 21.74 7.34
CA CYS C 159 -12.29 23.14 6.89
C CYS C 159 -12.11 23.26 5.37
N ASP C 160 -12.86 22.45 4.62
CA ASP C 160 -13.02 22.72 3.20
C ASP C 160 -14.20 23.69 3.09
N TRP C 161 -13.92 24.91 2.71
CA TRP C 161 -14.96 25.92 2.66
C TRP C 161 -15.40 26.28 1.23
N THR C 162 -15.05 25.40 0.28
CA THR C 162 -15.47 25.54 -1.10
C THR C 162 -16.98 25.78 -1.13
N ASP C 163 -17.37 26.92 -1.69
CA ASP C 163 -18.80 27.23 -1.89
C ASP C 163 -19.57 27.32 -0.59
N TYR C 164 -18.93 27.89 0.43
CA TYR C 164 -19.48 27.88 1.78
C TYR C 164 -20.88 28.46 1.87
N ASP C 165 -21.06 29.68 1.35
CA ASP C 165 -22.33 30.36 1.50
C ASP C 165 -23.47 29.65 0.82
N GLU C 166 -23.17 29.08 -0.34
CA GLU C 166 -24.16 28.27 -1.02
C GLU C 166 -24.57 27.09 -0.17
N ARG C 167 -23.55 26.38 0.30
CA ARG C 167 -23.73 25.22 1.16
C ARG C 167 -24.71 25.57 2.28
N MET C 168 -24.44 26.66 2.97
CA MET C 168 -25.22 27.03 4.13
C MET C 168 -26.66 27.28 3.76
N LYS C 169 -26.85 28.08 2.72
CA LYS C 169 -28.20 28.45 2.29
C LYS C 169 -28.99 27.18 1.96
N LYS C 170 -28.30 26.22 1.34
CA LYS C 170 -28.93 24.99 0.95
C LYS C 170 -29.30 24.11 2.13
N LEU C 171 -28.48 24.16 3.18
CA LEU C 171 -28.76 23.37 4.37
C LEU C 171 -30.05 23.84 4.98
N VAL C 172 -30.09 25.16 5.23
CA VAL C 172 -31.24 25.80 5.84
C VAL C 172 -32.47 25.41 5.04
N SER C 173 -32.37 25.65 3.73
CA SER C 173 -33.39 25.25 2.77
C SER C 173 -33.86 23.77 2.92
N ILE C 174 -32.91 22.84 3.13
CA ILE C 174 -33.25 21.43 3.27
C ILE C 174 -33.99 21.16 4.57
N VAL C 175 -33.49 21.72 5.66
CA VAL C 175 -34.11 21.50 6.96
C VAL C 175 -35.52 22.05 6.88
N ALA C 176 -35.62 23.31 6.42
CA ALA C 176 -36.90 24.04 6.38
C ALA C 176 -37.96 23.15 5.72
N ASP C 177 -37.54 22.53 4.61
CA ASP C 177 -38.40 21.64 3.89
C ASP C 177 -38.77 20.43 4.74
N GLN C 178 -37.78 19.74 5.26
CA GLN C 178 -38.04 18.49 5.98
C GLN C 178 -38.92 18.70 7.19
N LEU C 179 -38.82 19.89 7.79
CA LEU C 179 -39.58 20.21 8.99
C LEU C 179 -41.06 20.34 8.69
N GLU C 180 -41.33 21.06 7.62
CA GLU C 180 -42.68 21.21 7.13
C GLU C 180 -43.26 19.87 6.60
N LYS C 181 -42.54 19.25 5.66
CA LYS C 181 -42.90 17.93 5.13
C LYS C 181 -43.02 16.88 6.26
N ASN C 182 -42.71 17.27 7.49
CA ASN C 182 -42.91 16.43 8.66
C ASN C 182 -42.09 15.11 8.72
N ARG C 183 -40.88 15.17 8.16
CA ARG C 183 -39.90 14.08 8.32
C ARG C 183 -38.73 14.43 9.25
N LEU C 184 -37.93 13.41 9.58
CA LEU C 184 -36.80 13.59 10.50
C LEU C 184 -35.62 14.29 9.81
N PRO C 185 -35.23 15.47 10.33
CA PRO C 185 -34.22 16.27 9.66
C PRO C 185 -32.87 15.58 9.57
N SER C 186 -32.18 15.84 8.47
CA SER C 186 -30.89 15.23 8.18
C SER C 186 -29.76 15.84 8.99
N VAL C 187 -29.99 17.02 9.56
CA VAL C 187 -28.98 17.63 10.42
C VAL C 187 -29.12 17.11 11.84
N HIS C 188 -27.97 16.69 12.38
CA HIS C 188 -27.90 16.21 13.74
C HIS C 188 -28.00 17.40 14.70
N PRO C 189 -28.72 17.22 15.82
CA PRO C 189 -28.94 18.31 16.76
C PRO C 189 -27.64 18.86 17.25
N HIS C 190 -26.72 17.97 17.59
CA HIS C 190 -25.44 18.38 18.11
C HIS C 190 -24.66 19.26 17.15
N HIS C 191 -24.96 19.14 15.86
CA HIS C 191 -24.29 19.94 14.82
C HIS C 191 -25.04 21.21 14.53
N SER C 192 -26.34 21.21 14.82
CA SER C 192 -27.24 22.29 14.42
C SER C 192 -26.70 23.68 14.79
N MET C 193 -25.83 23.71 15.79
CA MET C 193 -25.24 24.95 16.30
C MET C 193 -24.20 25.59 15.40
N LEU C 194 -23.73 24.86 14.37
CA LEU C 194 -22.68 25.34 13.46
C LEU C 194 -23.17 26.10 12.21
N TYR C 195 -24.47 26.01 11.94
CA TYR C 195 -25.05 26.52 10.70
C TYR C 195 -26.06 27.62 10.99
N PRO C 196 -26.23 28.55 10.04
CA PRO C 196 -27.14 29.69 10.23
C PRO C 196 -28.62 29.32 10.10
N LEU C 197 -29.08 28.37 10.89
CA LEU C 197 -30.52 28.11 11.00
C LEU C 197 -31.14 29.11 11.97
N SER C 198 -32.46 29.28 11.89
CA SER C 198 -33.21 30.02 12.96
C SER C 198 -33.20 29.24 14.32
N HIS C 199 -33.31 29.97 15.45
CA HIS C 199 -33.41 29.32 16.77
C HIS C 199 -34.61 28.39 16.85
N GLY C 200 -35.67 28.79 16.13
CA GLY C 200 -36.90 28.01 16.03
C GLY C 200 -36.61 26.63 15.45
N PHE C 201 -35.79 26.61 14.39
CA PHE C 201 -35.35 25.36 13.74
C PHE C 201 -34.54 24.44 14.68
N ARG C 202 -33.51 25.01 15.30
CA ARG C 202 -32.64 24.25 16.15
C ARG C 202 -33.48 23.50 17.16
N LYS C 203 -34.36 24.23 17.83
CA LYS C 203 -35.29 23.66 18.81
C LYS C 203 -36.18 22.56 18.21
N ALA C 204 -36.69 22.82 17.02
CA ALA C 204 -37.57 21.86 16.36
C ALA C 204 -36.83 20.56 16.00
N ILE C 205 -35.54 20.68 15.64
CA ILE C 205 -34.74 19.50 15.35
C ILE C 205 -34.57 18.65 16.61
N ALA C 206 -34.11 19.28 17.68
CA ALA C 206 -34.06 18.60 18.94
C ALA C 206 -35.40 17.90 19.23
N GLU C 207 -36.52 18.62 19.20
CA GLU C 207 -37.86 18.02 19.43
C GLU C 207 -37.94 16.65 18.83
N ARG C 208 -37.56 16.57 17.55
CA ARG C 208 -37.81 15.40 16.75
C ARG C 208 -36.98 14.22 17.17
N HIS C 209 -35.76 14.50 17.59
CA HIS C 209 -34.89 13.46 18.13
C HIS C 209 -35.40 13.03 19.49
N GLY C 210 -36.01 13.96 20.21
CA GLY C 210 -36.73 13.63 21.42
C GLY C 210 -37.78 12.58 21.16
N ASN C 211 -38.59 12.79 20.12
CA ASN C 211 -39.70 11.90 19.79
C ASN C 211 -39.23 10.53 19.39
N LEU C 212 -38.10 10.48 18.72
CA LEU C 212 -37.47 9.20 18.39
C LEU C 212 -37.41 8.24 19.60
N CYS C 213 -37.28 8.82 20.78
CA CYS C 213 -37.23 8.06 22.01
C CYS C 213 -38.58 7.48 22.37
N LEU C 214 -39.58 8.36 22.43
CA LEU C 214 -40.95 7.97 22.74
C LEU C 214 -41.41 6.71 21.98
N ASP C 215 -40.99 6.61 20.72
CA ASP C 215 -41.33 5.43 19.90
C ASP C 215 -40.74 4.15 20.48
N LYS C 216 -39.49 4.23 20.92
CA LYS C 216 -38.76 3.06 21.41
C LYS C 216 -39.28 2.59 22.77
N ILE C 217 -40.00 3.45 23.47
CA ILE C 217 -40.50 3.12 24.82
C ILE C 217 -41.98 2.76 24.88
N ASN C 218 -42.76 3.18 23.89
CA ASN C 218 -44.16 2.81 23.82
C ASN C 218 -44.35 1.32 23.73
N VAL C 219 -43.38 0.68 23.11
CA VAL C 219 -43.26 -0.77 22.97
C VAL C 219 -43.25 -1.50 24.33
N LEU C 220 -42.64 -0.86 25.33
CA LEU C 220 -42.57 -1.44 26.68
C LEU C 220 -43.90 -1.30 27.46
N HIS C 221 -44.76 -0.35 27.07
CA HIS C 221 -46.10 -0.17 27.66
C HIS C 221 -46.04 -0.06 29.18
N LYS C 222 -45.26 0.90 29.67
CA LYS C 222 -45.09 1.05 31.11
C LYS C 222 -46.06 2.07 31.70
N PRO C 223 -46.67 1.74 32.87
CA PRO C 223 -47.52 2.72 33.53
C PRO C 223 -46.65 3.87 34.03
N PRO C 224 -47.19 5.10 34.08
CA PRO C 224 -46.43 6.23 34.65
C PRO C 224 -45.94 5.88 36.07
N TYR C 225 -44.84 6.48 36.50
CA TYR C 225 -44.29 6.15 37.82
C TYR C 225 -44.84 7.02 38.96
N GLU C 226 -44.84 6.45 40.16
CA GLU C 226 -45.24 7.15 41.38
C GLU C 226 -44.07 7.89 42.02
N HIS C 227 -43.98 9.20 41.84
CA HIS C 227 -42.87 9.92 42.44
C HIS C 227 -43.12 10.31 43.91
N PRO C 228 -42.05 10.35 44.72
CA PRO C 228 -42.12 10.82 46.11
C PRO C 228 -42.65 12.27 46.18
N LYS C 229 -43.28 12.63 47.30
CA LYS C 229 -43.79 14.00 47.48
C LYS C 229 -43.15 14.71 48.68
N ASP C 230 -42.32 13.97 49.40
CA ASP C 230 -41.66 14.47 50.58
C ASP C 230 -40.25 13.89 50.65
N LEU C 231 -39.47 14.35 51.61
CA LEU C 231 -38.13 13.78 51.80
C LEU C 231 -38.09 12.77 52.94
N LYS C 232 -39.21 12.10 53.19
CA LYS C 232 -39.34 11.32 54.43
C LYS C 232 -38.69 9.94 54.42
N LEU C 233 -38.92 9.17 53.35
CA LEU C 233 -38.29 7.85 53.21
C LEU C 233 -36.79 8.00 52.94
N SER C 234 -36.40 9.14 52.38
CA SER C 234 -35.02 9.44 52.06
C SER C 234 -34.36 10.19 53.20
N ASP C 235 -35.07 10.22 54.33
CA ASP C 235 -34.50 10.61 55.61
C ASP C 235 -34.03 12.09 55.70
N GLY C 236 -34.80 12.98 55.09
CA GLY C 236 -34.49 14.41 55.06
C GLY C 236 -33.57 14.77 53.91
N ARG C 237 -33.04 13.75 53.23
CA ARG C 237 -32.08 13.99 52.17
C ARG C 237 -32.71 13.97 50.82
N LEU C 238 -32.32 14.92 49.99
CA LEU C 238 -32.74 14.97 48.61
C LEU C 238 -31.84 14.07 47.76
N ARG C 239 -32.44 13.17 46.97
CA ARG C 239 -31.67 12.22 46.19
C ARG C 239 -31.47 12.66 44.75
N VAL C 240 -30.23 13.01 44.43
CA VAL C 240 -29.87 13.42 43.08
C VAL C 240 -29.13 12.31 42.35
N GLY C 241 -29.58 11.98 41.14
CA GLY C 241 -28.93 11.02 40.30
C GLY C 241 -28.27 11.70 39.11
N TYR C 242 -26.97 11.51 38.98
CA TYR C 242 -26.29 11.92 37.76
C TYR C 242 -26.21 10.76 36.80
N VAL C 243 -26.58 11.01 35.56
CA VAL C 243 -26.59 9.95 34.56
C VAL C 243 -25.64 10.34 33.45
N SER C 244 -24.65 9.49 33.21
CA SER C 244 -23.66 9.76 32.18
C SER C 244 -22.95 8.56 31.64
N SER C 245 -22.67 8.61 30.35
CA SER C 245 -21.78 7.63 29.72
C SER C 245 -20.29 8.01 29.84
N ASP C 246 -19.97 8.95 30.71
CA ASP C 246 -18.65 9.58 30.68
C ASP C 246 -17.96 9.67 32.01
N PHE C 247 -18.27 8.75 32.91
CA PHE C 247 -17.46 8.60 34.07
C PHE C 247 -16.27 7.75 33.64
N GLY C 248 -15.20 8.43 33.27
CA GLY C 248 -13.99 7.80 32.79
C GLY C 248 -13.14 8.88 32.17
N ASN C 249 -12.23 8.48 31.29
CA ASN C 249 -11.38 9.44 30.60
C ASN C 249 -12.16 10.17 29.53
N HIS C 250 -12.80 11.25 29.93
CA HIS C 250 -13.66 12.01 29.06
C HIS C 250 -13.84 13.40 29.63
N PRO C 251 -13.85 14.43 28.78
CA PRO C 251 -14.02 15.81 29.21
C PRO C 251 -14.96 16.01 30.40
N THR C 252 -16.20 15.51 30.30
CA THR C 252 -17.16 15.58 31.39
C THR C 252 -16.52 15.30 32.75
N SER C 253 -15.84 14.17 32.86
CA SER C 253 -15.12 13.86 34.09
C SER C 253 -14.03 14.88 34.44
N HIS C 254 -13.32 15.39 33.43
CA HIS C 254 -12.30 16.40 33.70
C HIS C 254 -12.91 17.68 34.26
N LEU C 255 -14.21 17.88 34.09
CA LEU C 255 -14.83 19.07 34.62
C LEU C 255 -15.38 18.79 36.00
N MET C 256 -16.23 17.78 36.09
CA MET C 256 -17.02 17.65 37.30
C MET C 256 -16.69 16.48 38.25
N GLN C 257 -15.61 15.76 37.98
CA GLN C 257 -15.28 14.59 38.82
C GLN C 257 -15.24 14.90 40.33
N SER C 258 -14.97 16.14 40.72
CA SER C 258 -14.88 16.40 42.15
C SER C 258 -16.22 16.61 42.82
N ILE C 259 -17.23 16.90 42.01
CA ILE C 259 -18.51 17.36 42.54
C ILE C 259 -19.28 16.34 43.35
N PRO C 260 -19.42 15.10 42.87
CA PRO C 260 -20.13 14.12 43.67
C PRO C 260 -19.60 14.02 45.10
N GLY C 261 -18.27 14.00 45.22
CA GLY C 261 -17.65 13.98 46.55
C GLY C 261 -17.92 15.20 47.42
N MET C 262 -18.25 16.33 46.80
CA MET C 262 -18.35 17.56 47.54
C MET C 262 -19.75 17.89 47.99
N HIS C 263 -20.72 17.07 47.61
CA HIS C 263 -22.09 17.29 48.04
C HIS C 263 -22.15 17.16 49.53
N ASN C 264 -23.09 17.86 50.16
CA ASN C 264 -23.25 17.77 51.62
C ASN C 264 -24.18 16.62 51.99
N PRO C 265 -23.69 15.69 52.79
CA PRO C 265 -24.35 14.42 53.08
C PRO C 265 -25.46 14.55 54.07
N ASP C 266 -25.65 15.73 54.64
CA ASP C 266 -26.74 15.95 55.59
C ASP C 266 -28.02 16.17 54.80
N LYS C 267 -27.87 16.83 53.66
CA LYS C 267 -29.03 17.24 52.89
C LYS C 267 -29.19 16.53 51.56
N PHE C 268 -28.14 15.85 51.11
CA PHE C 268 -28.17 15.19 49.80
C PHE C 268 -27.64 13.77 49.80
N GLU C 269 -28.23 12.92 48.98
CA GLU C 269 -27.74 11.57 48.76
C GLU C 269 -27.48 11.47 47.26
N VAL C 270 -26.22 11.18 46.91
CA VAL C 270 -25.79 11.25 45.52
C VAL C 270 -25.70 9.89 44.87
N PHE C 271 -26.39 9.74 43.76
CA PHE C 271 -26.38 8.51 42.97
C PHE C 271 -25.76 8.77 41.59
N CYS C 272 -24.82 7.93 41.20
CA CYS C 272 -24.23 8.08 39.89
C CYS C 272 -24.57 6.88 39.05
N TYR C 273 -25.12 7.15 37.88
CA TYR C 273 -25.55 6.10 36.96
C TYR C 273 -24.67 6.12 35.73
N ALA C 274 -23.77 5.16 35.67
CA ALA C 274 -22.83 5.06 34.58
C ALA C 274 -23.46 4.30 33.44
N LEU C 275 -23.36 4.87 32.25
CA LEU C 275 -23.92 4.22 31.09
C LEU C 275 -22.82 3.49 30.34
N SER C 276 -21.57 3.71 30.77
CA SER C 276 -20.39 3.11 30.13
C SER C 276 -19.72 2.13 31.05
N PRO C 277 -19.09 1.07 30.49
CA PRO C 277 -18.32 0.13 31.33
C PRO C 277 -17.07 0.82 31.91
N ASP C 278 -16.53 0.24 32.96
CA ASP C 278 -15.36 0.76 33.66
C ASP C 278 -14.12 0.75 32.74
N ASP C 279 -13.59 1.91 32.36
CA ASP C 279 -12.33 1.88 31.58
C ASP C 279 -11.08 1.73 32.43
N GLY C 280 -11.29 1.68 33.74
CA GLY C 280 -10.22 1.45 34.72
C GLY C 280 -9.30 2.64 34.92
N THR C 281 -9.74 3.82 34.49
CA THR C 281 -8.99 5.05 34.74
C THR C 281 -9.36 5.58 36.12
N ASN C 282 -8.53 6.46 36.66
CA ASN C 282 -8.78 7.04 37.98
C ASN C 282 -10.03 7.89 38.06
N PHE C 283 -10.41 8.49 36.94
CA PHE C 283 -11.63 9.27 36.93
C PHE C 283 -12.81 8.37 37.36
N ARG C 284 -12.89 7.20 36.76
CA ARG C 284 -13.93 6.28 37.15
C ARG C 284 -13.76 5.91 38.62
N VAL C 285 -12.54 5.62 39.03
CA VAL C 285 -12.26 5.16 40.40
C VAL C 285 -12.75 6.16 41.43
N LYS C 286 -12.42 7.44 41.22
CA LYS C 286 -12.75 8.52 42.13
C LYS C 286 -14.27 8.66 42.28
N VAL C 287 -14.98 8.76 41.17
CA VAL C 287 -16.43 8.87 41.26
C VAL C 287 -17.04 7.66 41.98
N MET C 288 -16.60 6.45 41.67
CA MET C 288 -17.14 5.26 42.34
C MET C 288 -16.90 5.35 43.81
N ALA C 289 -15.74 5.88 44.18
CA ALA C 289 -15.32 5.98 45.59
C ALA C 289 -16.05 7.09 46.37
N GLU C 290 -16.46 8.15 45.70
CA GLU C 290 -16.99 9.31 46.37
C GLU C 290 -18.48 9.47 46.33
N ALA C 291 -19.12 9.11 45.23
CA ALA C 291 -20.59 9.06 45.22
C ALA C 291 -21.08 8.14 46.32
N ASN C 292 -22.21 8.52 46.92
CA ASN C 292 -22.87 7.68 47.89
C ASN C 292 -23.28 6.36 47.32
N HIS C 293 -23.63 6.37 46.05
CA HIS C 293 -24.04 5.15 45.35
C HIS C 293 -23.61 5.18 43.91
N PHE C 294 -22.90 4.16 43.49
CA PHE C 294 -22.54 4.09 42.11
C PHE C 294 -23.28 2.94 41.47
N ILE C 295 -23.95 3.18 40.36
CA ILE C 295 -24.73 2.12 39.71
C ILE C 295 -24.31 1.95 38.26
N ASP C 296 -23.87 0.74 37.93
CA ASP C 296 -23.39 0.48 36.60
C ASP C 296 -24.53 0.02 35.70
N LEU C 297 -25.13 0.97 34.98
CA LEU C 297 -26.23 0.67 34.08
C LEU C 297 -25.78 0.11 32.75
N SER C 298 -24.47 0.13 32.50
CA SER C 298 -23.93 -0.41 31.26
C SER C 298 -24.20 -1.89 31.26
N GLN C 299 -24.59 -2.42 32.41
CA GLN C 299 -24.99 -3.83 32.51
C GLN C 299 -26.46 -4.15 32.68
N ILE C 300 -27.31 -3.18 32.35
CA ILE C 300 -28.75 -3.35 32.36
C ILE C 300 -29.14 -2.72 31.04
N PRO C 301 -28.97 -3.47 29.95
CA PRO C 301 -29.16 -2.84 28.64
C PRO C 301 -30.65 -2.58 28.33
N CYS C 302 -31.57 -3.36 28.91
CA CYS C 302 -33.02 -3.08 28.74
C CYS C 302 -33.43 -1.75 29.40
N ASN C 303 -33.85 -0.77 28.61
CA ASN C 303 -34.18 0.53 29.17
C ASN C 303 -35.32 0.50 30.18
N GLY C 304 -36.10 -0.58 30.15
CA GLY C 304 -37.18 -0.78 31.09
C GLY C 304 -36.69 -1.03 32.51
N LYS C 305 -35.84 -2.05 32.68
CA LYS C 305 -35.38 -2.41 34.02
C LYS C 305 -34.49 -1.31 34.59
N ALA C 306 -33.72 -0.70 33.71
CA ALA C 306 -32.87 0.43 34.07
C ALA C 306 -33.69 1.57 34.71
N ALA C 307 -34.72 2.05 34.02
CA ALA C 307 -35.63 3.02 34.60
C ALA C 307 -36.23 2.58 35.94
N ASP C 308 -36.71 1.34 36.03
CA ASP C 308 -37.19 0.78 37.30
C ASP C 308 -36.17 1.00 38.40
N ARG C 309 -34.93 0.65 38.08
CA ARG C 309 -33.87 0.68 39.04
C ARG C 309 -33.74 2.06 39.58
N ILE C 310 -33.83 3.06 38.70
CA ILE C 310 -33.70 4.42 39.14
C ILE C 310 -34.85 4.74 40.06
N HIS C 311 -36.02 4.27 39.69
CA HIS C 311 -37.21 4.59 40.43
C HIS C 311 -37.18 3.97 41.83
N GLN C 312 -36.68 2.73 41.91
CA GLN C 312 -36.55 2.06 43.20
C GLN C 312 -35.57 2.76 44.08
N ASP C 313 -34.51 3.28 43.49
CA ASP C 313 -33.54 4.04 44.26
C ASP C 313 -34.20 5.28 44.85
N GLY C 314 -35.30 5.70 44.23
CA GLY C 314 -36.12 6.77 44.77
C GLY C 314 -35.56 8.16 44.55
N ILE C 315 -35.02 8.38 43.35
CA ILE C 315 -34.45 9.67 42.99
C ILE C 315 -35.47 10.80 42.90
N HIS C 316 -35.09 11.98 43.39
CA HIS C 316 -35.96 13.14 43.27
C HIS C 316 -35.59 13.91 42.02
N ILE C 317 -34.31 14.24 41.88
CA ILE C 317 -33.81 14.96 40.70
C ILE C 317 -32.82 14.10 39.90
N LEU C 318 -33.18 13.82 38.66
CA LEU C 318 -32.32 13.10 37.76
C LEU C 318 -31.66 14.06 36.80
N VAL C 319 -30.35 14.00 36.76
CA VAL C 319 -29.59 14.93 35.92
C VAL C 319 -29.01 14.26 34.68
N ASN C 320 -29.40 14.79 33.52
CA ASN C 320 -28.93 14.30 32.24
C ASN C 320 -27.65 15.02 31.81
N MET C 321 -26.56 14.29 31.69
CA MET C 321 -25.32 14.93 31.29
C MET C 321 -24.90 14.57 29.87
N ASN C 322 -25.81 14.03 29.07
CA ASN C 322 -25.47 13.56 27.74
C ASN C 322 -26.18 14.31 26.63
N GLY C 323 -27.44 14.65 26.83
CA GLY C 323 -28.25 15.13 25.73
C GLY C 323 -28.09 14.19 24.55
N TYR C 324 -27.63 14.73 23.41
CA TYR C 324 -27.51 13.93 22.18
C TYR C 324 -26.05 13.72 21.84
N THR C 325 -25.30 13.18 22.80
CA THR C 325 -23.90 12.83 22.55
C THR C 325 -23.80 11.31 22.46
N LYS C 326 -22.64 10.81 22.06
CA LYS C 326 -22.43 9.36 21.97
C LYS C 326 -22.64 8.72 23.35
N GLY C 327 -23.27 7.55 23.38
CA GLY C 327 -23.47 6.80 24.62
C GLY C 327 -24.78 7.10 25.33
N ALA C 328 -25.42 8.21 24.97
CA ALA C 328 -26.69 8.65 25.56
C ALA C 328 -27.74 7.56 25.55
N ARG C 329 -28.58 7.54 26.59
CA ARG C 329 -29.74 6.67 26.59
C ARG C 329 -30.93 7.43 27.10
N ASN C 330 -31.34 8.42 26.33
CA ASN C 330 -32.39 9.31 26.79
C ASN C 330 -33.74 8.62 27.05
N GLU C 331 -33.87 7.43 26.48
CA GLU C 331 -35.03 6.59 26.74
C GLU C 331 -35.28 6.51 28.24
N LEU C 332 -34.21 6.44 29.02
CA LEU C 332 -34.34 6.50 30.48
C LEU C 332 -35.12 7.69 30.95
N PHE C 333 -34.79 8.87 30.44
CA PHE C 333 -35.47 10.07 30.88
C PHE C 333 -36.89 10.15 30.36
N ALA C 334 -37.10 9.60 29.18
CA ALA C 334 -38.40 9.64 28.55
C ALA C 334 -39.39 8.81 29.34
N LEU C 335 -38.89 7.85 30.11
CA LEU C 335 -39.74 7.04 30.99
C LEU C 335 -40.17 7.77 32.27
N ARG C 336 -39.62 8.96 32.49
CA ARG C 336 -39.93 9.82 33.64
C ARG C 336 -39.93 9.05 34.97
N PRO C 337 -38.77 8.51 35.38
CA PRO C 337 -38.69 7.85 36.69
C PRO C 337 -38.48 8.85 37.86
N ALA C 338 -38.17 10.09 37.52
CA ALA C 338 -37.95 11.06 38.55
C ALA C 338 -38.94 12.19 38.35
N PRO C 339 -39.37 12.81 39.46
CA PRO C 339 -40.32 13.91 39.40
C PRO C 339 -39.72 15.11 38.71
N ILE C 340 -38.40 15.25 38.79
CA ILE C 340 -37.72 16.41 38.21
C ILE C 340 -36.51 15.93 37.43
N GLN C 341 -36.34 16.40 36.19
CA GLN C 341 -35.23 15.97 35.35
C GLN C 341 -34.55 17.15 34.64
N ALA C 342 -33.28 17.38 34.92
CA ALA C 342 -32.58 18.53 34.34
C ALA C 342 -31.44 18.15 33.41
N MET C 343 -31.24 18.94 32.37
CA MET C 343 -30.01 18.93 31.55
C MET C 343 -28.91 19.66 32.28
N TRP C 344 -27.70 19.13 32.19
CA TRP C 344 -26.60 19.78 32.87
C TRP C 344 -25.28 19.49 32.18
N LEU C 345 -24.60 20.56 31.77
CA LEU C 345 -23.16 20.53 31.50
C LEU C 345 -22.68 19.71 30.28
N GLY C 346 -23.13 18.47 30.13
CA GLY C 346 -22.62 17.61 29.07
C GLY C 346 -22.93 18.05 27.64
N TYR C 347 -24.19 18.41 27.40
CA TYR C 347 -24.64 18.80 26.07
C TYR C 347 -24.94 20.28 26.05
N PRO C 348 -24.38 20.99 25.08
CA PRO C 348 -24.49 22.45 24.99
C PRO C 348 -25.64 22.96 24.09
N GLY C 349 -26.86 22.48 24.34
CA GLY C 349 -28.02 22.96 23.60
C GLY C 349 -29.28 22.46 24.25
N THR C 350 -30.42 22.83 23.67
CA THR C 350 -31.69 22.35 24.19
C THR C 350 -31.93 20.90 23.77
N SER C 351 -32.62 20.17 24.63
CA SER C 351 -33.01 18.81 24.34
C SER C 351 -34.26 18.86 23.46
N GLY C 352 -34.98 19.97 23.53
CA GLY C 352 -36.21 20.11 22.78
C GLY C 352 -37.28 19.10 23.19
N ALA C 353 -37.05 18.37 24.28
CA ALA C 353 -37.95 17.27 24.64
C ALA C 353 -38.84 17.58 25.83
N LEU C 354 -40.04 17.00 25.80
CA LEU C 354 -41.02 17.13 26.89
C LEU C 354 -40.57 16.60 28.23
N PHE C 355 -39.90 15.44 28.23
CA PHE C 355 -39.54 14.75 29.48
C PHE C 355 -38.40 15.43 30.25
N MET C 356 -37.77 16.42 29.65
CA MET C 356 -36.78 17.16 30.36
C MET C 356 -37.37 18.48 30.90
N ASP C 357 -37.30 18.72 32.20
CA ASP C 357 -37.95 19.87 32.82
C ASP C 357 -37.10 21.16 32.85
N TYR C 358 -35.85 21.06 33.27
CA TYR C 358 -35.01 22.24 33.40
C TYR C 358 -33.75 22.11 32.61
N ILE C 359 -33.10 23.23 32.36
CA ILE C 359 -31.73 23.19 31.91
C ILE C 359 -30.89 24.11 32.79
N ILE C 360 -29.89 23.55 33.45
CA ILE C 360 -29.05 24.34 34.31
C ILE C 360 -28.11 25.20 33.49
N THR C 361 -28.24 26.50 33.60
CA THR C 361 -27.36 27.38 32.87
C THR C 361 -27.13 28.67 33.67
N ASP C 362 -26.93 29.81 33.04
CA ASP C 362 -26.78 31.04 33.79
C ASP C 362 -27.25 32.30 33.04
N GLN C 363 -27.28 33.42 33.77
CA GLN C 363 -27.60 34.76 33.24
C GLN C 363 -26.92 35.13 31.88
N GLU C 364 -25.61 34.91 31.81
CA GLU C 364 -24.79 35.36 30.71
C GLU C 364 -24.88 34.43 29.51
N THR C 365 -25.08 33.16 29.79
CA THR C 365 -25.10 32.15 28.75
C THR C 365 -26.46 32.17 28.07
N SER C 366 -27.50 32.28 28.87
CA SER C 366 -28.85 32.22 28.35
C SER C 366 -29.70 33.36 28.91
N PRO C 367 -29.45 34.61 28.48
CA PRO C 367 -30.29 35.69 29.02
C PRO C 367 -31.79 35.52 28.68
N ALA C 368 -32.64 36.13 29.51
CA ALA C 368 -34.07 35.89 29.46
C ALA C 368 -34.70 36.00 28.07
N GLU C 369 -34.26 36.98 27.27
CA GLU C 369 -34.83 37.18 25.91
C GLU C 369 -34.73 35.93 25.04
N VAL C 370 -33.63 35.19 25.14
CA VAL C 370 -33.49 34.01 24.28
C VAL C 370 -34.08 32.73 24.87
N ALA C 371 -34.96 32.86 25.88
CA ALA C 371 -35.68 31.71 26.44
C ALA C 371 -36.37 30.89 25.35
N GLU C 372 -36.68 31.57 24.25
CA GLU C 372 -37.35 31.02 23.04
C GLU C 372 -36.72 29.74 22.55
N GLN C 373 -35.39 29.70 22.62
CA GLN C 373 -34.62 28.67 21.95
C GLN C 373 -34.45 27.39 22.78
N TYR C 374 -34.96 27.40 24.01
CA TYR C 374 -34.94 26.17 24.85
C TYR C 374 -36.35 25.67 25.11
N SER C 375 -36.50 24.35 25.09
CA SER C 375 -37.77 23.74 25.41
C SER C 375 -37.93 23.64 26.94
N GLU C 376 -36.81 23.54 27.64
CA GLU C 376 -36.81 23.39 29.10
C GLU C 376 -36.97 24.76 29.73
N LYS C 377 -37.13 24.79 31.05
CA LYS C 377 -37.13 26.06 31.76
C LYS C 377 -35.75 26.34 32.28
N LEU C 378 -35.35 27.61 32.21
CA LEU C 378 -34.03 28.03 32.68
C LEU C 378 -33.89 27.92 34.19
N ALA C 379 -32.75 27.39 34.63
CA ALA C 379 -32.41 27.38 36.04
C ALA C 379 -31.03 28.01 36.10
N TYR C 380 -30.91 29.11 36.83
CA TYR C 380 -29.65 29.86 36.80
C TYR C 380 -28.70 29.52 37.95
N MET C 381 -27.45 29.28 37.59
CA MET C 381 -26.37 29.31 38.54
C MET C 381 -25.96 30.76 38.69
N PRO C 382 -25.51 31.14 39.90
CA PRO C 382 -25.19 32.52 40.22
C PRO C 382 -24.12 33.14 39.31
N HIS C 383 -23.20 32.34 38.77
CA HIS C 383 -22.12 32.95 37.99
C HIS C 383 -21.93 32.36 36.61
N THR C 384 -21.30 31.21 36.55
CA THR C 384 -21.34 30.42 35.34
C THR C 384 -21.80 29.02 35.67
N PHE C 385 -22.40 28.37 34.70
CA PHE C 385 -22.85 27.03 34.91
C PHE C 385 -21.68 26.13 34.58
N PHE C 386 -20.63 26.71 34.00
CA PHE C 386 -19.46 25.91 33.70
C PHE C 386 -18.53 25.72 34.88
N ILE C 387 -17.73 24.66 34.86
CA ILE C 387 -16.81 24.36 35.97
C ILE C 387 -15.68 23.44 35.49
N GLY C 388 -14.58 23.35 36.23
CA GLY C 388 -13.46 22.53 35.79
C GLY C 388 -12.65 22.01 36.96
N ASP C 389 -12.02 20.87 36.77
CA ASP C 389 -11.33 20.27 37.91
C ASP C 389 -9.86 20.65 38.01
N HIS C 390 -9.48 21.63 37.20
CA HIS C 390 -8.08 21.98 37.03
C HIS C 390 -7.32 22.19 38.33
N ALA C 391 -8.04 22.79 39.29
CA ALA C 391 -7.51 23.11 40.61
C ALA C 391 -6.96 21.85 41.27
N ASN C 392 -7.71 20.76 41.08
CA ASN C 392 -7.40 19.48 41.66
C ASN C 392 -6.55 18.60 40.74
N MET C 393 -6.79 18.68 39.42
CA MET C 393 -6.03 17.86 38.45
C MET C 393 -4.61 18.35 38.21
N PHE C 394 -4.43 19.66 38.10
CA PHE C 394 -3.15 20.29 37.73
C PHE C 394 -2.65 21.35 38.72
N PRO C 395 -2.45 20.96 39.99
CA PRO C 395 -1.95 21.95 40.91
C PRO C 395 -0.49 22.36 40.64
N HIS C 396 0.26 21.53 39.91
CA HIS C 396 1.63 21.93 39.61
C HIS C 396 1.70 23.21 38.77
N LEU C 397 0.61 23.55 38.08
CA LEU C 397 0.51 24.80 37.34
C LEU C 397 -0.05 25.99 38.15
N LYS C 398 -0.11 25.84 39.47
CA LYS C 398 -0.56 26.93 40.32
C LYS C 398 0.52 28.02 40.36
N LYS C 399 1.77 27.61 40.17
CA LYS C 399 2.93 28.51 40.16
C LYS C 399 3.90 28.16 39.04
N LYS C 400 4.51 29.18 38.44
CA LYS C 400 5.57 28.95 37.46
C LYS C 400 6.89 29.61 37.84
N ALA C 401 7.91 29.36 37.02
CA ALA C 401 9.21 30.00 37.13
C ALA C 401 9.78 30.04 35.71
N VAL C 402 10.63 31.02 35.40
CA VAL C 402 11.18 31.14 34.06
C VAL C 402 12.69 31.17 34.04
N ILE C 403 13.28 30.84 32.91
CA ILE C 403 14.71 30.99 32.74
C ILE C 403 14.97 32.19 31.83
N ASP C 404 15.93 33.02 32.23
CA ASP C 404 16.34 34.16 31.42
C ASP C 404 17.50 33.80 30.44
N PHE C 405 17.41 34.32 29.22
CA PHE C 405 18.40 34.00 28.19
C PHE C 405 18.96 35.24 27.45
N LYS C 406 18.20 36.35 27.46
CA LYS C 406 18.56 37.60 26.74
C LYS C 406 19.90 38.25 27.15
N HIS C 410 15.65 40.88 28.51
CA HIS C 410 14.34 41.58 28.58
C HIS C 410 13.33 41.09 29.69
N ILE C 411 13.32 39.78 30.02
CA ILE C 411 12.45 39.13 31.09
C ILE C 411 10.99 38.75 30.70
N TYR C 412 10.83 37.57 30.10
CA TYR C 412 9.55 37.17 29.55
C TYR C 412 8.89 36.09 30.40
N ASP C 413 7.57 36.19 30.55
CA ASP C 413 6.80 35.24 31.35
C ASP C 413 6.45 33.92 30.65
N ASN C 414 6.89 33.77 29.40
CA ASN C 414 6.43 32.61 28.62
C ASN C 414 7.31 32.09 27.48
N ARG C 415 8.63 32.00 27.70
CA ARG C 415 9.43 31.43 26.63
C ARG C 415 10.09 30.17 27.09
N ILE C 416 10.49 30.14 28.36
CA ILE C 416 10.99 28.91 28.97
C ILE C 416 10.34 28.83 30.33
N VAL C 417 9.54 27.79 30.57
CA VAL C 417 8.74 27.72 31.78
C VAL C 417 8.99 26.45 32.58
N LEU C 418 8.98 26.60 33.91
CA LEU C 418 9.11 25.48 34.83
C LEU C 418 7.91 25.41 35.75
N ASN C 419 7.42 24.20 35.97
CA ASN C 419 6.38 23.94 36.94
C ASN C 419 6.73 22.65 37.62
N GLY C 420 6.15 22.47 38.79
CA GLY C 420 6.37 21.27 39.56
C GLY C 420 5.97 21.51 41.00
N ILE C 421 5.44 20.46 41.62
CA ILE C 421 5.05 20.53 43.01
C ILE C 421 6.24 21.02 43.83
N ASP C 422 7.45 20.57 43.49
CA ASP C 422 8.61 20.86 44.31
C ASP C 422 9.50 21.93 43.73
N LEU C 423 8.88 22.91 43.07
CA LEU C 423 9.62 23.98 42.44
C LEU C 423 10.38 24.87 43.46
N LYS C 424 9.64 25.41 44.43
CA LYS C 424 10.22 26.23 45.48
C LYS C 424 11.47 25.57 46.03
N ALA C 425 11.37 24.31 46.42
CA ALA C 425 12.51 23.59 46.99
C ALA C 425 13.75 23.57 46.13
N PHE C 426 13.55 23.49 44.83
CA PHE C 426 14.64 23.42 43.87
C PHE C 426 15.26 24.78 43.69
N LEU C 427 14.41 25.80 43.64
CA LEU C 427 14.87 27.16 43.52
C LEU C 427 15.74 27.60 44.70
N ASP C 428 15.50 27.03 45.87
CA ASP C 428 16.27 27.39 47.04
C ASP C 428 17.61 26.69 47.04
N SER C 429 17.76 25.69 46.19
CA SER C 429 19.03 25.01 46.07
C SER C 429 19.91 25.79 45.12
N LEU C 430 19.35 26.82 44.53
CA LEU C 430 20.07 27.57 43.53
C LEU C 430 20.71 28.85 44.07
N PRO C 431 21.92 29.16 43.58
CA PRO C 431 22.63 30.38 43.98
C PRO C 431 21.84 31.68 43.77
N ASP C 432 21.38 31.92 42.55
CA ASP C 432 21.18 33.30 42.11
C ASP C 432 19.81 33.66 41.58
N VAL C 433 18.80 33.42 42.40
CA VAL C 433 17.43 33.50 41.91
C VAL C 433 16.78 34.84 42.14
N LYS C 434 16.55 35.59 41.05
CA LYS C 434 15.86 36.87 41.15
C LYS C 434 14.33 36.71 41.09
N ILE C 435 13.61 37.49 41.90
CA ILE C 435 12.17 37.33 42.07
C ILE C 435 11.37 38.53 41.57
N VAL C 436 10.91 38.46 40.32
CA VAL C 436 10.06 39.52 39.75
C VAL C 436 8.72 39.60 40.45
N LYS C 437 8.45 40.78 41.01
CA LYS C 437 7.17 41.08 41.64
C LYS C 437 6.07 41.26 40.60
N MET C 438 4.91 40.69 40.89
CA MET C 438 3.70 40.96 40.10
C MET C 438 2.79 41.81 40.97
N LYS C 439 2.76 43.13 40.71
CA LYS C 439 2.03 44.08 41.60
C LYS C 439 0.51 44.12 41.34
N CYS C 440 -0.28 44.23 42.42
CA CYS C 440 -1.75 44.38 42.36
C CYS C 440 -2.46 43.15 41.77
N ALA C 453 1.10 39.30 47.62
CA ALA C 453 1.61 37.96 47.90
C ALA C 453 2.29 37.25 46.68
N LEU C 454 2.04 37.75 45.45
CA LEU C 454 2.43 37.04 44.19
C LEU C 454 3.59 37.59 43.31
N ASN C 455 4.18 36.66 42.55
CA ASN C 455 5.44 36.92 41.86
C ASN C 455 5.93 35.68 41.17
N MET C 456 6.91 35.85 40.31
CA MET C 456 7.42 34.76 39.52
C MET C 456 8.95 34.77 39.55
N PRO C 457 9.56 33.72 40.11
CA PRO C 457 11.01 33.60 40.21
C PRO C 457 11.67 33.50 38.85
N VAL C 458 12.91 33.96 38.73
CA VAL C 458 13.63 33.94 37.45
C VAL C 458 15.05 33.44 37.58
N ILE C 459 15.32 32.31 36.95
CA ILE C 459 16.65 31.75 36.95
C ILE C 459 17.50 32.44 35.88
N PRO C 460 18.64 33.00 36.30
CA PRO C 460 19.55 33.64 35.39
C PRO C 460 20.36 32.61 34.61
N MET C 461 20.89 33.03 33.46
CA MET C 461 21.64 32.16 32.55
C MET C 461 23.03 31.69 33.05
N ASN C 462 23.07 30.90 34.13
CA ASN C 462 24.32 30.27 34.57
C ASN C 462 24.56 28.92 33.88
N THR C 463 25.45 28.10 34.42
CA THR C 463 25.74 26.77 33.84
C THR C 463 24.54 25.85 33.96
N ILE C 464 23.77 26.01 35.03
CA ILE C 464 22.59 25.20 35.27
C ILE C 464 21.50 25.44 34.23
N ALA C 465 21.09 26.69 34.09
CA ALA C 465 20.17 27.04 33.03
C ALA C 465 20.57 26.39 31.69
N GLU C 466 21.87 26.45 31.38
CA GLU C 466 22.39 25.91 30.11
C GLU C 466 22.21 24.41 29.97
N ALA C 467 22.39 23.71 31.08
CA ALA C 467 22.21 22.26 31.11
C ALA C 467 20.77 21.91 30.82
N VAL C 468 19.86 22.80 31.20
CA VAL C 468 18.42 22.62 30.95
C VAL C 468 18.08 22.86 29.49
N ILE C 469 18.54 23.97 28.92
CA ILE C 469 18.32 24.18 27.50
C ILE C 469 18.93 23.03 26.76
N GLU C 470 20.10 22.60 27.22
CA GLU C 470 20.82 21.47 26.61
C GLU C 470 19.89 20.24 26.44
N MET C 471 19.33 19.75 27.54
CA MET C 471 18.37 18.66 27.53
C MET C 471 17.26 18.93 26.52
N ILE C 472 16.69 20.13 26.56
CA ILE C 472 15.61 20.51 25.66
C ILE C 472 16.04 20.43 24.21
N ASN C 473 17.15 21.08 23.87
CA ASN C 473 17.56 21.15 22.48
C ASN C 473 17.93 19.79 21.94
N ARG C 474 18.65 19.01 22.74
CA ARG C 474 19.04 17.67 22.33
C ARG C 474 17.87 16.66 22.32
N GLY C 475 16.70 17.08 22.82
CA GLY C 475 15.52 16.21 22.92
C GLY C 475 15.70 15.01 23.84
N GLN C 476 16.33 15.22 24.99
CA GLN C 476 16.51 14.15 25.97
C GLN C 476 15.32 14.12 26.88
N ILE C 477 15.17 13.03 27.61
CA ILE C 477 14.01 12.80 28.48
C ILE C 477 13.99 13.69 29.75
N GLN C 478 15.12 13.70 30.45
CA GLN C 478 15.22 14.26 31.78
C GLN C 478 16.66 14.35 32.25
N ILE C 479 16.91 15.23 33.21
CA ILE C 479 18.23 15.34 33.81
C ILE C 479 18.09 15.44 35.33
N THR C 480 19.22 15.57 36.01
CA THR C 480 19.23 15.76 37.47
C THR C 480 20.05 16.98 37.87
N ILE C 481 19.54 17.77 38.81
CA ILE C 481 20.26 18.97 39.23
C ILE C 481 20.13 19.16 40.74
N ASN C 482 21.26 19.05 41.44
CA ASN C 482 21.26 19.05 42.90
C ASN C 482 20.26 18.01 43.40
N GLY C 483 20.21 16.88 42.70
CA GLY C 483 19.31 15.80 43.08
C GLY C 483 17.82 15.97 42.80
N PHE C 484 17.43 17.10 42.22
CA PHE C 484 16.05 17.30 41.81
C PHE C 484 15.82 16.74 40.45
N SER C 485 14.63 16.17 40.25
CA SER C 485 14.30 15.57 38.99
C SER C 485 13.69 16.52 37.94
N ILE C 486 14.41 16.74 36.85
CA ILE C 486 13.97 17.69 35.83
C ILE C 486 13.54 17.00 34.56
N SER C 487 12.37 17.36 34.06
CA SER C 487 11.73 16.61 32.99
C SER C 487 11.38 17.42 31.77
N ASN C 488 11.61 16.79 30.62
CA ASN C 488 11.26 17.38 29.35
C ASN C 488 9.75 17.37 29.13
N GLY C 489 9.17 18.55 28.93
CA GLY C 489 7.72 18.69 28.71
C GLY C 489 7.09 17.76 27.68
N LEU C 490 7.87 17.40 26.66
CA LEU C 490 7.39 16.54 25.58
C LEU C 490 7.42 15.05 25.88
N ALA C 491 8.13 14.66 26.93
CA ALA C 491 8.31 13.24 27.25
C ALA C 491 7.62 12.79 28.51
N THR C 492 6.69 13.61 29.03
CA THR C 492 5.95 13.28 30.26
C THR C 492 5.40 11.86 30.20
N THR C 493 4.84 11.56 29.05
CA THR C 493 4.19 10.29 28.82
C THR C 493 5.06 9.03 29.04
N GLN C 494 6.37 9.19 28.95
CA GLN C 494 7.29 8.07 29.15
C GLN C 494 7.81 8.07 30.55
N ILE C 495 7.85 9.23 31.16
CA ILE C 495 8.26 9.36 32.57
C ILE C 495 7.19 8.76 33.50
N ASN C 496 5.93 9.06 33.19
CA ASN C 496 4.80 8.61 33.98
C ASN C 496 3.50 8.88 33.21
N ASN C 497 2.95 7.83 32.63
CA ASN C 497 1.77 7.93 31.78
C ASN C 497 0.52 8.43 32.49
N LYS C 498 0.38 8.09 33.76
CA LYS C 498 -0.81 8.46 34.51
C LYS C 498 -0.87 9.98 34.69
N ALA C 499 0.30 10.57 34.93
CA ALA C 499 0.44 12.01 35.08
C ALA C 499 0.12 12.73 33.77
N ALA C 500 0.53 12.13 32.66
CA ALA C 500 0.32 12.72 31.34
C ALA C 500 -1.15 12.84 31.05
N THR C 501 -1.96 11.90 31.55
CA THR C 501 -3.37 11.93 31.19
C THR C 501 -4.17 12.81 32.12
N GLY C 502 -3.63 13.09 33.29
CA GLY C 502 -4.34 13.95 34.26
C GLY C 502 -4.86 13.15 35.44
N GLU C 503 -4.70 11.84 35.33
CA GLU C 503 -5.02 10.91 36.39
C GLU C 503 -4.11 11.01 37.63
N GLU C 504 -2.86 11.44 37.48
CA GLU C 504 -2.02 11.76 38.64
C GLU C 504 -1.45 13.16 38.52
N VAL C 505 -1.02 13.70 39.65
CA VAL C 505 -0.24 14.93 39.63
C VAL C 505 1.20 14.51 39.40
N PRO C 506 1.90 15.13 38.43
CA PRO C 506 3.30 14.77 38.15
C PRO C 506 4.18 14.95 39.36
N ARG C 507 5.20 14.11 39.50
CA ARG C 507 6.06 14.15 40.70
C ARG C 507 7.47 14.69 40.42
N THR C 508 7.62 15.34 39.27
CA THR C 508 8.91 15.91 38.86
C THR C 508 8.72 17.34 38.40
N ILE C 509 9.82 17.98 38.04
CA ILE C 509 9.71 19.34 37.57
C ILE C 509 9.73 19.35 36.04
N ILE C 510 8.84 20.12 35.43
CA ILE C 510 8.65 19.99 34.00
C ILE C 510 8.90 21.28 33.26
N VAL C 511 9.86 21.19 32.34
CA VAL C 511 10.30 22.32 31.54
C VAL C 511 9.54 22.39 30.23
N THR C 512 9.03 23.57 29.91
CA THR C 512 8.18 23.73 28.75
C THR C 512 8.67 24.95 27.99
N THR C 513 9.07 24.80 26.73
CA THR C 513 9.65 25.94 25.99
C THR C 513 8.99 26.18 24.65
N ARG C 514 9.18 27.38 24.10
CA ARG C 514 8.60 27.69 22.80
C ARG C 514 9.33 26.91 21.73
N SER C 515 10.66 26.84 21.88
CA SER C 515 11.48 26.14 20.91
C SER C 515 11.05 24.67 20.71
N GLN C 516 10.43 24.08 21.73
CA GLN C 516 9.88 22.72 21.65
C GLN C 516 8.79 22.60 20.58
N TYR C 517 8.02 23.67 20.36
CA TYR C 517 6.94 23.59 19.41
C TYR C 517 7.23 24.40 18.16
N GLY C 518 8.48 24.87 18.06
CA GLY C 518 8.93 25.65 16.92
C GLY C 518 8.25 27.01 16.87
N LEU C 519 8.03 27.59 18.05
CA LEU C 519 7.49 28.93 18.12
C LEU C 519 8.65 29.94 18.18
N PRO C 520 8.49 31.09 17.48
CA PRO C 520 9.41 32.23 17.59
C PRO C 520 9.59 32.72 19.02
N GLU C 521 10.85 32.85 19.41
CA GLU C 521 11.23 33.29 20.74
C GLU C 521 10.83 34.74 21.05
N ASP C 522 10.59 35.54 20.01
CA ASP C 522 10.45 37.00 20.16
C ASP C 522 9.19 37.55 19.49
N ALA C 523 8.10 36.80 19.56
CA ALA C 523 6.89 37.15 18.85
C ALA C 523 5.68 37.11 19.76
N ILE C 524 4.61 37.77 19.34
CA ILE C 524 3.33 37.60 20.00
C ILE C 524 2.66 36.31 19.48
N VAL C 525 2.16 35.50 20.38
CA VAL C 525 1.59 34.22 19.98
C VAL C 525 0.13 34.20 20.30
N TYR C 526 -0.69 34.13 19.29
CA TYR C 526 -2.09 33.92 19.52
C TYR C 526 -2.37 32.46 19.32
N CYS C 527 -3.25 31.90 20.12
CA CYS C 527 -3.51 30.48 19.98
C CYS C 527 -4.99 30.22 19.91
N ASN C 528 -5.31 29.07 19.35
CA ASN C 528 -6.60 28.44 19.56
C ASN C 528 -6.44 26.94 19.51
N PHE C 529 -6.83 26.28 20.59
CA PHE C 529 -6.58 24.85 20.69
C PHE C 529 -7.81 23.95 20.44
N ASN C 530 -8.89 24.52 19.88
CA ASN C 530 -10.09 23.74 19.60
C ASN C 530 -9.95 22.90 18.36
N GLN C 531 -10.84 21.93 18.22
CA GLN C 531 -10.97 21.18 16.97
C GLN C 531 -11.28 22.15 15.83
N LEU C 532 -10.69 21.87 14.67
CA LEU C 532 -10.76 22.83 13.57
C LEU C 532 -12.19 23.08 13.06
N TYR C 533 -13.08 22.11 13.28
CA TYR C 533 -14.45 22.28 12.80
C TYR C 533 -15.09 23.57 13.32
N LYS C 534 -14.59 24.10 14.42
CA LYS C 534 -15.19 25.31 15.01
C LYS C 534 -14.80 26.62 14.30
N ILE C 535 -13.87 26.51 13.35
CA ILE C 535 -13.50 27.67 12.55
C ILE C 535 -14.29 27.74 11.25
N ASP C 536 -14.68 28.98 10.91
CA ASP C 536 -15.30 29.27 9.63
C ASP C 536 -14.61 30.44 8.92
N PRO C 537 -15.01 30.77 7.66
CA PRO C 537 -14.23 31.74 6.91
C PRO C 537 -14.19 33.13 7.52
N SER C 538 -15.26 33.54 8.21
CA SER C 538 -15.24 34.83 8.91
C SER C 538 -14.23 34.81 10.03
N THR C 539 -14.35 33.81 10.91
CA THR C 539 -13.42 33.65 12.02
C THR C 539 -11.98 33.77 11.50
N LEU C 540 -11.71 33.10 10.38
CA LEU C 540 -10.37 33.07 9.89
C LEU C 540 -10.00 34.46 9.38
N GLN C 541 -10.92 35.05 8.61
CA GLN C 541 -10.72 36.39 8.08
C GLN C 541 -10.30 37.29 9.25
N MET C 542 -11.15 37.28 10.26
CA MET C 542 -10.97 38.04 11.46
C MET C 542 -9.54 37.93 12.00
N TRP C 543 -9.05 36.69 12.04
CA TRP C 543 -7.73 36.43 12.59
C TRP C 543 -6.65 36.98 11.69
N ALA C 544 -6.84 36.77 10.40
CA ALA C 544 -5.95 37.28 9.39
C ALA C 544 -5.76 38.77 9.64
N ASN C 545 -6.90 39.46 9.82
CA ASN C 545 -6.91 40.90 10.11
C ASN C 545 -5.98 41.25 11.26
N ILE C 546 -6.22 40.58 12.40
CA ILE C 546 -5.41 40.76 13.60
C ILE C 546 -3.93 40.57 13.31
N LEU C 547 -3.59 39.46 12.67
CA LEU C 547 -2.20 39.16 12.35
C LEU C 547 -1.49 40.24 11.52
N LYS C 548 -2.21 40.80 10.56
CA LYS C 548 -1.63 41.88 9.74
C LYS C 548 -1.33 43.11 10.59
N ARG C 549 -2.29 43.49 11.42
CA ARG C 549 -2.11 44.67 12.24
C ARG C 549 -1.06 44.46 13.33
N VAL C 550 -0.85 43.23 13.77
CA VAL C 550 0.21 43.00 14.78
C VAL C 550 1.40 42.38 14.11
N PRO C 551 2.31 43.26 13.66
CA PRO C 551 3.36 42.93 12.70
C PRO C 551 4.08 41.61 13.05
N ASN C 552 4.67 41.56 14.25
CA ASN C 552 5.56 40.48 14.44
C ASN C 552 4.97 39.29 15.20
N SER C 553 3.95 38.67 14.63
CA SER C 553 3.13 37.78 15.44
C SER C 553 2.83 36.53 14.68
N VAL C 554 2.40 35.48 15.38
CA VAL C 554 1.97 34.21 14.77
C VAL C 554 0.67 33.70 15.38
N LEU C 555 0.04 32.79 14.65
CA LEU C 555 -1.14 32.06 15.13
C LEU C 555 -0.79 30.60 15.36
N TRP C 556 -1.24 30.04 16.48
CA TRP C 556 -0.86 28.71 16.90
C TRP C 556 -2.09 27.84 16.94
N LEU C 557 -2.11 26.82 16.09
CA LEU C 557 -3.28 25.95 15.92
C LEU C 557 -2.90 24.51 16.01
N LEU C 558 -3.90 23.63 16.18
CA LEU C 558 -3.62 22.19 16.27
C LEU C 558 -3.99 21.37 15.05
N ARG C 559 -3.25 20.31 14.76
CA ARG C 559 -3.64 19.38 13.71
C ARG C 559 -4.79 18.53 14.19
N PHE C 560 -6.00 19.07 14.08
CA PHE C 560 -7.15 18.55 14.80
C PHE C 560 -8.41 18.57 13.94
N PRO C 561 -8.47 17.69 12.94
CA PRO C 561 -7.49 16.68 12.50
C PRO C 561 -6.46 17.27 11.52
N ALA C 562 -5.40 16.49 11.24
CA ALA C 562 -4.23 17.00 10.47
C ALA C 562 -4.55 17.39 9.04
N VAL C 563 -5.59 16.79 8.48
CA VAL C 563 -5.86 16.93 7.07
C VAL C 563 -6.46 18.30 6.87
N GLY C 564 -6.93 18.89 7.96
CA GLY C 564 -7.47 20.23 7.92
C GLY C 564 -6.40 21.30 7.71
N GLU C 565 -5.16 20.98 8.08
CA GLU C 565 -4.05 21.95 7.99
C GLU C 565 -3.84 22.49 6.57
N PRO C 566 -3.45 21.62 5.61
CA PRO C 566 -3.27 22.10 4.23
C PRO C 566 -4.40 23.03 3.80
N ASN C 567 -5.63 22.71 4.19
CA ASN C 567 -6.79 23.50 3.79
C ASN C 567 -6.75 24.90 4.33
N ILE C 568 -6.33 25.03 5.58
CA ILE C 568 -6.36 26.34 6.22
C ILE C 568 -5.21 27.14 5.67
N GLN C 569 -4.03 26.51 5.63
CA GLN C 569 -2.90 27.08 4.95
C GLN C 569 -3.32 27.76 3.64
N GLN C 570 -4.03 27.04 2.78
CA GLN C 570 -4.58 27.62 1.55
C GLN C 570 -5.34 28.92 1.81
N TYR C 571 -6.46 28.83 2.52
CA TYR C 571 -7.34 29.99 2.75
C TYR C 571 -6.58 31.16 3.39
N ALA C 572 -5.46 30.85 4.03
CA ALA C 572 -4.62 31.88 4.62
C ALA C 572 -3.76 32.61 3.56
N GLN C 573 -3.11 31.86 2.67
CA GLN C 573 -2.38 32.43 1.52
C GLN C 573 -3.31 33.34 0.74
N ASN C 574 -4.53 32.89 0.47
CA ASN C 574 -5.54 33.72 -0.21
C ASN C 574 -5.86 35.02 0.50
N MET C 575 -5.62 35.06 1.79
CA MET C 575 -5.86 36.26 2.56
C MET C 575 -4.53 37.00 2.78
N GLY C 576 -3.51 36.58 2.03
CA GLY C 576 -2.19 37.21 2.06
C GLY C 576 -1.38 36.97 3.34
N LEU C 577 -1.27 35.71 3.74
CA LEU C 577 -0.42 35.35 4.88
C LEU C 577 0.55 34.25 4.51
N PRO C 578 1.86 34.54 4.56
CA PRO C 578 2.90 33.52 4.37
C PRO C 578 2.66 32.34 5.30
N GLN C 579 3.22 31.18 4.95
CA GLN C 579 3.09 29.99 5.79
C GLN C 579 3.58 30.25 7.20
N ASN C 580 4.78 30.84 7.28
CA ASN C 580 5.41 31.33 8.51
C ASN C 580 4.49 31.80 9.61
N ARG C 581 3.40 32.45 9.24
CA ARG C 581 2.58 33.15 10.22
C ARG C 581 1.59 32.26 11.00
N ILE C 582 1.30 31.06 10.48
CA ILE C 582 0.45 30.12 11.20
C ILE C 582 1.21 28.86 11.52
N ILE C 583 1.19 28.47 12.79
CA ILE C 583 1.93 27.28 13.23
C ILE C 583 1.04 26.22 13.83
N PHE C 584 1.24 25.01 13.35
CA PHE C 584 0.48 23.87 13.79
C PHE C 584 1.27 22.92 14.61
N SER C 585 0.73 22.61 15.78
CA SER C 585 1.29 21.54 16.56
C SER C 585 0.37 20.34 16.54
N PRO C 586 0.93 19.13 16.79
CA PRO C 586 0.15 17.91 16.93
C PRO C 586 -0.69 17.96 18.21
N VAL C 587 -1.68 17.08 18.30
CA VAL C 587 -2.49 17.03 19.51
C VAL C 587 -1.69 16.39 20.63
N ALA C 588 -1.91 16.86 21.87
CA ALA C 588 -1.11 16.39 22.99
C ALA C 588 -1.96 15.82 24.11
N PRO C 589 -1.37 14.95 24.96
CA PRO C 589 -2.01 14.38 26.16
C PRO C 589 -2.54 15.48 27.09
N LYS C 590 -3.63 15.25 27.80
CA LYS C 590 -4.26 16.34 28.56
C LYS C 590 -3.27 17.29 29.24
N GLU C 591 -2.43 16.73 30.10
CA GLU C 591 -1.59 17.52 30.95
C GLU C 591 -0.68 18.39 30.14
N GLU C 592 -0.01 17.82 29.14
CA GLU C 592 0.83 18.65 28.25
C GLU C 592 0.01 19.72 27.53
N HIS C 593 -1.17 19.35 27.03
CA HIS C 593 -2.04 20.30 26.38
C HIS C 593 -2.32 21.52 27.26
N VAL C 594 -2.80 21.27 28.47
CA VAL C 594 -3.04 22.37 29.41
C VAL C 594 -1.79 23.19 29.69
N ARG C 595 -0.70 22.50 30.02
CA ARG C 595 0.54 23.12 30.40
C ARG C 595 1.08 24.02 29.31
N ARG C 596 1.02 23.60 28.04
CA ARG C 596 1.71 24.35 26.99
C ARG C 596 0.97 25.65 26.62
N GLY C 597 -0.26 25.80 27.07
CA GLY C 597 -0.96 27.10 26.98
C GLY C 597 -0.23 28.26 27.65
N GLN C 598 0.60 27.93 28.63
CA GLN C 598 1.41 28.93 29.30
C GLN C 598 2.29 29.70 28.30
N LEU C 599 2.75 29.02 27.25
CA LEU C 599 3.66 29.62 26.25
C LEU C 599 2.99 30.69 25.38
N ALA C 600 1.67 30.68 25.25
CA ALA C 600 1.02 31.65 24.38
C ALA C 600 1.01 33.02 25.04
N ASP C 601 0.63 34.03 24.26
CA ASP C 601 0.38 35.35 24.81
C ASP C 601 -1.11 35.62 24.94
N VAL C 602 -1.86 35.38 23.88
CA VAL C 602 -3.30 35.51 23.95
C VAL C 602 -4.01 34.35 23.25
N CYS C 603 -5.24 34.09 23.65
CA CYS C 603 -5.99 33.07 22.99
C CYS C 603 -7.23 33.68 22.31
N LEU C 604 -7.32 33.44 21.02
CA LEU C 604 -8.44 33.94 20.23
C LEU C 604 -9.46 32.88 20.15
N ASP C 605 -10.64 33.16 20.66
CA ASP C 605 -11.67 32.16 20.71
C ASP C 605 -12.58 32.19 19.47
N THR C 606 -12.86 30.99 18.96
CA THR C 606 -13.82 30.76 17.86
C THR C 606 -15.22 31.24 18.23
N PRO C 607 -15.73 32.23 17.49
CA PRO C 607 -17.03 32.83 17.81
C PRO C 607 -18.20 32.01 17.29
N LEU C 608 -17.95 31.10 16.35
CA LEU C 608 -19.04 30.26 15.83
C LEU C 608 -19.55 29.31 16.92
N CYS C 609 -18.59 28.72 17.62
CA CYS C 609 -18.85 27.81 18.69
C CYS C 609 -17.62 27.89 19.59
N ASN C 610 -17.80 28.34 20.83
CA ASN C 610 -16.69 28.67 21.73
C ASN C 610 -15.92 27.42 22.19
N GLY C 611 -14.66 27.62 22.57
CA GLY C 611 -13.96 26.62 23.41
C GLY C 611 -14.69 26.48 24.75
N HIS C 612 -14.99 25.26 25.16
CA HIS C 612 -15.69 25.09 26.43
C HIS C 612 -14.73 24.59 27.46
N THR C 613 -14.41 23.30 27.35
CA THR C 613 -13.34 22.74 28.13
C THR C 613 -12.06 23.47 27.79
N THR C 614 -11.87 23.65 26.50
CA THR C 614 -10.71 24.36 26.00
C THR C 614 -10.58 25.77 26.63
N GLY C 615 -11.72 26.45 26.76
CA GLY C 615 -11.83 27.69 27.52
C GLY C 615 -11.19 27.56 28.90
N MET C 616 -11.66 26.60 29.70
CA MET C 616 -11.11 26.43 31.03
C MET C 616 -9.62 26.17 30.97
N ASP C 617 -9.20 25.45 29.93
CA ASP C 617 -7.82 24.98 29.87
C ASP C 617 -6.84 26.11 29.65
N VAL C 618 -7.23 27.11 28.84
CA VAL C 618 -6.31 28.22 28.58
C VAL C 618 -6.31 29.15 29.75
N LEU C 619 -7.50 29.30 30.32
CA LEU C 619 -7.64 30.17 31.46
C LEU C 619 -6.85 29.65 32.66
N TRP C 620 -6.85 28.32 32.83
CA TRP C 620 -6.12 27.78 33.93
C TRP C 620 -4.64 28.03 33.75
N ALA C 621 -4.18 28.13 32.50
CA ALA C 621 -2.76 28.39 32.22
C ALA C 621 -2.40 29.87 32.44
N GLY C 622 -3.43 30.68 32.64
CA GLY C 622 -3.24 32.10 32.90
C GLY C 622 -3.07 32.89 31.63
N THR C 623 -3.73 32.40 30.57
CA THR C 623 -3.60 32.97 29.25
C THR C 623 -4.94 33.58 28.91
N PRO C 624 -4.96 34.92 28.75
CA PRO C 624 -6.20 35.65 28.47
C PRO C 624 -6.75 35.23 27.13
N MET C 625 -8.07 35.29 27.05
CA MET C 625 -8.76 34.76 25.92
C MET C 625 -9.83 35.75 25.46
N VAL C 626 -9.75 36.12 24.17
CA VAL C 626 -10.72 37.05 23.60
C VAL C 626 -11.92 36.33 23.00
N THR C 627 -13.12 36.82 23.26
CA THR C 627 -14.32 36.16 22.73
C THR C 627 -15.33 37.17 22.19
N MET C 628 -16.20 36.69 21.30
CA MET C 628 -17.30 37.47 20.85
C MET C 628 -18.56 36.62 20.93
N PRO C 629 -19.36 36.84 21.99
CA PRO C 629 -20.56 36.03 22.28
C PRO C 629 -21.60 36.13 21.19
N GLY C 630 -21.99 34.98 20.64
CA GLY C 630 -23.05 34.91 19.66
C GLY C 630 -24.44 34.83 20.30
N GLU C 631 -25.31 34.05 19.68
CA GLU C 631 -26.68 33.97 20.14
C GLU C 631 -27.09 32.58 20.63
N THR C 632 -26.44 31.55 20.08
CA THR C 632 -26.58 30.18 20.56
C THR C 632 -25.83 30.02 21.87
N LEU C 633 -26.37 29.18 22.75
CA LEU C 633 -25.67 28.81 23.99
C LEU C 633 -24.19 28.53 23.70
N ALA C 634 -23.94 27.64 22.73
CA ALA C 634 -22.58 27.19 22.42
C ALA C 634 -21.59 28.32 22.07
N SER C 635 -22.14 29.48 21.69
CA SER C 635 -21.29 30.61 21.29
C SER C 635 -21.18 31.63 22.40
N ARG C 636 -21.86 31.37 23.49
CA ARG C 636 -21.90 32.33 24.56
C ARG C 636 -21.11 31.92 25.78
N VAL C 637 -20.50 30.74 25.75
CA VAL C 637 -19.90 30.16 26.95
C VAL C 637 -18.62 30.87 27.39
N ALA C 638 -17.69 31.04 26.45
CA ALA C 638 -16.43 31.71 26.76
C ALA C 638 -16.65 33.07 27.44
N ALA C 639 -17.61 33.84 26.91
CA ALA C 639 -18.07 35.09 27.58
C ALA C 639 -18.40 34.84 29.04
N SER C 640 -19.30 33.87 29.26
CA SER C 640 -19.79 33.52 30.57
C SER C 640 -18.63 33.16 31.50
N GLN C 641 -17.69 32.37 30.99
CA GLN C 641 -16.49 32.01 31.78
C GLN C 641 -15.71 33.26 32.15
N LEU C 642 -15.58 34.19 31.20
CA LEU C 642 -14.79 35.39 31.40
C LEU C 642 -15.44 36.40 32.34
N THR C 643 -16.76 36.52 32.28
CA THR C 643 -17.40 37.48 33.16
C THR C 643 -17.31 36.96 34.59
N CYS C 644 -17.38 35.64 34.76
CA CYS C 644 -17.24 35.04 36.08
C CYS C 644 -15.82 35.22 36.63
N LEU C 645 -14.84 35.11 35.74
CA LEU C 645 -13.48 35.38 36.11
C LEU C 645 -13.34 36.86 36.46
N GLY C 646 -14.16 37.69 35.79
CA GLY C 646 -14.13 39.14 35.96
C GLY C 646 -13.20 39.85 34.98
N CYS C 647 -13.36 39.58 33.68
CA CYS C 647 -12.54 40.22 32.65
C CYS C 647 -13.34 40.77 31.49
N LEU C 648 -14.23 41.72 31.81
CA LEU C 648 -15.23 42.15 30.85
C LEU C 648 -14.63 42.83 29.62
N GLU C 649 -13.38 43.28 29.75
CA GLU C 649 -12.70 43.96 28.67
C GLU C 649 -12.14 42.99 27.62
N LEU C 650 -12.36 41.69 27.82
CA LEU C 650 -11.98 40.69 26.80
C LEU C 650 -13.19 40.18 26.00
N ILE C 651 -14.33 40.81 26.21
CA ILE C 651 -15.57 40.42 25.57
C ILE C 651 -16.02 41.45 24.54
N ALA C 652 -15.95 41.07 23.27
CA ALA C 652 -16.28 41.98 22.18
C ALA C 652 -17.77 41.93 21.81
N LYS C 653 -18.31 43.11 21.45
CA LYS C 653 -19.71 43.21 20.98
C LYS C 653 -19.89 42.88 19.49
N ASN C 654 -18.82 43.01 18.71
CA ASN C 654 -18.86 42.75 17.26
C ASN C 654 -17.48 42.45 16.70
N ARG C 655 -17.42 42.04 15.44
CA ARG C 655 -16.16 41.61 14.83
C ARG C 655 -15.11 42.70 14.91
N GLN C 656 -15.51 43.93 14.61
CA GLN C 656 -14.56 45.04 14.65
C GLN C 656 -13.90 45.11 16.05
N GLU C 657 -14.75 45.16 17.07
CA GLU C 657 -14.28 45.34 18.42
C GLU C 657 -13.32 44.23 18.88
N TYR C 658 -13.62 43.00 18.48
CA TYR C 658 -12.80 41.81 18.77
C TYR C 658 -11.38 42.05 18.24
N GLU C 659 -11.29 42.48 16.98
CA GLU C 659 -10.01 42.67 16.34
C GLU C 659 -9.19 43.71 17.10
N ASP C 660 -9.88 44.75 17.55
CA ASP C 660 -9.22 45.82 18.25
C ASP C 660 -8.60 45.37 19.58
N ILE C 661 -9.39 44.61 20.35
CA ILE C 661 -8.92 44.08 21.63
C ILE C 661 -7.66 43.24 21.41
N ALA C 662 -7.74 42.31 20.44
CA ALA C 662 -6.62 41.42 20.10
C ALA C 662 -5.40 42.22 19.74
N VAL C 663 -5.60 43.23 18.90
CA VAL C 663 -4.50 44.02 18.40
C VAL C 663 -3.84 44.85 19.51
N LYS C 664 -4.68 45.54 20.27
CA LYS C 664 -4.19 46.29 21.42
C LYS C 664 -3.29 45.40 22.30
N LEU C 665 -3.78 44.19 22.61
CA LEU C 665 -3.06 43.23 23.44
C LEU C 665 -1.71 42.85 22.88
N GLY C 666 -1.61 42.84 21.56
CA GLY C 666 -0.40 42.39 20.90
C GLY C 666 0.58 43.53 20.72
N THR C 667 0.04 44.74 20.54
CA THR C 667 0.89 45.90 20.30
C THR C 667 1.32 46.59 21.59
N ASP C 668 0.46 46.60 22.60
CA ASP C 668 0.77 47.29 23.86
C ASP C 668 1.27 46.35 24.95
N LEU C 669 2.59 46.14 24.97
CA LEU C 669 3.18 45.17 25.90
C LEU C 669 2.89 45.43 27.39
N GLU C 670 2.66 46.69 27.73
CA GLU C 670 2.29 47.06 29.10
C GLU C 670 0.90 46.56 29.42
N TYR C 671 -0.03 46.84 28.52
CA TYR C 671 -1.40 46.43 28.72
C TYR C 671 -1.50 44.93 28.85
N LEU C 672 -0.81 44.23 27.95
CA LEU C 672 -0.79 42.78 27.95
C LEU C 672 -0.40 42.28 29.34
N LYS C 673 0.81 42.63 29.76
CA LYS C 673 1.34 42.21 31.05
C LYS C 673 0.35 42.45 32.18
N LYS C 674 -0.36 43.56 32.12
CA LYS C 674 -1.38 43.84 33.14
C LYS C 674 -2.51 42.80 33.13
N VAL C 675 -3.09 42.55 31.95
CA VAL C 675 -4.21 41.62 31.79
C VAL C 675 -3.80 40.17 32.05
N ARG C 676 -2.69 39.74 31.45
CA ARG C 676 -2.09 38.44 31.76
C ARG C 676 -1.98 38.24 33.26
N GLY C 677 -1.37 39.20 33.96
CA GLY C 677 -1.24 39.16 35.42
C GLY C 677 -2.59 39.09 36.14
N LYS C 678 -3.59 39.77 35.58
CA LYS C 678 -4.92 39.83 36.17
C LYS C 678 -5.62 38.47 36.09
N VAL C 679 -5.40 37.78 34.98
CA VAL C 679 -5.95 36.43 34.81
C VAL C 679 -5.25 35.45 35.78
N TRP C 680 -3.92 35.49 35.78
CA TRP C 680 -3.12 34.66 36.64
C TRP C 680 -3.55 34.71 38.08
N LYS C 681 -4.08 35.86 38.51
CA LYS C 681 -4.55 35.98 39.91
C LYS C 681 -5.98 35.48 40.08
N GLN C 682 -6.84 35.89 39.16
CA GLN C 682 -8.25 35.64 39.34
C GLN C 682 -8.68 34.19 39.14
N ARG C 683 -7.86 33.41 38.46
CA ARG C 683 -8.18 32.00 38.30
C ARG C 683 -8.22 31.29 39.65
N ILE C 684 -7.46 31.79 40.60
CA ILE C 684 -7.57 31.34 42.00
C ILE C 684 -8.69 32.05 42.77
N SER C 685 -8.76 33.38 42.65
CA SER C 685 -9.61 34.14 43.55
C SER C 685 -11.08 34.22 43.11
N SER C 686 -11.34 34.06 41.81
CA SER C 686 -12.72 34.12 41.33
C SER C 686 -13.43 32.81 41.66
N PRO C 687 -14.76 32.76 41.46
CA PRO C 687 -15.44 31.51 41.71
C PRO C 687 -15.19 30.44 40.67
N LEU C 688 -14.60 30.81 39.53
CA LEU C 688 -14.61 29.97 38.30
C LEU C 688 -14.10 28.51 38.42
N PHE C 689 -12.94 28.34 39.06
CA PHE C 689 -12.31 27.04 39.22
C PHE C 689 -12.53 26.43 40.61
N ASN C 690 -13.40 27.08 41.40
CA ASN C 690 -13.69 26.70 42.79
C ASN C 690 -14.86 25.74 42.90
N THR C 691 -14.53 24.45 42.89
CA THR C 691 -15.55 23.41 42.76
C THR C 691 -16.39 23.27 44.01
N LYS C 692 -15.80 23.54 45.17
CA LYS C 692 -16.58 23.48 46.40
C LYS C 692 -17.73 24.47 46.40
N GLN C 693 -17.39 25.74 46.17
CA GLN C 693 -18.38 26.80 46.05
C GLN C 693 -19.40 26.46 44.97
N TYR C 694 -18.90 26.02 43.81
CA TYR C 694 -19.79 25.59 42.71
C TYR C 694 -20.81 24.56 43.19
N THR C 695 -20.34 23.47 43.78
CA THR C 695 -21.25 22.45 44.25
C THR C 695 -22.29 23.07 45.13
N MET C 696 -21.86 23.97 46.01
CA MET C 696 -22.82 24.56 46.94
C MET C 696 -23.93 25.33 46.24
N GLU C 697 -23.58 26.13 45.22
CA GLU C 697 -24.61 26.87 44.48
C GLU C 697 -25.53 25.91 43.73
N LEU C 698 -24.96 24.82 43.26
CA LEU C 698 -25.73 23.79 42.61
C LEU C 698 -26.75 23.20 43.58
N GLU C 699 -26.32 23.04 44.81
CA GLU C 699 -27.19 22.51 45.84
C GLU C 699 -28.35 23.47 46.13
N ARG C 700 -28.03 24.74 46.39
CA ARG C 700 -29.09 25.75 46.60
C ARG C 700 -30.13 25.62 45.48
N LEU C 701 -29.60 25.57 44.26
CA LEU C 701 -30.43 25.48 43.10
C LEU C 701 -31.32 24.25 43.20
N TYR C 702 -30.74 23.08 43.47
CA TYR C 702 -31.57 21.90 43.54
C TYR C 702 -32.75 22.09 44.49
N LEU C 703 -32.46 22.65 45.66
CA LEU C 703 -33.48 22.79 46.68
C LEU C 703 -34.61 23.67 46.21
N GLN C 704 -34.29 24.78 45.54
CA GLN C 704 -35.31 25.61 44.91
C GLN C 704 -36.21 24.77 44.05
N MET C 705 -35.60 23.95 43.21
CA MET C 705 -36.35 23.16 42.23
C MET C 705 -37.34 22.24 42.91
N TRP C 706 -36.91 21.75 44.07
CA TRP C 706 -37.67 20.78 44.79
C TRP C 706 -38.76 21.47 45.59
N GLU C 707 -38.40 22.52 46.32
CA GLU C 707 -39.39 23.28 47.11
C GLU C 707 -40.59 23.60 46.27
N HIS C 708 -40.31 24.00 45.03
CA HIS C 708 -41.30 24.35 44.04
C HIS C 708 -42.18 23.16 43.65
N TYR C 709 -41.58 22.02 43.39
CA TYR C 709 -42.34 20.85 43.01
C TYR C 709 -43.13 20.31 44.19
N ALA C 710 -42.56 20.45 45.37
CA ALA C 710 -43.15 19.94 46.62
C ALA C 710 -44.41 20.71 46.99
N ALA C 711 -44.41 22.00 46.70
CA ALA C 711 -45.59 22.85 46.85
C ALA C 711 -46.60 22.60 45.73
N GLY C 712 -46.43 21.50 44.99
CA GLY C 712 -47.40 21.08 43.97
C GLY C 712 -47.39 21.81 42.63
N ASN C 713 -46.30 22.49 42.31
CA ASN C 713 -46.21 23.23 41.05
C ASN C 713 -45.50 22.51 39.91
N LYS C 714 -45.94 22.86 38.70
CA LYS C 714 -45.23 22.45 37.49
C LYS C 714 -43.97 23.28 37.27
N PRO C 715 -42.95 22.68 36.65
CA PRO C 715 -41.70 23.38 36.39
C PRO C 715 -41.91 24.80 35.88
N ASP C 716 -41.05 25.71 36.34
CA ASP C 716 -41.01 27.08 35.83
C ASP C 716 -39.64 27.74 36.09
N HIS C 717 -39.28 28.75 35.29
CA HIS C 717 -37.98 29.44 35.39
C HIS C 717 -37.49 29.78 36.81
N MET C 718 -36.17 29.75 37.03
CA MET C 718 -35.57 30.01 38.34
C MET C 718 -34.46 31.02 38.19
N ILE C 719 -34.75 32.28 38.52
CA ILE C 719 -33.79 33.38 38.35
C ILE C 719 -33.47 34.07 39.71
N LYS C 720 -33.42 33.25 40.77
CA LYS C 720 -33.28 33.71 42.16
C LYS C 720 -34.47 34.54 42.63
N SER D 4 73.60 2.16 63.73
CA SER D 4 73.41 0.70 63.46
C SER D 4 71.95 0.22 63.58
N CYS D 5 71.09 1.03 64.22
CA CYS D 5 69.71 0.66 64.64
C CYS D 5 68.59 0.67 63.54
N PRO D 6 68.04 -0.53 63.20
CA PRO D 6 66.95 -0.59 62.19
C PRO D 6 65.55 -0.16 62.66
N THR D 7 65.29 -0.20 63.96
CA THR D 7 64.00 0.20 64.52
C THR D 7 63.84 1.73 64.47
N HIS D 8 64.92 2.43 64.82
CA HIS D 8 65.01 3.90 64.69
C HIS D 8 64.77 4.21 63.22
N ALA D 9 65.68 3.72 62.37
CA ALA D 9 65.61 3.91 60.91
C ALA D 9 64.22 3.65 60.33
N ASP D 10 63.57 2.60 60.82
CA ASP D 10 62.25 2.27 60.35
C ASP D 10 61.19 3.36 60.55
N SER D 11 61.16 3.96 61.73
CA SER D 11 60.15 4.98 62.02
C SER D 11 60.48 6.26 61.23
N LEU D 12 61.78 6.55 61.05
CA LEU D 12 62.24 7.65 60.22
C LEU D 12 61.63 7.53 58.83
N ASN D 13 61.73 6.33 58.26
CA ASN D 13 61.07 6.00 57.01
C ASN D 13 59.58 6.30 57.04
N ASN D 14 58.88 5.88 58.09
CA ASN D 14 57.46 6.17 58.21
C ASN D 14 57.11 7.64 58.22
N LEU D 15 57.99 8.42 58.84
CA LEU D 15 57.77 9.85 58.98
C LEU D 15 57.99 10.57 57.65
N ALA D 16 58.97 10.10 56.87
CA ALA D 16 59.20 10.59 55.51
C ALA D 16 58.02 10.24 54.60
N ASN D 17 57.58 8.98 54.65
CA ASN D 17 56.34 8.58 53.97
C ASN D 17 55.15 9.46 54.28
N ILE D 18 55.18 10.10 55.45
CA ILE D 18 54.17 11.06 55.80
C ILE D 18 54.35 12.42 55.07
N LYS D 19 55.58 12.94 55.03
CA LYS D 19 55.86 14.23 54.37
C LYS D 19 55.56 14.22 52.87
N ARG D 20 55.69 13.04 52.27
CA ARG D 20 55.36 12.84 50.86
C ARG D 20 53.84 12.87 50.64
N GLU D 21 53.07 12.42 51.63
CA GLU D 21 51.61 12.53 51.59
C GLU D 21 51.15 13.98 51.55
N GLN D 22 51.66 14.75 52.51
CA GLN D 22 51.45 16.20 52.58
C GLN D 22 52.12 16.94 51.43
N GLY D 23 52.70 16.20 50.50
CA GLY D 23 53.38 16.79 49.35
C GLY D 23 54.71 17.49 49.60
N ASN D 24 55.03 17.80 50.87
CA ASN D 24 56.29 18.47 51.24
C ASN D 24 57.56 17.59 51.02
N ILE D 25 58.01 17.58 49.77
CA ILE D 25 59.05 16.67 49.27
C ILE D 25 60.41 16.87 49.92
N GLU D 26 60.91 18.11 49.95
CA GLU D 26 62.29 18.42 50.39
C GLU D 26 62.57 17.99 51.83
N GLU D 27 61.53 17.94 52.66
CA GLU D 27 61.68 17.41 54.02
C GLU D 27 61.77 15.87 54.01
N ALA D 28 60.86 15.24 53.26
CA ALA D 28 60.87 13.78 53.06
C ALA D 28 62.27 13.26 52.75
N VAL D 29 62.92 13.86 51.77
CA VAL D 29 64.30 13.53 51.41
C VAL D 29 65.24 13.59 52.61
N ARG D 30 65.22 14.70 53.38
CA ARG D 30 66.12 14.85 54.55
C ARG D 30 66.01 13.67 55.49
N LEU D 31 64.78 13.16 55.67
CA LEU D 31 64.47 12.07 56.61
C LEU D 31 64.96 10.70 56.13
N TYR D 32 64.62 10.35 54.89
CA TYR D 32 65.17 9.16 54.24
C TYR D 32 66.68 9.11 54.38
N ARG D 33 67.37 10.23 54.11
CA ARG D 33 68.83 10.29 54.16
C ARG D 33 69.37 10.00 55.54
N LYS D 34 68.66 10.49 56.57
CA LYS D 34 68.97 10.17 57.96
C LYS D 34 68.66 8.73 58.25
N ALA D 35 67.48 8.27 57.85
CA ALA D 35 67.14 6.86 57.97
C ALA D 35 68.21 5.94 57.40
N LEU D 36 68.83 6.36 56.31
CA LEU D 36 69.88 5.56 55.66
C LEU D 36 71.24 5.74 56.31
N GLU D 37 71.37 6.78 57.12
CA GLU D 37 72.64 7.11 57.80
C GLU D 37 72.67 6.40 59.15
N VAL D 38 71.49 6.25 59.74
CA VAL D 38 71.24 5.39 60.88
C VAL D 38 71.42 3.92 60.53
N PHE D 39 70.70 3.45 59.51
CA PHE D 39 70.83 2.07 59.06
C PHE D 39 71.12 1.99 57.57
N PRO D 40 72.41 1.80 57.20
CA PRO D 40 72.77 1.92 55.78
C PRO D 40 72.23 0.77 54.93
N GLU D 41 71.97 -0.37 55.55
CA GLU D 41 71.55 -1.59 54.82
C GLU D 41 70.03 -1.75 54.73
N PHE D 42 69.35 -0.62 54.64
CA PHE D 42 67.88 -0.59 54.69
C PHE D 42 67.31 -0.51 53.27
N ALA D 43 66.78 -1.65 52.82
CA ALA D 43 66.29 -1.78 51.45
C ALA D 43 65.20 -0.76 51.09
N ALA D 44 64.10 -0.76 51.82
CA ALA D 44 62.96 0.07 51.48
C ALA D 44 63.27 1.58 51.40
N ALA D 45 64.23 2.05 52.20
CA ALA D 45 64.61 3.46 52.22
C ALA D 45 65.35 3.84 50.96
N HIS D 46 66.35 3.04 50.61
CA HIS D 46 67.05 3.22 49.34
C HIS D 46 66.04 3.39 48.23
N SER D 47 65.05 2.52 48.23
CA SER D 47 64.06 2.50 47.21
C SER D 47 63.12 3.71 47.22
N ASN D 48 62.76 4.18 48.41
CA ASN D 48 61.88 5.33 48.49
C ASN D 48 62.62 6.60 48.15
N LEU D 49 63.85 6.71 48.67
CA LEU D 49 64.66 7.86 48.39
C LEU D 49 64.80 7.95 46.86
N ALA D 50 64.99 6.79 46.24
CA ALA D 50 65.21 6.71 44.82
C ALA D 50 63.98 7.19 44.08
N SER D 51 62.82 6.76 44.52
CA SER D 51 61.67 7.09 43.75
C SER D 51 61.31 8.59 43.83
N VAL D 52 61.78 9.28 44.88
CA VAL D 52 61.55 10.72 44.94
C VAL D 52 62.60 11.49 44.14
N LEU D 53 63.86 11.10 44.25
CA LEU D 53 64.89 11.67 43.41
C LEU D 53 64.53 11.60 41.93
N GLN D 54 63.82 10.54 41.57
CA GLN D 54 63.39 10.37 40.19
C GLN D 54 62.34 11.40 39.85
N GLN D 55 61.38 11.58 40.76
CA GLN D 55 60.40 12.63 40.63
C GLN D 55 61.05 14.00 40.55
N GLN D 56 62.21 14.15 41.17
CA GLN D 56 62.89 15.42 41.17
C GLN D 56 63.68 15.63 39.89
N GLY D 57 63.68 14.61 39.04
CA GLY D 57 64.45 14.66 37.81
C GLY D 57 65.95 14.47 38.02
N LYS D 58 66.35 14.04 39.22
CA LYS D 58 67.75 13.77 39.51
C LYS D 58 68.17 12.33 39.19
N LEU D 59 67.76 11.85 38.01
CA LEU D 59 67.88 10.43 37.58
C LEU D 59 69.26 9.85 37.83
N GLN D 60 70.27 10.69 37.61
CA GLN D 60 71.66 10.36 37.89
C GLN D 60 71.83 9.51 39.19
N GLU D 61 71.43 10.15 40.30
CA GLU D 61 71.62 9.68 41.66
C GLU D 61 70.57 8.65 42.02
N ALA D 62 69.34 8.88 41.58
CA ALA D 62 68.20 7.98 41.84
C ALA D 62 68.55 6.54 41.49
N LEU D 63 69.18 6.38 40.35
CA LEU D 63 69.60 5.08 39.85
C LEU D 63 70.58 4.40 40.78
N MET D 64 71.50 5.15 41.34
CA MET D 64 72.48 4.57 42.24
C MET D 64 71.84 3.98 43.50
N HIS D 65 70.76 4.60 43.96
CA HIS D 65 70.04 4.14 45.15
C HIS D 65 69.18 2.95 44.85
N TYR D 66 68.59 2.90 43.66
CA TYR D 66 67.85 1.71 43.21
C TYR D 66 68.78 0.51 43.18
N LYS D 67 69.89 0.64 42.46
CA LYS D 67 70.97 -0.38 42.51
C LYS D 67 71.24 -0.87 43.92
N GLU D 68 71.32 0.04 44.89
CA GLU D 68 71.66 -0.33 46.24
C GLU D 68 70.62 -1.20 46.87
N ALA D 69 69.36 -0.82 46.71
CA ALA D 69 68.22 -1.60 47.22
C ALA D 69 68.24 -3.02 46.69
N ILE D 70 68.46 -3.18 45.40
CA ILE D 70 68.55 -4.50 44.74
C ILE D 70 69.71 -5.32 45.31
N ARG D 71 70.85 -4.68 45.57
CA ARG D 71 72.00 -5.38 46.14
C ARG D 71 71.65 -5.94 47.52
N ILE D 72 71.02 -5.11 48.35
CA ILE D 72 70.60 -5.51 49.70
C ILE D 72 69.57 -6.66 49.66
N SER D 73 68.51 -6.48 48.89
CA SER D 73 67.35 -7.35 48.96
C SER D 73 66.94 -7.77 47.56
N PRO D 74 67.55 -8.85 47.07
CA PRO D 74 67.57 -9.17 45.65
C PRO D 74 66.29 -9.73 45.09
N THR D 75 65.35 -10.08 45.96
CA THR D 75 64.00 -10.49 45.52
C THR D 75 63.03 -9.31 45.41
N PHE D 76 63.56 -8.09 45.27
CA PHE D 76 62.77 -6.85 45.28
C PHE D 76 62.31 -6.51 43.85
N ALA D 77 61.39 -7.30 43.34
CA ALA D 77 60.87 -7.08 42.01
C ALA D 77 60.36 -5.67 41.80
N ASP D 78 59.82 -5.05 42.85
CA ASP D 78 59.32 -3.70 42.74
C ASP D 78 60.47 -2.73 42.40
N ALA D 79 61.65 -3.01 42.92
CA ALA D 79 62.77 -2.12 42.73
C ALA D 79 63.31 -2.24 41.33
N TYR D 80 63.26 -3.44 40.78
CA TYR D 80 63.74 -3.64 39.43
C TYR D 80 62.88 -2.88 38.48
N SER D 81 61.58 -2.95 38.69
CA SER D 81 60.66 -2.31 37.80
C SER D 81 60.86 -0.80 37.80
N ASN D 82 61.08 -0.23 38.98
CA ASN D 82 61.28 1.21 39.09
C ASN D 82 62.64 1.67 38.61
N MET D 83 63.64 0.85 38.82
CA MET D 83 64.93 1.10 38.22
C MET D 83 64.80 1.21 36.71
N GLY D 84 64.04 0.31 36.12
CA GLY D 84 63.72 0.32 34.69
C GLY D 84 63.18 1.64 34.22
N ASN D 85 62.11 2.11 34.84
CA ASN D 85 61.56 3.44 34.56
C ASN D 85 62.63 4.52 34.52
N THR D 86 63.53 4.48 35.51
CA THR D 86 64.62 5.42 35.57
C THR D 86 65.53 5.31 34.35
N LEU D 87 65.95 4.10 34.01
CA LEU D 87 66.75 3.91 32.80
C LEU D 87 66.07 4.38 31.53
N LYS D 88 64.76 4.15 31.43
CA LYS D 88 63.98 4.58 30.27
C LYS D 88 64.12 6.09 30.14
N GLU D 89 63.80 6.80 31.22
CA GLU D 89 63.85 8.24 31.22
C GLU D 89 65.26 8.74 30.94
N MET D 90 66.27 7.92 31.19
CA MET D 90 67.64 8.29 30.87
C MET D 90 68.02 7.96 29.44
N GLN D 91 67.02 7.73 28.60
CA GLN D 91 67.23 7.34 27.19
C GLN D 91 67.96 6.00 26.98
N ASP D 92 68.08 5.17 28.03
CA ASP D 92 68.67 3.83 27.90
C ASP D 92 67.64 2.68 27.86
N VAL D 93 67.01 2.50 26.70
CA VAL D 93 65.93 1.53 26.56
C VAL D 93 66.39 0.14 26.91
N GLN D 94 67.47 -0.31 26.29
CA GLN D 94 67.96 -1.64 26.53
C GLN D 94 68.08 -2.01 28.02
N GLY D 95 68.74 -1.14 28.78
CA GLY D 95 68.95 -1.38 30.20
C GLY D 95 67.63 -1.51 30.93
N ALA D 96 66.70 -0.62 30.59
CA ALA D 96 65.38 -0.61 31.18
C ALA D 96 64.68 -1.94 30.94
N LEU D 97 64.75 -2.38 29.70
CA LEU D 97 64.15 -3.63 29.28
C LEU D 97 64.68 -4.83 30.02
N GLN D 98 65.98 -4.88 30.18
CA GLN D 98 66.60 -5.93 30.94
C GLN D 98 66.05 -5.97 32.37
N CYS D 99 65.72 -4.81 32.94
CA CYS D 99 65.13 -4.75 34.27
C CYS D 99 63.77 -5.38 34.28
N TYR D 100 62.91 -4.88 33.42
CA TYR D 100 61.55 -5.37 33.36
C TYR D 100 61.49 -6.87 33.19
N THR D 101 62.29 -7.43 32.29
CA THR D 101 62.29 -8.88 32.11
C THR D 101 62.82 -9.57 33.35
N ARG D 102 63.95 -9.08 33.86
CA ARG D 102 64.58 -9.66 35.05
C ARG D 102 63.62 -9.70 36.23
N ALA D 103 62.76 -8.69 36.35
CA ALA D 103 61.75 -8.64 37.41
C ALA D 103 60.70 -9.70 37.21
N ILE D 104 60.27 -9.90 35.97
CA ILE D 104 59.18 -10.82 35.69
C ILE D 104 59.58 -12.24 35.97
N GLN D 105 60.85 -12.52 35.74
CA GLN D 105 61.40 -13.82 36.04
C GLN D 105 61.43 -14.08 37.54
N ILE D 106 61.85 -13.07 38.31
CA ILE D 106 61.90 -13.17 39.75
C ILE D 106 60.50 -13.34 40.34
N ASN D 107 59.54 -12.56 39.86
CA ASN D 107 58.19 -12.72 40.32
C ASN D 107 57.21 -12.75 39.16
N PRO D 108 56.95 -13.95 38.64
CA PRO D 108 56.07 -14.10 37.51
C PRO D 108 54.74 -13.41 37.73
N ALA D 109 54.35 -13.25 38.99
CA ALA D 109 53.00 -12.80 39.30
C ALA D 109 52.90 -11.28 39.55
N PHE D 110 53.99 -10.55 39.25
CA PHE D 110 54.11 -9.12 39.54
C PHE D 110 53.60 -8.26 38.42
N ALA D 111 52.43 -7.66 38.60
CA ALA D 111 51.75 -6.92 37.52
C ALA D 111 52.53 -5.77 36.86
N ASP D 112 53.04 -4.82 37.65
CA ASP D 112 53.66 -3.58 37.13
C ASP D 112 54.70 -3.80 36.08
N ALA D 113 55.54 -4.81 36.25
CA ALA D 113 56.63 -5.06 35.33
C ALA D 113 56.09 -5.40 33.95
N HIS D 114 54.99 -6.14 33.90
CA HIS D 114 54.37 -6.50 32.65
C HIS D 114 53.86 -5.29 31.90
N SER D 115 53.24 -4.39 32.66
CA SER D 115 52.74 -3.16 32.12
C SER D 115 53.87 -2.31 31.58
N ASN D 116 54.94 -2.18 32.37
CA ASN D 116 56.10 -1.42 31.94
C ASN D 116 56.72 -1.96 30.68
N LEU D 117 56.86 -3.28 30.62
CA LEU D 117 57.30 -3.95 29.41
C LEU D 117 56.44 -3.61 28.19
N ALA D 118 55.12 -3.67 28.33
CA ALA D 118 54.23 -3.31 27.25
C ALA D 118 54.45 -1.88 26.81
N SER D 119 54.79 -0.98 27.74
CA SER D 119 55.02 0.42 27.39
C SER D 119 56.20 0.61 26.49
N ILE D 120 57.22 -0.23 26.67
CA ILE D 120 58.37 -0.20 25.78
C ILE D 120 57.95 -0.65 24.40
N HIS D 121 57.12 -1.68 24.35
CA HIS D 121 56.65 -2.18 23.09
C HIS D 121 55.82 -1.15 22.37
N LYS D 122 55.03 -0.38 23.11
CA LYS D 122 54.19 0.65 22.55
C LYS D 122 55.04 1.70 21.90
N ASP D 123 56.02 2.20 22.63
CA ASP D 123 56.96 3.20 22.10
C ASP D 123 57.66 2.76 20.83
N SER D 124 57.88 1.48 20.65
CA SER D 124 58.56 1.00 19.47
C SER D 124 57.64 0.77 18.34
N GLY D 125 56.34 0.97 18.56
CA GLY D 125 55.37 0.73 17.52
C GLY D 125 54.91 -0.71 17.44
N ASN D 126 55.42 -1.57 18.31
CA ASN D 126 55.01 -2.98 18.36
C ASN D 126 53.70 -3.12 19.07
N ILE D 127 52.59 -2.95 18.38
CA ILE D 127 51.31 -2.82 19.09
C ILE D 127 50.71 -4.15 19.56
N PRO D 128 50.64 -5.16 18.70
CA PRO D 128 50.05 -6.41 19.16
C PRO D 128 50.77 -6.97 20.38
N GLU D 129 52.09 -6.75 20.41
CA GLU D 129 52.95 -7.21 21.48
C GLU D 129 52.68 -6.42 22.74
N ALA D 130 52.35 -5.14 22.56
CA ALA D 130 51.99 -4.29 23.69
C ALA D 130 50.64 -4.73 24.29
N ILE D 131 49.63 -4.88 23.46
CA ILE D 131 48.34 -5.39 23.92
C ILE D 131 48.51 -6.68 24.70
N ALA D 132 49.17 -7.69 24.12
CA ALA D 132 49.45 -8.94 24.84
C ALA D 132 49.88 -8.68 26.28
N SER D 133 50.95 -7.91 26.47
CA SER D 133 51.48 -7.64 27.80
C SER D 133 50.58 -6.82 28.70
N TYR D 134 49.79 -5.90 28.16
CA TYR D 134 48.89 -5.14 29.00
C TYR D 134 47.84 -6.07 29.51
N ARG D 135 47.33 -6.93 28.64
CA ARG D 135 46.31 -7.90 28.98
C ARG D 135 46.78 -8.81 30.10
N THR D 136 48.00 -9.33 29.98
CA THR D 136 48.63 -10.09 31.06
C THR D 136 48.59 -9.33 32.36
N ALA D 137 49.03 -8.09 32.35
CA ALA D 137 49.08 -7.32 33.58
C ALA D 137 47.71 -7.19 34.22
N LEU D 138 46.68 -7.00 33.43
CA LEU D 138 45.35 -6.79 33.99
C LEU D 138 44.72 -8.07 34.54
N LYS D 139 45.13 -9.21 34.00
CA LYS D 139 44.71 -10.49 34.53
C LYS D 139 45.35 -10.65 35.91
N LEU D 140 46.64 -10.34 36.01
CA LEU D 140 47.37 -10.45 37.26
C LEU D 140 46.89 -9.45 38.30
N LYS D 141 46.27 -8.37 37.89
CA LYS D 141 45.85 -7.33 38.81
C LYS D 141 44.76 -6.50 38.15
N PRO D 142 43.51 -6.92 38.32
CA PRO D 142 42.41 -6.39 37.54
C PRO D 142 42.11 -4.92 37.78
N ASP D 143 42.45 -4.37 38.94
CA ASP D 143 42.31 -2.93 39.13
C ASP D 143 43.65 -2.21 39.00
N PHE D 144 43.88 -1.69 37.81
CA PHE D 144 45.18 -1.16 37.47
C PHE D 144 44.93 -0.08 36.45
N PRO D 145 44.78 1.16 36.91
CA PRO D 145 44.38 2.23 36.02
C PRO D 145 45.40 2.42 34.89
N ASP D 146 46.67 2.60 35.26
CA ASP D 146 47.71 2.85 34.24
C ASP D 146 47.67 1.88 33.06
N ALA D 147 47.69 0.59 33.35
CA ALA D 147 47.63 -0.42 32.32
C ALA D 147 46.32 -0.37 31.58
N TYR D 148 45.20 -0.18 32.26
CA TYR D 148 43.92 -0.15 31.58
C TYR D 148 43.87 0.95 30.53
N CYS D 149 44.36 2.13 30.89
CA CYS D 149 44.32 3.27 30.00
C CYS D 149 45.25 3.19 28.84
N ASN D 150 46.45 2.71 29.09
CA ASN D 150 47.36 2.43 28.01
C ASN D 150 46.82 1.39 27.04
N LEU D 151 46.29 0.29 27.56
CA LEU D 151 45.65 -0.70 26.72
C LEU D 151 44.58 -0.04 25.88
N ALA D 152 43.70 0.71 26.54
CA ALA D 152 42.64 1.45 25.86
C ALA D 152 43.14 2.27 24.66
N HIS D 153 44.27 2.93 24.84
CA HIS D 153 44.84 3.70 23.75
C HIS D 153 45.36 2.84 22.63
N CYS D 154 45.90 1.67 22.93
CA CYS D 154 46.35 0.78 21.88
C CYS D 154 45.20 0.27 21.08
N LEU D 155 44.18 -0.18 21.76
CA LEU D 155 43.03 -0.68 21.07
C LEU D 155 42.52 0.38 20.11
N GLN D 156 42.54 1.63 20.57
CA GLN D 156 42.13 2.77 19.77
C GLN D 156 42.97 2.84 18.52
N ILE D 157 44.28 2.68 18.70
CA ILE D 157 45.27 2.79 17.64
C ILE D 157 45.08 1.81 16.49
N VAL D 158 44.57 0.61 16.80
CA VAL D 158 44.37 -0.43 15.81
C VAL D 158 42.92 -0.65 15.50
N CYS D 159 42.07 0.19 16.06
CA CYS D 159 40.63 0.11 15.83
C CYS D 159 40.03 -1.21 16.24
N ASP D 160 40.41 -1.70 17.42
CA ASP D 160 39.68 -2.78 18.07
C ASP D 160 38.63 -2.11 18.92
N TRP D 161 37.36 -2.26 18.54
CA TRP D 161 36.30 -1.56 19.22
C TRP D 161 35.45 -2.50 20.06
N THR D 162 35.98 -3.70 20.33
CA THR D 162 35.34 -4.64 21.24
C THR D 162 34.93 -3.94 22.53
N ASP D 163 33.61 -3.90 22.81
CA ASP D 163 33.10 -3.37 24.08
C ASP D 163 33.39 -1.90 24.23
N TYR D 164 33.28 -1.18 23.13
CA TYR D 164 33.70 0.21 23.09
C TYR D 164 33.04 1.04 24.16
N ASP D 165 31.69 1.05 24.18
CA ASP D 165 30.95 1.93 25.10
C ASP D 165 31.26 1.69 26.55
N GLU D 166 31.39 0.42 26.94
CA GLU D 166 31.85 0.05 28.28
C GLU D 166 33.21 0.65 28.56
N ARG D 167 34.15 0.42 27.64
CA ARG D 167 35.51 0.93 27.76
C ARG D 167 35.52 2.39 28.08
N MET D 168 34.77 3.16 27.31
CA MET D 168 34.69 4.60 27.50
C MET D 168 34.17 4.98 28.87
N LYS D 169 33.05 4.41 29.26
CA LYS D 169 32.40 4.76 30.51
C LYS D 169 33.38 4.50 31.62
N LYS D 170 34.09 3.39 31.50
CA LYS D 170 35.06 3.02 32.51
C LYS D 170 36.28 3.92 32.55
N LEU D 171 36.65 4.52 31.43
CA LEU D 171 37.79 5.43 31.42
C LEU D 171 37.46 6.69 32.15
N VAL D 172 36.33 7.29 31.77
CA VAL D 172 35.81 8.48 32.42
C VAL D 172 35.75 8.17 33.92
N SER D 173 35.06 7.08 34.25
CA SER D 173 34.99 6.62 35.61
C SER D 173 36.35 6.58 36.32
N ILE D 174 37.40 6.14 35.63
CA ILE D 174 38.74 6.02 36.25
C ILE D 174 39.41 7.36 36.49
N VAL D 175 39.30 8.25 35.52
CA VAL D 175 39.87 9.59 35.62
C VAL D 175 39.18 10.34 36.73
N ALA D 176 37.85 10.31 36.70
CA ALA D 176 36.99 11.01 37.63
C ALA D 176 37.49 10.70 39.03
N ASP D 177 37.74 9.40 39.26
CA ASP D 177 38.23 8.92 40.53
C ASP D 177 39.60 9.49 40.88
N GLN D 178 40.55 9.37 39.96
CA GLN D 178 41.93 9.77 40.19
C GLN D 178 42.08 11.24 40.37
N LEU D 179 41.16 12.00 39.82
CA LEU D 179 41.19 13.44 39.97
C LEU D 179 40.81 13.84 41.37
N GLU D 180 39.73 13.21 41.85
CA GLU D 180 39.25 13.47 43.20
C GLU D 180 40.23 12.93 44.24
N LYS D 181 40.56 11.64 44.13
CA LYS D 181 41.60 10.99 44.97
C LYS D 181 42.96 11.72 44.90
N ASN D 182 43.04 12.75 44.07
CA ASN D 182 44.22 13.62 43.97
C ASN D 182 45.54 12.97 43.52
N ARG D 183 45.43 11.96 42.67
CA ARG D 183 46.63 11.39 42.03
C ARG D 183 46.75 11.78 40.56
N LEU D 184 47.87 11.40 39.94
CA LEU D 184 48.16 11.75 38.54
C LEU D 184 47.41 10.84 37.58
N PRO D 185 46.57 11.41 36.69
CA PRO D 185 45.68 10.61 35.88
C PRO D 185 46.42 9.73 34.89
N SER D 186 45.88 8.53 34.68
CA SER D 186 46.43 7.53 33.77
C SER D 186 46.26 7.90 32.30
N VAL D 187 45.33 8.79 32.00
CA VAL D 187 45.13 9.23 30.63
C VAL D 187 46.12 10.34 30.32
N HIS D 188 46.83 10.17 29.21
CA HIS D 188 47.75 11.18 28.74
C HIS D 188 46.98 12.35 28.15
N PRO D 189 47.40 13.59 28.41
CA PRO D 189 46.66 14.78 27.96
C PRO D 189 46.45 14.80 26.45
N HIS D 190 47.51 14.46 25.72
CA HIS D 190 47.44 14.45 24.30
C HIS D 190 46.36 13.50 23.80
N HIS D 191 46.03 12.49 24.59
CA HIS D 191 45.04 11.52 24.20
C HIS D 191 43.68 11.94 24.66
N SER D 192 43.62 12.80 25.67
CA SER D 192 42.38 13.10 26.36
C SER D 192 41.27 13.53 25.43
N MET D 193 41.65 14.00 24.26
CA MET D 193 40.71 14.48 23.25
C MET D 193 39.92 13.39 22.55
N LEU D 194 40.30 12.14 22.72
CA LEU D 194 39.68 11.04 21.99
C LEU D 194 38.52 10.41 22.73
N TYR D 195 38.39 10.76 24.00
CA TYR D 195 37.45 10.09 24.86
C TYR D 195 36.36 11.06 25.34
N PRO D 196 35.15 10.54 25.63
CA PRO D 196 34.05 11.40 26.07
C PRO D 196 34.17 11.86 27.52
N LEU D 197 35.28 12.53 27.86
CA LEU D 197 35.44 13.17 29.18
C LEU D 197 34.79 14.53 29.14
N SER D 198 34.51 15.11 30.31
CA SER D 198 34.05 16.51 30.37
C SER D 198 35.20 17.46 30.06
N HIS D 199 34.90 18.66 29.56
CA HIS D 199 35.96 19.65 29.26
C HIS D 199 36.70 20.04 30.50
N GLY D 200 35.98 20.04 31.62
CA GLY D 200 36.56 20.27 32.92
C GLY D 200 37.67 19.27 33.23
N PHE D 201 37.42 17.99 32.92
CA PHE D 201 38.40 16.92 33.15
C PHE D 201 39.63 17.11 32.26
N ARG D 202 39.41 17.34 30.98
CA ARG D 202 40.51 17.51 30.04
C ARG D 202 41.47 18.55 30.55
N LYS D 203 40.92 19.72 30.87
CA LYS D 203 41.70 20.79 31.46
C LYS D 203 42.44 20.32 32.71
N ALA D 204 41.76 19.61 33.60
CA ALA D 204 42.36 19.23 34.86
C ALA D 204 43.51 18.24 34.66
N ILE D 205 43.44 17.41 33.63
CA ILE D 205 44.50 16.45 33.35
C ILE D 205 45.72 17.22 32.92
N ALA D 206 45.54 18.14 31.99
CA ALA D 206 46.60 19.04 31.61
C ALA D 206 47.25 19.71 32.83
N GLU D 207 46.45 20.38 33.66
CA GLU D 207 46.94 21.01 34.91
C GLU D 207 47.98 20.17 35.58
N ARG D 208 47.65 18.91 35.77
CA ARG D 208 48.45 18.00 36.57
C ARG D 208 49.79 17.70 35.94
N HIS D 209 49.80 17.59 34.61
CA HIS D 209 51.04 17.38 33.89
C HIS D 209 51.87 18.65 33.89
N GLY D 210 51.20 19.79 33.89
CA GLY D 210 51.87 21.06 34.14
C GLY D 210 52.62 21.08 35.46
N ASN D 211 51.96 20.65 36.53
CA ASN D 211 52.55 20.58 37.86
C ASN D 211 53.75 19.68 37.93
N LEU D 212 53.69 18.56 37.21
CA LEU D 212 54.82 17.66 37.12
C LEU D 212 56.12 18.40 36.84
N CYS D 213 56.00 19.54 36.16
CA CYS D 213 57.16 20.36 35.78
C CYS D 213 57.71 21.15 36.95
N LEU D 214 56.81 21.90 37.60
CA LEU D 214 57.13 22.65 38.80
C LEU D 214 58.00 21.85 39.80
N ASP D 215 57.69 20.56 39.96
CA ASP D 215 58.48 19.69 40.83
C ASP D 215 59.94 19.56 40.41
N LYS D 216 60.14 19.42 39.11
CA LYS D 216 61.47 19.21 38.56
C LYS D 216 62.30 20.50 38.61
N ILE D 217 61.64 21.65 38.73
CA ILE D 217 62.35 22.92 38.73
C ILE D 217 62.56 23.51 40.11
N ASN D 218 61.77 23.09 41.09
CA ASN D 218 61.94 23.60 42.46
C ASN D 218 63.28 23.25 43.05
N VAL D 219 63.75 22.06 42.65
CA VAL D 219 65.09 21.54 42.94
C VAL D 219 66.25 22.46 42.57
N LEU D 220 66.07 23.22 41.48
CA LEU D 220 67.09 24.21 41.03
C LEU D 220 67.09 25.53 41.85
N HIS D 221 65.98 25.83 42.56
CA HIS D 221 65.87 27.00 43.45
C HIS D 221 66.25 28.32 42.76
N LYS D 222 65.62 28.63 41.64
CA LYS D 222 65.97 29.83 40.89
C LYS D 222 65.10 31.02 41.27
N PRO D 223 65.74 32.19 41.44
CA PRO D 223 64.95 33.41 41.68
C PRO D 223 64.15 33.74 40.43
N PRO D 224 62.96 34.36 40.60
CA PRO D 224 62.19 34.83 39.44
C PRO D 224 63.03 35.71 38.52
N TYR D 225 62.72 35.75 37.22
CA TYR D 225 63.55 36.53 36.30
C TYR D 225 63.07 37.95 36.15
N GLU D 226 64.00 38.84 35.82
CA GLU D 226 63.72 40.25 35.55
C GLU D 226 63.35 40.50 34.08
N HIS D 227 62.09 40.69 33.77
CA HIS D 227 61.72 40.86 32.37
C HIS D 227 61.85 42.31 31.91
N PRO D 228 62.18 42.53 30.61
CA PRO D 228 62.20 43.86 30.00
C PRO D 228 60.82 44.52 30.08
N LYS D 229 60.80 45.85 30.11
CA LYS D 229 59.54 46.60 30.19
C LYS D 229 59.37 47.54 29.00
N ASP D 230 60.40 47.60 28.16
CA ASP D 230 60.40 48.43 26.96
C ASP D 230 61.13 47.70 25.83
N LEU D 231 61.09 48.29 24.64
CA LEU D 231 61.81 47.72 23.52
C LEU D 231 63.16 48.39 23.27
N LYS D 232 63.78 48.91 24.33
CA LYS D 232 64.90 49.82 24.13
C LYS D 232 66.24 49.13 23.90
N LEU D 233 66.58 48.15 24.72
CA LEU D 233 67.86 47.43 24.56
C LEU D 233 67.81 46.57 23.31
N SER D 234 66.60 46.22 22.90
CA SER D 234 66.36 45.41 21.74
C SER D 234 66.10 46.32 20.56
N ASP D 235 66.36 47.61 20.74
CA ASP D 235 66.48 48.52 19.60
C ASP D 235 65.16 48.78 18.80
N GLY D 236 64.04 48.84 19.51
CA GLY D 236 62.75 49.04 18.88
C GLY D 236 62.12 47.73 18.39
N ARG D 237 62.87 46.64 18.47
CA ARG D 237 62.40 45.39 17.92
C ARG D 237 61.86 44.51 19.03
N LEU D 238 60.76 43.85 18.74
CA LEU D 238 60.20 42.85 19.64
C LEU D 238 60.86 41.50 19.43
N ARG D 239 61.32 40.87 20.50
CA ARG D 239 62.06 39.61 20.37
C ARG D 239 61.19 38.38 20.64
N VAL D 240 60.91 37.64 19.56
CA VAL D 240 60.09 36.45 19.65
C VAL D 240 60.94 35.20 19.56
N GLY D 241 60.68 34.26 20.45
CA GLY D 241 61.46 33.03 20.48
C GLY D 241 60.57 31.84 20.24
N TYR D 242 60.84 31.10 19.19
CA TYR D 242 60.09 29.90 18.96
C TYR D 242 60.84 28.72 19.52
N VAL D 243 60.15 27.92 20.31
CA VAL D 243 60.80 26.81 20.93
C VAL D 243 60.16 25.54 20.43
N SER D 244 60.98 24.65 19.86
CA SER D 244 60.46 23.40 19.33
C SER D 244 61.48 22.31 19.20
N SER D 245 61.01 21.09 19.39
CA SER D 245 61.83 19.91 19.12
C SER D 245 61.67 19.43 17.66
N ASP D 246 61.15 20.30 16.79
CA ASP D 246 60.67 19.83 15.50
C ASP D 246 61.09 20.70 14.37
N PHE D 247 62.22 21.36 14.51
CA PHE D 247 62.86 21.97 13.37
C PHE D 247 63.63 20.85 12.65
N GLY D 248 62.96 20.25 11.70
CA GLY D 248 63.48 19.07 11.04
C GLY D 248 62.36 18.41 10.28
N ASN D 249 62.53 17.14 9.94
CA ASN D 249 61.53 16.45 9.18
C ASN D 249 60.40 16.08 10.08
N HIS D 250 59.45 16.98 10.21
CA HIS D 250 58.37 16.82 11.13
C HIS D 250 57.26 17.77 10.75
N PRO D 251 56.00 17.33 10.87
CA PRO D 251 54.84 18.13 10.47
C PRO D 251 54.98 19.59 10.82
N THR D 252 55.27 19.93 12.07
CA THR D 252 55.46 21.33 12.46
C THR D 252 56.24 22.14 11.45
N SER D 253 57.40 21.64 11.02
CA SER D 253 58.20 22.31 10.00
C SER D 253 57.48 22.37 8.66
N HIS D 254 56.75 21.31 8.30
CA HIS D 254 56.03 21.33 7.04
C HIS D 254 54.94 22.39 7.03
N LEU D 255 54.60 22.93 8.18
CA LEU D 255 53.56 23.96 8.23
C LEU D 255 54.20 25.33 8.31
N MET D 256 55.10 25.53 9.26
CA MET D 256 55.57 26.87 9.52
C MET D 256 57.00 27.22 9.10
N GLN D 257 57.71 26.31 8.45
CA GLN D 257 59.12 26.57 8.12
C GLN D 257 59.36 27.91 7.40
N SER D 258 58.34 28.46 6.75
CA SER D 258 58.60 29.69 6.04
C SER D 258 58.48 30.92 6.90
N ILE D 259 57.89 30.77 8.08
CA ILE D 259 57.45 31.91 8.86
C ILE D 259 58.59 32.71 9.46
N PRO D 260 59.56 32.04 10.11
CA PRO D 260 60.69 32.78 10.66
C PRO D 260 61.29 33.73 9.63
N GLY D 261 61.53 33.23 8.43
CA GLY D 261 62.03 34.10 7.38
C GLY D 261 61.17 35.29 7.01
N MET D 262 59.87 35.22 7.26
CA MET D 262 58.98 36.22 6.70
C MET D 262 58.65 37.34 7.68
N HIS D 263 59.15 37.20 8.91
CA HIS D 263 58.97 38.22 9.91
C HIS D 263 59.60 39.50 9.41
N ASN D 264 59.07 40.64 9.85
CA ASN D 264 59.61 41.93 9.43
C ASN D 264 60.73 42.37 10.36
N PRO D 265 61.95 42.57 9.81
CA PRO D 265 63.15 42.81 10.59
C PRO D 265 63.24 44.21 11.20
N ASP D 266 62.36 45.10 10.77
CA ASP D 266 62.33 46.43 11.33
C ASP D 266 61.69 46.39 12.72
N LYS D 267 60.72 45.49 12.91
CA LYS D 267 59.97 45.45 14.15
C LYS D 267 60.18 44.19 14.97
N PHE D 268 60.79 43.17 14.38
CA PHE D 268 60.95 41.89 15.06
C PHE D 268 62.34 41.25 14.94
N GLU D 269 62.77 40.63 16.03
CA GLU D 269 64.00 39.89 16.02
C GLU D 269 63.63 38.46 16.41
N VAL D 270 63.92 37.52 15.52
CA VAL D 270 63.41 36.16 15.64
C VAL D 270 64.45 35.17 16.17
N PHE D 271 64.10 34.47 17.24
CA PHE D 271 64.99 33.52 17.83
C PHE D 271 64.39 32.14 17.74
N CYS D 272 65.13 31.17 17.23
CA CYS D 272 64.62 29.83 17.21
C CYS D 272 65.39 28.95 18.12
N TYR D 273 64.70 28.20 18.97
CA TYR D 273 65.36 27.41 19.97
C TYR D 273 65.03 25.98 19.70
N ALA D 274 66.02 25.25 19.23
CA ALA D 274 65.80 23.87 18.86
C ALA D 274 66.03 22.97 20.05
N LEU D 275 65.10 22.06 20.28
CA LEU D 275 65.29 21.14 21.37
C LEU D 275 65.84 19.83 20.86
N SER D 276 65.92 19.69 19.54
CA SER D 276 66.37 18.47 18.89
C SER D 276 67.69 18.72 18.19
N PRO D 277 68.54 17.68 18.11
CA PRO D 277 69.75 17.78 17.28
C PRO D 277 69.42 17.94 15.77
N ASP D 278 70.41 18.40 15.01
CA ASP D 278 70.26 18.58 13.59
C ASP D 278 70.14 17.25 12.88
N ASP D 279 68.98 16.96 12.28
CA ASP D 279 68.83 15.74 11.44
C ASP D 279 69.38 15.90 10.01
N GLY D 280 69.86 17.09 9.70
CA GLY D 280 70.51 17.37 8.43
C GLY D 280 69.58 17.45 7.26
N THR D 281 68.29 17.62 7.54
CA THR D 281 67.29 17.83 6.49
C THR D 281 67.24 19.30 6.11
N ASN D 282 66.65 19.61 4.95
CA ASN D 282 66.55 21.01 4.51
C ASN D 282 65.64 21.84 5.36
N PHE D 283 64.68 21.21 6.00
CA PHE D 283 63.82 21.94 6.91
C PHE D 283 64.66 22.60 8.00
N ARG D 284 65.52 21.82 8.62
CA ARG D 284 66.39 22.36 9.63
C ARG D 284 67.30 23.42 8.99
N VAL D 285 67.83 23.15 7.80
CA VAL D 285 68.73 24.10 7.12
C VAL D 285 68.07 25.47 6.92
N LYS D 286 66.85 25.44 6.44
CA LYS D 286 66.12 26.65 6.11
C LYS D 286 65.86 27.52 7.31
N VAL D 287 65.39 26.91 8.38
CA VAL D 287 65.16 27.65 9.59
C VAL D 287 66.46 28.25 10.16
N MET D 288 67.54 27.48 10.16
CA MET D 288 68.82 27.99 10.64
C MET D 288 69.24 29.18 9.79
N ALA D 289 68.94 29.12 8.51
CA ALA D 289 69.38 30.16 7.61
C ALA D 289 68.56 31.43 7.70
N GLU D 290 67.30 31.29 8.11
CA GLU D 290 66.38 32.42 8.01
C GLU D 290 66.04 33.11 9.31
N ALA D 291 65.99 32.36 10.40
CA ALA D 291 65.84 32.98 11.69
C ALA D 291 66.98 33.94 11.88
N ASN D 292 66.71 35.07 12.54
CA ASN D 292 67.77 35.96 12.98
C ASN D 292 68.79 35.30 13.90
N HIS D 293 68.33 34.36 14.71
CA HIS D 293 69.19 33.63 15.60
C HIS D 293 68.69 32.24 15.75
N PHE D 294 69.58 31.27 15.62
CA PHE D 294 69.20 29.91 15.84
C PHE D 294 70.01 29.38 17.00
N ILE D 295 69.35 28.80 17.99
CA ILE D 295 70.03 28.31 19.19
C ILE D 295 69.76 26.84 19.45
N ASP D 296 70.82 26.04 19.49
CA ASP D 296 70.67 24.62 19.62
C ASP D 296 70.66 24.24 21.09
N LEU D 297 69.46 24.09 21.66
CA LEU D 297 69.35 23.78 23.08
C LEU D 297 69.44 22.32 23.33
N SER D 298 69.49 21.54 22.25
CA SER D 298 69.62 20.10 22.40
C SER D 298 70.97 19.83 23.02
N GLN D 299 71.80 20.86 23.08
CA GLN D 299 73.10 20.72 23.71
C GLN D 299 73.27 21.53 24.96
N ILE D 300 72.17 21.84 25.61
CA ILE D 300 72.20 22.41 26.94
C ILE D 300 71.14 21.62 27.67
N PRO D 301 71.50 20.41 28.12
CA PRO D 301 70.46 19.55 28.68
C PRO D 301 69.95 20.02 30.07
N CYS D 302 70.78 20.74 30.84
CA CYS D 302 70.28 21.28 32.12
C CYS D 302 69.25 22.39 31.84
N ASN D 303 68.01 22.17 32.27
CA ASN D 303 66.95 23.17 32.08
C ASN D 303 67.21 24.56 32.69
N GLY D 304 68.11 24.57 33.67
CA GLY D 304 68.53 25.79 34.34
C GLY D 304 69.29 26.71 33.41
N LYS D 305 70.41 26.23 32.87
CA LYS D 305 71.24 27.08 32.02
C LYS D 305 70.46 27.42 30.76
N ALA D 306 69.65 26.47 30.27
CA ALA D 306 68.85 26.68 29.06
C ALA D 306 67.94 27.89 29.22
N ALA D 307 67.15 27.91 30.29
CA ALA D 307 66.34 29.06 30.63
C ALA D 307 67.14 30.38 30.74
N ASP D 308 68.29 30.35 31.41
CA ASP D 308 69.16 31.54 31.54
C ASP D 308 69.48 32.09 30.17
N ARG D 309 69.81 31.18 29.26
CA ARG D 309 70.22 31.51 27.92
C ARG D 309 69.11 32.29 27.26
N ILE D 310 67.89 31.81 27.39
CA ILE D 310 66.75 32.49 26.81
C ILE D 310 66.64 33.87 27.41
N HIS D 311 66.86 33.96 28.71
CA HIS D 311 66.65 35.21 29.39
C HIS D 311 67.71 36.23 29.00
N GLN D 312 68.94 35.75 28.78
CA GLN D 312 70.03 36.61 28.36
C GLN D 312 69.79 37.14 26.99
N ASP D 313 69.20 36.30 26.14
CA ASP D 313 68.90 36.70 24.77
C ASP D 313 67.88 37.83 24.81
N GLY D 314 67.14 37.88 25.91
CA GLY D 314 66.23 38.99 26.17
C GLY D 314 64.91 38.92 25.43
N ILE D 315 64.31 37.72 25.39
CA ILE D 315 63.06 37.47 24.68
C ILE D 315 61.88 38.14 25.36
N HIS D 316 60.99 38.69 24.56
CA HIS D 316 59.76 39.25 25.10
C HIS D 316 58.63 38.22 25.04
N ILE D 317 58.42 37.63 23.89
CA ILE D 317 57.39 36.61 23.75
C ILE D 317 58.02 35.26 23.41
N LEU D 318 57.76 34.27 24.26
CA LEU D 318 58.28 32.94 24.05
C LEU D 318 57.14 32.04 23.60
N VAL D 319 57.29 31.40 22.44
CA VAL D 319 56.21 30.61 21.87
C VAL D 319 56.49 29.12 21.98
N ASN D 320 55.57 28.40 22.62
CA ASN D 320 55.66 26.97 22.85
C ASN D 320 54.98 26.22 21.73
N MET D 321 55.73 25.42 20.99
CA MET D 321 55.14 24.68 19.87
C MET D 321 55.06 23.21 20.14
N ASN D 322 55.16 22.81 21.40
CA ASN D 322 55.23 21.41 21.71
C ASN D 322 54.11 20.95 22.59
N GLY D 323 53.75 21.75 23.59
CA GLY D 323 52.80 21.29 24.58
C GLY D 323 53.29 19.98 25.15
N TYR D 324 52.45 18.95 25.10
CA TYR D 324 52.82 17.67 25.66
C TYR D 324 53.05 16.66 24.55
N THR D 325 53.95 17.01 23.64
CA THR D 325 54.33 16.09 22.59
C THR D 325 55.74 15.59 22.92
N LYS D 326 56.20 14.56 22.20
CA LYS D 326 57.56 14.04 22.33
C LYS D 326 58.55 15.17 22.13
N GLY D 327 59.55 15.22 23.00
CA GLY D 327 60.64 16.15 22.84
C GLY D 327 60.49 17.43 23.64
N ALA D 328 59.26 17.66 24.10
CA ALA D 328 58.92 18.86 24.88
C ALA D 328 59.81 19.01 26.06
N ARG D 329 60.08 20.25 26.40
CA ARG D 329 60.81 20.56 27.63
C ARG D 329 60.15 21.74 28.29
N ASN D 330 58.91 21.53 28.75
CA ASN D 330 58.12 22.61 29.31
C ASN D 330 58.70 23.23 30.57
N GLU D 331 59.60 22.49 31.21
CA GLU D 331 60.36 22.99 32.32
C GLU D 331 60.91 24.38 31.97
N LEU D 332 61.32 24.56 30.73
CA LEU D 332 61.82 25.88 30.27
C LEU D 332 60.81 26.96 30.47
N PHE D 333 59.56 26.66 30.17
CA PHE D 333 58.51 27.66 30.24
C PHE D 333 58.11 27.90 31.67
N ALA D 334 58.13 26.83 32.45
CA ALA D 334 57.76 26.91 33.83
C ALA D 334 58.70 27.85 34.58
N LEU D 335 59.92 28.01 34.09
CA LEU D 335 60.89 28.88 34.74
C LEU D 335 60.59 30.33 34.47
N ARG D 336 59.62 30.56 33.61
CA ARG D 336 59.16 31.89 33.18
C ARG D 336 60.30 32.87 32.83
N PRO D 337 61.05 32.60 31.75
CA PRO D 337 62.14 33.50 31.37
C PRO D 337 61.67 34.64 30.50
N ALA D 338 60.45 34.56 30.01
CA ALA D 338 59.92 35.62 29.18
C ALA D 338 58.68 36.15 29.85
N PRO D 339 58.42 37.47 29.68
CA PRO D 339 57.28 38.13 30.26
C PRO D 339 55.98 37.62 29.70
N ILE D 340 55.99 37.16 28.46
CA ILE D 340 54.79 36.61 27.82
C ILE D 340 55.09 35.27 27.16
N GLN D 341 54.24 34.27 27.41
CA GLN D 341 54.47 32.95 26.89
C GLN D 341 53.20 32.36 26.24
N ALA D 342 53.21 32.06 24.94
CA ALA D 342 52.01 31.54 24.26
C ALA D 342 52.17 30.14 23.71
N MET D 343 51.08 29.39 23.73
CA MET D 343 50.94 28.15 22.98
C MET D 343 50.65 28.46 21.54
N TRP D 344 51.26 27.71 20.63
CA TRP D 344 51.02 27.91 19.20
C TRP D 344 51.19 26.65 18.37
N LEU D 345 50.16 26.34 17.61
CA LEU D 345 50.24 25.41 16.48
C LEU D 345 50.62 23.95 16.75
N GLY D 346 51.64 23.70 17.55
CA GLY D 346 52.17 22.34 17.75
C GLY D 346 51.26 21.38 18.47
N TYR D 347 50.71 21.81 19.59
CA TYR D 347 49.86 20.98 20.43
C TYR D 347 48.43 21.48 20.34
N PRO D 348 47.49 20.59 20.02
CA PRO D 348 46.08 20.96 19.78
C PRO D 348 45.20 20.86 21.02
N GLY D 349 45.57 21.53 22.09
CA GLY D 349 44.75 21.53 23.28
C GLY D 349 45.32 22.53 24.27
N THR D 350 44.66 22.66 25.42
CA THR D 350 45.18 23.52 26.48
C THR D 350 46.37 22.86 27.17
N SER D 351 47.26 23.70 27.71
CA SER D 351 48.40 23.23 28.48
C SER D 351 47.97 23.03 29.91
N GLY D 352 46.91 23.74 30.27
CA GLY D 352 46.33 23.69 31.59
C GLY D 352 47.23 24.26 32.66
N ALA D 353 48.31 24.91 32.24
CA ALA D 353 49.38 25.31 33.16
C ALA D 353 49.40 26.79 33.38
N LEU D 354 49.86 27.17 34.57
CA LEU D 354 49.97 28.56 34.99
C LEU D 354 50.99 29.39 34.21
N PHE D 355 52.10 28.76 33.83
CA PHE D 355 53.20 29.48 33.23
C PHE D 355 52.93 29.86 31.79
N MET D 356 51.82 29.39 31.24
CA MET D 356 51.50 29.70 29.87
C MET D 356 50.38 30.73 29.83
N ASP D 357 50.62 31.87 29.20
CA ASP D 357 49.71 32.99 29.28
C ASP D 357 48.64 32.96 28.23
N TYR D 358 49.01 32.75 26.97
CA TYR D 358 48.04 32.79 25.88
C TYR D 358 48.04 31.54 25.07
N ILE D 359 46.98 31.34 24.30
CA ILE D 359 46.97 30.32 23.27
C ILE D 359 46.52 30.96 21.96
N ILE D 360 47.36 30.86 20.94
CA ILE D 360 47.02 31.45 19.66
C ILE D 360 46.07 30.55 18.92
N THR D 361 44.85 31.02 18.72
CA THR D 361 43.81 30.25 18.06
C THR D 361 42.92 31.19 17.23
N ASP D 362 41.67 30.84 17.02
CA ASP D 362 40.80 31.71 16.25
C ASP D 362 39.31 31.56 16.60
N GLN D 363 38.51 32.45 16.04
CA GLN D 363 37.08 32.51 16.28
C GLN D 363 36.33 31.17 16.09
N GLU D 364 36.68 30.46 15.02
CA GLU D 364 35.97 29.27 14.64
C GLU D 364 36.41 28.05 15.41
N THR D 365 37.67 28.03 15.79
CA THR D 365 38.23 26.90 16.49
C THR D 365 37.83 26.97 17.94
N SER D 366 37.92 28.16 18.51
CA SER D 366 37.66 28.33 19.90
C SER D 366 36.73 29.51 20.12
N PRO D 367 35.42 29.33 19.85
CA PRO D 367 34.52 30.44 20.10
C PRO D 367 34.37 30.75 21.60
N ALA D 368 33.98 31.98 21.89
CA ALA D 368 34.01 32.50 23.25
C ALA D 368 33.36 31.63 24.32
N GLU D 369 32.22 31.01 24.02
CA GLU D 369 31.54 30.15 25.00
C GLU D 369 32.43 29.04 25.56
N VAL D 370 33.27 28.46 24.72
CA VAL D 370 34.08 27.36 25.21
C VAL D 370 35.41 27.79 25.82
N ALA D 371 35.54 29.08 26.16
CA ALA D 371 36.72 29.59 26.88
C ALA D 371 37.03 28.76 28.14
N GLU D 372 35.98 28.15 28.67
CA GLU D 372 36.03 27.25 29.82
C GLU D 372 37.15 26.24 29.78
N GLN D 373 37.36 25.69 28.59
CA GLN D 373 38.17 24.51 28.44
C GLN D 373 39.64 24.81 28.30
N TYR D 374 40.01 26.10 28.27
CA TYR D 374 41.42 26.50 28.21
C TYR D 374 41.86 27.24 29.45
N SER D 375 43.05 26.91 29.94
CA SER D 375 43.62 27.59 31.08
C SER D 375 44.21 28.92 30.65
N GLU D 376 44.67 28.97 29.40
CA GLU D 376 45.29 30.16 28.84
C GLU D 376 44.21 31.09 28.40
N LYS D 377 44.59 32.30 28.00
CA LYS D 377 43.65 33.26 27.45
C LYS D 377 43.71 33.18 25.96
N LEU D 378 42.57 33.34 25.33
CA LEU D 378 42.47 33.21 23.89
C LEU D 378 43.12 34.39 23.21
N ALA D 379 43.88 34.15 22.15
CA ALA D 379 44.38 35.22 21.32
C ALA D 379 44.01 34.87 19.89
N TYR D 380 43.24 35.71 19.21
CA TYR D 380 42.62 35.29 17.96
C TYR D 380 43.38 35.76 16.74
N MET D 381 43.70 34.82 15.84
CA MET D 381 44.09 35.17 14.48
C MET D 381 42.81 35.49 13.70
N PRO D 382 42.92 36.36 12.70
CA PRO D 382 41.79 36.86 11.95
C PRO D 382 40.99 35.79 11.23
N HIS D 383 41.64 34.72 10.79
CA HIS D 383 40.95 33.70 10.01
C HIS D 383 41.07 32.32 10.55
N THR D 384 42.21 31.70 10.33
CA THR D 384 42.50 30.45 11.00
C THR D 384 43.86 30.56 11.63
N PHE D 385 44.08 29.82 12.70
CA PHE D 385 45.39 29.83 13.33
C PHE D 385 46.29 28.82 12.61
N PHE D 386 45.67 27.99 11.78
CA PHE D 386 46.40 26.99 11.06
C PHE D 386 47.05 27.57 9.80
N ILE D 387 48.11 26.92 9.34
CA ILE D 387 48.86 27.39 8.17
C ILE D 387 49.64 26.23 7.61
N GLY D 388 50.06 26.33 6.34
CA GLY D 388 50.82 25.27 5.70
C GLY D 388 51.78 25.78 4.66
N ASP D 389 52.88 25.05 4.46
CA ASP D 389 53.89 25.54 3.56
C ASP D 389 53.70 25.07 2.12
N HIS D 390 52.56 24.44 1.86
CA HIS D 390 52.36 23.75 0.63
C HIS D 390 52.70 24.60 -0.57
N ALA D 391 52.39 25.88 -0.47
CA ALA D 391 52.62 26.83 -1.56
C ALA D 391 54.08 26.83 -2.01
N ASN D 392 54.94 26.70 -1.02
CA ASN D 392 56.37 26.71 -1.18
C ASN D 392 56.94 25.31 -1.37
N MET D 393 56.34 24.31 -0.72
CA MET D 393 56.89 22.97 -0.76
C MET D 393 56.53 22.24 -2.02
N PHE D 394 55.30 22.42 -2.49
CA PHE D 394 54.78 21.67 -3.62
C PHE D 394 54.15 22.54 -4.67
N PRO D 395 54.93 23.43 -5.29
CA PRO D 395 54.36 24.28 -6.29
C PRO D 395 54.05 23.53 -7.56
N HIS D 396 54.59 22.33 -7.72
CA HIS D 396 54.30 21.55 -8.92
C HIS D 396 52.85 21.13 -9.00
N LEU D 397 52.15 21.13 -7.88
CA LEU D 397 50.72 20.84 -7.84
C LEU D 397 49.85 22.09 -7.96
N LYS D 398 50.43 23.21 -8.35
CA LYS D 398 49.65 24.42 -8.51
C LYS D 398 48.80 24.27 -9.76
N LYS D 399 49.24 23.42 -10.69
CA LYS D 399 48.53 23.15 -11.95
C LYS D 399 48.55 21.68 -12.29
N LYS D 400 47.49 21.19 -12.93
CA LYS D 400 47.48 19.82 -13.36
C LYS D 400 47.10 19.69 -14.81
N ALA D 401 47.18 18.48 -15.34
CA ALA D 401 46.77 18.11 -16.70
C ALA D 401 46.31 16.67 -16.67
N VAL D 402 45.39 16.29 -17.53
CA VAL D 402 44.88 14.93 -17.52
C VAL D 402 45.02 14.27 -18.86
N ILE D 403 45.01 12.94 -18.88
CA ILE D 403 44.96 12.18 -20.11
C ILE D 403 43.55 11.60 -20.25
N ASP D 404 42.99 11.71 -21.45
CA ASP D 404 41.69 11.14 -21.79
C ASP D 404 41.83 9.72 -22.34
N PHE D 405 40.93 8.84 -21.91
CA PHE D 405 40.99 7.43 -22.34
C PHE D 405 39.63 6.86 -22.84
N LYS D 406 38.52 7.51 -22.49
CA LYS D 406 37.16 7.04 -22.80
C LYS D 406 36.84 6.99 -24.30
N HIS D 410 34.39 10.64 -21.73
CA HIS D 410 33.65 11.52 -20.78
C HIS D 410 34.35 12.84 -20.22
N ILE D 411 35.69 12.79 -19.97
CA ILE D 411 36.58 13.92 -19.44
C ILE D 411 36.63 14.13 -17.90
N TYR D 412 37.48 13.35 -17.23
CA TYR D 412 37.53 13.36 -15.78
C TYR D 412 38.74 14.09 -15.26
N ASP D 413 38.57 14.82 -14.18
CA ASP D 413 39.65 15.62 -13.60
C ASP D 413 40.60 14.85 -12.69
N ASN D 414 40.40 13.54 -12.57
CA ASN D 414 41.16 12.81 -11.56
C ASN D 414 41.35 11.31 -11.75
N ARG D 415 41.61 10.87 -12.97
CA ARG D 415 41.90 9.46 -13.18
C ARG D 415 43.33 9.22 -13.63
N ILE D 416 43.84 10.12 -14.46
CA ILE D 416 45.24 10.09 -14.82
C ILE D 416 45.70 11.53 -14.79
N VAL D 417 46.63 11.85 -13.90
CA VAL D 417 47.02 13.22 -13.68
C VAL D 417 48.50 13.49 -13.87
N LEU D 418 48.82 14.66 -14.41
CA LEU D 418 50.21 15.04 -14.61
C LEU D 418 50.48 16.33 -13.90
N ASN D 419 51.60 16.40 -13.20
CA ASN D 419 52.05 17.65 -12.62
C ASN D 419 53.52 17.75 -12.84
N GLY D 420 54.00 18.97 -12.82
CA GLY D 420 55.42 19.23 -12.99
C GLY D 420 55.66 20.70 -13.26
N ILE D 421 56.82 21.17 -12.81
CA ILE D 421 57.16 22.57 -13.02
C ILE D 421 57.12 22.91 -14.49
N ASP D 422 57.58 21.98 -15.34
CA ASP D 422 57.71 22.22 -16.78
C ASP D 422 56.57 21.61 -17.59
N LEU D 423 55.37 21.60 -17.03
CA LEU D 423 54.26 20.95 -17.70
C LEU D 423 53.91 21.70 -18.96
N LYS D 424 53.58 22.99 -18.83
CA LYS D 424 53.25 23.84 -19.98
C LYS D 424 54.19 23.62 -21.16
N ALA D 425 55.49 23.67 -20.90
CA ALA D 425 56.50 23.45 -21.93
C ALA D 425 56.36 22.13 -22.67
N PHE D 426 55.99 21.07 -21.96
CA PHE D 426 55.81 19.74 -22.55
C PHE D 426 54.54 19.66 -23.35
N LEU D 427 53.47 20.24 -22.83
CA LEU D 427 52.22 20.26 -23.54
C LEU D 427 52.31 21.02 -24.84
N ASP D 428 53.22 21.98 -24.95
CA ASP D 428 53.36 22.76 -26.17
C ASP D 428 54.13 21.99 -27.21
N SER D 429 54.81 20.94 -26.77
CA SER D 429 55.52 20.08 -27.68
C SER D 429 54.55 19.10 -28.29
N LEU D 430 53.33 19.09 -27.79
CA LEU D 430 52.36 18.11 -28.24
C LEU D 430 51.43 18.64 -29.33
N PRO D 431 51.08 17.76 -30.30
CA PRO D 431 50.20 18.11 -31.40
C PRO D 431 48.80 18.61 -30.96
N ASP D 432 48.12 17.83 -30.12
CA ASP D 432 46.66 17.89 -30.08
C ASP D 432 46.02 18.13 -28.74
N VAL D 433 46.40 19.22 -28.11
CA VAL D 433 46.02 19.39 -26.73
C VAL D 433 44.76 20.24 -26.58
N LYS D 434 43.67 19.63 -26.10
CA LYS D 434 42.44 20.37 -25.87
C LYS D 434 42.42 20.98 -24.46
N ILE D 435 41.89 22.19 -24.32
CA ILE D 435 41.94 22.96 -23.06
C ILE D 435 40.57 23.19 -22.45
N VAL D 436 40.15 22.33 -21.51
CA VAL D 436 38.87 22.49 -20.82
C VAL D 436 38.88 23.73 -19.93
N LYS D 437 37.93 24.62 -20.19
CA LYS D 437 37.72 25.81 -19.36
C LYS D 437 37.08 25.46 -18.03
N MET D 438 37.59 26.04 -16.96
CA MET D 438 36.93 25.97 -15.65
C MET D 438 36.34 27.36 -15.43
N LYS D 439 35.01 27.50 -15.59
CA LYS D 439 34.37 28.83 -15.53
C LYS D 439 34.08 29.32 -14.08
N CYS D 440 34.28 30.63 -13.82
CA CYS D 440 33.95 31.29 -12.54
C CYS D 440 34.80 30.79 -11.35
N ALA D 453 40.79 33.13 -15.96
CA ALA D 453 42.20 32.83 -16.18
C ALA D 453 42.52 31.31 -16.11
N LEU D 454 41.61 30.50 -15.53
CA LEU D 454 41.88 29.06 -15.19
C LEU D 454 41.23 27.94 -16.03
N ASN D 455 41.89 26.78 -16.01
CA ASN D 455 41.56 25.69 -16.92
C ASN D 455 42.56 24.56 -16.80
N MET D 456 42.20 23.42 -17.38
CA MET D 456 42.97 22.22 -17.23
C MET D 456 43.13 21.57 -18.57
N PRO D 457 44.38 21.48 -19.06
CA PRO D 457 44.67 20.90 -20.36
C PRO D 457 44.38 19.41 -20.39
N VAL D 458 44.01 18.89 -21.55
CA VAL D 458 43.67 17.46 -21.71
C VAL D 458 44.33 16.82 -22.90
N ILE D 459 45.20 15.85 -22.64
CA ILE D 459 45.89 15.09 -23.67
C ILE D 459 45.01 13.99 -24.20
N PRO D 460 44.74 14.00 -25.51
CA PRO D 460 43.91 12.97 -26.13
C PRO D 460 44.69 11.66 -26.26
N MET D 461 43.96 10.55 -26.38
CA MET D 461 44.55 9.22 -26.45
C MET D 461 45.30 8.92 -27.77
N ASN D 462 46.43 9.58 -28.02
CA ASN D 462 47.28 9.26 -29.17
C ASN D 462 48.33 8.22 -28.78
N THR D 463 49.37 8.06 -29.58
CA THR D 463 50.46 7.10 -29.29
C THR D 463 51.24 7.50 -28.03
N ILE D 464 51.34 8.80 -27.78
CA ILE D 464 52.09 9.30 -26.64
C ILE D 464 51.37 8.98 -25.36
N ALA D 465 50.11 9.36 -25.25
CA ALA D 465 49.32 8.95 -24.09
C ALA D 465 49.50 7.48 -23.79
N GLU D 466 49.49 6.63 -24.81
CA GLU D 466 49.60 5.19 -24.64
C GLU D 466 50.92 4.75 -24.09
N ALA D 467 51.99 5.44 -24.49
CA ALA D 467 53.36 5.18 -23.97
C ALA D 467 53.46 5.51 -22.48
N VAL D 468 52.66 6.46 -22.04
CA VAL D 468 52.59 6.83 -20.65
C VAL D 468 51.84 5.80 -19.85
N ILE D 469 50.65 5.39 -20.30
CA ILE D 469 49.91 4.31 -19.61
C ILE D 469 50.77 3.09 -19.59
N GLU D 470 51.46 2.82 -20.69
CA GLU D 470 52.40 1.69 -20.79
C GLU D 470 53.38 1.64 -19.61
N MET D 471 54.12 2.73 -19.40
CA MET D 471 55.06 2.87 -18.29
C MET D 471 54.40 2.57 -16.97
N ILE D 472 53.24 3.17 -16.76
CA ILE D 472 52.46 2.98 -15.53
C ILE D 472 52.04 1.52 -15.33
N ASN D 473 51.48 0.89 -16.36
CA ASN D 473 50.94 -0.48 -16.23
C ASN D 473 52.05 -1.45 -16.03
N ARG D 474 53.16 -1.25 -16.75
CA ARG D 474 54.32 -2.15 -16.63
C ARG D 474 55.14 -1.93 -15.34
N GLY D 475 54.84 -0.83 -14.64
CA GLY D 475 55.54 -0.46 -13.41
C GLY D 475 56.97 -0.01 -13.61
N GLN D 476 57.23 0.74 -14.67
CA GLN D 476 58.58 1.22 -14.94
C GLN D 476 58.78 2.53 -14.20
N ILE D 477 60.03 2.92 -14.04
CA ILE D 477 60.40 4.11 -13.31
C ILE D 477 60.05 5.41 -14.04
N GLN D 478 60.41 5.50 -15.32
CA GLN D 478 60.32 6.73 -16.10
C GLN D 478 60.52 6.51 -17.60
N ILE D 479 60.14 7.49 -18.40
CA ILE D 479 60.34 7.44 -19.84
C ILE D 479 60.72 8.82 -20.34
N THR D 480 60.96 8.94 -21.63
CA THR D 480 61.26 10.23 -22.21
C THR D 480 60.30 10.52 -23.36
N ILE D 481 59.83 11.75 -23.48
CA ILE D 481 58.99 12.10 -24.59
C ILE D 481 59.34 13.48 -25.10
N ASN D 482 59.76 13.54 -26.36
CA ASN D 482 60.23 14.80 -26.94
C ASN D 482 61.25 15.43 -25.99
N GLY D 483 62.05 14.55 -25.37
CA GLY D 483 63.13 14.97 -24.51
C GLY D 483 62.73 15.41 -23.12
N PHE D 484 61.42 15.42 -22.85
CA PHE D 484 60.96 15.74 -21.51
C PHE D 484 61.02 14.53 -20.62
N SER D 485 61.33 14.76 -19.36
CA SER D 485 61.45 13.66 -18.43
C SER D 485 60.14 13.34 -17.71
N ILE D 486 59.62 12.13 -17.92
CA ILE D 486 58.30 11.71 -17.38
C ILE D 486 58.47 10.61 -16.38
N SER D 487 57.90 10.79 -15.20
CA SER D 487 58.19 9.94 -14.05
C SER D 487 56.96 9.27 -13.46
N ASN D 488 57.14 8.04 -13.05
CA ASN D 488 56.11 7.26 -12.41
C ASN D 488 55.92 7.72 -10.99
N GLY D 489 54.70 8.11 -10.67
CA GLY D 489 54.39 8.65 -9.36
C GLY D 489 54.81 7.82 -8.17
N LEU D 490 54.88 6.51 -8.38
CA LEU D 490 55.23 5.56 -7.32
C LEU D 490 56.71 5.42 -7.11
N ALA D 491 57.53 5.86 -8.07
CA ALA D 491 58.97 5.70 -7.96
C ALA D 491 59.76 6.99 -7.68
N THR D 492 59.06 8.07 -7.29
CA THR D 492 59.71 9.35 -7.01
C THR D 492 60.92 9.18 -6.15
N THR D 493 60.77 8.33 -5.17
CA THR D 493 61.81 8.15 -4.18
C THR D 493 63.16 7.62 -4.73
N GLN D 494 63.14 6.98 -5.89
CA GLN D 494 64.36 6.49 -6.50
C GLN D 494 64.90 7.46 -7.51
N ILE D 495 64.00 8.25 -8.08
CA ILE D 495 64.37 9.31 -9.02
C ILE D 495 65.14 10.40 -8.28
N ASN D 496 64.62 10.81 -7.14
CA ASN D 496 65.21 11.86 -6.33
C ASN D 496 64.58 11.84 -4.96
N ASN D 497 65.22 11.18 -4.02
CA ASN D 497 64.76 11.12 -2.64
C ASN D 497 64.43 12.46 -1.96
N LYS D 498 65.19 13.52 -2.22
CA LYS D 498 64.94 14.79 -1.54
C LYS D 498 63.58 15.34 -1.91
N ALA D 499 63.21 15.15 -3.17
CA ALA D 499 61.93 15.62 -3.69
C ALA D 499 60.81 14.82 -3.11
N ALA D 500 61.05 13.53 -2.88
CA ALA D 500 60.03 12.64 -2.30
C ALA D 500 59.59 13.06 -0.91
N THR D 501 60.51 13.61 -0.15
CA THR D 501 60.23 13.98 1.21
C THR D 501 59.69 15.37 1.32
N GLY D 502 59.85 16.21 0.32
CA GLY D 502 59.36 17.57 0.40
C GLY D 502 60.47 18.60 0.56
N GLU D 503 61.67 18.09 0.79
CA GLU D 503 62.84 18.94 0.89
C GLU D 503 63.23 19.67 -0.40
N GLU D 504 62.88 19.12 -1.55
CA GLU D 504 63.11 19.75 -2.85
C GLU D 504 61.81 19.74 -3.66
N VAL D 505 61.70 20.66 -4.60
CA VAL D 505 60.64 20.60 -5.58
C VAL D 505 61.14 19.66 -6.67
N PRO D 506 60.30 18.69 -7.10
CA PRO D 506 60.68 17.74 -8.15
C PRO D 506 61.05 18.42 -9.46
N ARG D 507 62.01 17.86 -10.20
CA ARG D 507 62.49 18.48 -11.44
C ARG D 507 62.08 17.72 -12.68
N THR D 508 61.11 16.80 -12.51
CA THR D 508 60.51 16.06 -13.62
C THR D 508 58.98 16.13 -13.64
N ILE D 509 58.38 15.52 -14.63
CA ILE D 509 56.93 15.53 -14.74
C ILE D 509 56.40 14.21 -14.19
N ILE D 510 55.38 14.29 -13.33
CA ILE D 510 55.00 13.13 -12.56
C ILE D 510 53.57 12.72 -12.83
N VAL D 511 53.43 11.47 -13.25
CA VAL D 511 52.14 10.89 -13.61
C VAL D 511 51.57 10.15 -12.44
N THR D 512 50.31 10.41 -12.12
CA THR D 512 49.64 9.84 -10.96
C THR D 512 48.30 9.28 -11.45
N THR D 513 48.07 7.97 -11.32
CA THR D 513 46.83 7.37 -11.79
C THR D 513 46.09 6.56 -10.73
N ARG D 514 44.80 6.32 -10.96
CA ARG D 514 44.01 5.55 -10.01
C ARG D 514 44.43 4.11 -10.04
N SER D 515 44.72 3.60 -11.23
CA SER D 515 45.15 2.21 -11.40
C SER D 515 46.40 1.87 -10.60
N GLN D 516 47.26 2.86 -10.34
CA GLN D 516 48.44 2.70 -9.50
C GLN D 516 48.08 2.23 -8.10
N TYR D 517 46.92 2.64 -7.59
CA TYR D 517 46.51 2.31 -6.20
C TYR D 517 45.34 1.32 -6.17
N GLY D 518 44.97 0.79 -7.32
CA GLY D 518 43.90 -0.19 -7.39
C GLY D 518 42.55 0.43 -7.14
N LEU D 519 42.37 1.67 -7.55
CA LEU D 519 41.10 2.33 -7.46
C LEU D 519 40.32 2.19 -8.77
N PRO D 520 39.00 1.91 -8.67
CA PRO D 520 38.10 1.87 -9.81
C PRO D 520 38.14 3.14 -10.65
N GLU D 521 38.27 2.97 -11.95
CA GLU D 521 38.35 4.08 -12.89
C GLU D 521 37.07 4.92 -12.99
N ASP D 522 35.95 4.36 -12.58
CA ASP D 522 34.63 4.94 -12.88
C ASP D 522 33.73 5.08 -11.64
N ALA D 523 34.35 5.41 -10.50
CA ALA D 523 33.65 5.41 -9.22
C ALA D 523 33.86 6.73 -8.47
N ILE D 524 32.99 7.01 -7.52
CA ILE D 524 33.20 8.14 -6.65
C ILE D 524 34.15 7.67 -5.57
N VAL D 525 35.19 8.43 -5.28
CA VAL D 525 36.16 8.01 -4.29
C VAL D 525 36.17 8.94 -3.11
N TYR D 526 35.79 8.43 -1.95
CA TYR D 526 35.90 9.19 -0.73
C TYR D 526 37.14 8.77 -0.02
N CYS D 527 37.90 9.70 0.50
CA CYS D 527 39.14 9.30 1.13
C CYS D 527 39.25 9.83 2.53
N ASN D 528 40.11 9.21 3.32
CA ASN D 528 40.60 9.83 4.52
C ASN D 528 41.99 9.33 4.76
N PHE D 529 42.94 10.24 4.87
CA PHE D 529 44.31 9.84 4.98
C PHE D 529 44.93 9.97 6.38
N ASN D 530 44.09 10.10 7.42
CA ASN D 530 44.60 10.20 8.78
C ASN D 530 45.00 8.87 9.34
N GLN D 531 45.72 8.90 10.46
CA GLN D 531 45.98 7.68 11.20
C GLN D 531 44.67 7.11 11.67
N LEU D 532 44.56 5.80 11.72
CA LEU D 532 43.29 5.17 11.96
C LEU D 532 42.76 5.40 13.35
N TYR D 533 43.65 5.70 14.30
CA TYR D 533 43.17 5.96 15.67
C TYR D 533 42.10 7.04 15.74
N LYS D 534 42.00 7.89 14.74
CA LYS D 534 41.02 8.96 14.75
C LYS D 534 39.61 8.51 14.35
N ILE D 535 39.48 7.26 13.94
CA ILE D 535 38.18 6.69 13.64
C ILE D 535 37.57 5.99 14.85
N ASP D 536 36.27 6.13 15.02
CA ASP D 536 35.51 5.38 16.00
C ASP D 536 34.24 4.81 15.37
N PRO D 537 33.46 4.03 16.13
CA PRO D 537 32.37 3.30 15.50
C PRO D 537 31.31 4.18 14.88
N SER D 538 31.09 5.35 15.45
CA SER D 538 30.11 6.25 14.86
C SER D 538 30.60 6.73 13.53
N THR D 539 31.84 7.24 13.52
CA THR D 539 32.43 7.76 12.29
C THR D 539 32.33 6.72 11.21
N LEU D 540 32.58 5.47 11.55
CA LEU D 540 32.53 4.43 10.55
C LEU D 540 31.10 4.17 10.10
N GLN D 541 30.19 4.08 11.05
CA GLN D 541 28.78 3.93 10.75
C GLN D 541 28.37 4.98 9.76
N MET D 542 28.67 6.22 10.11
CA MET D 542 28.40 7.36 9.27
C MET D 542 28.85 7.15 7.83
N TRP D 543 30.03 6.58 7.66
CA TRP D 543 30.60 6.42 6.34
C TRP D 543 29.93 5.29 5.63
N ALA D 544 29.65 4.22 6.34
CA ALA D 544 28.89 3.13 5.78
C ALA D 544 27.61 3.64 5.20
N ASN D 545 26.90 4.48 5.95
CA ASN D 545 25.68 5.08 5.47
C ASN D 545 25.86 5.75 4.13
N ILE D 546 26.85 6.61 4.06
CA ILE D 546 27.17 7.36 2.86
C ILE D 546 27.43 6.41 1.70
N LEU D 547 28.25 5.41 1.93
CA LEU D 547 28.59 4.47 0.89
C LEU D 547 27.39 3.70 0.35
N LYS D 548 26.43 3.36 1.21
CA LYS D 548 25.22 2.69 0.76
C LYS D 548 24.37 3.57 -0.13
N ARG D 549 24.25 4.83 0.25
CA ARG D 549 23.44 5.73 -0.50
C ARG D 549 24.11 6.16 -1.79
N VAL D 550 25.44 6.13 -1.88
CA VAL D 550 26.08 6.47 -3.14
C VAL D 550 26.56 5.21 -3.81
N PRO D 551 25.70 4.63 -4.65
CA PRO D 551 25.78 3.25 -5.13
C PRO D 551 27.18 2.90 -5.62
N ASN D 552 27.71 3.66 -6.55
CA ASN D 552 28.93 3.16 -7.15
C ASN D 552 30.19 3.82 -6.66
N SER D 553 30.53 3.59 -5.40
CA SER D 553 31.55 4.40 -4.74
C SER D 553 32.42 3.56 -3.86
N VAL D 554 33.60 4.06 -3.53
CA VAL D 554 34.50 3.41 -2.59
C VAL D 554 35.03 4.36 -1.53
N LEU D 555 35.55 3.80 -0.45
CA LEU D 555 36.24 4.59 0.56
C LEU D 555 37.72 4.27 0.57
N TRP D 556 38.58 5.29 0.63
CA TRP D 556 39.99 5.07 0.46
C TRP D 556 40.70 5.39 1.76
N LEU D 557 41.39 4.42 2.35
CA LEU D 557 42.04 4.61 3.66
C LEU D 557 43.45 4.15 3.62
N LEU D 558 44.22 4.45 4.66
CA LEU D 558 45.63 4.03 4.70
C LEU D 558 45.96 2.96 5.73
N ARG D 559 46.90 2.07 5.44
CA ARG D 559 47.36 1.10 6.43
C ARG D 559 48.19 1.82 7.48
N PHE D 560 47.52 2.47 8.42
CA PHE D 560 48.15 3.45 9.31
C PHE D 560 47.74 3.28 10.76
N PRO D 561 48.16 2.20 11.41
CA PRO D 561 49.03 1.12 10.99
C PRO D 561 48.29 -0.04 10.35
N ALA D 562 49.01 -0.92 9.65
CA ALA D 562 48.41 -1.97 8.82
C ALA D 562 47.54 -2.99 9.55
N VAL D 563 47.81 -3.18 10.84
CA VAL D 563 47.15 -4.22 11.60
C VAL D 563 45.72 -3.78 11.92
N GLY D 564 45.47 -2.49 11.73
CA GLY D 564 44.15 -1.93 11.89
C GLY D 564 43.24 -2.24 10.73
N GLU D 565 43.80 -2.59 9.58
CA GLU D 565 43.00 -2.91 8.40
C GLU D 565 42.05 -4.10 8.61
N PRO D 566 42.57 -5.28 8.99
CA PRO D 566 41.69 -6.42 9.22
C PRO D 566 40.52 -6.12 10.12
N ASN D 567 40.76 -5.31 11.15
CA ASN D 567 39.75 -4.91 12.10
C ASN D 567 38.65 -4.07 11.51
N ILE D 568 39.00 -3.08 10.71
CA ILE D 568 38.00 -2.25 10.11
C ILE D 568 37.24 -3.04 9.11
N GLN D 569 37.93 -3.80 8.27
CA GLN D 569 37.25 -4.69 7.35
C GLN D 569 36.14 -5.47 8.03
N GLN D 570 36.42 -6.02 9.21
CA GLN D 570 35.41 -6.70 10.00
C GLN D 570 34.21 -5.81 10.27
N TYR D 571 34.41 -4.73 11.01
CA TYR D 571 33.32 -3.87 11.41
C TYR D 571 32.54 -3.40 10.20
N ALA D 572 33.16 -3.39 9.04
CA ALA D 572 32.51 -2.98 7.82
C ALA D 572 31.59 -4.09 7.32
N GLN D 573 32.05 -5.34 7.35
CA GLN D 573 31.22 -6.49 6.99
C GLN D 573 30.00 -6.53 7.85
N ASN D 574 30.19 -6.33 9.15
CA ASN D 574 29.06 -6.25 10.08
C ASN D 574 28.02 -5.18 9.75
N MET D 575 28.42 -4.15 9.03
CA MET D 575 27.52 -3.08 8.65
C MET D 575 27.05 -3.30 7.22
N GLY D 576 27.32 -4.49 6.70
CA GLY D 576 26.90 -4.90 5.35
C GLY D 576 27.64 -4.30 4.17
N LEU D 577 28.96 -4.25 4.21
CA LEU D 577 29.75 -3.73 3.10
C LEU D 577 30.76 -4.76 2.64
N PRO D 578 30.70 -5.16 1.36
CA PRO D 578 31.69 -6.08 0.79
C PRO D 578 33.08 -5.50 0.93
N GLN D 579 34.10 -6.35 0.88
CA GLN D 579 35.49 -5.88 0.98
C GLN D 579 35.78 -4.85 -0.06
N ASN D 580 35.35 -5.16 -1.29
CA ASN D 580 35.43 -4.28 -2.46
C ASN D 580 35.28 -2.81 -2.19
N ARG D 581 34.46 -2.45 -1.20
CA ARG D 581 34.03 -1.07 -1.04
C ARG D 581 35.01 -0.21 -0.24
N ILE D 582 35.90 -0.83 0.50
CA ILE D 582 36.94 -0.06 1.19
C ILE D 582 38.32 -0.46 0.71
N ILE D 583 39.09 0.54 0.29
CA ILE D 583 40.41 0.26 -0.27
C ILE D 583 41.53 0.89 0.51
N PHE D 584 42.51 0.06 0.84
CA PHE D 584 43.64 0.47 1.64
C PHE D 584 44.91 0.60 0.83
N SER D 585 45.57 1.75 0.95
CA SER D 585 46.87 1.93 0.37
C SER D 585 47.87 2.04 1.48
N PRO D 586 49.12 1.70 1.20
CA PRO D 586 50.19 1.83 2.15
C PRO D 586 50.48 3.29 2.42
N VAL D 587 51.26 3.58 3.44
CA VAL D 587 51.64 4.96 3.68
C VAL D 587 52.70 5.39 2.68
N ALA D 588 52.71 6.66 2.34
CA ALA D 588 53.62 7.13 1.32
C ALA D 588 54.44 8.30 1.78
N PRO D 589 55.60 8.56 1.15
CA PRO D 589 56.44 9.76 1.34
C PRO D 589 55.64 11.05 1.20
N LYS D 590 55.98 12.11 1.94
CA LYS D 590 55.14 13.32 1.93
C LYS D 590 54.62 13.72 0.58
N GLU D 591 55.53 13.89 -0.36
CA GLU D 591 55.18 14.44 -1.65
C GLU D 591 54.18 13.54 -2.34
N GLU D 592 54.44 12.23 -2.36
CA GLU D 592 53.48 11.32 -2.97
C GLU D 592 52.12 11.38 -2.29
N HIS D 593 52.14 11.36 -0.97
CA HIS D 593 50.94 11.51 -0.17
C HIS D 593 50.12 12.74 -0.53
N VAL D 594 50.71 13.92 -0.50
CA VAL D 594 49.97 15.10 -0.96
C VAL D 594 49.40 14.98 -2.39
N ARG D 595 50.27 14.57 -3.32
CA ARG D 595 49.96 14.47 -4.72
C ARG D 595 48.82 13.51 -5.04
N ARG D 596 48.80 12.35 -4.38
CA ARG D 596 47.80 11.37 -4.73
C ARG D 596 46.41 11.73 -4.25
N GLY D 597 46.27 12.77 -3.42
CA GLY D 597 44.95 13.30 -3.05
C GLY D 597 44.19 13.83 -4.25
N GLN D 598 44.93 14.09 -5.32
CA GLN D 598 44.33 14.60 -6.53
C GLN D 598 43.42 13.59 -7.13
N LEU D 599 43.62 12.32 -6.79
CA LEU D 599 42.86 11.23 -7.36
C LEU D 599 41.49 11.03 -6.74
N ALA D 600 41.28 11.54 -5.53
CA ALA D 600 40.01 11.37 -4.85
C ALA D 600 38.97 12.31 -5.39
N ASP D 601 37.72 12.05 -5.05
CA ASP D 601 36.64 12.97 -5.35
C ASP D 601 36.32 13.84 -4.14
N VAL D 602 36.10 13.23 -2.99
CA VAL D 602 35.82 13.97 -1.76
C VAL D 602 36.56 13.35 -0.57
N CYS D 603 36.86 14.18 0.42
CA CYS D 603 37.51 13.65 1.55
C CYS D 603 36.57 13.79 2.72
N LEU D 604 36.29 12.67 3.37
CA LEU D 604 35.46 12.64 4.56
C LEU D 604 36.31 12.75 5.79
N ASP D 605 36.09 13.80 6.57
CA ASP D 605 36.93 14.04 7.74
C ASP D 605 36.39 13.43 9.02
N THR D 606 37.32 12.85 9.79
CA THR D 606 37.03 12.24 11.07
C THR D 606 36.56 13.29 12.05
N PRO D 607 35.32 13.17 12.54
CA PRO D 607 34.77 14.17 13.42
C PRO D 607 35.26 14.01 14.85
N LEU D 608 35.81 12.85 15.21
CA LEU D 608 36.30 12.66 16.59
C LEU D 608 37.49 13.55 16.85
N CYS D 609 38.37 13.62 15.87
CA CYS D 609 39.56 14.41 15.93
C CYS D 609 39.92 14.64 14.48
N ASN D 610 39.93 15.90 14.06
CA ASN D 610 40.05 16.24 12.66
C ASN D 610 41.43 15.97 12.08
N GLY D 611 41.51 15.82 10.76
CA GLY D 611 42.79 15.92 10.07
C GLY D 611 43.31 17.35 10.22
N HIS D 612 44.56 17.52 10.63
CA HIS D 612 45.07 18.88 10.79
C HIS D 612 46.00 19.21 9.68
N THR D 613 47.19 18.64 9.72
CA THR D 613 48.09 18.70 8.59
C THR D 613 47.40 18.02 7.42
N THR D 614 46.80 16.89 7.71
CA THR D 614 46.13 16.11 6.71
C THR D 614 45.05 16.91 6.00
N GLY D 615 44.37 17.75 6.75
CA GLY D 615 43.43 18.70 6.17
C GLY D 615 44.05 19.64 5.17
N MET D 616 45.17 20.24 5.50
CA MET D 616 45.82 21.11 4.57
C MET D 616 46.25 20.33 3.36
N ASP D 617 46.67 19.09 3.57
CA ASP D 617 47.18 18.28 2.49
C ASP D 617 46.15 17.95 1.41
N VAL D 618 44.93 17.63 1.80
CA VAL D 618 43.90 17.33 0.81
C VAL D 618 43.45 18.61 0.18
N LEU D 619 43.38 19.67 0.95
CA LEU D 619 42.87 20.89 0.40
C LEU D 619 43.82 21.45 -0.63
N TRP D 620 45.11 21.21 -0.44
CA TRP D 620 46.09 21.69 -1.42
C TRP D 620 45.96 20.93 -2.72
N ALA D 621 45.52 19.69 -2.62
CA ALA D 621 45.32 18.86 -3.79
C ALA D 621 44.07 19.28 -4.55
N GLY D 622 43.27 20.12 -3.91
CA GLY D 622 42.03 20.64 -4.52
C GLY D 622 40.88 19.68 -4.35
N THR D 623 40.87 19.00 -3.22
CA THR D 623 39.92 17.95 -2.97
C THR D 623 39.08 18.42 -1.82
N PRO D 624 37.79 18.63 -2.07
CA PRO D 624 36.87 19.14 -1.06
C PRO D 624 36.78 18.17 0.08
N MET D 625 36.54 18.69 1.26
CA MET D 625 36.58 17.86 2.45
C MET D 625 35.38 18.18 3.30
N VAL D 626 34.62 17.18 3.69
CA VAL D 626 33.42 17.38 4.51
C VAL D 626 33.75 17.20 5.96
N THR D 627 33.28 18.09 6.81
CA THR D 627 33.58 17.99 8.24
C THR D 627 32.38 18.27 9.12
N MET D 628 32.45 17.77 10.35
CA MET D 628 31.44 18.04 11.38
C MET D 628 32.12 18.48 12.69
N PRO D 629 32.13 19.80 12.96
CA PRO D 629 32.89 20.38 14.04
C PRO D 629 32.35 19.94 15.37
N GLY D 630 33.20 19.39 16.22
CA GLY D 630 32.77 19.00 17.54
C GLY D 630 32.93 20.13 18.53
N GLU D 631 33.35 19.78 19.74
CA GLU D 631 33.45 20.74 20.81
C GLU D 631 34.86 20.99 21.29
N THR D 632 35.70 19.96 21.23
CA THR D 632 37.13 20.08 21.50
C THR D 632 37.81 20.85 20.36
N LEU D 633 38.90 21.55 20.67
CA LEU D 633 39.71 22.21 19.65
C LEU D 633 40.06 21.24 18.55
N ALA D 634 40.58 20.07 18.92
CA ALA D 634 41.00 19.09 17.94
C ALA D 634 39.93 18.68 16.93
N SER D 635 38.65 18.85 17.27
CA SER D 635 37.56 18.42 16.39
C SER D 635 36.98 19.57 15.63
N ARG D 636 37.52 20.75 15.87
CA ARG D 636 36.99 21.94 15.26
C ARG D 636 37.85 22.53 14.16
N VAL D 637 39.02 21.92 13.90
CA VAL D 637 40.04 22.53 13.04
C VAL D 637 39.67 22.52 11.57
N ALA D 638 39.29 21.37 11.05
CA ALA D 638 38.90 21.26 9.66
C ALA D 638 37.85 22.31 9.30
N ALA D 639 36.83 22.43 10.13
CA ALA D 639 35.87 23.50 9.99
C ALA D 639 36.56 24.83 9.79
N SER D 640 37.45 25.16 10.73
CA SER D 640 38.16 26.45 10.73
C SER D 640 38.94 26.66 9.45
N GLN D 641 39.57 25.60 8.95
CA GLN D 641 40.29 25.62 7.68
C GLN D 641 39.32 25.94 6.56
N LEU D 642 38.17 25.29 6.55
CA LEU D 642 37.20 25.42 5.48
C LEU D 642 36.50 26.74 5.44
N THR D 643 36.20 27.32 6.59
CA THR D 643 35.54 28.62 6.58
C THR D 643 36.53 29.69 6.10
N CYS D 644 37.82 29.50 6.39
CA CYS D 644 38.87 30.42 5.90
C CYS D 644 39.04 30.32 4.39
N LEU D 645 38.97 29.12 3.87
CA LEU D 645 38.96 28.88 2.45
C LEU D 645 37.70 29.46 1.81
N GLY D 646 36.61 29.44 2.57
CA GLY D 646 35.34 29.99 2.14
C GLY D 646 34.41 28.93 1.57
N CYS D 647 34.28 27.81 2.28
CA CYS D 647 33.40 26.72 1.83
C CYS D 647 32.40 26.26 2.84
N LEU D 648 31.54 27.17 3.26
CA LEU D 648 30.66 26.93 4.39
C LEU D 648 29.65 25.81 4.17
N GLU D 649 29.51 25.39 2.92
CA GLU D 649 28.56 24.34 2.58
C GLU D 649 29.17 22.96 2.75
N LEU D 650 30.40 22.88 3.23
CA LEU D 650 31.02 21.59 3.53
C LEU D 650 31.10 21.33 5.02
N ILE D 651 30.45 22.18 5.80
CA ILE D 651 30.45 22.09 7.25
C ILE D 651 29.08 21.66 7.78
N ALA D 652 29.01 20.45 8.33
CA ALA D 652 27.76 19.91 8.83
C ALA D 652 27.49 20.22 10.29
N LYS D 653 26.22 20.44 10.64
CA LYS D 653 25.84 20.71 12.04
C LYS D 653 25.66 19.45 12.88
N ASN D 654 25.37 18.33 12.22
CA ASN D 654 25.14 17.05 12.87
C ASN D 654 25.41 15.87 11.93
N ARG D 655 25.38 14.65 12.48
CA ARG D 655 25.65 13.46 11.68
C ARG D 655 24.78 13.36 10.44
N GLN D 656 23.48 13.55 10.61
CA GLN D 656 22.56 13.46 9.49
C GLN D 656 23.02 14.40 8.37
N GLU D 657 23.28 15.66 8.73
CA GLU D 657 23.64 16.66 7.73
C GLU D 657 24.93 16.34 6.96
N TYR D 658 25.90 15.78 7.67
CA TYR D 658 27.18 15.36 7.11
C TYR D 658 26.94 14.34 6.03
N GLU D 659 26.14 13.33 6.33
CA GLU D 659 25.85 12.28 5.36
C GLU D 659 25.19 12.87 4.10
N ASP D 660 24.31 13.83 4.29
CA ASP D 660 23.61 14.40 3.15
C ASP D 660 24.53 15.16 2.22
N ILE D 661 25.43 15.96 2.77
CA ILE D 661 26.41 16.70 1.99
C ILE D 661 27.30 15.73 1.21
N ALA D 662 27.79 14.68 1.87
CA ALA D 662 28.62 13.67 1.24
C ALA D 662 27.91 13.01 0.10
N VAL D 663 26.66 12.60 0.34
CA VAL D 663 25.87 11.91 -0.65
C VAL D 663 25.51 12.80 -1.82
N LYS D 664 25.08 14.03 -1.55
CA LYS D 664 24.83 14.98 -2.62
C LYS D 664 26.02 15.11 -3.55
N LEU D 665 27.21 15.28 -2.98
CA LEU D 665 28.45 15.39 -3.72
C LEU D 665 28.78 14.17 -4.56
N GLY D 666 28.38 13.00 -4.10
CA GLY D 666 28.64 11.78 -4.85
C GLY D 666 27.61 11.47 -5.93
N THR D 667 26.38 11.89 -5.71
CA THR D 667 25.30 11.62 -6.66
C THR D 667 25.12 12.72 -7.71
N ASP D 668 25.37 13.98 -7.36
CA ASP D 668 25.17 15.09 -8.29
C ASP D 668 26.47 15.57 -8.93
N LEU D 669 26.83 14.95 -10.04
CA LEU D 669 28.12 15.20 -10.67
C LEU D 669 28.34 16.66 -11.08
N GLU D 670 27.27 17.39 -11.29
CA GLU D 670 27.38 18.81 -11.60
C GLU D 670 27.80 19.59 -10.38
N TYR D 671 27.17 19.30 -9.25
CA TYR D 671 27.44 19.99 -8.02
C TYR D 671 28.88 19.73 -7.62
N LEU D 672 29.30 18.49 -7.74
CA LEU D 672 30.66 18.12 -7.37
C LEU D 672 31.65 18.97 -8.15
N LYS D 673 31.61 18.86 -9.48
CA LYS D 673 32.47 19.64 -10.34
C LYS D 673 32.53 21.12 -9.96
N LYS D 674 31.41 21.68 -9.55
CA LYS D 674 31.39 23.07 -9.13
C LYS D 674 32.20 23.29 -7.86
N VAL D 675 31.99 22.44 -6.85
CA VAL D 675 32.68 22.57 -5.56
C VAL D 675 34.15 22.24 -5.68
N ARG D 676 34.46 21.15 -6.35
CA ARG D 676 35.83 20.83 -6.65
C ARG D 676 36.52 22.02 -7.29
N GLY D 677 35.89 22.57 -8.32
CA GLY D 677 36.46 23.74 -8.97
C GLY D 677 36.67 24.92 -8.02
N LYS D 678 35.73 25.09 -7.10
CA LYS D 678 35.75 26.21 -6.19
C LYS D 678 36.90 26.07 -5.19
N VAL D 679 37.21 24.84 -4.80
CA VAL D 679 38.35 24.58 -3.93
C VAL D 679 39.64 24.87 -4.68
N TRP D 680 39.77 24.29 -5.87
CA TRP D 680 40.92 24.48 -6.73
C TRP D 680 41.33 25.93 -6.92
N LYS D 681 40.35 26.84 -6.92
CA LYS D 681 40.67 28.24 -7.07
C LYS D 681 41.03 28.87 -5.76
N GLN D 682 40.23 28.60 -4.74
CA GLN D 682 40.39 29.31 -3.50
C GLN D 682 41.61 28.95 -2.67
N ARG D 683 42.23 27.80 -2.94
CA ARG D 683 43.44 27.46 -2.22
C ARG D 683 44.51 28.48 -2.53
N ILE D 684 44.44 29.12 -3.70
CA ILE D 684 45.36 30.18 -4.03
C ILE D 684 44.88 31.54 -3.53
N SER D 685 43.60 31.83 -3.76
CA SER D 685 43.08 33.17 -3.54
C SER D 685 42.69 33.46 -2.09
N SER D 686 42.39 32.45 -1.30
CA SER D 686 42.00 32.68 0.08
C SER D 686 43.26 32.91 0.87
N PRO D 687 43.14 33.33 2.14
CA PRO D 687 44.33 33.51 2.94
C PRO D 687 44.97 32.22 3.43
N LEU D 688 44.33 31.06 3.20
CA LEU D 688 44.68 29.82 3.91
C LEU D 688 46.11 29.34 3.74
N PHE D 689 46.59 29.36 2.50
CA PHE D 689 47.91 28.86 2.21
C PHE D 689 48.91 29.95 2.02
N ASN D 690 48.50 31.17 2.37
CA ASN D 690 49.29 32.41 2.21
C ASN D 690 50.12 32.77 3.42
N THR D 691 51.35 32.27 3.47
CA THR D 691 52.17 32.35 4.64
C THR D 691 52.60 33.77 4.94
N LYS D 692 52.84 34.56 3.91
CA LYS D 692 53.22 35.92 4.13
C LYS D 692 52.14 36.69 4.89
N GLN D 693 50.92 36.67 4.37
CA GLN D 693 49.82 37.30 5.04
C GLN D 693 49.63 36.74 6.45
N TYR D 694 49.68 35.42 6.60
CA TYR D 694 49.61 34.80 7.93
C TYR D 694 50.64 35.42 8.86
N THR D 695 51.90 35.47 8.46
CA THR D 695 52.98 35.99 9.30
C THR D 695 52.64 37.37 9.77
N MET D 696 52.11 38.17 8.86
CA MET D 696 51.74 39.53 9.20
C MET D 696 50.66 39.66 10.26
N GLU D 697 49.62 38.82 10.19
CA GLU D 697 48.57 38.83 11.21
C GLU D 697 49.13 38.36 12.53
N LEU D 698 50.01 37.37 12.47
CA LEU D 698 50.67 36.89 13.65
C LEU D 698 51.46 38.02 14.31
N GLU D 699 52.04 38.89 13.49
CA GLU D 699 52.82 40.02 13.99
C GLU D 699 51.92 41.02 14.68
N ARG D 700 50.87 41.46 14.00
CA ARG D 700 49.91 42.36 14.60
C ARG D 700 49.50 41.83 15.98
N LEU D 701 49.24 40.53 16.02
CA LEU D 701 48.77 39.90 17.23
C LEU D 701 49.84 40.04 18.28
N TYR D 702 51.09 39.75 17.92
CA TYR D 702 52.17 39.84 18.87
C TYR D 702 52.22 41.21 19.51
N LEU D 703 52.08 42.24 18.69
CA LEU D 703 52.15 43.60 19.17
C LEU D 703 51.09 43.90 20.17
N GLN D 704 49.84 43.53 19.87
CA GLN D 704 48.74 43.66 20.86
C GLN D 704 49.11 43.08 22.22
N MET D 705 49.66 41.88 22.21
CA MET D 705 49.97 41.16 23.43
C MET D 705 50.96 41.95 24.24
N TRP D 706 51.86 42.61 23.51
CA TRP D 706 52.93 43.35 24.12
C TRP D 706 52.44 44.67 24.59
N GLU D 707 51.79 45.43 23.70
CA GLU D 707 51.23 46.71 24.12
C GLU D 707 50.52 46.58 25.44
N HIS D 708 49.71 45.53 25.54
CA HIS D 708 48.96 45.21 26.73
C HIS D 708 49.86 45.00 27.94
N TYR D 709 50.90 44.15 27.83
CA TYR D 709 51.79 43.91 28.95
C TYR D 709 52.61 45.15 29.32
N ALA D 710 52.94 45.93 28.30
CA ALA D 710 53.77 47.12 28.46
C ALA D 710 53.04 48.19 29.24
N ALA D 711 51.74 48.30 29.00
CA ALA D 711 50.86 49.18 29.79
C ALA D 711 50.61 48.62 31.21
N GLY D 712 51.39 47.61 31.62
CA GLY D 712 51.33 47.05 32.99
C GLY D 712 50.17 46.13 33.36
N ASN D 713 49.56 45.50 32.37
CA ASN D 713 48.46 44.55 32.59
C ASN D 713 48.82 43.08 32.56
N LYS D 714 48.07 42.32 33.33
CA LYS D 714 48.15 40.89 33.26
C LYS D 714 47.47 40.39 31.98
N PRO D 715 47.93 39.24 31.46
CA PRO D 715 47.29 38.64 30.30
C PRO D 715 45.76 38.66 30.36
N ASP D 716 45.14 38.96 29.22
CA ASP D 716 43.70 38.86 29.05
C ASP D 716 43.29 38.64 27.57
N HIS D 717 42.13 38.04 27.33
CA HIS D 717 41.63 37.70 25.98
C HIS D 717 41.83 38.79 24.91
N MET D 718 42.11 38.38 23.68
CA MET D 718 42.40 39.29 22.55
C MET D 718 41.54 38.94 21.37
N ILE D 719 40.42 39.66 21.20
CA ILE D 719 39.43 39.37 20.16
C ILE D 719 39.29 40.53 19.15
N LYS D 720 40.43 41.20 18.91
CA LYS D 720 40.47 42.45 18.12
C LYS D 720 39.70 43.57 18.81
N GLY E 1 3.08 -27.60 -26.27
CA GLY E 1 2.00 -27.48 -25.29
C GLY E 1 2.21 -26.21 -24.50
N PRO E 2 2.24 -26.31 -23.14
CA PRO E 2 2.67 -25.11 -22.39
C PRO E 2 4.19 -25.13 -22.33
N VAL E 3 4.76 -24.01 -21.89
CA VAL E 3 6.22 -23.89 -21.79
C VAL E 3 6.70 -23.82 -20.35
N PHE E 4 7.95 -24.18 -20.16
CA PHE E 4 8.62 -24.01 -18.88
C PHE E 4 9.78 -23.04 -19.10
N THR E 5 9.52 -21.79 -18.74
CA THR E 5 10.50 -20.72 -18.88
C THR E 5 11.26 -20.56 -17.55
N SER E 6 12.32 -19.75 -17.55
CA SER E 6 12.81 -19.26 -16.26
C SER E 6 11.85 -18.15 -15.84
N ARG E 7 11.23 -18.34 -14.67
CA ARG E 7 10.35 -17.33 -14.05
C ARG E 7 11.12 -16.55 -12.97
N SER E 8 10.75 -15.28 -12.75
CA SER E 8 11.41 -14.44 -11.73
C SER E 8 10.82 -14.67 -10.30
N ALA E 9 11.59 -14.30 -9.27
CA ALA E 9 11.16 -14.42 -7.85
C ALA E 9 10.05 -13.40 -7.47
N ALA E 10 9.59 -13.42 -6.21
CA ALA E 10 8.51 -12.52 -5.71
C ALA E 10 8.98 -11.32 -4.83
N GLY E 11 8.59 -10.10 -5.21
CA GLY E 11 9.00 -8.87 -4.52
C GLY E 11 7.88 -7.83 -4.51
N GLY F 1 -53.25 -6.44 -7.37
CA GLY F 1 -52.08 -6.70 -6.55
C GLY F 1 -50.90 -6.96 -7.47
N PRO F 2 -50.21 -8.10 -7.30
CA PRO F 2 -49.24 -8.46 -8.34
C PRO F 2 -49.94 -9.18 -9.49
N VAL F 3 -49.24 -9.33 -10.61
CA VAL F 3 -49.83 -10.00 -11.78
C VAL F 3 -49.17 -11.34 -12.09
N PHE F 4 -49.92 -12.19 -12.77
CA PHE F 4 -49.39 -13.43 -13.30
C PHE F 4 -49.44 -13.37 -14.84
N THR F 5 -48.30 -13.02 -15.42
CA THR F 5 -48.14 -12.93 -16.88
C THR F 5 -47.65 -14.28 -17.43
N SER F 6 -47.61 -14.42 -18.74
CA SER F 6 -46.78 -15.48 -19.31
C SER F 6 -45.32 -15.00 -19.28
N ARG F 7 -44.48 -15.74 -18.56
CA ARG F 7 -43.05 -15.42 -18.48
C ARG F 7 -42.25 -16.33 -19.46
N SER F 8 -41.14 -15.83 -20.00
CA SER F 8 -40.32 -16.62 -20.95
C SER F 8 -39.34 -17.58 -20.25
N ALA F 9 -38.89 -18.62 -20.97
CA ALA F 9 -37.94 -19.64 -20.43
C ALA F 9 -36.50 -19.08 -20.21
N ALA F 10 -35.57 -19.91 -19.72
CA ALA F 10 -34.18 -19.51 -19.43
C ALA F 10 -33.10 -19.96 -20.46
N GLY F 11 -32.31 -19.01 -20.99
CA GLY F 11 -31.32 -19.28 -22.03
C GLY F 11 -30.08 -18.41 -21.87
N GLY G 1 -1.13 11.72 22.95
CA GLY G 1 -1.35 10.48 22.23
C GLY G 1 -2.62 10.62 21.42
N PRO G 2 -3.61 9.72 21.63
CA PRO G 2 -4.93 10.00 21.06
C PRO G 2 -5.74 10.90 22.01
N VAL G 3 -6.84 11.44 21.50
CA VAL G 3 -7.67 12.36 22.28
C VAL G 3 -9.01 11.75 22.59
N PHE G 4 -9.63 12.28 23.64
CA PHE G 4 -11.01 11.93 23.98
C PHE G 4 -11.85 13.20 23.87
N THR G 5 -12.55 13.31 22.75
CA THR G 5 -13.39 14.46 22.45
C THR G 5 -14.81 14.14 22.90
N SER G 6 -15.70 15.13 22.89
CA SER G 6 -17.13 14.79 22.86
C SER G 6 -17.47 14.33 21.42
N ARG G 7 -17.93 13.09 21.31
CA ARG G 7 -18.39 12.57 20.02
C ARG G 7 -19.93 12.68 19.92
N SER G 8 -20.45 12.82 18.69
CA SER G 8 -21.93 12.90 18.45
C SER G 8 -22.64 11.51 18.39
N ALA G 9 -23.96 11.50 18.63
CA ALA G 9 -24.75 10.26 18.59
C ALA G 9 -24.94 9.70 17.14
N ALA G 10 -25.66 8.57 17.00
CA ALA G 10 -25.89 7.90 15.68
C ALA G 10 -27.31 8.09 15.07
N GLY G 11 -27.37 8.56 13.82
CA GLY G 11 -28.63 8.87 13.13
C GLY G 11 -28.55 8.67 11.62
N GLY H 1 57.78 5.96 2.50
CA GLY H 1 58.72 5.14 3.28
C GLY H 1 58.22 5.06 4.71
N PRO H 2 59.06 5.51 5.68
CA PRO H 2 58.47 5.66 7.02
C PRO H 2 57.79 7.02 7.13
N VAL H 3 57.00 7.22 8.19
CA VAL H 3 56.30 8.49 8.38
C VAL H 3 56.82 9.28 9.58
N PHE H 4 56.60 10.58 9.56
CA PHE H 4 56.89 11.43 10.69
C PHE H 4 55.59 12.04 11.15
N THR H 5 55.04 11.43 12.20
CA THR H 5 53.79 11.84 12.82
C THR H 5 54.08 12.79 13.99
N SER H 6 53.04 13.39 14.56
CA SER H 6 53.18 13.95 15.90
C SER H 6 53.09 12.78 16.89
N ARG H 7 54.17 12.58 17.63
CA ARG H 7 54.22 11.58 18.67
C ARG H 7 53.96 12.25 20.05
N SER H 8 53.41 11.49 21.00
CA SER H 8 53.10 12.00 22.35
C SER H 8 54.32 11.94 23.31
N ALA H 9 54.29 12.78 24.36
CA ALA H 9 55.37 12.82 25.39
C ALA H 9 55.44 11.54 26.30
N ALA H 10 56.40 11.50 27.25
CA ALA H 10 56.57 10.33 28.14
C ALA H 10 56.05 10.52 29.60
N GLY H 11 55.19 9.59 30.05
CA GLY H 11 54.55 9.65 31.35
C GLY H 11 54.37 8.27 31.97
S SO4 I . 9.31 -17.66 -5.05
O1 SO4 I . 8.58 -18.83 -5.53
O2 SO4 I . 8.54 -16.42 -5.26
O3 SO4 I . 9.53 -17.84 -3.62
O4 SO4 I . 10.58 -17.46 -5.75
N1 12V J . 11.21 -23.12 -25.54
C2 12V J . 10.41 -24.15 -25.78
O2 12V J . 10.40 -25.11 -25.02
N3 12V J . 9.56 -24.18 -26.85
C4 12V J . 9.54 -23.10 -27.71
O4 12V J . 8.78 -23.14 -28.68
C5 12V J . 10.38 -22.01 -27.49
C6 12V J . 11.23 -22.00 -26.39
PA 12V J . 13.87 -18.84 -21.20
PB 12V J . 16.61 -18.34 -21.96
C1' 12V J . 17.07 -18.72 -19.37
O1' 12V J . 17.48 -18.91 -20.77
O1A 12V J . 13.98 -18.68 -19.75
C1B 12V J . 12.05 -23.18 -24.32
O1B 12V J . 17.28 -18.72 -23.21
C2' 12V J . 18.03 -17.84 -18.58
N2' 12V J . 18.05 -16.55 -19.23
O2' 12V J . 13.94 -24.21 -25.34
O2A 12V J . 13.29 -17.71 -21.95
C2B 12V J . 13.50 -23.10 -24.58
O2B 12V J . 16.31 -16.91 -21.65
C3' 12V J . 19.45 -18.45 -18.46
O3' 12V J . 20.31 -17.55 -17.77
O3A 12V J . 15.33 -19.31 -21.80
C3B 12V J . 13.88 -23.29 -23.18
O3B 12V J . 13.57 -24.67 -22.81
C4' 12V J . 19.41 -19.75 -17.64
O4' 12V J . 20.73 -20.24 -17.42
C4B 12V J . 12.93 -22.30 -22.49
O4B 12V J . 11.83 -22.10 -23.38
C5' 12V J . 18.58 -20.83 -18.34
S5' 12V J . 16.91 -20.21 -18.40
C5B 12V J . 13.68 -20.98 -22.40
O5B 12V J . 13.00 -20.10 -21.54
C6' 12V J . 18.61 -22.16 -17.54
O6' 12V J . 18.17 -22.00 -16.18
C7' 12V J . 17.34 -15.56 -18.72
O7' 12V J . 16.67 -15.67 -17.69
C8' 12V J . 17.46 -14.24 -19.49
S SO4 K . -37.36 -22.11 -16.48
O1 SO4 K . -38.38 -22.01 -15.44
O2 SO4 K . -37.98 -22.06 -17.80
O3 SO4 K . -36.65 -23.38 -16.33
O4 SO4 K . -36.42 -21.00 -16.33
N1 12V L . -54.14 -8.87 -16.16
C2 12V L . -54.51 -8.61 -14.90
O2 12V L . -54.71 -9.55 -14.12
N3 12V L . -54.68 -7.29 -14.50
C4 12V L . -54.48 -6.22 -15.40
O4 12V L . -54.65 -5.06 -15.01
C5 12V L . -54.09 -6.50 -16.70
C6 12V L . -53.93 -7.82 -17.08
PA 12V L . -50.11 -11.83 -20.79
PB 12V L . -51.46 -12.22 -23.26
C1' 12V L . -50.46 -14.67 -23.14
O1' 12V L . -51.52 -13.77 -23.58
O1A 12V L . -49.10 -12.91 -20.84
C1B 12V L . -53.97 -10.29 -16.53
O1B 12V L . -52.74 -11.55 -23.61
C2' 12V L . -49.85 -15.45 -24.29
N2' 12V L . -49.36 -14.35 -25.10
O2' 12V L . -56.14 -10.90 -17.39
O2A 12V L . -49.73 -10.39 -21.00
C2B 12V L . -54.77 -10.65 -17.75
O2B 12V L . -50.16 -11.77 -23.83
C3' 12V L . -50.90 -16.39 -24.99
O3' 12V L . -50.49 -16.90 -26.24
O3A 12V L . -51.41 -12.24 -21.67
C3B 12V L . -54.07 -11.91 -18.12
O3B 12V L . -54.34 -12.92 -17.15
C4' 12V L . -51.14 -17.61 -24.15
O4' 12V L . -52.16 -18.41 -24.75
C4B 12V L . -52.64 -11.50 -17.92
O4B 12V L . -52.65 -10.42 -16.98
C5' 12V L . -51.54 -17.28 -22.72
S5' 12V L . -51.06 -15.78 -21.90
C5B 12V L . -52.00 -11.06 -19.26
O5B 12V L . -50.82 -11.87 -19.43
C6' 12V L . -50.74 -18.24 -21.85
O6' 12V L . -51.63 -19.23 -21.33
C7' 12V L . -48.06 -14.12 -25.26
O7' 12V L . -47.17 -14.86 -24.87
C8' 12V L . -47.78 -12.88 -26.11
S SO4 M . -24.47 6.24 19.93
O1 SO4 M . -25.01 5.35 18.91
O2 SO4 M . -25.52 7.14 20.39
O3 SO4 M . -23.97 5.46 21.07
O4 SO4 M . -23.41 7.03 19.31
N1 12V N . -7.35 18.13 24.27
C2 12V N . -6.34 17.27 24.42
O2 12V N . -6.50 16.27 25.12
N3 12V N . -5.11 17.47 23.81
C4 12V N . -4.88 18.59 23.02
O4 12V N . -3.77 18.75 22.47
C5 12V N . -5.94 19.49 22.86
C6 12V N . -7.16 19.28 23.47
PA 12V N . -13.99 19.12 22.87
PB 12V N . -15.10 21.40 24.02
C1' 12V N . -17.11 19.85 24.65
O1' 12V N . -16.28 20.97 24.96
O1A 12V N . -15.19 18.25 22.95
C1B 12V N . -8.63 17.83 24.97
O1B 12V N . -14.36 22.49 24.70
C2' 12V N . -18.57 20.28 24.58
N2' 12V N . -18.59 21.26 23.51
O2' 12V N . -8.40 19.30 26.83
O2A 12V N . -13.64 19.89 21.63
C2B 12V N . -9.18 19.05 25.67
O2B 12V N . -15.71 21.59 22.71
C3' 12V N . -19.01 20.86 25.90
O3' 12V N . -20.27 21.49 25.70
O3A 12V N . -14.08 20.18 24.06
C3B 12V N . -10.57 18.56 26.04
O3B 12V N . -10.57 17.71 27.22
C4' 12V N . -19.14 19.77 26.96
O4' 12V N . -19.49 20.37 28.22
C4B 12V N . -10.94 17.78 24.79
O4B 12V N . -9.71 17.47 24.12
C5' 12V N . -17.83 19.01 27.19
S5' 12V N . -16.76 18.59 25.85
C5B 12V N . -11.63 18.72 23.83
O5B 12V N . -12.79 18.14 23.31
C6' 12V N . -18.18 17.58 27.57
O6' 12V N . -19.11 17.63 28.66
C7' 12V N . -18.99 20.90 22.28
O7' 12V N . -19.42 19.79 22.00
C8' 12V N . -18.90 21.99 21.22
N1 12V O . 51.69 11.78 5.97
C2 12V O . 52.61 11.25 5.15
O2 12V O . 53.76 11.69 5.12
N3 12V O . 52.26 10.18 4.33
C4 12V O . 50.96 9.66 4.35
O4 12V O . 50.69 8.72 3.60
C5 12V O . 50.01 10.20 5.19
C6 12V O . 50.37 11.26 6.02
PA 12V O . 49.67 13.60 12.17
PB 12V O . 47.74 15.61 12.05
C1' 12V O . 49.06 16.83 14.12
O1' 12V O . 48.19 16.88 12.95
O1A 12V O . 50.39 14.09 13.35
C1B 12V O . 52.10 12.89 6.84
O1B 12V O . 47.08 16.13 10.84
C2' 12V O . 48.60 17.75 15.29
N2' 12V O . 47.31 17.24 15.70
O2' 12V O . 51.23 14.76 5.71
O2A 12V O . 48.63 12.56 12.29
C2B 12V O . 51.10 13.97 6.89
O2B 12V O . 47.02 14.73 13.00
C3' 12V O . 48.51 19.19 14.80
O3' 12V O . 47.78 20.00 15.71
O3A 12V O . 49.04 14.90 11.48
C3B 12V O . 51.65 14.66 8.09
O3B 12V O . 52.97 15.12 7.80
C4' 12V O . 49.88 19.78 14.72
O4' 12V O . 49.71 21.12 14.34
C4B 12V O . 51.80 13.50 9.03
O4B 12V O . 52.18 12.42 8.20
C5' 12V O . 50.72 19.09 13.69
S5' 12V O . 50.71 17.33 13.72
C5B 12V O . 50.47 13.15 9.73
O5B 12V O . 50.73 13.05 11.14
C6' 12V O . 52.15 19.03 14.20
O6' 12V O . 52.65 20.33 14.42
C7' 12V O . 47.23 16.13 16.44
O7' 12V O . 48.22 15.56 16.85
C8' 12V O . 45.81 15.61 16.73
S SO4 P . 59.85 12.68 25.68
O1 SO4 P . 60.19 12.12 26.99
O2 SO4 P . 58.60 12.07 25.23
O3 SO4 P . 60.92 12.35 24.75
O4 SO4 P . 59.70 14.14 25.79
#